data_2M98
#
_entry.id   2M98
#
loop_
_entity.id
_entity.type
_entity.pdbx_description
1 polymer 'Two-component response regulator'
2 non-polymer 'CALCIUM ION'
3 non-polymer 'BERYLLIUM TRIFLUORIDE ION'
#
_entity_poly.entity_id   1
_entity_poly.type   'polypeptide(L)'
_entity_poly.pdbx_seq_one_letter_code
;GSHMTERRLRVLVVEDESMIAMLIEDTLCELGHEVAATASRMQEALDIARKGQFDIAIIDVNLDGEPSYPVADILAERNV
PFIFATGYGSKGLDTRYSNIPLLTKPFLDSELEAVLVQISKEV
;
_entity_poly.pdbx_strand_id   A
#
loop_
_chem_comp.id
_chem_comp.type
_chem_comp.name
_chem_comp.formula
BEF non-polymer 'BERYLLIUM TRIFLUORIDE ION' 'Be F3 -1'
CA non-polymer 'CALCIUM ION' 'Ca 2'
#
# COMPACT_ATOMS: atom_id res chain seq x y z
N GLY A 1 11.70 -1.08 22.24
CA GLY A 1 11.79 -0.58 23.64
C GLY A 1 10.51 0.19 23.99
N SER A 2 10.61 1.11 24.91
CA SER A 2 9.41 1.90 25.31
C SER A 2 9.14 3.01 24.29
N HIS A 3 10.04 3.94 24.17
CA HIS A 3 9.83 5.06 23.20
C HIS A 3 9.54 4.50 21.80
N MET A 4 8.29 4.37 21.46
CA MET A 4 7.94 3.84 20.11
C MET A 4 7.09 4.85 19.36
N THR A 5 6.27 4.40 18.44
CA THR A 5 5.42 5.35 17.67
C THR A 5 3.96 4.91 17.69
N GLU A 6 3.06 5.83 17.56
CA GLU A 6 1.61 5.48 17.57
C GLU A 6 0.79 6.45 16.71
N ARG A 7 1.43 7.39 16.06
CA ARG A 7 0.69 8.36 15.20
C ARG A 7 1.39 8.49 13.84
N ARG A 8 2.42 7.71 13.62
CA ARG A 8 3.15 7.75 12.33
C ARG A 8 2.50 6.79 11.33
N LEU A 9 1.40 6.20 11.70
CA LEU A 9 0.73 5.23 10.79
C LEU A 9 0.13 5.95 9.58
N ARG A 10 0.64 5.65 8.41
CA ARG A 10 0.13 6.30 7.16
C ARG A 10 0.05 5.28 6.04
N VAL A 11 -0.86 5.46 5.13
CA VAL A 11 -0.97 4.49 4.00
C VAL A 11 -1.12 5.24 2.67
N LEU A 12 -0.16 5.09 1.80
CA LEU A 12 -0.24 5.78 0.49
C LEU A 12 -0.73 4.77 -0.56
N VAL A 13 -1.95 4.89 -0.99
CA VAL A 13 -2.47 3.94 -2.01
C VAL A 13 -2.78 4.72 -3.28
N VAL A 14 -2.17 4.36 -4.37
CA VAL A 14 -2.41 5.15 -5.59
C VAL A 14 -2.61 4.30 -6.83
N GLU A 15 -3.22 4.89 -7.81
CA GLU A 15 -3.47 4.21 -9.11
C GLU A 15 -4.02 5.25 -10.10
N ASP A 16 -4.03 4.93 -11.35
CA ASP A 16 -4.54 5.89 -12.37
C ASP A 16 -5.69 6.77 -11.85
N GLU A 17 -6.91 6.39 -12.11
CA GLU A 17 -8.07 7.24 -11.68
C GLU A 17 -8.26 7.26 -10.15
N SER A 18 -9.29 7.95 -9.68
CA SER A 18 -9.52 8.08 -8.21
C SER A 18 -10.25 6.88 -7.60
N MET A 19 -10.52 5.86 -8.34
CA MET A 19 -11.22 4.67 -7.75
C MET A 19 -10.53 4.31 -6.43
N ILE A 20 -9.27 4.67 -6.32
CA ILE A 20 -8.51 4.38 -5.08
C ILE A 20 -8.65 5.56 -4.10
N ALA A 21 -8.93 6.71 -4.62
CA ALA A 21 -9.10 7.92 -3.76
C ALA A 21 -10.06 7.63 -2.60
N MET A 22 -11.34 7.82 -2.82
CA MET A 22 -12.32 7.55 -1.72
C MET A 22 -12.11 6.14 -1.19
N LEU A 23 -11.53 5.28 -1.98
CA LEU A 23 -11.27 3.90 -1.50
C LEU A 23 -10.30 3.99 -0.31
N ILE A 24 -9.73 5.15 -0.10
CA ILE A 24 -8.77 5.33 1.02
C ILE A 24 -9.46 6.09 2.16
N GLU A 25 -10.13 7.16 1.86
CA GLU A 25 -10.82 7.95 2.93
C GLU A 25 -11.56 7.00 3.86
N ASP A 26 -11.96 5.85 3.38
CA ASP A 26 -12.69 4.89 4.24
C ASP A 26 -11.68 4.12 5.11
N THR A 27 -10.53 3.82 4.56
CA THR A 27 -9.50 3.10 5.35
C THR A 27 -9.03 3.97 6.50
N LEU A 28 -8.63 5.18 6.22
CA LEU A 28 -8.18 6.09 7.32
C LEU A 28 -9.34 6.36 8.27
N CYS A 29 -10.56 6.22 7.80
CA CYS A 29 -11.73 6.44 8.70
C CYS A 29 -11.68 5.41 9.84
N GLU A 30 -11.30 4.21 9.51
CA GLU A 30 -11.21 3.15 10.54
C GLU A 30 -9.87 3.24 11.27
N LEU A 31 -8.79 3.32 10.53
CA LEU A 31 -7.44 3.42 11.17
C LEU A 31 -7.24 4.78 11.81
N GLY A 32 -7.71 5.82 11.17
CA GLY A 32 -7.50 7.17 11.73
C GLY A 32 -6.17 7.70 11.21
N HIS A 33 -5.60 7.03 10.25
CA HIS A 33 -4.28 7.46 9.67
C HIS A 33 -4.23 8.97 9.56
N GLU A 34 -3.07 9.53 9.39
CA GLU A 34 -2.99 11.01 9.25
C GLU A 34 -3.41 11.43 7.84
N VAL A 35 -2.66 11.03 6.85
CA VAL A 35 -3.02 11.40 5.45
C VAL A 35 -2.64 10.24 4.49
N ALA A 36 -3.55 9.83 3.67
CA ALA A 36 -3.24 8.72 2.73
C ALA A 36 -2.90 9.27 1.35
N ALA A 37 -2.75 8.42 0.37
CA ALA A 37 -2.43 8.90 -0.99
C ALA A 37 -3.51 8.43 -1.98
N THR A 38 -3.83 9.25 -2.94
CA THR A 38 -4.89 8.88 -3.93
C THR A 38 -4.36 8.98 -5.36
N ALA A 39 -4.97 8.24 -6.25
CA ALA A 39 -4.55 8.23 -7.68
C ALA A 39 -3.04 8.01 -7.80
N SER A 40 -2.57 7.64 -8.95
CA SER A 40 -1.11 7.41 -9.10
C SER A 40 -0.37 8.74 -9.25
N ARG A 41 0.67 8.94 -8.50
CA ARG A 41 1.42 10.21 -8.59
C ARG A 41 2.90 9.98 -8.35
N MET A 42 3.73 10.28 -9.32
CA MET A 42 5.19 10.08 -9.15
C MET A 42 5.70 10.92 -7.98
N GLN A 43 5.12 12.07 -7.75
CA GLN A 43 5.57 12.93 -6.62
C GLN A 43 5.22 12.27 -5.29
N GLU A 44 3.96 11.97 -5.07
CA GLU A 44 3.56 11.32 -3.80
C GLU A 44 4.03 9.87 -3.78
N ALA A 45 3.97 9.20 -4.89
CA ALA A 45 4.42 7.78 -4.93
C ALA A 45 5.86 7.70 -4.43
N LEU A 46 6.63 8.73 -4.68
CA LEU A 46 8.04 8.73 -4.21
C LEU A 46 8.08 8.81 -2.68
N ASP A 47 7.14 9.50 -2.11
CA ASP A 47 7.10 9.62 -0.62
C ASP A 47 6.77 8.26 0.02
N ILE A 48 5.93 7.49 -0.61
CA ILE A 48 5.59 6.16 -0.03
C ILE A 48 6.80 5.24 -0.14
N ALA A 49 7.66 5.48 -1.09
CA ALA A 49 8.84 4.59 -1.24
C ALA A 49 10.06 5.14 -0.50
N ARG A 50 10.43 6.37 -0.78
CA ARG A 50 11.62 6.97 -0.10
C ARG A 50 11.46 7.02 1.42
N LYS A 51 10.24 7.16 1.90
CA LYS A 51 10.05 7.24 3.39
C LYS A 51 10.65 6.01 4.08
N GLY A 52 10.38 4.84 3.57
CA GLY A 52 10.93 3.61 4.22
C GLY A 52 9.99 3.16 5.34
N GLN A 53 9.55 4.08 6.17
CA GLN A 53 8.64 3.71 7.28
C GLN A 53 7.28 4.42 7.12
N PHE A 54 6.73 4.33 5.94
CA PHE A 54 5.40 4.98 5.67
C PHE A 54 4.27 4.01 5.99
N ASP A 55 4.59 2.90 6.60
CA ASP A 55 3.54 1.89 6.97
C ASP A 55 3.09 1.07 5.74
N ILE A 56 2.48 1.68 4.75
CA ILE A 56 2.00 0.88 3.57
C ILE A 56 1.93 1.74 2.30
N ALA A 57 2.06 1.14 1.13
CA ALA A 57 1.99 1.95 -0.13
C ALA A 57 1.47 1.10 -1.29
N ILE A 58 0.56 1.60 -2.08
CA ILE A 58 0.03 0.74 -3.18
C ILE A 58 0.02 1.46 -4.54
N ILE A 59 1.04 1.27 -5.32
CA ILE A 59 1.06 1.85 -6.70
C ILE A 59 0.58 0.76 -7.64
N ASP A 60 -0.65 0.35 -7.46
CA ASP A 60 -1.21 -0.77 -8.27
C ASP A 60 -1.15 -0.51 -9.77
N VAL A 61 -1.94 -1.26 -10.50
CA VAL A 61 -2.00 -1.13 -11.97
C VAL A 61 -0.59 -1.04 -12.59
N ASN A 62 -0.20 -2.09 -13.24
CA ASN A 62 1.13 -2.15 -13.93
C ASN A 62 0.91 -2.80 -15.29
N LEU A 63 -0.31 -2.74 -15.76
CA LEU A 63 -0.65 -3.35 -17.07
C LEU A 63 -1.11 -2.27 -18.03
N ASP A 64 -1.24 -2.58 -19.28
CA ASP A 64 -1.67 -1.55 -20.24
C ASP A 64 -0.74 -0.34 -20.15
N GLY A 65 0.42 -0.51 -19.56
CA GLY A 65 1.35 0.66 -19.45
C GLY A 65 2.44 0.38 -18.43
N GLU A 66 2.22 -0.53 -17.52
CA GLU A 66 3.26 -0.81 -16.49
C GLU A 66 3.64 0.50 -15.76
N PRO A 67 2.62 1.27 -15.43
CA PRO A 67 2.86 2.56 -14.73
C PRO A 67 3.21 2.33 -13.25
N SER A 68 4.38 1.83 -12.97
CA SER A 68 4.77 1.60 -11.54
C SER A 68 6.11 2.30 -11.24
N TYR A 69 6.74 2.83 -12.27
CA TYR A 69 8.05 3.53 -12.11
C TYR A 69 9.00 2.73 -11.22
N PRO A 70 10.22 3.20 -11.15
CA PRO A 70 11.24 2.52 -10.33
C PRO A 70 11.05 2.84 -8.85
N VAL A 71 10.02 3.57 -8.49
CA VAL A 71 9.85 3.88 -7.04
C VAL A 71 9.09 2.73 -6.35
N ALA A 72 8.12 2.16 -7.02
CA ALA A 72 7.37 1.03 -6.40
C ALA A 72 8.13 -0.25 -6.68
N ASP A 73 8.48 -0.48 -7.91
CA ASP A 73 9.24 -1.70 -8.24
C ASP A 73 10.42 -1.84 -7.28
N ILE A 74 11.23 -0.83 -7.19
CA ILE A 74 12.38 -0.88 -6.26
C ILE A 74 11.87 -1.22 -4.87
N LEU A 75 10.84 -0.53 -4.46
CA LEU A 75 10.23 -0.79 -3.14
C LEU A 75 9.87 -2.27 -3.03
N ALA A 76 9.80 -2.96 -4.14
CA ALA A 76 9.45 -4.40 -4.13
C ALA A 76 10.71 -5.27 -4.08
N GLU A 77 11.71 -4.96 -4.87
CA GLU A 77 12.95 -5.80 -4.87
C GLU A 77 13.50 -5.94 -3.45
N ARG A 78 13.19 -5.02 -2.59
CA ARG A 78 13.68 -5.12 -1.19
C ARG A 78 12.50 -5.37 -0.25
N ASN A 79 11.40 -4.71 -0.50
CA ASN A 79 10.20 -4.92 0.33
C ASN A 79 10.45 -4.59 1.81
N VAL A 80 9.88 -3.52 2.29
CA VAL A 80 10.02 -3.13 3.72
C VAL A 80 8.67 -3.40 4.40
N PRO A 81 8.31 -2.67 5.44
CA PRO A 81 6.97 -2.90 6.05
C PRO A 81 5.94 -2.17 5.20
N PHE A 82 4.99 -2.88 4.64
CA PHE A 82 3.98 -2.22 3.76
C PHE A 82 3.07 -3.25 3.09
N ILE A 83 2.62 -2.92 1.93
CA ILE A 83 1.76 -3.83 1.14
C ILE A 83 1.60 -3.25 -0.25
N PHE A 84 1.19 -4.07 -1.18
CA PHE A 84 1.06 -3.61 -2.58
C PHE A 84 0.03 -4.46 -3.34
N ALA A 85 -0.33 -4.04 -4.51
CA ALA A 85 -1.30 -4.83 -5.32
C ALA A 85 -1.43 -4.23 -6.72
N THR A 86 -1.21 -5.01 -7.74
CA THR A 86 -1.32 -4.47 -9.12
C THR A 86 -1.88 -5.53 -10.07
N GLY A 87 -2.02 -5.19 -11.33
CA GLY A 87 -2.54 -6.19 -12.31
C GLY A 87 -1.77 -7.51 -12.16
N TYR A 88 -0.62 -7.47 -11.55
CA TYR A 88 0.18 -8.70 -11.37
C TYR A 88 -0.32 -9.50 -10.15
N GLY A 89 -0.30 -8.91 -8.99
CA GLY A 89 -0.77 -9.64 -7.77
C GLY A 89 0.41 -9.93 -6.84
N SER A 90 1.44 -9.12 -6.90
CA SER A 90 2.62 -9.34 -6.02
C SER A 90 3.42 -10.59 -6.45
N LYS A 91 4.59 -10.39 -6.98
CA LYS A 91 5.43 -11.53 -7.40
C LYS A 91 5.83 -12.36 -6.18
N GLY A 92 6.11 -11.68 -5.11
CA GLY A 92 6.51 -12.37 -3.86
C GLY A 92 6.96 -11.31 -2.86
N LEU A 93 6.35 -10.16 -2.89
CA LEU A 93 6.74 -9.08 -1.96
C LEU A 93 6.96 -9.67 -0.57
N ASP A 94 8.08 -9.37 0.03
CA ASP A 94 8.38 -9.92 1.38
C ASP A 94 8.27 -8.82 2.43
N THR A 95 7.12 -8.68 3.02
CA THR A 95 6.95 -7.64 4.06
C THR A 95 6.91 -8.27 5.44
N ARG A 96 6.85 -7.49 6.47
CA ARG A 96 6.78 -8.08 7.83
C ARG A 96 5.32 -8.46 8.14
N TYR A 97 4.47 -8.40 7.14
CA TYR A 97 3.05 -8.75 7.37
C TYR A 97 2.86 -10.28 7.30
N SER A 98 3.04 -10.84 6.13
CA SER A 98 2.90 -12.33 5.97
C SER A 98 2.75 -12.74 4.50
N ASN A 99 2.98 -11.85 3.57
CA ASN A 99 2.87 -12.23 2.13
C ASN A 99 1.43 -12.65 1.79
N ILE A 100 0.48 -12.25 2.59
CA ILE A 100 -0.94 -12.66 2.30
C ILE A 100 -1.84 -11.48 1.88
N PRO A 101 -1.57 -10.26 2.33
CA PRO A 101 -2.43 -9.11 1.96
C PRO A 101 -1.99 -8.46 0.64
N LEU A 102 -2.07 -9.16 -0.46
CA LEU A 102 -1.65 -8.53 -1.76
C LEU A 102 -2.65 -8.86 -2.87
N LEU A 103 -2.70 -8.05 -3.90
CA LEU A 103 -3.67 -8.35 -5.00
C LEU A 103 -3.56 -7.35 -6.16
N THR A 104 -4.62 -7.19 -6.91
CA THR A 104 -4.58 -6.24 -8.06
C THR A 104 -5.67 -5.17 -7.90
N LYS A 105 -6.15 -4.96 -6.71
CA LYS A 105 -7.21 -3.92 -6.55
C LYS A 105 -8.41 -4.27 -7.48
N PRO A 106 -8.73 -5.53 -7.54
CA PRO A 106 -9.88 -5.97 -8.37
C PRO A 106 -11.19 -5.52 -7.71
N PHE A 107 -11.09 -5.00 -6.52
CA PHE A 107 -12.31 -4.53 -5.80
C PHE A 107 -13.25 -5.70 -5.55
N LEU A 108 -13.09 -6.32 -4.41
CA LEU A 108 -13.92 -7.49 -4.03
C LEU A 108 -13.26 -8.14 -2.81
N ASP A 109 -11.96 -8.10 -2.76
CA ASP A 109 -11.22 -8.66 -1.59
C ASP A 109 -9.82 -8.02 -1.49
N SER A 110 -9.58 -6.96 -2.21
CA SER A 110 -8.24 -6.30 -2.20
C SER A 110 -7.97 -5.53 -0.90
N GLU A 111 -7.94 -4.21 -0.96
CA GLU A 111 -7.65 -3.40 0.26
C GLU A 111 -8.22 -4.04 1.52
N LEU A 112 -9.47 -4.43 1.49
CA LEU A 112 -10.05 -5.06 2.70
C LEU A 112 -9.13 -6.17 3.23
N GLU A 113 -8.71 -7.07 2.37
CA GLU A 113 -7.79 -8.14 2.83
C GLU A 113 -6.64 -7.51 3.60
N ALA A 114 -5.89 -6.67 2.94
CA ALA A 114 -4.75 -6.00 3.60
C ALA A 114 -5.12 -5.54 5.02
N VAL A 115 -6.37 -5.26 5.26
CA VAL A 115 -6.78 -4.81 6.62
C VAL A 115 -7.52 -5.94 7.34
N LEU A 116 -7.95 -6.93 6.60
CA LEU A 116 -8.68 -8.07 7.23
C LEU A 116 -7.70 -9.19 7.60
N VAL A 117 -6.75 -9.46 6.75
CA VAL A 117 -5.75 -10.54 7.02
C VAL A 117 -4.82 -10.15 8.17
N GLN A 118 -4.90 -8.93 8.63
CA GLN A 118 -3.98 -8.50 9.72
C GLN A 118 -4.69 -8.52 11.07
N ILE A 119 -5.82 -7.87 11.18
CA ILE A 119 -6.55 -7.84 12.48
C ILE A 119 -5.56 -7.61 13.62
N SER A 120 -4.47 -6.92 13.35
CA SER A 120 -3.44 -6.65 14.41
C SER A 120 -2.56 -7.89 14.63
N LYS A 121 -3.19 -9.03 14.79
CA LYS A 121 -2.44 -10.33 15.03
C LYS A 121 -2.33 -10.62 16.51
N GLU A 122 -3.20 -10.06 17.29
CA GLU A 122 -3.18 -10.33 18.76
C GLU A 122 -4.39 -11.18 19.12
N VAL A 123 -5.05 -11.69 18.11
CA VAL A 123 -6.25 -12.55 18.31
C VAL A 123 -6.99 -12.19 19.60
CA CA B . -6.95 2.04 -11.01
BE BEF C . -4.91 0.52 -10.02
F1 BEF C . -5.63 0.51 -11.63
F2 BEF C . -6.38 0.76 -9.92
F3 BEF C . -4.63 -0.72 -10.46
N GLY A 1 6.25 9.21 12.35
CA GLY A 1 5.90 10.36 13.22
C GLY A 1 7.10 10.73 14.09
N SER A 2 6.97 10.59 15.39
CA SER A 2 8.12 10.93 16.29
C SER A 2 9.03 9.72 16.47
N HIS A 3 8.46 8.56 16.65
CA HIS A 3 9.30 7.34 16.84
C HIS A 3 9.35 6.51 15.55
N MET A 4 9.74 5.26 15.65
CA MET A 4 9.81 4.40 14.45
C MET A 4 8.42 3.82 14.13
N THR A 5 8.01 3.91 12.89
CA THR A 5 6.67 3.36 12.52
C THR A 5 6.82 2.39 11.33
N GLU A 6 5.86 1.55 11.10
CA GLU A 6 5.99 0.59 9.96
C GLU A 6 4.63 0.22 9.35
N ARG A 7 3.54 0.70 9.88
CA ARG A 7 2.21 0.34 9.28
C ARG A 7 1.06 0.95 10.09
N ARG A 8 1.24 1.13 11.37
CA ARG A 8 0.14 1.70 12.21
C ARG A 8 0.04 3.22 12.03
N LEU A 9 0.92 3.83 11.27
CA LEU A 9 0.85 5.30 11.13
C LEU A 9 0.02 5.73 9.92
N ARG A 10 0.35 5.28 8.74
CA ARG A 10 -0.43 5.76 7.57
C ARG A 10 -0.43 4.76 6.39
N VAL A 11 -1.15 5.10 5.35
CA VAL A 11 -1.21 4.21 4.16
C VAL A 11 -1.21 5.06 2.88
N LEU A 12 -0.06 5.21 2.27
CA LEU A 12 0.01 6.03 1.03
C LEU A 12 -0.38 5.17 -0.17
N VAL A 13 -1.64 5.21 -0.54
CA VAL A 13 -2.11 4.40 -1.70
C VAL A 13 -2.24 5.30 -2.92
N VAL A 14 -1.76 4.88 -4.05
CA VAL A 14 -1.85 5.77 -5.22
C VAL A 14 -2.08 4.97 -6.52
N GLU A 15 -3.03 5.41 -7.30
CA GLU A 15 -3.34 4.73 -8.59
C GLU A 15 -4.13 5.71 -9.50
N ASP A 16 -3.82 5.72 -10.76
CA ASP A 16 -4.46 6.64 -11.75
C ASP A 16 -6.00 6.71 -11.68
N GLU A 17 -6.55 7.25 -10.63
CA GLU A 17 -8.04 7.39 -10.56
C GLU A 17 -8.48 7.86 -9.17
N SER A 18 -9.66 8.42 -9.08
CA SER A 18 -10.16 8.91 -7.77
C SER A 18 -10.76 7.76 -6.97
N MET A 19 -10.96 6.62 -7.59
CA MET A 19 -11.53 5.46 -6.86
C MET A 19 -10.65 5.14 -5.65
N ILE A 20 -9.45 5.63 -5.65
CA ILE A 20 -8.53 5.37 -4.51
C ILE A 20 -8.44 6.62 -3.62
N ALA A 21 -8.95 7.71 -4.10
CA ALA A 21 -8.89 8.98 -3.30
C ALA A 21 -10.02 9.00 -2.28
N MET A 22 -11.21 9.36 -2.69
CA MET A 22 -12.32 9.39 -1.71
C MET A 22 -12.41 8.04 -1.01
N LEU A 23 -11.88 7.03 -1.63
CA LEU A 23 -11.89 5.67 -1.02
C LEU A 23 -10.89 5.66 0.16
N ILE A 24 -10.17 6.73 0.33
CA ILE A 24 -9.16 6.81 1.43
C ILE A 24 -9.67 7.70 2.58
N GLU A 25 -10.14 8.88 2.27
CA GLU A 25 -10.62 9.78 3.36
C GLU A 25 -11.64 9.05 4.23
N ASP A 26 -12.32 8.07 3.68
CA ASP A 26 -13.31 7.32 4.48
C ASP A 26 -12.59 6.32 5.40
N THR A 27 -11.57 5.68 4.90
CA THR A 27 -10.83 4.71 5.76
C THR A 27 -10.21 5.46 6.95
N LEU A 28 -9.50 6.52 6.67
CA LEU A 28 -8.90 7.31 7.79
C LEU A 28 -9.99 7.66 8.80
N CYS A 29 -11.19 7.91 8.32
CA CYS A 29 -12.30 8.26 9.24
C CYS A 29 -12.40 7.22 10.37
N GLU A 30 -12.06 5.99 10.07
CA GLU A 30 -12.14 4.92 11.11
C GLU A 30 -10.80 4.75 11.82
N LEU A 31 -9.71 4.84 11.09
CA LEU A 31 -8.38 4.66 11.75
C LEU A 31 -7.89 5.99 12.32
N GLY A 32 -8.15 7.08 11.65
CA GLY A 32 -7.68 8.40 12.17
C GLY A 32 -6.17 8.48 11.98
N HIS A 33 -5.65 7.82 10.98
CA HIS A 33 -4.18 7.85 10.75
C HIS A 33 -3.70 9.30 10.59
N GLU A 34 -2.56 9.50 9.99
CA GLU A 34 -2.05 10.89 9.82
C GLU A 34 -2.52 11.49 8.49
N VAL A 35 -1.87 11.13 7.41
CA VAL A 35 -2.29 11.67 6.08
C VAL A 35 -1.93 10.66 5.00
N ALA A 36 -2.91 9.98 4.47
CA ALA A 36 -2.64 8.96 3.42
C ALA A 36 -2.46 9.61 2.05
N ALA A 37 -2.22 8.81 1.05
CA ALA A 37 -2.04 9.36 -0.31
C ALA A 37 -3.03 8.69 -1.26
N THR A 38 -3.35 9.34 -2.35
CA THR A 38 -4.31 8.74 -3.31
C THR A 38 -3.91 9.02 -4.75
N ALA A 39 -4.58 8.42 -5.68
CA ALA A 39 -4.25 8.62 -7.11
C ALA A 39 -2.79 8.28 -7.33
N SER A 40 -2.38 8.07 -8.53
CA SER A 40 -0.95 7.74 -8.77
C SER A 40 -0.14 9.02 -8.89
N ARG A 41 0.65 9.32 -7.90
CA ARG A 41 1.46 10.56 -7.94
C ARG A 41 2.94 10.24 -7.69
N MET A 42 3.79 10.52 -8.64
CA MET A 42 5.23 10.22 -8.45
C MET A 42 5.77 10.96 -7.21
N GLN A 43 5.12 12.02 -6.81
CA GLN A 43 5.58 12.78 -5.61
C GLN A 43 5.07 12.08 -4.33
N GLU A 44 3.80 12.16 -4.06
CA GLU A 44 3.27 11.50 -2.84
C GLU A 44 3.74 10.05 -2.80
N ALA A 45 3.79 9.41 -3.94
CA ALA A 45 4.26 8.00 -3.97
C ALA A 45 5.68 7.97 -3.44
N LEU A 46 6.46 8.94 -3.81
CA LEU A 46 7.86 9.01 -3.34
C LEU A 46 7.90 9.06 -1.81
N ASP A 47 6.97 9.75 -1.21
CA ASP A 47 6.94 9.83 0.27
C ASP A 47 6.67 8.46 0.87
N ILE A 48 6.06 7.59 0.11
CA ILE A 48 5.77 6.22 0.63
C ILE A 48 7.00 5.33 0.47
N ALA A 49 7.80 5.61 -0.52
CA ALA A 49 9.00 4.77 -0.77
C ALA A 49 10.23 5.32 -0.05
N ARG A 50 10.74 6.44 -0.50
CA ARG A 50 11.96 7.02 0.13
C ARG A 50 11.78 7.20 1.63
N LYS A 51 10.59 7.42 2.10
CA LYS A 51 10.39 7.60 3.56
C LYS A 51 10.96 6.40 4.32
N GLY A 52 10.67 5.21 3.87
CA GLY A 52 11.21 4.01 4.56
C GLY A 52 10.37 3.69 5.80
N GLN A 53 10.08 4.68 6.61
CA GLN A 53 9.28 4.42 7.84
C GLN A 53 7.81 4.78 7.62
N PHE A 54 7.43 5.24 6.44
CA PHE A 54 6.01 5.62 6.22
C PHE A 54 5.06 4.64 6.93
N ASP A 55 4.71 3.53 6.35
CA ASP A 55 3.78 2.57 6.99
C ASP A 55 3.26 1.62 5.91
N ILE A 56 2.56 2.15 4.95
CA ILE A 56 2.04 1.28 3.85
C ILE A 56 2.03 2.05 2.52
N ALA A 57 2.12 1.38 1.39
CA ALA A 57 2.13 2.13 0.10
C ALA A 57 1.59 1.28 -1.05
N ILE A 58 0.69 1.80 -1.84
CA ILE A 58 0.17 0.97 -2.97
C ILE A 58 0.10 1.74 -4.29
N ILE A 59 1.12 1.63 -5.11
CA ILE A 59 1.09 2.27 -6.44
C ILE A 59 0.42 1.27 -7.39
N ASP A 60 -0.82 0.99 -7.14
CA ASP A 60 -1.55 -0.02 -7.95
C ASP A 60 -1.78 0.45 -9.39
N VAL A 61 -1.39 -0.40 -10.33
CA VAL A 61 -1.53 -0.17 -11.80
C VAL A 61 -0.19 -0.41 -12.50
N ASN A 62 0.18 -1.64 -12.68
CA ASN A 62 1.49 -1.94 -13.33
C ASN A 62 1.27 -2.77 -14.60
N LEU A 63 0.80 -2.16 -15.64
CA LEU A 63 0.57 -2.92 -16.91
C LEU A 63 0.83 -2.03 -18.12
N ASP A 64 1.10 -2.62 -19.26
CA ASP A 64 1.36 -1.81 -20.48
C ASP A 64 2.59 -0.91 -20.28
N GLY A 65 3.38 -1.19 -19.27
CA GLY A 65 4.59 -0.36 -19.02
C GLY A 65 4.96 -0.40 -17.55
N GLU A 66 4.03 -0.74 -16.71
CA GLU A 66 4.32 -0.79 -15.26
C GLU A 66 4.68 0.60 -14.73
N PRO A 67 3.72 1.48 -14.76
CA PRO A 67 3.93 2.86 -14.28
C PRO A 67 4.09 2.90 -12.76
N SER A 68 5.08 2.22 -12.25
CA SER A 68 5.31 2.21 -10.77
C SER A 68 6.59 2.98 -10.45
N TYR A 69 7.17 3.62 -11.42
CA TYR A 69 8.43 4.39 -11.20
C TYR A 69 9.42 3.53 -10.40
N PRO A 70 10.58 4.07 -10.17
CA PRO A 70 11.61 3.33 -9.42
C PRO A 70 11.32 3.37 -7.92
N VAL A 71 10.26 4.01 -7.50
CA VAL A 71 9.95 4.05 -6.04
C VAL A 71 9.09 2.85 -5.68
N ALA A 72 8.06 2.58 -6.43
CA ALA A 72 7.20 1.42 -6.13
C ALA A 72 7.96 0.14 -6.45
N ASP A 73 8.52 0.06 -7.62
CA ASP A 73 9.29 -1.15 -7.98
C ASP A 73 10.34 -1.40 -6.90
N ILE A 74 11.13 -0.41 -6.61
CA ILE A 74 12.17 -0.58 -5.56
C ILE A 74 11.47 -1.05 -4.29
N LEU A 75 10.41 -0.40 -3.93
CA LEU A 75 9.64 -0.81 -2.72
C LEU A 75 9.04 -2.19 -2.95
N ALA A 76 8.96 -2.60 -4.19
CA ALA A 76 8.38 -3.93 -4.52
C ALA A 76 9.47 -5.00 -4.67
N GLU A 77 10.65 -4.62 -5.08
CA GLU A 77 11.74 -5.62 -5.28
C GLU A 77 12.25 -6.14 -3.92
N ARG A 78 12.31 -5.30 -2.93
CA ARG A 78 12.78 -5.75 -1.60
C ARG A 78 11.63 -5.67 -0.59
N ASN A 79 10.76 -4.72 -0.77
CA ASN A 79 9.57 -4.56 0.12
C ASN A 79 9.92 -4.61 1.62
N VAL A 80 9.34 -3.72 2.37
CA VAL A 80 9.55 -3.69 3.85
C VAL A 80 8.16 -3.87 4.48
N PRO A 81 7.94 -3.41 5.69
CA PRO A 81 6.57 -3.56 6.26
C PRO A 81 5.65 -2.65 5.45
N PHE A 82 4.62 -3.19 4.86
CA PHE A 82 3.75 -2.34 4.01
C PHE A 82 2.64 -3.18 3.36
N ILE A 83 2.26 -2.77 2.18
CA ILE A 83 1.22 -3.48 1.39
C ILE A 83 1.33 -2.93 -0.02
N PHE A 84 1.01 -3.72 -1.00
CA PHE A 84 1.10 -3.25 -2.41
C PHE A 84 0.17 -4.08 -3.30
N ALA A 85 -0.11 -3.60 -4.46
CA ALA A 85 -0.99 -4.36 -5.38
C ALA A 85 -1.11 -3.61 -6.70
N THR A 86 -1.09 -4.30 -7.81
CA THR A 86 -1.20 -3.56 -9.11
C THR A 86 -2.05 -4.36 -10.12
N GLY A 87 -1.47 -4.85 -11.17
CA GLY A 87 -2.25 -5.61 -12.18
C GLY A 87 -1.90 -7.10 -12.10
N TYR A 88 -0.64 -7.42 -12.06
CA TYR A 88 -0.24 -8.85 -11.99
C TYR A 88 -0.67 -9.45 -10.64
N GLY A 89 -0.63 -8.67 -9.60
CA GLY A 89 -1.05 -9.20 -8.27
C GLY A 89 0.17 -9.67 -7.47
N SER A 90 1.05 -8.76 -7.11
CA SER A 90 2.24 -9.15 -6.31
C SER A 90 3.01 -10.28 -7.01
N LYS A 91 4.08 -10.72 -6.41
CA LYS A 91 4.89 -11.81 -7.00
C LYS A 91 5.63 -12.57 -5.89
N GLY A 92 5.20 -12.41 -4.67
CA GLY A 92 5.88 -13.08 -3.54
C GLY A 92 6.78 -12.07 -2.85
N LEU A 93 6.21 -10.97 -2.40
CA LEU A 93 7.04 -9.91 -1.74
C LEU A 93 7.29 -10.27 -0.27
N ASP A 94 8.18 -9.56 0.36
CA ASP A 94 8.48 -9.84 1.80
C ASP A 94 7.98 -8.69 2.68
N THR A 95 7.64 -8.97 3.91
CA THR A 95 7.16 -7.88 4.79
C THR A 95 6.80 -8.42 6.18
N ARG A 96 6.41 -7.56 7.07
CA ARG A 96 6.03 -8.01 8.43
C ARG A 96 4.61 -8.57 8.40
N TYR A 97 4.04 -8.66 7.24
CA TYR A 97 2.65 -9.18 7.13
C TYR A 97 2.67 -10.71 7.09
N SER A 98 3.15 -11.27 6.01
CA SER A 98 3.22 -12.78 5.86
C SER A 98 3.09 -13.17 4.38
N ASN A 99 3.53 -12.33 3.48
CA ASN A 99 3.41 -12.67 2.03
C ASN A 99 2.00 -13.19 1.77
N ILE A 100 1.04 -12.30 1.71
CA ILE A 100 -0.35 -12.74 1.46
C ILE A 100 -1.34 -11.55 1.29
N PRO A 101 -1.21 -10.47 2.04
CA PRO A 101 -2.17 -9.35 1.90
C PRO A 101 -1.81 -8.45 0.72
N LEU A 102 -1.78 -8.98 -0.47
CA LEU A 102 -1.44 -8.12 -1.65
C LEU A 102 -2.08 -8.66 -2.93
N LEU A 103 -2.24 -7.82 -3.93
CA LEU A 103 -2.85 -8.31 -5.21
C LEU A 103 -2.90 -7.20 -6.28
N THR A 104 -4.04 -7.00 -6.92
CA THR A 104 -4.11 -5.98 -8.02
C THR A 104 -5.14 -4.88 -7.74
N LYS A 105 -5.37 -4.55 -6.49
CA LYS A 105 -6.35 -3.47 -6.19
C LYS A 105 -7.76 -3.78 -6.75
N PRO A 106 -8.13 -5.04 -6.79
CA PRO A 106 -9.50 -5.37 -7.30
C PRO A 106 -10.56 -4.86 -6.30
N PHE A 107 -10.13 -4.30 -5.20
CA PHE A 107 -11.08 -3.78 -4.18
C PHE A 107 -11.98 -4.91 -3.68
N LEU A 108 -13.13 -4.57 -3.12
CA LEU A 108 -14.07 -5.60 -2.56
C LEU A 108 -13.35 -6.90 -2.17
N ASP A 109 -12.17 -6.75 -1.61
CA ASP A 109 -11.35 -7.93 -1.16
C ASP A 109 -9.87 -7.52 -1.16
N SER A 110 -9.55 -6.45 -1.84
CA SER A 110 -8.13 -5.98 -1.93
C SER A 110 -7.72 -5.22 -0.66
N GLU A 111 -7.78 -3.90 -0.70
CA GLU A 111 -7.38 -3.10 0.52
C GLU A 111 -7.84 -3.81 1.80
N LEU A 112 -8.90 -4.57 1.71
CA LEU A 112 -9.39 -5.31 2.92
C LEU A 112 -8.36 -6.37 3.29
N GLU A 113 -8.16 -7.34 2.45
CA GLU A 113 -7.16 -8.39 2.75
C GLU A 113 -5.86 -7.71 3.19
N ALA A 114 -5.54 -6.62 2.58
CA ALA A 114 -4.28 -5.93 2.94
C ALA A 114 -4.19 -5.76 4.46
N VAL A 115 -5.26 -5.33 5.08
CA VAL A 115 -5.24 -5.15 6.55
C VAL A 115 -5.90 -6.36 7.23
N LEU A 116 -6.59 -7.16 6.48
CA LEU A 116 -7.28 -8.34 7.08
C LEU A 116 -6.39 -9.59 7.05
N VAL A 117 -5.63 -9.78 5.99
CA VAL A 117 -4.75 -10.98 5.92
C VAL A 117 -3.50 -10.77 6.77
N GLN A 118 -3.34 -9.60 7.32
CA GLN A 118 -2.13 -9.31 8.15
C GLN A 118 -2.24 -9.96 9.54
N ILE A 119 -3.36 -9.80 10.19
CA ILE A 119 -3.51 -10.39 11.57
C ILE A 119 -3.83 -11.89 11.50
N SER A 120 -4.60 -12.31 10.53
CA SER A 120 -4.94 -13.77 10.42
C SER A 120 -3.73 -14.62 10.79
N LYS A 121 -3.80 -15.31 11.90
CA LYS A 121 -2.65 -16.16 12.32
C LYS A 121 -3.08 -17.16 13.39
N GLU A 122 -3.93 -18.09 13.03
CA GLU A 122 -4.41 -19.10 14.02
C GLU A 122 -4.76 -18.41 15.33
N VAL A 123 -5.30 -17.23 15.23
CA VAL A 123 -5.68 -16.45 16.44
C VAL A 123 -6.14 -17.38 17.57
CA CA B . -6.61 2.27 -12.66
BE BEF C . -5.38 0.43 -10.04
F1 BEF C . -6.83 0.73 -10.15
F2 BEF C . -6.06 0.00 -11.66
F3 BEF C . -4.69 1.13 -10.98
N GLY A 1 4.11 0.02 21.84
CA GLY A 1 3.86 1.43 22.25
C GLY A 1 5.18 2.22 22.23
N SER A 2 6.04 1.98 23.17
CA SER A 2 7.34 2.72 23.19
C SER A 2 7.08 4.23 23.18
N HIS A 3 8.10 5.01 23.41
CA HIS A 3 7.92 6.50 23.42
C HIS A 3 8.58 7.11 22.17
N MET A 4 9.26 6.31 21.40
CA MET A 4 9.93 6.85 20.18
C MET A 4 8.90 7.15 19.09
N THR A 5 8.00 6.23 18.82
CA THR A 5 6.98 6.46 17.78
C THR A 5 5.58 6.18 18.34
N GLU A 6 4.55 6.65 17.70
CA GLU A 6 3.18 6.40 18.21
C GLU A 6 2.13 6.93 17.23
N ARG A 7 2.44 6.95 15.96
CA ARG A 7 1.45 7.46 14.97
C ARG A 7 2.04 7.43 13.56
N ARG A 8 2.87 6.48 13.27
CA ARG A 8 3.47 6.39 11.90
C ARG A 8 2.61 5.51 11.00
N LEU A 9 1.59 4.90 11.54
CA LEU A 9 0.71 4.01 10.72
C LEU A 9 0.06 4.78 9.56
N ARG A 10 0.46 4.48 8.35
CA ARG A 10 -0.16 5.17 7.19
C ARG A 10 -0.03 4.34 5.92
N VAL A 11 -0.77 4.69 4.90
CA VAL A 11 -0.72 3.90 3.64
C VAL A 11 -0.84 4.80 2.40
N LEU A 12 0.18 4.88 1.60
CA LEU A 12 0.09 5.71 0.36
C LEU A 12 -0.39 4.81 -0.79
N VAL A 13 -1.67 4.78 -1.03
CA VAL A 13 -2.17 3.92 -2.13
C VAL A 13 -2.34 4.78 -3.37
N VAL A 14 -2.02 4.26 -4.52
CA VAL A 14 -2.14 5.11 -5.74
C VAL A 14 -2.37 4.28 -7.01
N GLU A 15 -3.21 4.79 -7.87
CA GLU A 15 -3.52 4.12 -9.17
C GLU A 15 -4.29 5.11 -10.05
N ASP A 16 -3.80 5.32 -11.25
CA ASP A 16 -4.42 6.29 -12.22
C ASP A 16 -5.80 6.83 -11.80
N GLU A 17 -6.82 6.03 -11.84
CA GLU A 17 -8.19 6.55 -11.51
C GLU A 17 -8.36 6.94 -10.05
N SER A 18 -9.47 7.57 -9.75
CA SER A 18 -9.76 8.02 -8.36
C SER A 18 -10.49 6.92 -7.58
N MET A 19 -10.73 5.79 -8.19
CA MET A 19 -11.42 4.69 -7.45
C MET A 19 -10.68 4.45 -6.13
N ILE A 20 -9.44 4.85 -6.09
CA ILE A 20 -8.61 4.67 -4.86
C ILE A 20 -8.55 6.00 -4.09
N ALA A 21 -9.29 6.96 -4.54
CA ALA A 21 -9.28 8.29 -3.89
C ALA A 21 -10.22 8.29 -2.67
N MET A 22 -11.47 8.58 -2.86
CA MET A 22 -12.40 8.58 -1.70
C MET A 22 -12.31 7.23 -1.01
N LEU A 23 -11.87 6.23 -1.73
CA LEU A 23 -11.70 4.88 -1.13
C LEU A 23 -10.75 4.99 0.07
N ILE A 24 -10.03 6.08 0.16
CA ILE A 24 -9.08 6.25 1.29
C ILE A 24 -9.64 7.24 2.32
N GLU A 25 -10.11 8.37 1.87
CA GLU A 25 -10.66 9.39 2.81
C GLU A 25 -11.72 8.74 3.72
N ASP A 26 -12.33 7.68 3.27
CA ASP A 26 -13.36 7.02 4.12
C ASP A 26 -12.69 6.07 5.13
N THR A 27 -11.75 5.27 4.69
CA THR A 27 -11.06 4.37 5.65
C THR A 27 -10.33 5.21 6.69
N LEU A 28 -9.49 6.11 6.24
CA LEU A 28 -8.77 6.98 7.21
C LEU A 28 -9.79 7.70 8.08
N CYS A 29 -10.92 8.03 7.53
CA CYS A 29 -11.96 8.73 8.34
C CYS A 29 -12.32 7.88 9.56
N GLU A 30 -12.20 6.58 9.44
CA GLU A 30 -12.52 5.68 10.58
C GLU A 30 -11.26 5.42 11.41
N LEU A 31 -10.15 5.18 10.76
CA LEU A 31 -8.89 4.91 11.52
C LEU A 31 -8.27 6.21 12.02
N GLY A 32 -8.33 7.25 11.23
CA GLY A 32 -7.72 8.54 11.67
C GLY A 32 -6.21 8.43 11.53
N HIS A 33 -5.75 7.60 10.62
CA HIS A 33 -4.29 7.43 10.42
C HIS A 33 -3.61 8.78 10.15
N GLU A 34 -2.42 8.77 9.61
CA GLU A 34 -1.72 10.06 9.34
C GLU A 34 -2.25 10.72 8.05
N VAL A 35 -1.58 10.52 6.94
CA VAL A 35 -2.04 11.12 5.65
C VAL A 35 -2.05 10.04 4.56
N ALA A 36 -3.20 9.72 4.04
CA ALA A 36 -3.29 8.66 2.99
C ALA A 36 -3.09 9.26 1.59
N ALA A 37 -2.67 8.46 0.65
CA ALA A 37 -2.47 8.97 -0.74
C ALA A 37 -3.35 8.19 -1.73
N THR A 38 -3.70 8.79 -2.82
CA THR A 38 -4.55 8.09 -3.82
C THR A 38 -4.12 8.41 -5.26
N ALA A 39 -4.80 7.82 -6.21
CA ALA A 39 -4.44 8.04 -7.65
C ALA A 39 -2.96 7.76 -7.86
N SER A 40 -2.54 7.57 -9.07
CA SER A 40 -1.10 7.28 -9.30
C SER A 40 -0.34 8.59 -9.55
N ARG A 41 0.54 8.94 -8.66
CA ARG A 41 1.31 10.20 -8.81
C ARG A 41 2.81 9.91 -8.74
N MET A 42 3.53 10.16 -9.82
CA MET A 42 4.99 9.90 -9.81
C MET A 42 5.66 10.65 -8.65
N GLN A 43 5.13 11.79 -8.30
CA GLN A 43 5.74 12.58 -7.18
C GLN A 43 5.43 11.91 -5.83
N GLU A 44 4.19 11.86 -5.45
CA GLU A 44 3.84 11.22 -4.15
C GLU A 44 4.23 9.74 -4.15
N ALA A 45 3.86 9.02 -5.17
CA ALA A 45 4.22 7.58 -5.24
C ALA A 45 5.67 7.39 -4.81
N LEU A 46 6.57 8.14 -5.39
CA LEU A 46 8.01 8.03 -5.02
C LEU A 46 8.16 8.13 -3.51
N ASP A 47 7.41 9.00 -2.88
CA ASP A 47 7.51 9.16 -1.40
C ASP A 47 7.05 7.89 -0.68
N ILE A 48 6.25 7.07 -1.32
CA ILE A 48 5.78 5.83 -0.64
C ILE A 48 6.83 4.72 -0.76
N ALA A 49 7.65 4.77 -1.75
CA ALA A 49 8.65 3.68 -1.90
C ALA A 49 9.98 4.03 -1.23
N ARG A 50 10.67 5.01 -1.75
CA ARG A 50 12.00 5.38 -1.18
C ARG A 50 11.89 5.88 0.26
N LYS A 51 10.70 6.01 0.79
CA LYS A 51 10.57 6.50 2.19
C LYS A 51 10.83 5.36 3.18
N GLY A 52 10.23 4.21 2.97
CA GLY A 52 10.47 3.07 3.89
C GLY A 52 9.63 3.22 5.16
N GLN A 53 9.68 4.37 5.79
CA GLN A 53 8.90 4.55 7.05
C GLN A 53 7.49 5.07 6.74
N PHE A 54 6.95 4.69 5.62
CA PHE A 54 5.57 5.15 5.26
C PHE A 54 4.55 4.05 5.56
N ASP A 55 4.97 3.06 6.30
CA ASP A 55 4.08 1.93 6.68
C ASP A 55 3.64 1.11 5.47
N ILE A 56 2.76 1.63 4.65
CA ILE A 56 2.27 0.82 3.47
C ILE A 56 2.09 1.68 2.21
N ALA A 57 2.20 1.09 1.04
CA ALA A 57 2.03 1.88 -0.23
C ALA A 57 1.60 0.95 -1.37
N ILE A 58 0.73 1.37 -2.24
CA ILE A 58 0.33 0.45 -3.34
C ILE A 58 0.18 1.16 -4.69
N ILE A 59 1.21 1.12 -5.49
CA ILE A 59 1.14 1.69 -6.87
C ILE A 59 0.56 0.60 -7.75
N ASP A 60 -0.69 0.28 -7.52
CA ASP A 60 -1.33 -0.82 -8.27
C ASP A 60 -1.62 -0.43 -9.72
N VAL A 61 -2.05 -1.40 -10.50
CA VAL A 61 -2.41 -1.19 -11.94
C VAL A 61 -1.18 -1.32 -12.86
N ASN A 62 -0.76 -2.52 -13.11
CA ASN A 62 0.42 -2.70 -14.02
C ASN A 62 -0.05 -3.27 -15.35
N LEU A 63 -0.94 -2.59 -16.01
CA LEU A 63 -1.44 -3.08 -17.33
C LEU A 63 -1.55 -1.90 -18.31
N ASP A 64 -1.48 -2.17 -19.57
CA ASP A 64 -1.57 -1.07 -20.58
C ASP A 64 -0.36 -0.13 -20.45
N GLY A 65 0.67 -0.54 -19.77
CA GLY A 65 1.86 0.34 -19.65
C GLY A 65 2.72 -0.08 -18.46
N GLU A 66 2.16 -0.76 -17.51
CA GLU A 66 2.96 -1.18 -16.33
C GLU A 66 3.55 0.06 -15.65
N PRO A 67 2.68 0.95 -15.29
CA PRO A 67 3.07 2.21 -14.63
C PRO A 67 3.46 1.98 -13.16
N SER A 68 4.63 1.45 -12.93
CA SER A 68 5.07 1.20 -11.52
C SER A 68 6.45 1.83 -11.27
N TYR A 69 7.00 2.48 -12.26
CA TYR A 69 8.33 3.12 -12.12
C TYR A 69 9.35 2.14 -11.54
N PRO A 70 10.58 2.54 -11.57
CA PRO A 70 11.66 1.70 -11.04
C PRO A 70 11.61 1.70 -9.51
N VAL A 71 10.72 2.46 -8.92
CA VAL A 71 10.65 2.47 -7.44
C VAL A 71 9.58 1.47 -6.94
N ALA A 72 8.33 1.59 -7.35
CA ALA A 72 7.34 0.60 -6.88
C ALA A 72 7.94 -0.79 -7.10
N ASP A 73 8.58 -0.98 -8.23
CA ASP A 73 9.23 -2.29 -8.48
C ASP A 73 10.28 -2.53 -7.40
N ILE A 74 11.13 -1.56 -7.20
CA ILE A 74 12.17 -1.69 -6.14
C ILE A 74 11.46 -2.06 -4.85
N LEU A 75 10.39 -1.37 -4.58
CA LEU A 75 9.59 -1.63 -3.36
C LEU A 75 9.13 -3.09 -3.35
N ALA A 76 8.92 -3.66 -4.51
CA ALA A 76 8.47 -5.07 -4.57
C ALA A 76 9.68 -6.01 -4.68
N GLU A 77 10.82 -5.48 -5.07
CA GLU A 77 12.03 -6.32 -5.19
C GLU A 77 12.53 -6.72 -3.80
N ARG A 78 12.80 -5.76 -2.96
CA ARG A 78 13.28 -6.08 -1.59
C ARG A 78 12.09 -6.13 -0.62
N ASN A 79 11.06 -5.40 -0.91
CA ASN A 79 9.85 -5.40 -0.05
C ASN A 79 10.19 -5.11 1.42
N VAL A 80 9.62 -4.05 1.95
CA VAL A 80 9.85 -3.67 3.38
C VAL A 80 8.49 -3.75 4.09
N PRO A 81 8.37 -3.34 5.33
CA PRO A 81 7.05 -3.40 5.99
C PRO A 81 6.10 -2.52 5.19
N PHE A 82 5.09 -3.11 4.63
CA PHE A 82 4.13 -2.36 3.76
C PHE A 82 3.13 -3.33 3.13
N ILE A 83 2.72 -3.01 1.96
CA ILE A 83 1.79 -3.87 1.20
C ILE A 83 1.79 -3.36 -0.22
N PHE A 84 1.49 -4.20 -1.17
CA PHE A 84 1.51 -3.74 -2.57
C PHE A 84 0.57 -4.58 -3.44
N ALA A 85 0.34 -4.16 -4.63
CA ALA A 85 -0.56 -4.94 -5.50
C ALA A 85 -0.63 -4.32 -6.89
N THR A 86 -0.37 -5.09 -7.93
CA THR A 86 -0.43 -4.53 -9.32
C THR A 86 -0.21 -5.62 -10.36
N GLY A 87 -1.07 -5.68 -11.34
CA GLY A 87 -0.94 -6.69 -12.45
C GLY A 87 -0.44 -8.06 -11.94
N TYR A 88 -0.54 -8.35 -10.66
CA TYR A 88 -0.09 -9.67 -10.16
C TYR A 88 -0.08 -9.68 -8.62
N GLY A 89 0.02 -8.53 -7.99
CA GLY A 89 0.02 -8.53 -6.51
C GLY A 89 1.45 -8.47 -5.98
N SER A 90 2.20 -9.51 -6.20
CA SER A 90 3.60 -9.52 -5.72
C SER A 90 4.32 -10.77 -6.23
N LYS A 91 5.60 -10.67 -6.49
CA LYS A 91 6.36 -11.86 -6.97
C LYS A 91 7.18 -12.43 -5.82
N GLY A 92 6.59 -12.46 -4.65
CA GLY A 92 7.31 -12.98 -3.46
C GLY A 92 7.45 -11.85 -2.44
N LEU A 93 6.68 -10.81 -2.61
CA LEU A 93 6.75 -9.65 -1.67
C LEU A 93 6.92 -10.14 -0.23
N ASP A 94 7.97 -9.72 0.42
CA ASP A 94 8.18 -10.15 1.84
C ASP A 94 7.93 -8.95 2.76
N THR A 95 7.54 -9.19 3.97
CA THR A 95 7.25 -8.04 4.89
C THR A 95 6.86 -8.57 6.28
N ARG A 96 6.96 -7.75 7.29
CA ARG A 96 6.62 -8.19 8.69
C ARG A 96 5.15 -8.58 8.81
N TYR A 97 4.39 -8.39 7.78
CA TYR A 97 2.94 -8.74 7.85
C TYR A 97 2.79 -10.26 7.79
N SER A 98 3.12 -10.84 6.66
CA SER A 98 3.03 -12.34 6.46
C SER A 98 2.64 -12.70 5.02
N ASN A 99 2.74 -11.78 4.09
CA ASN A 99 2.34 -12.10 2.70
C ASN A 99 0.89 -12.58 2.65
N ILE A 100 -0.04 -11.67 2.66
CA ILE A 100 -1.48 -12.07 2.64
C ILE A 100 -2.31 -11.20 1.67
N PRO A 101 -2.22 -9.90 1.82
CA PRO A 101 -3.00 -8.99 0.96
C PRO A 101 -2.21 -8.52 -0.27
N LEU A 102 -1.73 -9.43 -1.08
CA LEU A 102 -0.99 -8.98 -2.30
C LEU A 102 -1.83 -9.24 -3.56
N LEU A 103 -1.95 -8.26 -4.44
CA LEU A 103 -2.77 -8.48 -5.69
C LEU A 103 -2.93 -7.18 -6.51
N THR A 104 -4.11 -6.83 -6.92
CA THR A 104 -4.26 -5.58 -7.73
C THR A 104 -5.23 -4.60 -7.07
N LYS A 105 -5.04 -3.31 -7.30
CA LYS A 105 -5.93 -2.22 -6.74
C LYS A 105 -6.56 -2.54 -5.37
N PRO A 106 -6.58 -1.54 -4.53
CA PRO A 106 -7.17 -1.67 -3.16
C PRO A 106 -8.65 -2.05 -3.21
N PHE A 107 -8.96 -3.15 -3.86
CA PHE A 107 -10.37 -3.61 -3.95
C PHE A 107 -10.36 -5.14 -4.12
N LEU A 108 -11.51 -5.77 -4.14
CA LEU A 108 -11.52 -7.25 -4.31
C LEU A 108 -10.79 -7.92 -3.15
N ASP A 109 -9.48 -7.95 -3.18
CA ASP A 109 -8.71 -8.60 -2.09
C ASP A 109 -7.55 -7.72 -1.64
N SER A 110 -7.48 -6.51 -2.11
CA SER A 110 -6.36 -5.62 -1.71
C SER A 110 -6.71 -4.83 -0.44
N GLU A 111 -7.39 -3.73 -0.58
CA GLU A 111 -7.76 -2.94 0.62
C GLU A 111 -8.44 -3.84 1.65
N LEU A 112 -9.18 -4.81 1.20
CA LEU A 112 -9.87 -5.73 2.15
C LEU A 112 -8.85 -6.61 2.86
N GLU A 113 -8.21 -7.50 2.15
CA GLU A 113 -7.19 -8.36 2.80
C GLU A 113 -6.16 -7.49 3.51
N ALA A 114 -6.04 -6.25 3.09
CA ALA A 114 -5.06 -5.35 3.74
C ALA A 114 -5.42 -5.15 5.21
N VAL A 115 -6.68 -5.02 5.50
CA VAL A 115 -7.12 -4.82 6.91
C VAL A 115 -7.78 -6.09 7.46
N LEU A 116 -8.14 -6.99 6.60
CA LEU A 116 -8.81 -8.24 7.05
C LEU A 116 -7.79 -9.31 7.45
N VAL A 117 -6.55 -9.08 7.13
CA VAL A 117 -5.50 -10.06 7.46
C VAL A 117 -5.02 -9.88 8.91
N GLN A 118 -5.32 -8.76 9.50
CA GLN A 118 -4.87 -8.52 10.91
C GLN A 118 -6.05 -8.65 11.87
N ILE A 119 -6.77 -9.74 11.81
CA ILE A 119 -7.92 -9.91 12.75
C ILE A 119 -7.80 -11.24 13.50
N SER A 120 -6.86 -12.07 13.11
CA SER A 120 -6.68 -13.37 13.81
C SER A 120 -5.61 -14.21 13.12
N LYS A 121 -5.51 -15.47 13.47
CA LYS A 121 -4.49 -16.34 12.81
C LYS A 121 -4.57 -17.76 13.36
N GLU A 122 -5.77 -18.16 13.70
CA GLU A 122 -6.03 -19.53 14.26
C GLU A 122 -7.25 -19.41 15.16
N VAL A 123 -7.55 -18.22 15.59
CA VAL A 123 -8.74 -18.00 16.47
C VAL A 123 -9.86 -17.33 15.69
CA CA B . -6.41 1.68 -11.83
BE BEF C . -5.56 -0.15 -9.90
F1 BEF C . -5.39 -1.22 -10.92
F2 BEF C . -6.67 0.05 -11.31
F3 BEF C . -6.85 -0.14 -9.42
N GLY A 1 17.35 5.48 20.11
CA GLY A 1 16.93 4.64 21.28
C GLY A 1 15.62 5.18 21.84
N SER A 2 15.64 5.69 23.04
CA SER A 2 14.39 6.23 23.64
C SER A 2 13.79 7.30 22.73
N HIS A 3 12.49 7.31 22.57
CA HIS A 3 11.85 8.34 21.69
C HIS A 3 12.40 8.21 20.27
N MET A 4 11.59 7.83 19.33
CA MET A 4 12.08 7.68 17.93
C MET A 4 10.97 7.23 16.98
N THR A 5 9.79 7.76 17.12
CA THR A 5 8.68 7.36 16.21
C THR A 5 8.00 8.61 15.67
N GLU A 6 7.42 8.51 14.50
CA GLU A 6 6.72 9.69 13.92
C GLU A 6 6.14 9.36 12.55
N ARG A 7 5.69 8.15 12.35
CA ARG A 7 5.11 7.79 11.01
C ARG A 7 4.81 6.29 10.93
N ARG A 8 4.31 5.69 11.98
CA ARG A 8 4.01 4.23 11.91
C ARG A 8 2.52 3.98 11.64
N LEU A 9 1.74 5.02 11.54
CA LEU A 9 0.28 4.83 11.30
C LEU A 9 -0.20 5.64 10.09
N ARG A 10 0.12 5.20 8.90
CA ARG A 10 -0.32 5.95 7.69
C ARG A 10 -0.79 4.98 6.59
N VAL A 11 -1.38 5.49 5.55
CA VAL A 11 -1.87 4.61 4.46
C VAL A 11 -1.80 5.36 3.13
N LEU A 12 -0.69 5.27 2.44
CA LEU A 12 -0.56 5.99 1.15
C LEU A 12 -0.84 5.05 -0.03
N VAL A 13 -2.06 5.02 -0.50
CA VAL A 13 -2.40 4.13 -1.66
C VAL A 13 -2.58 4.98 -2.90
N VAL A 14 -2.13 4.54 -4.04
CA VAL A 14 -2.29 5.39 -5.24
C VAL A 14 -2.48 4.57 -6.52
N GLU A 15 -3.48 4.92 -7.29
CA GLU A 15 -3.73 4.24 -8.59
C GLU A 15 -4.36 5.24 -9.57
N ASP A 16 -4.24 5.00 -10.84
CA ASP A 16 -4.77 5.97 -11.86
C ASP A 16 -6.29 6.21 -11.82
N GLU A 17 -6.95 6.17 -10.69
CA GLU A 17 -8.42 6.46 -10.71
C GLU A 17 -8.91 6.90 -9.32
N SER A 18 -10.14 7.34 -9.23
CA SER A 18 -10.67 7.82 -7.91
C SER A 18 -11.30 6.66 -7.12
N MET A 19 -11.47 5.52 -7.72
CA MET A 19 -12.07 4.39 -6.96
C MET A 19 -11.22 4.10 -5.74
N ILE A 20 -10.01 4.58 -5.76
CA ILE A 20 -9.11 4.34 -4.60
C ILE A 20 -9.16 5.53 -3.64
N ALA A 21 -9.82 6.57 -4.06
CA ALA A 21 -9.93 7.78 -3.20
C ALA A 21 -10.87 7.53 -2.03
N MET A 22 -12.14 7.80 -2.19
CA MET A 22 -13.08 7.57 -1.06
C MET A 22 -12.86 6.16 -0.50
N LEU A 23 -12.37 5.27 -1.33
CA LEU A 23 -12.10 3.89 -0.85
C LEU A 23 -11.05 3.95 0.27
N ILE A 24 -10.42 5.07 0.42
CA ILE A 24 -9.39 5.23 1.49
C ILE A 24 -10.02 5.92 2.69
N GLU A 25 -10.77 6.96 2.46
CA GLU A 25 -11.41 7.68 3.59
C GLU A 25 -12.19 6.66 4.43
N ASP A 26 -12.60 5.59 3.82
CA ASP A 26 -13.35 4.55 4.59
C ASP A 26 -12.35 3.60 5.26
N THR A 27 -11.35 3.18 4.54
CA THR A 27 -10.33 2.28 5.16
C THR A 27 -9.64 3.05 6.29
N LEU A 28 -9.30 4.28 6.06
CA LEU A 28 -8.66 5.09 7.13
C LEU A 28 -9.63 5.18 8.31
N CYS A 29 -10.89 5.37 8.02
CA CYS A 29 -11.89 5.44 9.12
C CYS A 29 -11.72 4.21 10.03
N GLU A 30 -11.22 3.14 9.47
CA GLU A 30 -11.01 1.91 10.27
C GLU A 30 -9.60 1.93 10.89
N LEU A 31 -8.65 2.50 10.21
CA LEU A 31 -7.26 2.55 10.75
C LEU A 31 -7.12 3.76 11.66
N GLY A 32 -7.73 4.86 11.31
CA GLY A 32 -7.59 6.08 12.14
C GLY A 32 -6.26 6.75 11.77
N HIS A 33 -5.63 6.28 10.72
CA HIS A 33 -4.34 6.86 10.29
C HIS A 33 -4.42 8.39 10.27
N GLU A 34 -3.31 9.06 10.06
CA GLU A 34 -3.35 10.55 10.04
C GLU A 34 -3.73 11.04 8.64
N VAL A 35 -2.88 10.85 7.67
CA VAL A 35 -3.21 11.32 6.29
C VAL A 35 -3.07 10.17 5.28
N ALA A 36 -4.04 10.01 4.41
CA ALA A 36 -3.96 8.92 3.41
C ALA A 36 -3.75 9.49 2.01
N ALA A 37 -3.32 8.68 1.08
CA ALA A 37 -3.13 9.18 -0.31
C ALA A 37 -3.98 8.38 -1.29
N THR A 38 -4.47 9.01 -2.31
CA THR A 38 -5.32 8.30 -3.30
C THR A 38 -4.85 8.57 -4.73
N ALA A 39 -5.44 7.89 -5.67
CA ALA A 39 -5.05 8.05 -7.11
C ALA A 39 -3.55 7.83 -7.24
N SER A 40 -3.07 7.56 -8.42
CA SER A 40 -1.61 7.32 -8.58
C SER A 40 -0.86 8.64 -8.74
N ARG A 41 0.29 8.74 -8.12
CA ARG A 41 1.07 9.99 -8.22
C ARG A 41 2.56 9.69 -7.97
N MET A 42 3.42 10.06 -8.87
CA MET A 42 4.87 9.79 -8.67
C MET A 42 5.37 10.50 -7.41
N GLN A 43 4.75 11.60 -7.06
CA GLN A 43 5.18 12.35 -5.84
C GLN A 43 4.73 11.61 -4.57
N GLU A 44 3.45 11.43 -4.40
CA GLU A 44 2.96 10.72 -3.17
C GLU A 44 3.62 9.34 -3.09
N ALA A 45 3.67 8.63 -4.18
CA ALA A 45 4.32 7.30 -4.13
C ALA A 45 5.72 7.48 -3.56
N LEU A 46 6.35 8.56 -3.96
CA LEU A 46 7.70 8.88 -3.45
C LEU A 46 7.61 9.06 -1.93
N ASP A 47 6.47 9.48 -1.46
CA ASP A 47 6.29 9.67 0.01
C ASP A 47 6.02 8.32 0.68
N ILE A 48 5.32 7.43 0.03
CA ILE A 48 5.05 6.11 0.65
C ILE A 48 6.31 5.26 0.60
N ALA A 49 7.34 5.74 -0.05
CA ALA A 49 8.58 4.94 -0.16
C ALA A 49 9.63 5.33 0.89
N ARG A 50 10.19 6.50 0.76
CA ARG A 50 11.27 6.95 1.69
C ARG A 50 10.90 6.82 3.17
N LYS A 51 9.63 6.74 3.48
CA LYS A 51 9.27 6.63 4.93
C LYS A 51 9.97 5.42 5.53
N GLY A 52 9.96 4.31 4.85
CA GLY A 52 10.61 3.09 5.39
C GLY A 52 9.73 2.54 6.53
N GLN A 53 8.61 3.17 6.77
CA GLN A 53 7.70 2.72 7.85
C GLN A 53 6.40 3.50 7.74
N PHE A 54 5.98 3.77 6.52
CA PHE A 54 4.71 4.53 6.30
C PHE A 54 3.49 3.63 6.60
N ASP A 55 3.73 2.45 7.12
CA ASP A 55 2.63 1.51 7.46
C ASP A 55 2.11 0.81 6.22
N ILE A 56 1.47 1.50 5.31
CA ILE A 56 0.95 0.80 4.08
C ILE A 56 1.06 1.69 2.83
N ALA A 57 1.33 1.10 1.68
CA ALA A 57 1.46 1.92 0.42
C ALA A 57 1.17 1.06 -0.81
N ILE A 58 0.32 1.51 -1.69
CA ILE A 58 0.01 0.68 -2.89
C ILE A 58 0.03 1.47 -4.20
N ILE A 59 1.13 1.39 -4.92
CA ILE A 59 1.23 2.07 -6.23
C ILE A 59 0.59 1.14 -7.28
N ASP A 60 -0.65 0.82 -7.05
CA ASP A 60 -1.40 -0.11 -7.96
C ASP A 60 -1.16 0.27 -9.44
N VAL A 61 -1.66 -0.53 -10.33
CA VAL A 61 -1.49 -0.24 -11.79
C VAL A 61 0.02 -0.10 -12.12
N ASN A 62 0.69 -1.22 -12.18
CA ASN A 62 2.16 -1.26 -12.51
C ASN A 62 2.39 -2.40 -13.49
N LEU A 63 3.01 -2.13 -14.60
CA LEU A 63 3.25 -3.24 -15.57
C LEU A 63 4.15 -2.73 -16.68
N ASP A 64 4.75 -3.59 -17.44
CA ASP A 64 5.64 -3.07 -18.50
C ASP A 64 6.66 -2.13 -17.86
N GLY A 65 6.87 -2.27 -16.57
CA GLY A 65 7.81 -1.35 -15.87
C GLY A 65 7.41 0.07 -16.24
N GLU A 66 6.20 0.45 -15.92
CA GLU A 66 5.76 1.81 -16.30
C GLU A 66 5.16 2.61 -15.12
N PRO A 67 3.89 2.42 -14.84
CA PRO A 67 3.25 3.19 -13.73
C PRO A 67 3.72 2.74 -12.34
N SER A 68 4.84 2.08 -12.22
CA SER A 68 5.31 1.64 -10.87
C SER A 68 6.66 2.31 -10.53
N TYR A 69 7.32 2.84 -11.53
CA TYR A 69 8.63 3.51 -11.34
C TYR A 69 9.54 2.64 -10.44
N PRO A 70 10.76 3.08 -10.30
CA PRO A 70 11.73 2.33 -9.47
C PRO A 70 11.35 2.38 -7.99
N VAL A 71 10.40 3.18 -7.64
CA VAL A 71 10.02 3.25 -6.20
C VAL A 71 9.22 2.00 -5.80
N ALA A 72 8.04 1.86 -6.34
CA ALA A 72 7.20 0.67 -6.01
C ALA A 72 7.98 -0.61 -6.29
N ASP A 73 8.56 -0.73 -7.45
CA ASP A 73 9.32 -1.95 -7.76
C ASP A 73 10.35 -2.19 -6.65
N ILE A 74 11.15 -1.21 -6.38
CA ILE A 74 12.17 -1.36 -5.29
C ILE A 74 11.45 -1.64 -3.98
N LEU A 75 10.43 -0.87 -3.71
CA LEU A 75 9.65 -1.08 -2.47
C LEU A 75 9.23 -2.55 -2.39
N ALA A 76 8.86 -3.14 -3.49
CA ALA A 76 8.44 -4.58 -3.47
C ALA A 76 9.61 -5.49 -3.09
N GLU A 77 10.65 -5.51 -3.87
CA GLU A 77 11.81 -6.40 -3.56
C GLU A 77 12.36 -6.15 -2.14
N ARG A 78 12.07 -5.02 -1.57
CA ARG A 78 12.58 -4.74 -0.20
C ARG A 78 11.50 -4.04 0.64
N ASN A 79 10.27 -4.36 0.41
CA ASN A 79 9.19 -3.67 1.16
C ASN A 79 9.19 -4.05 2.63
N VAL A 80 8.84 -3.10 3.44
CA VAL A 80 8.77 -3.32 4.91
C VAL A 80 7.32 -3.69 5.25
N PRO A 81 6.85 -3.44 6.46
CA PRO A 81 5.43 -3.79 6.75
C PRO A 81 4.53 -2.88 5.92
N PHE A 82 3.65 -3.45 5.15
CA PHE A 82 2.78 -2.60 4.28
C PHE A 82 1.84 -3.47 3.46
N ILE A 83 1.49 -2.99 2.32
CA ILE A 83 0.62 -3.75 1.40
C ILE A 83 0.78 -3.15 0.02
N PHE A 84 0.64 -3.96 -0.99
CA PHE A 84 0.81 -3.47 -2.37
C PHE A 84 0.04 -4.37 -3.34
N ALA A 85 -0.42 -3.82 -4.40
CA ALA A 85 -1.15 -4.63 -5.39
C ALA A 85 -1.28 -3.84 -6.69
N THR A 86 -0.76 -4.36 -7.77
CA THR A 86 -0.86 -3.61 -9.05
C THR A 86 -1.62 -4.46 -10.09
N GLY A 87 -1.04 -4.67 -11.25
CA GLY A 87 -1.75 -5.48 -12.28
C GLY A 87 -1.01 -6.79 -12.49
N TYR A 88 0.22 -6.87 -12.06
CA TYR A 88 1.00 -8.13 -12.26
C TYR A 88 0.74 -9.13 -11.11
N GLY A 89 0.06 -8.71 -10.07
CA GLY A 89 -0.23 -9.66 -8.96
C GLY A 89 1.03 -9.97 -8.17
N SER A 90 1.47 -9.05 -7.37
CA SER A 90 2.68 -9.30 -6.55
C SER A 90 3.83 -9.81 -7.42
N LYS A 91 4.73 -10.54 -6.81
CA LYS A 91 5.90 -11.10 -7.55
C LYS A 91 6.84 -11.74 -6.52
N GLY A 92 6.90 -11.12 -5.37
CA GLY A 92 7.77 -11.62 -4.26
C GLY A 92 7.64 -10.64 -3.10
N LEU A 93 6.47 -10.09 -2.94
CA LEU A 93 6.23 -9.10 -1.85
C LEU A 93 6.55 -9.70 -0.48
N ASP A 94 7.48 -9.12 0.22
CA ASP A 94 7.83 -9.66 1.58
C ASP A 94 7.33 -8.70 2.66
N THR A 95 6.93 -9.20 3.80
CA THR A 95 6.43 -8.29 4.88
C THR A 95 5.96 -9.07 6.09
N ARG A 96 5.48 -8.37 7.09
CA ARG A 96 4.95 -9.06 8.30
C ARG A 96 3.51 -9.51 8.04
N TYR A 97 3.05 -9.37 6.82
CA TYR A 97 1.66 -9.76 6.50
C TYR A 97 1.60 -11.22 6.03
N SER A 98 2.67 -11.70 5.41
CA SER A 98 2.73 -13.11 4.89
C SER A 98 2.38 -13.11 3.40
N ASN A 99 2.43 -11.96 2.78
CA ASN A 99 2.12 -11.88 1.32
C ASN A 99 0.68 -12.35 1.05
N ILE A 100 -0.10 -12.44 2.09
CA ILE A 100 -1.51 -12.91 1.93
C ILE A 100 -2.51 -11.80 1.53
N PRO A 101 -2.24 -10.56 1.89
CA PRO A 101 -3.19 -9.49 1.60
C PRO A 101 -2.79 -8.71 0.35
N LEU A 102 -1.84 -9.19 -0.41
CA LEU A 102 -1.43 -8.41 -1.60
C LEU A 102 -1.79 -9.11 -2.92
N LEU A 103 -1.92 -8.34 -3.98
CA LEU A 103 -2.26 -8.91 -5.32
C LEU A 103 -2.38 -7.78 -6.37
N THR A 104 -3.55 -7.53 -6.90
CA THR A 104 -3.70 -6.42 -7.90
C THR A 104 -4.70 -5.39 -7.37
N LYS A 105 -5.79 -5.14 -8.05
CA LYS A 105 -6.76 -4.13 -7.53
C LYS A 105 -8.12 -4.18 -8.26
N PRO A 106 -8.58 -5.36 -8.57
CA PRO A 106 -9.91 -5.50 -9.21
C PRO A 106 -10.98 -4.88 -8.31
N PHE A 107 -10.63 -4.67 -7.06
CA PHE A 107 -11.57 -4.04 -6.09
C PHE A 107 -12.78 -4.94 -5.82
N LEU A 108 -12.80 -6.10 -6.39
CA LEU A 108 -13.90 -7.05 -6.11
C LEU A 108 -13.46 -7.88 -4.89
N ASP A 109 -12.21 -7.77 -4.54
CA ASP A 109 -11.65 -8.52 -3.38
C ASP A 109 -10.15 -8.20 -3.16
N SER A 110 -9.60 -7.20 -3.80
CA SER A 110 -8.15 -6.90 -3.62
C SER A 110 -7.90 -5.92 -2.48
N GLU A 111 -7.78 -4.63 -2.77
CA GLU A 111 -7.52 -3.62 -1.70
C GLU A 111 -8.19 -4.05 -0.39
N LEU A 112 -9.38 -4.58 -0.50
CA LEU A 112 -10.09 -5.06 0.72
C LEU A 112 -9.29 -6.19 1.32
N GLU A 113 -9.09 -7.22 0.55
CA GLU A 113 -8.28 -8.37 1.03
C GLU A 113 -6.98 -7.86 1.62
N ALA A 114 -6.54 -6.71 1.20
CA ALA A 114 -5.26 -6.16 1.73
C ALA A 114 -5.37 -5.92 3.23
N VAL A 115 -6.43 -5.31 3.67
CA VAL A 115 -6.58 -5.06 5.12
C VAL A 115 -7.60 -6.02 5.74
N LEU A 116 -8.37 -6.68 4.92
CA LEU A 116 -9.38 -7.63 5.47
C LEU A 116 -8.75 -8.99 5.82
N VAL A 117 -7.55 -9.25 5.37
CA VAL A 117 -6.92 -10.56 5.69
C VAL A 117 -6.09 -10.48 6.98
N GLN A 118 -5.94 -9.31 7.53
CA GLN A 118 -5.13 -9.18 8.77
C GLN A 118 -6.00 -9.44 10.02
N ILE A 119 -7.29 -9.51 9.86
CA ILE A 119 -8.17 -9.75 11.05
C ILE A 119 -8.17 -11.24 11.42
N SER A 120 -7.49 -12.05 10.66
CA SER A 120 -7.44 -13.51 10.98
C SER A 120 -5.99 -13.98 11.10
N LYS A 121 -5.68 -15.14 10.57
CA LYS A 121 -4.27 -15.65 10.66
C LYS A 121 -3.94 -16.00 12.10
N GLU A 122 -3.95 -15.02 12.95
CA GLU A 122 -3.65 -15.26 14.39
C GLU A 122 -4.83 -14.77 15.23
N VAL A 123 -5.98 -14.76 14.64
CA VAL A 123 -7.19 -14.29 15.37
C VAL A 123 -6.92 -12.96 16.06
CA CA B . -6.37 2.16 -11.20
BE BEF C . -4.89 -0.40 -10.80
F1 BEF C . -6.19 -0.03 -11.99
F2 BEF C . -4.68 -1.10 -12.06
F3 BEF C . -4.90 0.97 -10.97
N GLY A 1 4.67 11.35 21.22
CA GLY A 1 5.74 11.36 22.26
C GLY A 1 6.01 9.94 22.73
N SER A 2 5.81 9.68 24.00
CA SER A 2 6.06 8.30 24.53
C SER A 2 7.55 7.94 24.40
N HIS A 3 7.87 6.70 24.58
CA HIS A 3 9.30 6.28 24.47
C HIS A 3 9.75 6.32 23.00
N MET A 4 10.28 5.23 22.49
CA MET A 4 10.71 5.24 21.07
C MET A 4 9.51 5.55 20.16
N THR A 5 9.50 5.04 18.97
CA THR A 5 8.34 5.30 18.07
C THR A 5 7.70 3.99 17.65
N GLU A 6 6.43 4.02 17.39
CA GLU A 6 5.72 2.78 16.97
C GLU A 6 4.41 3.11 16.26
N ARG A 7 4.20 4.36 15.92
CA ARG A 7 2.94 4.73 15.20
C ARG A 7 3.26 5.20 13.79
N ARG A 8 4.23 4.57 13.17
CA ARG A 8 4.63 4.93 11.78
C ARG A 8 3.53 4.59 10.77
N LEU A 9 2.35 4.22 11.21
CA LEU A 9 1.28 3.85 10.26
C LEU A 9 0.94 4.97 9.26
N ARG A 10 1.52 4.88 8.08
CA ARG A 10 1.25 5.86 6.99
C ARG A 10 0.87 5.06 5.74
N VAL A 11 -0.01 5.55 4.92
CA VAL A 11 -0.39 4.75 3.72
C VAL A 11 -0.31 5.58 2.43
N LEU A 12 0.86 5.70 1.87
CA LEU A 12 0.98 6.47 0.59
C LEU A 12 0.55 5.58 -0.57
N VAL A 13 -0.67 5.72 -1.01
CA VAL A 13 -1.17 4.88 -2.14
C VAL A 13 -1.38 5.77 -3.36
N VAL A 14 -1.11 5.28 -4.54
CA VAL A 14 -1.28 6.17 -5.71
C VAL A 14 -1.59 5.38 -7.00
N GLU A 15 -2.48 5.90 -7.80
CA GLU A 15 -2.86 5.26 -9.09
C GLU A 15 -3.46 6.31 -10.03
N ASP A 16 -3.04 6.31 -11.26
CA ASP A 16 -3.53 7.32 -12.26
C ASP A 16 -4.99 7.77 -12.02
N GLU A 17 -5.83 6.97 -11.43
CA GLU A 17 -7.25 7.45 -11.23
C GLU A 17 -7.48 7.99 -9.82
N SER A 18 -8.60 8.65 -9.62
CA SER A 18 -8.92 9.23 -8.27
C SER A 18 -9.75 8.24 -7.46
N MET A 19 -10.18 7.17 -8.06
CA MET A 19 -10.97 6.17 -7.29
C MET A 19 -10.19 5.77 -6.04
N ILE A 20 -8.91 6.01 -6.05
CA ILE A 20 -8.07 5.67 -4.87
C ILE A 20 -8.03 6.85 -3.91
N ALA A 21 -8.38 8.01 -4.39
CA ALA A 21 -8.37 9.21 -3.53
C ALA A 21 -9.38 9.04 -2.38
N MET A 22 -10.65 9.17 -2.66
CA MET A 22 -11.66 9.00 -1.57
C MET A 22 -11.45 7.63 -0.91
N LEU A 23 -11.10 6.65 -1.69
CA LEU A 23 -10.86 5.31 -1.12
C LEU A 23 -9.78 5.41 -0.03
N ILE A 24 -9.07 6.50 -0.01
CA ILE A 24 -8.01 6.67 1.02
C ILE A 24 -8.58 7.36 2.26
N GLU A 25 -9.44 8.33 2.08
CA GLU A 25 -10.03 9.02 3.26
C GLU A 25 -10.91 8.04 4.03
N ASP A 26 -11.51 7.10 3.35
CA ASP A 26 -12.38 6.12 4.04
C ASP A 26 -11.52 5.13 4.83
N THR A 27 -10.42 4.69 4.27
CA THR A 27 -9.54 3.74 5.01
C THR A 27 -8.94 4.44 6.23
N LEU A 28 -8.35 5.61 6.04
CA LEU A 28 -7.76 6.34 7.19
C LEU A 28 -8.85 6.57 8.24
N CYS A 29 -10.09 6.55 7.83
CA CYS A 29 -11.20 6.75 8.80
C CYS A 29 -11.13 5.66 9.87
N GLU A 30 -10.65 4.50 9.51
CA GLU A 30 -10.54 3.39 10.50
C GLU A 30 -9.15 3.39 11.15
N LEU A 31 -8.12 3.49 10.34
CA LEU A 31 -6.73 3.50 10.90
C LEU A 31 -6.41 4.86 11.52
N GLY A 32 -6.91 5.91 10.96
CA GLY A 32 -6.58 7.26 11.51
C GLY A 32 -5.15 7.60 11.09
N HIS A 33 -4.67 6.93 10.07
CA HIS A 33 -3.28 7.16 9.59
C HIS A 33 -2.92 8.64 9.67
N GLU A 34 -1.66 8.94 9.73
CA GLU A 34 -1.25 10.37 9.79
C GLU A 34 -1.66 11.09 8.51
N VAL A 35 -1.39 10.49 7.38
CA VAL A 35 -1.77 11.12 6.08
C VAL A 35 -1.50 10.15 4.93
N ALA A 36 -2.46 9.95 4.09
CA ALA A 36 -2.27 9.00 2.95
C ALA A 36 -2.06 9.76 1.64
N ALA A 37 -1.77 9.04 0.58
CA ALA A 37 -1.56 9.70 -0.74
C ALA A 37 -2.56 9.13 -1.75
N THR A 38 -2.93 9.89 -2.74
CA THR A 38 -3.91 9.38 -3.74
C THR A 38 -3.45 9.63 -5.17
N ALA A 39 -4.10 8.99 -6.10
CA ALA A 39 -3.74 9.13 -7.55
C ALA A 39 -2.26 8.84 -7.74
N SER A 40 -1.86 8.51 -8.93
CA SER A 40 -0.42 8.19 -9.16
C SER A 40 0.39 9.47 -9.33
N ARG A 41 1.42 9.63 -8.54
CA ARG A 41 2.27 10.85 -8.65
C ARG A 41 3.74 10.50 -8.41
N MET A 42 4.57 10.70 -9.39
CA MET A 42 6.02 10.35 -9.22
C MET A 42 6.61 11.11 -8.02
N GLN A 43 6.13 12.31 -7.78
CA GLN A 43 6.67 13.10 -6.63
C GLN A 43 6.23 12.48 -5.31
N GLU A 44 5.01 12.01 -5.24
CA GLU A 44 4.53 11.39 -3.98
C GLU A 44 5.04 9.95 -3.85
N ALA A 45 4.77 9.13 -4.82
CA ALA A 45 5.25 7.72 -4.76
C ALA A 45 6.69 7.69 -4.27
N LEU A 46 7.55 8.40 -4.95
CA LEU A 46 8.98 8.42 -4.52
C LEU A 46 9.06 8.58 -3.01
N ASP A 47 8.22 9.39 -2.45
CA ASP A 47 8.24 9.59 -0.98
C ASP A 47 7.95 8.27 -0.26
N ILE A 48 7.06 7.47 -0.78
CA ILE A 48 6.72 6.19 -0.11
C ILE A 48 7.92 5.23 -0.17
N ALA A 49 8.64 5.18 -1.25
CA ALA A 49 9.79 4.23 -1.30
C ALA A 49 10.99 4.80 -0.54
N ARG A 50 11.42 5.99 -0.89
CA ARG A 50 12.61 6.57 -0.18
C ARG A 50 12.33 6.75 1.31
N LYS A 51 11.08 6.75 1.71
CA LYS A 51 10.77 6.92 3.15
C LYS A 51 11.38 5.78 3.99
N GLY A 52 11.21 4.56 3.57
CA GLY A 52 11.80 3.42 4.33
C GLY A 52 10.87 2.98 5.47
N GLN A 53 10.10 3.87 6.02
CA GLN A 53 9.20 3.47 7.15
C GLN A 53 7.77 4.01 6.96
N PHE A 54 7.34 4.15 5.74
CA PHE A 54 5.95 4.67 5.49
C PHE A 54 4.89 3.63 5.85
N ASP A 55 5.27 2.51 6.37
CA ASP A 55 4.26 1.46 6.74
C ASP A 55 3.62 0.83 5.50
N ILE A 56 3.21 1.59 4.50
CA ILE A 56 2.56 0.95 3.30
C ILE A 56 2.66 1.85 2.05
N ALA A 57 2.57 1.26 0.87
CA ALA A 57 2.64 2.08 -0.40
C ALA A 57 1.91 1.32 -1.52
N ILE A 58 1.21 2.00 -2.40
CA ILE A 58 0.50 1.22 -3.45
C ILE A 58 0.45 1.93 -4.81
N ILE A 59 1.31 1.56 -5.73
CA ILE A 59 1.26 2.14 -7.10
C ILE A 59 0.30 1.26 -7.90
N ASP A 60 -0.94 1.27 -7.53
CA ASP A 60 -1.94 0.39 -8.20
C ASP A 60 -1.90 0.52 -9.72
N VAL A 61 -2.62 -0.37 -10.36
CA VAL A 61 -2.70 -0.45 -11.85
C VAL A 61 -1.32 -0.42 -12.49
N ASN A 62 -1.12 -1.37 -13.36
CA ASN A 62 0.17 -1.49 -14.07
C ASN A 62 -0.11 -1.80 -15.53
N LEU A 63 -1.26 -1.39 -16.01
CA LEU A 63 -1.64 -1.65 -17.42
C LEU A 63 -2.19 -0.35 -18.03
N ASP A 64 -2.71 -0.41 -19.22
CA ASP A 64 -3.24 0.83 -19.85
C ASP A 64 -2.23 1.96 -19.66
N GLY A 65 -0.98 1.61 -19.50
CA GLY A 65 0.06 2.64 -19.29
C GLY A 65 1.17 2.09 -18.40
N GLU A 66 0.87 1.09 -17.62
CA GLU A 66 1.90 0.51 -16.71
C GLU A 66 2.58 1.62 -15.91
N PRO A 67 1.77 2.39 -15.23
CA PRO A 67 2.29 3.51 -14.41
C PRO A 67 2.79 3.01 -13.04
N SER A 68 3.88 2.30 -13.01
CA SER A 68 4.40 1.79 -11.69
C SER A 68 5.89 2.10 -11.54
N TYR A 69 6.51 2.61 -12.58
CA TYR A 69 7.97 2.95 -12.54
C TYR A 69 8.80 1.84 -11.89
N PRO A 70 10.09 2.01 -11.98
CA PRO A 70 11.02 1.02 -11.41
C PRO A 70 10.99 1.12 -9.88
N VAL A 71 10.29 2.09 -9.36
CA VAL A 71 10.22 2.22 -7.88
C VAL A 71 9.22 1.19 -7.35
N ALA A 72 7.98 1.32 -7.71
CA ALA A 72 6.96 0.33 -7.25
C ALA A 72 7.52 -1.08 -7.46
N ASP A 73 7.93 -1.39 -8.65
CA ASP A 73 8.50 -2.74 -8.91
C ASP A 73 9.62 -3.02 -7.92
N ILE A 74 10.57 -2.14 -7.85
CA ILE A 74 11.69 -2.32 -6.88
C ILE A 74 11.13 -2.40 -5.47
N LEU A 75 10.12 -1.62 -5.20
CA LEU A 75 9.50 -1.62 -3.86
C LEU A 75 8.99 -3.03 -3.54
N ALA A 76 8.86 -3.85 -4.54
CA ALA A 76 8.39 -5.24 -4.32
C ALA A 76 9.57 -6.20 -4.18
N GLU A 77 10.68 -5.90 -4.81
CA GLU A 77 11.87 -6.81 -4.71
C GLU A 77 12.41 -6.80 -3.27
N ARG A 78 12.34 -5.69 -2.60
CA ARG A 78 12.82 -5.62 -1.20
C ARG A 78 11.61 -5.57 -0.27
N ASN A 79 10.52 -5.05 -0.77
CA ASN A 79 9.26 -4.96 0.03
C ASN A 79 9.53 -4.86 1.54
N VAL A 80 9.43 -3.67 2.06
CA VAL A 80 9.63 -3.49 3.53
C VAL A 80 8.25 -3.68 4.18
N PRO A 81 8.01 -3.23 5.40
CA PRO A 81 6.66 -3.41 5.94
C PRO A 81 5.74 -2.58 5.07
N PHE A 82 4.79 -3.19 4.43
CA PHE A 82 3.93 -2.40 3.51
C PHE A 82 2.81 -3.23 2.91
N ILE A 83 2.41 -2.86 1.73
CA ILE A 83 1.32 -3.56 1.01
C ILE A 83 1.28 -2.98 -0.39
N PHE A 84 0.76 -3.70 -1.34
CA PHE A 84 0.73 -3.17 -2.73
C PHE A 84 -0.39 -3.84 -3.53
N ALA A 85 -0.72 -3.27 -4.66
CA ALA A 85 -1.78 -3.88 -5.49
C ALA A 85 -1.61 -3.47 -6.96
N THR A 86 -2.13 -4.25 -7.86
CA THR A 86 -2.01 -3.92 -9.31
C THR A 86 -2.57 -5.10 -10.12
N GLY A 87 -2.21 -5.19 -11.37
CA GLY A 87 -2.72 -6.31 -12.22
C GLY A 87 -2.85 -7.60 -11.41
N TYR A 88 -1.83 -8.43 -11.43
CA TYR A 88 -1.91 -9.71 -10.67
C TYR A 88 -2.05 -9.46 -9.16
N GLY A 89 -1.81 -8.28 -8.71
CA GLY A 89 -1.95 -8.00 -7.25
C GLY A 89 -0.67 -8.42 -6.52
N SER A 90 0.41 -7.76 -6.78
CA SER A 90 1.70 -8.09 -6.12
C SER A 90 2.10 -9.55 -6.39
N LYS A 91 3.36 -9.85 -6.18
CA LYS A 91 3.86 -11.24 -6.41
C LYS A 91 4.13 -11.93 -5.08
N GLY A 92 3.11 -12.30 -4.36
CA GLY A 92 3.34 -12.97 -3.05
C GLY A 92 4.35 -12.14 -2.25
N LEU A 93 4.27 -10.85 -2.37
CA LEU A 93 5.23 -9.96 -1.64
C LEU A 93 5.53 -10.50 -0.23
N ASP A 94 6.70 -10.24 0.26
CA ASP A 94 7.07 -10.72 1.61
C ASP A 94 7.14 -9.53 2.57
N THR A 95 6.58 -9.64 3.74
CA THR A 95 6.62 -8.50 4.69
C THR A 95 6.14 -8.92 6.08
N ARG A 96 6.04 -7.98 6.97
CA ARG A 96 5.57 -8.30 8.34
C ARG A 96 4.06 -8.49 8.34
N TYR A 97 3.44 -8.33 7.20
CA TYR A 97 1.97 -8.49 7.14
C TYR A 97 1.59 -9.96 7.09
N SER A 98 1.93 -10.63 6.02
CA SER A 98 1.60 -12.08 5.86
C SER A 98 1.60 -12.51 4.38
N ASN A 99 2.15 -11.70 3.50
CA ASN A 99 2.15 -12.08 2.05
C ASN A 99 0.71 -12.23 1.55
N ILE A 100 -0.24 -11.78 2.33
CA ILE A 100 -1.68 -11.93 1.93
C ILE A 100 -2.44 -10.61 1.65
N PRO A 101 -1.96 -9.47 2.12
CA PRO A 101 -2.70 -8.20 1.88
C PRO A 101 -2.33 -7.52 0.54
N LEU A 102 -2.76 -8.05 -0.57
CA LEU A 102 -2.46 -7.35 -1.86
C LEU A 102 -3.52 -7.68 -2.91
N LEU A 103 -3.51 -6.99 -4.03
CA LEU A 103 -4.54 -7.28 -5.08
C LEU A 103 -4.52 -6.22 -6.18
N THR A 104 -5.61 -6.11 -6.90
CA THR A 104 -5.71 -5.10 -7.98
C THR A 104 -6.85 -4.13 -7.70
N LYS A 105 -7.16 -3.92 -6.45
CA LYS A 105 -8.27 -3.01 -6.07
C LYS A 105 -9.64 -3.50 -6.55
N PRO A 106 -9.85 -4.81 -6.53
CA PRO A 106 -11.17 -5.35 -6.94
C PRO A 106 -12.15 -5.23 -5.77
N PHE A 107 -11.70 -4.71 -4.66
CA PHE A 107 -12.59 -4.57 -3.48
C PHE A 107 -13.12 -5.95 -3.09
N LEU A 108 -13.81 -6.05 -2.00
CA LEU A 108 -14.31 -7.39 -1.57
C LEU A 108 -13.10 -8.27 -1.26
N ASP A 109 -12.77 -8.45 -0.01
CA ASP A 109 -11.57 -9.27 0.35
C ASP A 109 -10.30 -8.51 -0.04
N SER A 110 -10.45 -7.27 -0.44
CA SER A 110 -9.25 -6.47 -0.84
C SER A 110 -8.79 -5.59 0.34
N GLU A 111 -9.06 -4.30 0.28
CA GLU A 111 -8.63 -3.42 1.40
C GLU A 111 -8.92 -4.08 2.74
N LEU A 112 -9.92 -4.93 2.79
CA LEU A 112 -10.25 -5.61 4.06
C LEU A 112 -9.05 -6.48 4.48
N GLU A 113 -8.67 -7.41 3.64
CA GLU A 113 -7.49 -8.24 3.97
C GLU A 113 -6.30 -7.33 4.18
N ALA A 114 -6.37 -6.14 3.65
CA ALA A 114 -5.26 -5.17 3.82
C ALA A 114 -5.08 -4.87 5.30
N VAL A 115 -6.16 -4.89 6.04
CA VAL A 115 -6.07 -4.61 7.50
C VAL A 115 -6.27 -5.90 8.31
N LEU A 116 -7.29 -6.64 8.00
CA LEU A 116 -7.54 -7.91 8.76
C LEU A 116 -6.34 -8.86 8.63
N VAL A 117 -5.52 -8.65 7.65
CA VAL A 117 -4.34 -9.53 7.44
C VAL A 117 -3.68 -9.94 8.77
N GLN A 118 -3.62 -9.06 9.73
CA GLN A 118 -2.95 -9.44 11.03
C GLN A 118 -3.88 -10.26 11.91
N ILE A 119 -4.97 -10.76 11.39
CA ILE A 119 -5.86 -11.59 12.24
C ILE A 119 -5.56 -13.07 12.01
N SER A 120 -4.32 -13.39 11.77
CA SER A 120 -3.95 -14.82 11.54
C SER A 120 -4.53 -15.31 10.21
N LYS A 121 -5.83 -15.35 10.10
CA LYS A 121 -6.46 -15.82 8.82
C LYS A 121 -6.13 -17.30 8.58
N GLU A 122 -6.94 -18.18 9.10
CA GLU A 122 -6.69 -19.64 8.92
C GLU A 122 -5.20 -19.91 9.09
N VAL A 123 -4.57 -19.12 9.90
CA VAL A 123 -3.11 -19.28 10.14
C VAL A 123 -2.35 -19.15 8.81
CA CA B . -6.29 3.41 -12.17
BE BEF C . -6.44 0.92 -9.93
F1 BEF C . -5.78 2.29 -10.75
F2 BEF C . -7.52 1.93 -10.08
F3 BEF C . -6.16 0.30 -11.06
N GLY A 1 10.46 12.20 20.90
CA GLY A 1 11.32 11.69 22.01
C GLY A 1 11.06 10.19 22.22
N SER A 2 10.60 9.81 23.37
CA SER A 2 10.33 8.36 23.62
C SER A 2 8.88 8.02 23.27
N HIS A 3 8.03 7.84 24.26
CA HIS A 3 6.59 7.52 23.99
C HIS A 3 6.46 6.65 22.73
N MET A 4 5.32 6.69 22.09
CA MET A 4 5.12 5.87 20.87
C MET A 4 5.40 6.70 19.62
N THR A 5 5.57 6.05 18.50
CA THR A 5 5.83 6.80 17.25
C THR A 5 4.63 6.68 16.32
N GLU A 6 4.45 7.60 15.43
CA GLU A 6 3.28 7.51 14.52
C GLU A 6 3.39 8.51 13.37
N ARG A 7 4.58 8.94 13.05
CA ARG A 7 4.73 9.91 11.93
C ARG A 7 5.29 9.20 10.69
N ARG A 8 6.01 8.12 10.89
CA ARG A 8 6.56 7.37 9.73
C ARG A 8 5.68 6.16 9.41
N LEU A 9 4.62 5.99 10.15
CA LEU A 9 3.73 4.82 9.91
C LEU A 9 2.55 5.20 9.00
N ARG A 10 2.66 4.91 7.73
CA ARG A 10 1.53 5.22 6.83
C ARG A 10 1.55 4.37 5.57
N VAL A 11 0.42 4.29 4.93
CA VAL A 11 0.33 3.49 3.68
C VAL A 11 0.22 4.42 2.47
N LEU A 12 1.18 4.37 1.59
CA LEU A 12 1.11 5.24 0.39
C LEU A 12 0.41 4.46 -0.72
N VAL A 13 -0.81 4.80 -1.01
CA VAL A 13 -1.57 4.06 -2.06
C VAL A 13 -1.81 5.00 -3.22
N VAL A 14 -1.22 4.71 -4.34
CA VAL A 14 -1.39 5.61 -5.50
C VAL A 14 -1.89 4.87 -6.73
N GLU A 15 -2.80 5.48 -7.43
CA GLU A 15 -3.36 4.85 -8.66
C GLU A 15 -3.86 5.98 -9.59
N ASP A 16 -3.93 5.74 -10.86
CA ASP A 16 -4.33 6.82 -11.81
C ASP A 16 -5.77 7.35 -11.63
N GLU A 17 -6.40 7.20 -10.49
CA GLU A 17 -7.78 7.75 -10.37
C GLU A 17 -8.01 8.35 -8.97
N SER A 18 -9.04 9.13 -8.80
CA SER A 18 -9.32 9.74 -7.47
C SER A 18 -10.10 8.74 -6.61
N MET A 19 -10.63 7.71 -7.23
CA MET A 19 -11.41 6.71 -6.45
C MET A 19 -10.57 6.19 -5.27
N ILE A 20 -9.28 6.38 -5.33
CA ILE A 20 -8.41 5.92 -4.21
C ILE A 20 -8.19 7.06 -3.22
N ALA A 21 -8.45 8.27 -3.66
CA ALA A 21 -8.26 9.45 -2.77
C ALA A 21 -9.16 9.34 -1.54
N MET A 22 -10.39 9.76 -1.64
CA MET A 22 -11.29 9.67 -0.46
C MET A 22 -11.42 8.21 -0.01
N LEU A 23 -11.10 7.30 -0.88
CA LEU A 23 -11.15 5.85 -0.49
C LEU A 23 -10.03 5.57 0.50
N ILE A 24 -9.17 6.54 0.74
CA ILE A 24 -8.06 6.34 1.71
C ILE A 24 -8.37 7.07 3.01
N GLU A 25 -8.82 8.30 2.91
CA GLU A 25 -9.15 9.06 4.14
C GLU A 25 -10.08 8.23 5.02
N ASP A 26 -10.94 7.46 4.41
CA ASP A 26 -11.87 6.62 5.19
C ASP A 26 -11.09 5.49 5.87
N THR A 27 -10.09 4.97 5.22
CA THR A 27 -9.28 3.88 5.85
C THR A 27 -8.57 4.42 7.09
N LEU A 28 -7.80 5.46 6.93
CA LEU A 28 -7.09 6.03 8.10
C LEU A 28 -8.12 6.40 9.18
N CYS A 29 -9.34 6.61 8.77
CA CYS A 29 -10.41 6.95 9.76
C CYS A 29 -10.72 5.72 10.60
N GLU A 30 -10.40 4.56 10.09
CA GLU A 30 -10.67 3.30 10.83
C GLU A 30 -9.48 2.97 11.74
N LEU A 31 -8.31 3.45 11.39
CA LEU A 31 -7.11 3.15 12.23
C LEU A 31 -6.57 4.43 12.90
N GLY A 32 -6.58 5.52 12.19
CA GLY A 32 -6.04 6.78 12.79
C GLY A 32 -4.54 6.85 12.46
N HIS A 33 -4.21 6.52 11.25
CA HIS A 33 -2.78 6.52 10.81
C HIS A 33 -2.28 7.94 10.54
N GLU A 34 -1.12 8.05 9.95
CA GLU A 34 -0.58 9.42 9.66
C GLU A 34 -1.30 10.01 8.44
N VAL A 35 -0.71 10.02 7.27
CA VAL A 35 -1.41 10.58 6.07
C VAL A 35 -1.03 9.78 4.82
N ALA A 36 -1.83 8.81 4.47
CA ALA A 36 -1.53 7.96 3.28
C ALA A 36 -1.35 8.81 2.01
N ALA A 37 -1.22 8.17 0.88
CA ALA A 37 -1.04 8.93 -0.40
C ALA A 37 -2.16 8.56 -1.38
N THR A 38 -2.54 9.46 -2.24
CA THR A 38 -3.64 9.18 -3.20
C THR A 38 -3.22 9.34 -4.66
N ALA A 39 -4.01 8.78 -5.53
CA ALA A 39 -3.73 8.84 -7.01
C ALA A 39 -2.30 8.40 -7.30
N SER A 40 -2.03 8.00 -8.50
CA SER A 40 -0.65 7.55 -8.84
C SER A 40 0.27 8.75 -9.03
N ARG A 41 1.34 8.81 -8.30
CA ARG A 41 2.27 9.96 -8.42
C ARG A 41 3.73 9.49 -8.31
N MET A 42 4.54 9.85 -9.26
CA MET A 42 5.97 9.43 -9.20
C MET A 42 6.64 10.04 -7.97
N GLN A 43 6.28 11.24 -7.62
CA GLN A 43 6.89 11.88 -6.42
C GLN A 43 6.48 11.13 -5.15
N GLU A 44 5.22 11.09 -4.85
CA GLU A 44 4.76 10.36 -3.63
C GLU A 44 5.15 8.89 -3.73
N ALA A 45 4.83 8.25 -4.82
CA ALA A 45 5.21 6.82 -4.98
C ALA A 45 6.64 6.62 -4.48
N LEU A 46 7.54 7.47 -4.88
CA LEU A 46 8.94 7.37 -4.41
C LEU A 46 8.98 7.50 -2.89
N ASP A 47 8.17 8.37 -2.36
CA ASP A 47 8.15 8.57 -0.88
C ASP A 47 7.67 7.30 -0.18
N ILE A 48 7.19 6.33 -0.92
CA ILE A 48 6.72 5.08 -0.30
C ILE A 48 7.83 4.02 -0.34
N ALA A 49 8.63 4.02 -1.37
CA ALA A 49 9.72 3.02 -1.45
C ALA A 49 11.02 3.59 -0.86
N ARG A 50 11.59 4.58 -1.49
CA ARG A 50 12.85 5.17 -0.95
C ARG A 50 12.69 5.52 0.53
N LYS A 51 11.47 5.62 0.98
CA LYS A 51 11.21 5.96 2.40
C LYS A 51 11.96 5.00 3.33
N GLY A 52 11.88 3.72 3.07
CA GLY A 52 12.59 2.73 3.93
C GLY A 52 12.03 2.80 5.36
N GLN A 53 10.97 3.53 5.57
CA GLN A 53 10.38 3.62 6.95
C GLN A 53 8.84 3.72 6.90
N PHE A 54 8.26 4.02 5.77
CA PHE A 54 6.77 4.11 5.69
C PHE A 54 6.14 2.80 6.18
N ASP A 55 4.91 2.54 5.83
CA ASP A 55 4.28 1.28 6.32
C ASP A 55 3.71 0.45 5.17
N ILE A 56 3.10 1.07 4.20
CA ILE A 56 2.52 0.29 3.06
C ILE A 56 2.60 1.10 1.78
N ALA A 57 2.68 0.46 0.64
CA ALA A 57 2.78 1.23 -0.64
C ALA A 57 2.10 0.48 -1.76
N ILE A 58 1.13 1.07 -2.40
CA ILE A 58 0.45 0.32 -3.49
C ILE A 58 0.27 1.17 -4.74
N ILE A 59 1.12 0.98 -5.71
CA ILE A 59 0.94 1.71 -7.00
C ILE A 59 -0.07 0.86 -7.76
N ASP A 60 -1.25 0.77 -7.19
CA ASP A 60 -2.32 -0.08 -7.74
C ASP A 60 -2.62 0.25 -9.20
N VAL A 61 -3.53 -0.48 -9.77
CA VAL A 61 -3.93 -0.28 -11.19
C VAL A 61 -2.70 -0.40 -12.09
N ASN A 62 -2.39 -1.60 -12.47
CA ASN A 62 -1.20 -1.83 -13.32
C ASN A 62 -1.53 -2.82 -14.43
N LEU A 63 -0.93 -2.63 -15.57
CA LEU A 63 -1.14 -3.54 -16.72
C LEU A 63 -0.37 -2.96 -17.90
N ASP A 64 -0.51 -3.46 -19.08
CA ASP A 64 0.28 -2.87 -20.19
C ASP A 64 1.76 -2.87 -19.79
N GLY A 65 2.26 -3.96 -19.26
CA GLY A 65 3.68 -3.95 -18.82
C GLY A 65 3.83 -2.78 -17.84
N GLU A 66 2.79 -2.55 -17.09
CA GLU A 66 2.75 -1.42 -16.10
C GLU A 66 4.10 -0.80 -15.81
N PRO A 67 4.14 0.49 -15.88
CA PRO A 67 5.36 1.26 -15.54
C PRO A 67 5.71 1.03 -14.05
N SER A 68 4.89 1.50 -13.15
CA SER A 68 5.16 1.31 -11.69
C SER A 68 6.41 2.06 -11.25
N TYR A 69 7.08 2.74 -12.15
CA TYR A 69 8.32 3.47 -11.79
C TYR A 69 9.27 2.51 -11.08
N PRO A 70 10.49 2.92 -10.97
CA PRO A 70 11.50 2.07 -10.32
C PRO A 70 11.25 1.96 -8.83
N VAL A 71 10.28 2.64 -8.30
CA VAL A 71 10.05 2.52 -6.84
C VAL A 71 9.00 1.44 -6.58
N ALA A 72 7.85 1.51 -7.21
CA ALA A 72 6.83 0.46 -7.01
C ALA A 72 7.45 -0.93 -7.22
N ASP A 73 8.10 -1.13 -8.34
CA ASP A 73 8.69 -2.47 -8.58
C ASP A 73 9.82 -2.73 -7.58
N ILE A 74 10.76 -1.84 -7.50
CA ILE A 74 11.88 -2.05 -6.53
C ILE A 74 11.29 -2.25 -5.15
N LEU A 75 10.27 -1.52 -4.83
CA LEU A 75 9.65 -1.68 -3.49
C LEU A 75 9.39 -3.16 -3.26
N ALA A 76 9.05 -3.87 -4.28
CA ALA A 76 8.80 -5.31 -4.16
C ALA A 76 10.13 -6.06 -4.30
N GLU A 77 10.97 -5.65 -5.21
CA GLU A 77 12.28 -6.34 -5.35
C GLU A 77 12.93 -6.41 -3.97
N ARG A 78 12.54 -5.51 -3.11
CA ARG A 78 13.08 -5.50 -1.73
C ARG A 78 11.95 -5.76 -0.73
N ASN A 79 10.74 -5.58 -1.17
CA ASN A 79 9.54 -5.83 -0.31
C ASN A 79 9.81 -5.56 1.17
N VAL A 80 9.43 -4.41 1.63
CA VAL A 80 9.57 -4.06 3.07
C VAL A 80 8.18 -4.30 3.70
N PRO A 81 8.02 -4.08 4.97
CA PRO A 81 6.67 -4.29 5.55
C PRO A 81 5.73 -3.34 4.83
N PHE A 82 4.76 -3.89 4.15
CA PHE A 82 3.84 -3.03 3.35
C PHE A 82 2.74 -3.86 2.69
N ILE A 83 2.45 -3.56 1.45
CA ILE A 83 1.41 -4.32 0.73
C ILE A 83 1.26 -3.72 -0.66
N PHE A 84 0.60 -4.42 -1.52
CA PHE A 84 0.42 -3.93 -2.91
C PHE A 84 -0.83 -4.56 -3.55
N ALA A 85 -1.38 -3.91 -4.52
CA ALA A 85 -2.58 -4.48 -5.15
C ALA A 85 -2.82 -3.84 -6.51
N THR A 86 -2.79 -4.63 -7.55
CA THR A 86 -3.03 -4.07 -8.90
C THR A 86 -3.34 -5.19 -9.89
N GLY A 87 -3.53 -4.85 -11.14
CA GLY A 87 -3.87 -5.85 -12.20
C GLY A 87 -3.32 -7.24 -11.88
N TYR A 88 -2.08 -7.36 -11.51
CA TYR A 88 -1.51 -8.71 -11.20
C TYR A 88 -1.44 -8.95 -9.70
N GLY A 89 -1.84 -7.98 -8.91
CA GLY A 89 -1.78 -8.16 -7.44
C GLY A 89 -0.53 -7.46 -6.90
N SER A 90 0.61 -8.06 -7.09
CA SER A 90 1.87 -7.44 -6.60
C SER A 90 3.07 -8.31 -6.95
N LYS A 91 3.23 -8.65 -8.21
CA LYS A 91 4.39 -9.50 -8.62
C LYS A 91 4.58 -10.65 -7.61
N GLY A 92 5.40 -10.45 -6.61
CA GLY A 92 5.62 -11.50 -5.58
C GLY A 92 6.10 -10.81 -4.31
N LEU A 93 5.79 -9.56 -4.16
CA LEU A 93 6.23 -8.80 -2.96
C LEU A 93 6.09 -9.69 -1.70
N ASP A 94 7.18 -10.10 -1.12
CA ASP A 94 7.09 -10.98 0.09
C ASP A 94 7.57 -10.26 1.34
N THR A 95 6.70 -10.04 2.29
CA THR A 95 7.13 -9.36 3.56
C THR A 95 6.37 -9.95 4.75
N ARG A 96 6.12 -9.18 5.78
CA ARG A 96 5.41 -9.72 6.97
C ARG A 96 3.90 -9.86 6.72
N TYR A 97 3.47 -9.71 5.49
CA TYR A 97 2.01 -9.84 5.20
C TYR A 97 1.66 -11.25 4.74
N SER A 98 2.64 -12.11 4.60
CA SER A 98 2.36 -13.50 4.16
C SER A 98 1.94 -13.50 2.68
N ASN A 99 2.18 -12.42 1.98
CA ASN A 99 1.83 -12.38 0.53
C ASN A 99 0.36 -12.75 0.32
N ILE A 100 -0.43 -12.66 1.35
CA ILE A 100 -1.88 -13.02 1.21
C ILE A 100 -2.80 -11.78 1.06
N PRO A 101 -2.42 -10.65 1.60
CA PRO A 101 -3.27 -9.44 1.49
C PRO A 101 -2.95 -8.64 0.21
N LEU A 102 -3.27 -9.16 -0.94
CA LEU A 102 -2.95 -8.41 -2.20
C LEU A 102 -4.11 -8.54 -3.21
N LEU A 103 -4.16 -7.69 -4.21
CA LEU A 103 -5.28 -7.81 -5.23
C LEU A 103 -5.27 -6.63 -6.22
N THR A 104 -6.23 -6.54 -7.11
CA THR A 104 -6.25 -5.41 -8.08
C THR A 104 -7.22 -4.32 -7.58
N LYS A 105 -7.62 -4.42 -6.34
CA LYS A 105 -8.56 -3.40 -5.76
C LYS A 105 -9.97 -3.51 -6.39
N PRO A 106 -10.39 -4.72 -6.75
CA PRO A 106 -11.74 -4.88 -7.30
C PRO A 106 -12.75 -4.87 -6.15
N PHE A 107 -12.27 -4.71 -4.94
CA PHE A 107 -13.18 -4.69 -3.76
C PHE A 107 -13.92 -6.03 -3.64
N LEU A 108 -14.97 -6.07 -2.86
CA LEU A 108 -15.70 -7.36 -2.66
C LEU A 108 -14.76 -8.39 -2.02
N ASP A 109 -13.60 -7.96 -1.58
CA ASP A 109 -12.61 -8.87 -0.93
C ASP A 109 -11.18 -8.27 -0.97
N SER A 110 -10.98 -7.21 -1.70
CA SER A 110 -9.60 -6.62 -1.78
C SER A 110 -9.24 -5.85 -0.50
N GLU A 111 -9.38 -4.54 -0.54
CA GLU A 111 -9.00 -3.71 0.66
C GLU A 111 -9.38 -4.41 1.96
N LEU A 112 -10.60 -4.87 2.08
CA LEU A 112 -11.00 -5.54 3.34
C LEU A 112 -9.99 -6.63 3.71
N GLU A 113 -9.43 -7.29 2.74
CA GLU A 113 -8.44 -8.37 3.06
C GLU A 113 -7.15 -7.74 3.60
N ALA A 114 -6.57 -6.84 2.85
CA ALA A 114 -5.31 -6.20 3.30
C ALA A 114 -5.38 -5.83 4.79
N VAL A 115 -6.56 -5.59 5.31
CA VAL A 115 -6.66 -5.23 6.75
C VAL A 115 -7.14 -6.43 7.58
N LEU A 116 -7.92 -7.29 6.98
CA LEU A 116 -8.41 -8.48 7.75
C LEU A 116 -7.27 -9.47 7.98
N VAL A 117 -6.45 -9.65 6.98
CA VAL A 117 -5.30 -10.60 7.10
C VAL A 117 -4.47 -10.30 8.35
N GLN A 118 -4.51 -9.10 8.85
CA GLN A 118 -3.69 -8.76 10.04
C GLN A 118 -4.46 -9.02 11.34
N ILE A 119 -5.76 -8.97 11.30
CA ILE A 119 -6.54 -9.22 12.55
C ILE A 119 -6.73 -10.72 12.79
N SER A 120 -6.31 -11.54 11.87
CA SER A 120 -6.46 -13.01 12.05
C SER A 120 -5.17 -13.61 12.60
N LYS A 121 -4.19 -13.82 11.76
CA LYS A 121 -2.91 -14.41 12.23
C LYS A 121 -3.15 -15.76 12.91
N GLU A 122 -2.09 -16.46 13.26
CA GLU A 122 -2.23 -17.79 13.91
C GLU A 122 -3.39 -18.55 13.27
N VAL A 123 -3.62 -18.27 12.01
CA VAL A 123 -4.70 -18.95 11.26
C VAL A 123 -5.89 -19.27 12.17
CA CA B . -6.75 3.41 -11.10
BE BEF C . -7.06 0.89 -8.51
F1 BEF C . -7.06 2.36 -8.20
F2 BEF C . -7.61 1.96 -9.91
F3 BEF C . -6.26 0.67 -9.61
N GLY A 1 14.33 8.88 17.79
CA GLY A 1 13.84 9.35 19.11
C GLY A 1 12.87 10.51 18.91
N SER A 2 13.11 11.33 17.92
CA SER A 2 12.20 12.48 17.66
C SER A 2 12.62 13.21 16.39
N HIS A 3 11.86 14.20 15.98
CA HIS A 3 12.23 14.96 14.75
C HIS A 3 12.08 14.07 13.51
N MET A 4 12.94 13.10 13.36
CA MET A 4 12.84 12.20 12.17
C MET A 4 11.40 11.68 12.01
N THR A 5 11.09 10.57 12.62
CA THR A 5 9.70 10.03 12.50
C THR A 5 9.07 9.89 13.88
N GLU A 6 7.78 9.95 13.94
CA GLU A 6 7.09 9.82 15.26
C GLU A 6 5.71 9.15 15.12
N ARG A 7 5.27 8.90 13.91
CA ARG A 7 3.94 8.26 13.71
C ARG A 7 4.01 7.25 12.56
N ARG A 8 4.48 6.06 12.82
CA ARG A 8 4.57 5.03 11.75
C ARG A 8 3.18 4.53 11.34
N LEU A 9 2.14 5.05 11.92
CA LEU A 9 0.77 4.60 11.55
C LEU A 9 0.30 5.32 10.29
N ARG A 10 0.63 4.81 9.13
CA ARG A 10 0.20 5.52 7.89
C ARG A 10 -0.02 4.54 6.72
N VAL A 11 -0.95 4.84 5.86
CA VAL A 11 -1.20 3.94 4.70
C VAL A 11 -1.09 4.72 3.39
N LEU A 12 0.04 4.67 2.73
CA LEU A 12 0.17 5.42 1.45
C LEU A 12 -0.47 4.63 0.31
N VAL A 13 -1.54 5.14 -0.25
CA VAL A 13 -2.20 4.41 -1.37
C VAL A 13 -2.32 5.36 -2.54
N VAL A 14 -1.73 5.05 -3.65
CA VAL A 14 -1.79 6.03 -4.77
C VAL A 14 -2.14 5.38 -6.12
N GLU A 15 -2.74 6.18 -6.96
CA GLU A 15 -3.13 5.75 -8.34
C GLU A 15 -3.41 6.99 -9.19
N ASP A 16 -3.25 6.91 -10.47
CA ASP A 16 -3.50 8.09 -11.35
C ASP A 16 -4.66 8.97 -10.86
N GLU A 17 -5.88 8.52 -11.00
CA GLU A 17 -7.05 9.36 -10.61
C GLU A 17 -7.25 9.44 -9.08
N SER A 18 -8.23 10.20 -8.66
CA SER A 18 -8.51 10.33 -7.21
C SER A 18 -9.55 9.31 -6.77
N MET A 19 -10.04 8.51 -7.68
CA MET A 19 -11.05 7.48 -7.28
C MET A 19 -10.52 6.75 -6.06
N ILE A 20 -9.22 6.73 -5.91
CA ILE A 20 -8.62 6.07 -4.73
C ILE A 20 -8.75 6.97 -3.51
N ALA A 21 -8.73 8.26 -3.73
CA ALA A 21 -8.88 9.20 -2.60
C ALA A 21 -10.14 8.87 -1.81
N MET A 22 -11.29 9.04 -2.40
CA MET A 22 -12.56 8.71 -1.68
C MET A 22 -12.47 7.27 -1.16
N LEU A 23 -11.80 6.41 -1.89
CA LEU A 23 -11.65 4.99 -1.44
C LEU A 23 -10.66 4.94 -0.28
N ILE A 24 -10.08 6.07 0.06
CA ILE A 24 -9.10 6.11 1.19
C ILE A 24 -9.79 6.57 2.47
N GLU A 25 -10.49 7.68 2.41
CA GLU A 25 -11.17 8.20 3.62
C GLU A 25 -12.06 7.13 4.23
N ASP A 26 -12.56 6.24 3.43
CA ASP A 26 -13.43 5.15 3.96
C ASP A 26 -12.54 4.07 4.59
N THR A 27 -11.46 3.73 3.93
CA THR A 27 -10.54 2.71 4.49
C THR A 27 -9.91 3.28 5.77
N LEU A 28 -9.36 4.46 5.70
CA LEU A 28 -8.77 5.08 6.91
C LEU A 28 -9.86 5.16 7.99
N CYS A 29 -11.06 5.50 7.61
CA CYS A 29 -12.15 5.57 8.62
C CYS A 29 -12.09 4.30 9.49
N GLU A 30 -11.72 3.20 8.89
CA GLU A 30 -11.61 1.92 9.65
C GLU A 30 -10.22 1.82 10.27
N LEU A 31 -9.20 2.16 9.52
CA LEU A 31 -7.82 2.08 10.08
C LEU A 31 -7.62 3.15 11.15
N GLY A 32 -8.16 4.32 10.93
CA GLY A 32 -7.98 5.41 11.92
C GLY A 32 -6.59 6.00 11.74
N HIS A 33 -5.85 5.51 10.78
CA HIS A 33 -4.48 6.03 10.55
C HIS A 33 -4.47 7.55 10.57
N GLU A 34 -3.32 8.16 10.53
CA GLU A 34 -3.26 9.64 10.55
C GLU A 34 -3.94 10.22 9.30
N VAL A 35 -3.26 10.19 8.19
CA VAL A 35 -3.85 10.73 6.94
C VAL A 35 -3.28 9.98 5.73
N ALA A 36 -3.99 9.01 5.21
CA ALA A 36 -3.47 8.23 4.05
C ALA A 36 -3.12 9.17 2.88
N ALA A 37 -2.63 8.61 1.80
CA ALA A 37 -2.27 9.45 0.63
C ALA A 37 -3.08 8.99 -0.58
N THR A 38 -3.51 9.90 -1.41
CA THR A 38 -4.33 9.49 -2.59
C THR A 38 -3.67 9.84 -3.93
N ALA A 39 -4.28 9.37 -4.99
CA ALA A 39 -3.76 9.60 -6.37
C ALA A 39 -2.29 9.20 -6.46
N SER A 40 -1.81 8.90 -7.63
CA SER A 40 -0.40 8.48 -7.78
C SER A 40 0.52 9.70 -7.70
N ARG A 41 1.69 9.53 -7.14
CA ARG A 41 2.63 10.67 -7.03
C ARG A 41 4.06 10.15 -6.81
N MET A 42 5.00 10.65 -7.57
CA MET A 42 6.40 10.17 -7.42
C MET A 42 6.98 10.64 -6.07
N GLN A 43 6.61 11.81 -5.63
CA GLN A 43 7.15 12.32 -4.35
C GLN A 43 6.50 11.58 -3.18
N GLU A 44 5.20 11.68 -3.04
CA GLU A 44 4.53 10.95 -1.93
C GLU A 44 5.02 9.51 -1.93
N ALA A 45 4.97 8.88 -3.07
CA ALA A 45 5.45 7.47 -3.16
C ALA A 45 6.79 7.40 -2.44
N LEU A 46 7.70 8.27 -2.78
CA LEU A 46 9.02 8.26 -2.09
C LEU A 46 8.79 8.33 -0.58
N ASP A 47 7.78 9.06 -0.18
CA ASP A 47 7.46 9.19 1.27
C ASP A 47 6.96 7.85 1.82
N ILE A 48 6.58 6.94 0.97
CA ILE A 48 6.08 5.62 1.45
C ILE A 48 7.23 4.59 1.44
N ALA A 49 8.27 4.85 0.71
CA ALA A 49 9.40 3.89 0.66
C ALA A 49 10.49 4.19 1.69
N ARG A 50 11.20 5.28 1.53
CA ARG A 50 12.28 5.62 2.50
C ARG A 50 11.82 5.44 3.96
N LYS A 51 10.54 5.45 4.19
CA LYS A 51 10.05 5.29 5.59
C LYS A 51 10.62 4.03 6.23
N GLY A 52 10.53 2.93 5.54
CA GLY A 52 11.03 1.65 6.13
C GLY A 52 9.94 1.02 7.00
N GLN A 53 9.07 1.82 7.57
CA GLN A 53 7.98 1.27 8.42
C GLN A 53 6.70 2.11 8.28
N PHE A 54 6.47 2.66 7.12
CA PHE A 54 5.24 3.48 6.88
C PHE A 54 3.95 2.64 6.93
N ASP A 55 4.03 1.38 7.32
CA ASP A 55 2.81 0.51 7.40
C ASP A 55 2.45 -0.11 6.05
N ILE A 56 1.96 0.66 5.10
CA ILE A 56 1.56 0.03 3.78
C ILE A 56 1.75 0.97 2.59
N ALA A 57 1.71 0.44 1.38
CA ALA A 57 1.87 1.31 0.16
C ALA A 57 1.06 0.76 -1.02
N ILE A 58 0.28 1.56 -1.69
CA ILE A 58 -0.48 1.00 -2.85
C ILE A 58 -0.35 1.87 -4.10
N ILE A 59 0.59 1.56 -4.94
CA ILE A 59 0.73 2.30 -6.22
C ILE A 59 0.12 1.40 -7.30
N ASP A 60 -1.16 1.17 -7.17
CA ASP A 60 -1.87 0.24 -8.09
C ASP A 60 -1.83 0.71 -9.55
N VAL A 61 -2.80 0.27 -10.30
CA VAL A 61 -2.91 0.63 -11.72
C VAL A 61 -1.53 0.58 -12.41
N ASN A 62 -1.06 -0.60 -12.67
CA ASN A 62 0.26 -0.77 -13.34
C ASN A 62 0.05 -1.30 -14.75
N LEU A 63 -0.61 -0.55 -15.59
CA LEU A 63 -0.86 -1.03 -16.98
C LEU A 63 -0.59 0.10 -17.98
N ASP A 64 -0.77 -0.17 -19.24
CA ASP A 64 -0.53 0.89 -20.27
C ASP A 64 0.77 1.64 -19.94
N GLY A 65 1.68 1.03 -19.24
CA GLY A 65 2.95 1.71 -18.90
C GLY A 65 3.37 1.37 -17.48
N GLU A 66 2.47 0.83 -16.70
CA GLU A 66 2.82 0.47 -15.30
C GLU A 66 3.41 1.69 -14.59
N PRO A 67 2.55 2.65 -14.33
CA PRO A 67 2.99 3.89 -13.64
C PRO A 67 3.27 3.63 -12.16
N SER A 68 4.24 2.82 -11.85
CA SER A 68 4.57 2.54 -10.42
C SER A 68 5.97 3.03 -10.09
N TYR A 69 6.60 3.69 -11.03
CA TYR A 69 7.99 4.21 -10.81
C TYR A 69 8.89 3.11 -10.26
N PRO A 70 10.16 3.39 -10.28
CA PRO A 70 11.14 2.41 -9.77
C PRO A 70 11.01 2.30 -8.25
N VAL A 71 10.20 3.13 -7.64
CA VAL A 71 10.03 3.04 -6.17
C VAL A 71 9.10 1.88 -5.82
N ALA A 72 7.86 1.98 -6.19
CA ALA A 72 6.92 0.87 -5.90
C ALA A 72 7.57 -0.44 -6.28
N ASP A 73 8.05 -0.52 -7.49
CA ASP A 73 8.72 -1.76 -7.93
C ASP A 73 9.88 -2.07 -6.98
N ILE A 74 10.78 -1.14 -6.81
CA ILE A 74 11.91 -1.38 -5.86
C ILE A 74 11.30 -1.84 -4.56
N LEU A 75 10.26 -1.17 -4.16
CA LEU A 75 9.56 -1.52 -2.91
C LEU A 75 9.19 -3.01 -2.99
N ALA A 76 8.98 -3.51 -4.17
CA ALA A 76 8.63 -4.95 -4.34
C ALA A 76 9.83 -5.86 -4.08
N GLU A 77 10.84 -5.81 -4.91
CA GLU A 77 12.03 -6.70 -4.68
C GLU A 77 12.40 -6.70 -3.20
N ARG A 78 12.07 -5.66 -2.49
CA ARG A 78 12.38 -5.59 -1.04
C ARG A 78 11.18 -5.02 -0.29
N ASN A 79 10.02 -5.56 -0.50
CA ASN A 79 8.81 -5.03 0.18
C ASN A 79 8.82 -5.35 1.67
N VAL A 80 8.52 -4.36 2.46
CA VAL A 80 8.49 -4.51 3.95
C VAL A 80 7.03 -4.80 4.37
N PRO A 81 6.71 -4.71 5.65
CA PRO A 81 5.30 -4.96 6.05
C PRO A 81 4.42 -3.91 5.35
N PHE A 82 3.46 -4.35 4.60
CA PHE A 82 2.62 -3.41 3.82
C PHE A 82 1.56 -4.16 3.02
N ILE A 83 1.29 -3.68 1.85
CA ILE A 83 0.31 -4.34 0.94
C ILE A 83 0.39 -3.61 -0.39
N PHE A 84 0.02 -4.26 -1.44
CA PHE A 84 0.11 -3.61 -2.77
C PHE A 84 -0.87 -4.28 -3.75
N ALA A 85 -1.19 -3.63 -4.82
CA ALA A 85 -2.13 -4.25 -5.78
C ALA A 85 -2.19 -3.45 -7.08
N THR A 86 -2.01 -4.10 -8.21
CA THR A 86 -2.07 -3.38 -9.51
C THR A 86 -2.62 -4.32 -10.58
N GLY A 87 -2.25 -4.10 -11.82
CA GLY A 87 -2.74 -5.01 -12.89
C GLY A 87 -1.86 -6.24 -12.96
N TYR A 88 -0.76 -6.25 -12.24
CA TYR A 88 0.14 -7.43 -12.26
C TYR A 88 -0.40 -8.51 -11.33
N GLY A 89 -1.16 -8.15 -10.34
CA GLY A 89 -1.72 -9.17 -9.43
C GLY A 89 -0.58 -9.82 -8.64
N SER A 90 -0.04 -9.11 -7.69
CA SER A 90 1.06 -9.66 -6.88
C SER A 90 2.18 -10.21 -7.78
N LYS A 91 3.30 -10.55 -7.20
CA LYS A 91 4.42 -11.09 -8.02
C LYS A 91 5.44 -11.77 -7.09
N GLY A 92 4.99 -12.23 -5.96
CA GLY A 92 5.92 -12.89 -5.00
C GLY A 92 6.46 -11.83 -4.02
N LEU A 93 5.88 -10.66 -4.02
CA LEU A 93 6.35 -9.58 -3.10
C LEU A 93 6.67 -10.16 -1.72
N ASP A 94 7.58 -9.55 -1.01
CA ASP A 94 7.97 -10.07 0.34
C ASP A 94 7.49 -9.14 1.45
N THR A 95 7.26 -9.67 2.63
CA THR A 95 6.80 -8.80 3.75
C THR A 95 6.58 -9.62 5.03
N ARG A 96 6.17 -8.98 6.08
CA ARG A 96 5.91 -9.72 7.34
C ARG A 96 4.54 -10.37 7.27
N TYR A 97 3.86 -10.20 6.17
CA TYR A 97 2.51 -10.81 6.03
C TYR A 97 2.65 -12.27 5.60
N SER A 98 3.14 -12.48 4.40
CA SER A 98 3.35 -13.87 3.83
C SER A 98 2.92 -13.92 2.36
N ASN A 99 2.75 -12.78 1.73
CA ASN A 99 2.33 -12.76 0.30
C ASN A 99 0.94 -13.39 0.19
N ILE A 100 -0.09 -12.60 0.34
CA ILE A 100 -1.47 -13.16 0.27
C ILE A 100 -2.50 -12.13 -0.24
N PRO A 101 -2.58 -10.97 0.41
CA PRO A 101 -3.58 -9.97 0.00
C PRO A 101 -3.08 -9.07 -1.14
N LEU A 102 -2.72 -9.64 -2.26
CA LEU A 102 -2.26 -8.78 -3.38
C LEU A 102 -3.33 -8.75 -4.48
N LEU A 103 -3.57 -7.64 -5.12
CA LEU A 103 -4.63 -7.62 -6.16
C LEU A 103 -4.54 -6.41 -7.09
N THR A 104 -5.61 -6.12 -7.78
CA THR A 104 -5.62 -4.97 -8.72
C THR A 104 -6.71 -3.96 -8.35
N LYS A 105 -7.11 -3.94 -7.10
CA LYS A 105 -8.18 -3.00 -6.68
C LYS A 105 -9.49 -3.28 -7.41
N PRO A 106 -9.95 -4.50 -7.29
CA PRO A 106 -11.22 -4.89 -7.92
C PRO A 106 -12.38 -4.50 -7.00
N PHE A 107 -12.06 -4.09 -5.80
CA PHE A 107 -13.12 -3.70 -4.82
C PHE A 107 -14.03 -4.89 -4.54
N LEU A 108 -13.51 -5.90 -3.90
CA LEU A 108 -14.31 -7.11 -3.57
C LEU A 108 -13.36 -8.22 -3.09
N ASP A 109 -13.32 -8.45 -1.80
CA ASP A 109 -12.41 -9.50 -1.25
C ASP A 109 -10.95 -9.07 -1.38
N SER A 110 -10.73 -7.84 -1.76
CA SER A 110 -9.33 -7.35 -1.91
C SER A 110 -8.84 -6.66 -0.64
N GLU A 111 -9.08 -5.38 -0.51
CA GLU A 111 -8.64 -4.64 0.72
C GLU A 111 -8.83 -5.51 1.96
N LEU A 112 -10.02 -6.00 2.16
CA LEU A 112 -10.29 -6.87 3.35
C LEU A 112 -9.10 -7.82 3.54
N GLU A 113 -8.68 -8.46 2.48
CA GLU A 113 -7.53 -9.39 2.58
C GLU A 113 -6.30 -8.64 3.11
N ALA A 114 -6.15 -7.40 2.73
CA ALA A 114 -4.97 -6.63 3.22
C ALA A 114 -4.90 -6.65 4.74
N VAL A 115 -6.03 -6.60 5.39
CA VAL A 115 -6.04 -6.60 6.89
C VAL A 115 -6.53 -7.95 7.44
N LEU A 116 -7.13 -8.76 6.61
CA LEU A 116 -7.67 -10.07 7.09
C LEU A 116 -6.60 -11.17 7.06
N VAL A 117 -5.47 -10.91 6.50
CA VAL A 117 -4.43 -11.97 6.42
C VAL A 117 -3.60 -12.05 7.71
N GLN A 118 -3.45 -10.94 8.39
CA GLN A 118 -2.64 -10.96 9.65
C GLN A 118 -3.41 -11.63 10.80
N ILE A 119 -4.68 -11.35 10.93
CA ILE A 119 -5.46 -11.97 12.04
C ILE A 119 -5.94 -13.38 11.67
N SER A 120 -5.53 -13.88 10.53
CA SER A 120 -5.98 -15.24 10.13
C SER A 120 -5.45 -15.60 8.74
N LYS A 121 -5.84 -16.73 8.21
CA LYS A 121 -5.36 -17.15 6.87
C LYS A 121 -5.79 -18.58 6.57
N GLU A 122 -5.99 -19.37 7.60
CA GLU A 122 -6.40 -20.78 7.38
C GLU A 122 -7.24 -21.27 8.56
N VAL A 123 -6.88 -20.90 9.75
CA VAL A 123 -7.65 -21.35 10.96
C VAL A 123 -7.17 -20.59 12.20
CA CA B . -6.68 4.94 -10.70
BE BEF C . -5.90 2.46 -9.42
F1 BEF C . -7.57 2.93 -9.87
F2 BEF C . -6.67 1.32 -10.03
F3 BEF C . -5.77 3.49 -10.30
N GLY A 1 0.52 12.84 18.45
CA GLY A 1 1.70 12.00 18.13
C GLY A 1 1.26 10.53 18.02
N SER A 2 0.68 9.99 19.06
CA SER A 2 0.23 8.57 19.02
C SER A 2 1.43 7.64 18.80
N HIS A 3 2.07 7.23 19.86
CA HIS A 3 3.24 6.32 19.70
C HIS A 3 2.77 4.88 19.47
N MET A 4 2.08 4.30 20.42
CA MET A 4 1.60 2.91 20.23
C MET A 4 0.92 2.79 18.87
N THR A 5 0.77 1.59 18.35
CA THR A 5 0.13 1.45 17.03
C THR A 5 -0.98 0.39 17.08
N GLU A 6 -1.96 0.55 16.24
CA GLU A 6 -3.08 -0.43 16.21
C GLU A 6 -4.00 -0.19 14.99
N ARG A 7 -3.62 0.73 14.13
CA ARG A 7 -4.42 1.06 12.91
C ARG A 7 -4.05 2.48 12.45
N ARG A 8 -3.45 3.24 13.33
CA ARG A 8 -3.04 4.64 13.00
C ARG A 8 -1.76 4.64 12.15
N LEU A 9 -1.34 3.49 11.68
CA LEU A 9 -0.09 3.43 10.86
C LEU A 9 -0.16 4.35 9.65
N ARG A 10 0.54 4.01 8.59
CA ARG A 10 0.54 4.91 7.39
C ARG A 10 0.28 4.10 6.11
N VAL A 11 -0.33 4.72 5.13
CA VAL A 11 -0.59 3.97 3.86
C VAL A 11 -0.28 4.84 2.64
N LEU A 12 0.94 4.83 2.20
CA LEU A 12 1.29 5.62 0.99
C LEU A 12 0.87 4.84 -0.25
N VAL A 13 -0.23 5.19 -0.86
CA VAL A 13 -0.69 4.45 -2.07
C VAL A 13 -0.71 5.39 -3.26
N VAL A 14 -0.31 4.94 -4.41
CA VAL A 14 -0.31 5.85 -5.58
C VAL A 14 -0.69 5.11 -6.86
N GLU A 15 -1.47 5.76 -7.68
CA GLU A 15 -1.92 5.18 -8.98
C GLU A 15 -2.16 6.31 -9.98
N ASP A 16 -1.88 6.10 -11.22
CA ASP A 16 -2.06 7.18 -12.24
C ASP A 16 -3.39 7.93 -12.08
N GLU A 17 -4.48 7.25 -11.83
CA GLU A 17 -5.79 7.96 -11.72
C GLU A 17 -6.02 8.49 -10.31
N SER A 18 -6.96 9.41 -10.18
CA SER A 18 -7.28 9.99 -8.84
C SER A 18 -8.31 9.11 -8.14
N MET A 19 -8.68 8.02 -8.76
CA MET A 19 -9.67 7.11 -8.12
C MET A 19 -9.13 6.66 -6.76
N ILE A 20 -7.86 6.88 -6.51
CA ILE A 20 -7.27 6.47 -5.21
C ILE A 20 -7.23 7.68 -4.26
N ALA A 21 -7.12 8.84 -4.82
CA ALA A 21 -7.08 10.07 -3.98
C ALA A 21 -8.22 10.09 -2.99
N MET A 22 -9.37 10.60 -3.37
CA MET A 22 -10.51 10.63 -2.42
C MET A 22 -10.76 9.22 -1.89
N LEU A 23 -10.35 8.24 -2.63
CA LEU A 23 -10.52 6.84 -2.19
C LEU A 23 -9.65 6.59 -0.97
N ILE A 24 -8.82 7.54 -0.63
CA ILE A 24 -7.92 7.37 0.55
C ILE A 24 -8.38 8.24 1.72
N GLU A 25 -8.60 9.50 1.49
CA GLU A 25 -9.05 10.38 2.61
C GLU A 25 -10.22 9.74 3.33
N ASP A 26 -10.99 8.94 2.64
CA ASP A 26 -12.13 8.25 3.30
C ASP A 26 -11.57 7.10 4.13
N THR A 27 -10.66 6.34 3.59
CA THR A 27 -10.05 5.23 4.37
C THR A 27 -9.22 5.82 5.50
N LEU A 28 -8.41 6.79 5.19
CA LEU A 28 -7.59 7.45 6.24
C LEU A 28 -8.53 8.04 7.28
N CYS A 29 -9.70 8.45 6.87
CA CYS A 29 -10.66 9.03 7.84
C CYS A 29 -10.95 8.00 8.94
N GLU A 30 -10.85 6.74 8.60
CA GLU A 30 -11.09 5.68 9.61
C GLU A 30 -9.81 5.40 10.40
N LEU A 31 -8.71 5.21 9.73
CA LEU A 31 -7.45 4.93 10.44
C LEU A 31 -6.87 6.22 11.05
N GLY A 32 -7.08 7.34 10.40
CA GLY A 32 -6.48 8.59 10.92
C GLY A 32 -4.97 8.46 10.77
N HIS A 33 -4.55 7.64 9.84
CA HIS A 33 -3.10 7.41 9.62
C HIS A 33 -2.31 8.72 9.67
N GLU A 34 -1.02 8.61 9.74
CA GLU A 34 -0.15 9.82 9.82
C GLU A 34 -0.14 10.57 8.49
N VAL A 35 -0.05 9.88 7.38
CA VAL A 35 -0.02 10.58 6.05
C VAL A 35 -0.24 9.58 4.91
N ALA A 36 -1.29 9.74 4.15
CA ALA A 36 -1.55 8.81 3.02
C ALA A 36 -1.08 9.44 1.70
N ALA A 37 -0.90 8.64 0.68
CA ALA A 37 -0.45 9.22 -0.64
C ALA A 37 -1.48 8.88 -1.72
N THR A 38 -1.60 9.72 -2.72
CA THR A 38 -2.60 9.47 -3.79
C THR A 38 -1.99 9.64 -5.19
N ALA A 39 -2.72 9.17 -6.18
CA ALA A 39 -2.25 9.25 -7.60
C ALA A 39 -0.84 8.67 -7.72
N SER A 40 -0.45 8.24 -8.88
CA SER A 40 0.92 7.68 -9.01
C SER A 40 1.95 8.81 -9.13
N ARG A 41 2.81 8.94 -8.16
CA ARG A 41 3.81 10.02 -8.22
C ARG A 41 5.21 9.46 -7.94
N MET A 42 6.14 9.70 -8.83
CA MET A 42 7.52 9.19 -8.62
C MET A 42 8.14 9.83 -7.38
N GLN A 43 7.75 11.03 -7.07
CA GLN A 43 8.31 11.71 -5.87
C GLN A 43 7.79 11.04 -4.60
N GLU A 44 6.51 10.85 -4.49
CA GLU A 44 5.95 10.20 -3.28
C GLU A 44 6.29 8.70 -3.31
N ALA A 45 6.10 8.06 -4.42
CA ALA A 45 6.43 6.61 -4.51
C ALA A 45 7.77 6.36 -3.83
N LEU A 46 8.73 7.20 -4.09
CA LEU A 46 10.07 7.04 -3.46
C LEU A 46 9.92 7.07 -1.94
N ASP A 47 9.08 7.95 -1.46
CA ASP A 47 8.87 8.08 0.01
C ASP A 47 8.34 6.76 0.60
N ILE A 48 7.41 6.13 -0.06
CA ILE A 48 6.87 4.85 0.50
C ILE A 48 7.97 3.79 0.48
N ALA A 49 8.98 3.98 -0.32
CA ALA A 49 10.07 2.98 -0.39
C ALA A 49 11.22 3.35 0.56
N ARG A 50 11.84 4.49 0.35
CA ARG A 50 12.97 4.91 1.21
C ARG A 50 12.54 5.04 2.68
N LYS A 51 11.32 5.42 2.92
CA LYS A 51 10.85 5.57 4.33
C LYS A 51 11.09 4.28 5.11
N GLY A 52 10.77 3.16 4.54
CA GLY A 52 10.97 1.86 5.26
C GLY A 52 9.84 1.66 6.26
N GLN A 53 9.74 2.50 7.25
CA GLN A 53 8.65 2.35 8.26
C GLN A 53 7.38 3.06 7.80
N PHE A 54 7.06 2.94 6.53
CA PHE A 54 5.83 3.60 6.01
C PHE A 54 4.66 2.60 6.07
N ASP A 55 4.83 1.59 6.87
CA ASP A 55 3.77 0.54 7.03
C ASP A 55 3.43 -0.12 5.70
N ILE A 56 2.76 0.57 4.80
CA ILE A 56 2.38 -0.09 3.50
C ILE A 56 2.55 0.86 2.30
N ALA A 57 2.71 0.32 1.11
CA ALA A 57 2.87 1.18 -0.10
C ALA A 57 2.34 0.45 -1.33
N ILE A 58 1.64 1.13 -2.21
CA ILE A 58 1.10 0.40 -3.38
C ILE A 58 1.07 1.21 -4.69
N ILE A 59 2.04 1.01 -5.54
CA ILE A 59 2.00 1.66 -6.88
C ILE A 59 1.08 0.73 -7.67
N ASP A 60 -0.15 0.76 -7.29
CA ASP A 60 -1.16 -0.20 -7.81
C ASP A 60 -1.59 -0.04 -9.26
N VAL A 61 -2.63 -0.76 -9.57
CA VAL A 61 -3.25 -0.80 -10.92
C VAL A 61 -2.24 -0.37 -11.99
N ASN A 62 -1.35 -1.25 -12.30
CA ASN A 62 -0.36 -0.97 -13.34
C ASN A 62 -1.08 -0.83 -14.68
N LEU A 63 -1.69 0.30 -14.90
CA LEU A 63 -2.47 0.50 -16.15
C LEU A 63 -2.27 1.93 -16.68
N ASP A 64 -2.90 2.26 -17.78
CA ASP A 64 -2.72 3.63 -18.34
C ASP A 64 -1.23 3.97 -18.40
N GLY A 65 -0.40 2.96 -18.47
CA GLY A 65 1.07 3.22 -18.53
C GLY A 65 1.80 2.29 -17.56
N GLU A 66 1.08 1.59 -16.73
CA GLU A 66 1.76 0.68 -15.77
C GLU A 66 2.90 1.42 -15.07
N PRO A 67 2.52 2.42 -14.32
CA PRO A 67 3.50 3.25 -13.60
C PRO A 67 4.03 2.51 -12.36
N SER A 68 4.97 1.62 -12.57
CA SER A 68 5.53 0.87 -11.42
C SER A 68 7.00 1.26 -11.20
N TYR A 69 7.66 1.69 -12.25
CA TYR A 69 9.09 2.09 -12.17
C TYR A 69 9.89 1.03 -11.41
N PRO A 70 11.18 1.20 -11.42
CA PRO A 70 12.07 0.24 -10.73
C PRO A 70 11.93 0.34 -9.22
N VAL A 71 11.13 1.26 -8.72
CA VAL A 71 10.96 1.34 -7.25
C VAL A 71 9.89 0.35 -6.81
N ALA A 72 8.67 0.57 -7.22
CA ALA A 72 7.58 -0.36 -6.85
C ALA A 72 8.03 -1.80 -7.08
N ASP A 73 8.52 -2.09 -8.26
CA ASP A 73 8.99 -3.48 -8.51
C ASP A 73 10.03 -3.84 -7.47
N ILE A 74 11.04 -3.03 -7.34
CA ILE A 74 12.08 -3.31 -6.30
C ILE A 74 11.37 -3.46 -4.96
N LEU A 75 10.53 -2.52 -4.64
CA LEU A 75 9.79 -2.59 -3.36
C LEU A 75 9.21 -4.00 -3.24
N ALA A 76 8.75 -4.56 -4.32
CA ALA A 76 8.21 -5.94 -4.28
C ALA A 76 9.38 -6.94 -4.28
N GLU A 77 10.37 -6.68 -5.09
CA GLU A 77 11.56 -7.58 -5.14
C GLU A 77 12.19 -7.67 -3.75
N ARG A 78 12.55 -6.55 -3.18
CA ARG A 78 13.14 -6.58 -1.82
C ARG A 78 12.00 -6.79 -0.82
N ASN A 79 10.95 -6.05 -0.98
CA ASN A 79 9.76 -6.21 -0.08
C ASN A 79 10.07 -5.89 1.38
N VAL A 80 9.57 -4.79 1.83
CA VAL A 80 9.73 -4.39 3.26
C VAL A 80 8.35 -4.61 3.90
N PRO A 81 8.19 -4.33 5.16
CA PRO A 81 6.86 -4.52 5.77
C PRO A 81 5.86 -3.62 5.05
N PHE A 82 4.91 -4.21 4.36
CA PHE A 82 3.94 -3.37 3.59
C PHE A 82 2.90 -4.23 2.88
N ILE A 83 2.41 -3.72 1.79
CA ILE A 83 1.39 -4.45 1.00
C ILE A 83 1.32 -3.81 -0.38
N PHE A 84 0.75 -4.50 -1.35
CA PHE A 84 0.68 -3.95 -2.73
C PHE A 84 -0.59 -4.45 -3.45
N ALA A 85 -0.87 -3.91 -4.60
CA ALA A 85 -2.08 -4.34 -5.33
C ALA A 85 -2.10 -3.79 -6.75
N THR A 86 -2.51 -4.56 -7.72
CA THR A 86 -2.54 -4.03 -9.11
C THR A 86 -3.25 -5.02 -10.05
N GLY A 87 -3.12 -4.83 -11.34
CA GLY A 87 -3.78 -5.74 -12.32
C GLY A 87 -3.85 -7.18 -11.78
N TYR A 88 -2.83 -7.64 -11.10
CA TYR A 88 -2.87 -9.03 -10.57
C TYR A 88 -2.55 -9.05 -9.07
N GLY A 89 -2.41 -7.90 -8.46
CA GLY A 89 -2.10 -7.87 -7.00
C GLY A 89 -0.59 -7.74 -6.79
N SER A 90 0.14 -8.80 -7.01
CA SER A 90 1.62 -8.72 -6.82
C SER A 90 2.34 -9.77 -7.67
N LYS A 91 3.56 -9.50 -8.04
CA LYS A 91 4.34 -10.48 -8.86
C LYS A 91 5.19 -11.37 -7.96
N GLY A 92 5.87 -10.78 -7.00
CA GLY A 92 6.71 -11.57 -6.08
C GLY A 92 6.67 -10.91 -4.70
N LEU A 93 5.71 -10.04 -4.51
CA LEU A 93 5.58 -9.34 -3.20
C LEU A 93 5.77 -10.33 -2.05
N ASP A 94 6.95 -10.37 -1.49
CA ASP A 94 7.23 -11.31 -0.35
C ASP A 94 7.39 -10.52 0.95
N THR A 95 6.33 -10.35 1.69
CA THR A 95 6.44 -9.56 2.96
C THR A 95 6.17 -10.41 4.19
N ARG A 96 6.32 -9.81 5.35
CA ARG A 96 6.05 -10.54 6.62
C ARG A 96 4.54 -10.72 6.78
N TYR A 97 3.78 -10.16 5.87
CA TYR A 97 2.31 -10.26 5.97
C TYR A 97 1.84 -11.66 5.54
N SER A 98 2.66 -12.37 4.79
CA SER A 98 2.30 -13.76 4.30
C SER A 98 1.58 -13.69 2.96
N ASN A 99 1.78 -12.63 2.21
CA ASN A 99 1.08 -12.51 0.90
C ASN A 99 -0.40 -12.83 1.07
N ILE A 100 -1.22 -11.84 1.25
CA ILE A 100 -2.68 -12.12 1.44
C ILE A 100 -3.57 -11.00 0.89
N PRO A 101 -3.38 -9.78 1.35
CA PRO A 101 -4.24 -8.67 0.87
C PRO A 101 -3.75 -8.12 -0.47
N LEU A 102 -3.36 -8.98 -1.38
CA LEU A 102 -2.89 -8.48 -2.69
C LEU A 102 -4.09 -8.31 -3.62
N LEU A 103 -4.20 -7.19 -4.29
CA LEU A 103 -5.39 -7.02 -5.20
C LEU A 103 -5.31 -5.73 -6.00
N THR A 104 -6.42 -5.24 -6.49
CA THR A 104 -6.40 -3.97 -7.28
C THR A 104 -7.30 -2.93 -6.60
N LYS A 105 -8.59 -3.00 -6.85
CA LYS A 105 -9.53 -2.03 -6.24
C LYS A 105 -10.95 -2.59 -6.24
N PRO A 106 -11.07 -3.83 -5.83
CA PRO A 106 -12.40 -4.47 -5.77
C PRO A 106 -13.17 -3.90 -4.57
N PHE A 107 -12.53 -3.09 -3.78
CA PHE A 107 -13.21 -2.49 -2.61
C PHE A 107 -13.94 -3.58 -1.83
N LEU A 108 -14.68 -3.21 -0.82
CA LEU A 108 -15.39 -4.23 0.03
C LEU A 108 -14.36 -5.11 0.77
N ASP A 109 -13.43 -5.69 0.06
CA ASP A 109 -12.40 -6.54 0.71
C ASP A 109 -11.00 -6.01 0.32
N SER A 110 -10.94 -4.88 -0.33
CA SER A 110 -9.64 -4.31 -0.76
C SER A 110 -8.88 -3.69 0.44
N GLU A 111 -8.76 -2.38 0.49
CA GLU A 111 -8.02 -1.72 1.60
C GLU A 111 -8.18 -2.47 2.93
N LEU A 112 -9.31 -3.06 3.16
CA LEU A 112 -9.51 -3.80 4.44
C LEU A 112 -8.42 -4.87 4.59
N GLU A 113 -8.46 -5.89 3.78
CA GLU A 113 -7.41 -6.92 3.88
C GLU A 113 -6.06 -6.24 3.94
N ALA A 114 -5.95 -5.07 3.37
CA ALA A 114 -4.66 -4.34 3.39
C ALA A 114 -4.18 -4.20 4.83
N VAL A 115 -5.09 -3.98 5.74
CA VAL A 115 -4.68 -3.84 7.17
C VAL A 115 -5.08 -5.08 7.97
N LEU A 116 -6.22 -5.64 7.68
CA LEU A 116 -6.68 -6.84 8.42
C LEU A 116 -5.64 -7.97 8.37
N VAL A 117 -5.04 -8.18 7.22
CA VAL A 117 -4.03 -9.27 7.07
C VAL A 117 -3.18 -9.44 8.33
N GLN A 118 -3.00 -8.41 9.11
CA GLN A 118 -2.14 -8.54 10.32
C GLN A 118 -2.53 -9.77 11.16
N ILE A 119 -3.75 -10.25 11.08
CA ILE A 119 -4.10 -11.46 11.89
C ILE A 119 -3.36 -12.69 11.34
N SER A 120 -2.67 -12.52 10.23
CA SER A 120 -1.90 -13.65 9.65
C SER A 120 -0.49 -13.17 9.34
N LYS A 121 0.51 -13.83 9.85
CA LYS A 121 1.89 -13.36 9.59
C LYS A 121 2.91 -14.45 9.94
N GLU A 122 2.66 -15.15 11.01
CA GLU A 122 3.59 -16.23 11.42
C GLU A 122 2.78 -17.49 11.79
N VAL A 123 1.63 -17.31 12.36
CA VAL A 123 0.79 -18.47 12.74
C VAL A 123 -0.70 -18.13 12.59
CA CA B . -4.40 3.53 -11.37
BE BEF C . -4.21 2.32 -8.79
F1 BEF C . -5.04 3.21 -7.96
F2 BEF C . -5.96 1.96 -9.01
F3 BEF C . -4.48 2.50 -10.12
N GLY A 1 -2.70 6.26 26.69
CA GLY A 1 -3.68 6.11 27.81
C GLY A 1 -4.51 7.40 27.94
N SER A 2 -4.26 8.16 28.96
CA SER A 2 -5.02 9.43 29.14
C SER A 2 -4.68 10.42 28.03
N HIS A 3 -3.55 10.25 27.39
CA HIS A 3 -3.16 11.19 26.30
C HIS A 3 -1.83 10.76 25.68
N MET A 4 -1.78 10.57 24.40
CA MET A 4 -0.51 10.14 23.74
C MET A 4 -0.65 10.25 22.21
N THR A 5 0.35 9.83 21.48
CA THR A 5 0.26 9.92 19.99
C THR A 5 0.57 8.56 19.36
N GLU A 6 0.21 8.38 18.11
CA GLU A 6 0.47 7.09 17.43
C GLU A 6 0.47 7.31 15.91
N ARG A 7 0.84 8.48 15.47
CA ARG A 7 0.85 8.78 14.01
C ARG A 7 2.11 8.21 13.36
N ARG A 8 2.88 7.45 14.09
CA ARG A 8 4.13 6.89 13.50
C ARG A 8 3.82 6.00 12.30
N LEU A 9 2.58 5.65 12.08
CA LEU A 9 2.24 4.78 10.92
C LEU A 9 2.32 5.56 9.59
N ARG A 10 2.45 4.88 8.48
CA ARG A 10 2.57 5.57 7.16
C ARG A 10 2.03 4.69 6.03
N VAL A 11 1.40 5.27 5.04
CA VAL A 11 0.86 4.44 3.91
C VAL A 11 0.97 5.20 2.59
N LEU A 12 1.93 4.88 1.77
CA LEU A 12 2.07 5.60 0.48
C LEU A 12 1.37 4.85 -0.66
N VAL A 13 0.10 5.07 -0.80
CA VAL A 13 -0.67 4.40 -1.89
C VAL A 13 -0.66 5.31 -3.11
N VAL A 14 -0.77 4.75 -4.28
CA VAL A 14 -0.71 5.60 -5.49
C VAL A 14 -1.42 4.98 -6.69
N GLU A 15 -2.00 5.81 -7.50
CA GLU A 15 -2.72 5.37 -8.72
C GLU A 15 -3.20 6.64 -9.46
N ASP A 16 -3.65 6.53 -10.66
CA ASP A 16 -4.08 7.76 -11.39
C ASP A 16 -5.50 8.20 -11.01
N GLU A 17 -5.71 8.67 -9.82
CA GLU A 17 -7.08 9.13 -9.44
C GLU A 17 -7.14 9.53 -7.97
N SER A 18 -7.55 10.75 -7.70
CA SER A 18 -7.64 11.22 -6.29
C SER A 18 -8.47 10.25 -5.44
N MET A 19 -9.38 9.54 -6.05
CA MET A 19 -10.21 8.58 -5.27
C MET A 19 -9.31 7.79 -4.32
N ILE A 20 -8.06 7.65 -4.67
CA ILE A 20 -7.12 6.91 -3.79
C ILE A 20 -6.75 7.77 -2.58
N ALA A 21 -6.74 9.07 -2.74
CA ALA A 21 -6.41 9.96 -1.60
C ALA A 21 -7.37 9.70 -0.44
N MET A 22 -8.65 9.90 -0.65
CA MET A 22 -9.62 9.65 0.45
C MET A 22 -9.60 8.18 0.83
N LEU A 23 -9.27 7.34 -0.10
CA LEU A 23 -9.20 5.89 0.20
C LEU A 23 -8.00 5.63 1.13
N ILE A 24 -7.23 6.65 1.42
CA ILE A 24 -6.05 6.48 2.31
C ILE A 24 -6.35 7.01 3.72
N GLU A 25 -7.12 8.07 3.81
CA GLU A 25 -7.43 8.63 5.15
C GLU A 25 -8.47 7.76 5.85
N ASP A 26 -9.32 7.10 5.12
CA ASP A 26 -10.32 6.23 5.77
C ASP A 26 -9.58 5.05 6.41
N THR A 27 -8.56 4.58 5.75
CA THR A 27 -7.77 3.46 6.31
C THR A 27 -7.02 3.95 7.55
N LEU A 28 -6.36 5.07 7.43
CA LEU A 28 -5.61 5.62 8.59
C LEU A 28 -6.58 5.81 9.76
N CYS A 29 -7.86 5.84 9.47
CA CYS A 29 -8.85 6.00 10.56
C CYS A 29 -8.78 4.78 11.49
N GLU A 30 -8.29 3.68 10.97
CA GLU A 30 -8.17 2.46 11.80
C GLU A 30 -6.78 2.37 12.43
N LEU A 31 -5.75 2.47 11.63
CA LEU A 31 -4.37 2.38 12.17
C LEU A 31 -3.89 3.75 12.65
N GLY A 32 -4.38 4.79 12.05
CA GLY A 32 -3.93 6.15 12.43
C GLY A 32 -2.81 6.56 11.46
N HIS A 33 -2.74 5.87 10.35
CA HIS A 33 -1.68 6.16 9.34
C HIS A 33 -1.53 7.66 9.11
N GLU A 34 -0.34 8.15 9.21
CA GLU A 34 -0.11 9.60 8.97
C GLU A 34 -0.50 9.93 7.53
N VAL A 35 0.15 10.89 6.93
CA VAL A 35 -0.17 11.23 5.52
C VAL A 35 1.01 10.85 4.63
N ALA A 36 0.89 9.79 3.89
CA ALA A 36 2.03 9.35 3.04
C ALA A 36 1.87 9.79 1.58
N ALA A 37 1.26 8.98 0.76
CA ALA A 37 1.10 9.35 -0.66
C ALA A 37 -0.16 8.74 -1.27
N THR A 38 -0.80 9.48 -2.13
CA THR A 38 -2.03 8.98 -2.81
C THR A 38 -2.03 9.52 -4.25
N ALA A 39 -2.57 8.75 -5.16
CA ALA A 39 -2.56 9.16 -6.59
C ALA A 39 -1.20 8.80 -7.15
N SER A 40 -1.04 8.73 -8.43
CA SER A 40 0.29 8.32 -8.94
C SER A 40 1.18 9.51 -9.27
N ARG A 41 2.34 9.53 -8.66
CA ARG A 41 3.31 10.61 -8.90
C ARG A 41 4.71 10.00 -8.90
N MET A 42 5.38 10.01 -10.03
CA MET A 42 6.73 9.41 -10.08
C MET A 42 7.60 9.89 -8.92
N GLN A 43 7.33 11.08 -8.42
CA GLN A 43 8.12 11.60 -7.28
C GLN A 43 7.61 10.99 -5.97
N GLU A 44 6.32 10.98 -5.77
CA GLU A 44 5.75 10.41 -4.52
C GLU A 44 5.97 8.90 -4.47
N ALA A 45 5.70 8.20 -5.54
CA ALA A 45 5.90 6.72 -5.54
C ALA A 45 7.34 6.40 -5.13
N LEU A 46 8.30 6.93 -5.85
CA LEU A 46 9.73 6.68 -5.51
C LEU A 46 9.92 6.76 -4.01
N ASP A 47 9.23 7.65 -3.38
CA ASP A 47 9.37 7.80 -1.90
C ASP A 47 8.94 6.51 -1.19
N ILE A 48 7.80 5.97 -1.55
CA ILE A 48 7.35 4.71 -0.89
C ILE A 48 8.43 3.65 -1.06
N ALA A 49 9.25 3.79 -2.06
CA ALA A 49 10.35 2.82 -2.28
C ALA A 49 11.62 3.29 -1.57
N ARG A 50 12.13 4.43 -1.98
CA ARG A 50 13.38 4.97 -1.35
C ARG A 50 13.18 5.13 0.16
N LYS A 51 11.97 5.34 0.59
CA LYS A 51 11.73 5.50 2.05
C LYS A 51 12.29 4.31 2.80
N GLY A 52 12.19 3.13 2.23
CA GLY A 52 12.72 1.92 2.90
C GLY A 52 11.92 1.63 4.16
N GLN A 53 11.97 2.52 5.12
CA GLN A 53 11.22 2.28 6.38
C GLN A 53 9.71 2.55 6.21
N PHE A 54 9.25 2.77 5.00
CA PHE A 54 7.79 3.04 4.83
C PHE A 54 7.00 1.76 5.13
N ASP A 55 5.78 1.90 5.54
CA ASP A 55 4.98 0.70 5.87
C ASP A 55 4.28 0.14 4.62
N ILE A 56 3.35 0.84 4.04
CA ILE A 56 2.65 0.25 2.84
C ILE A 56 2.80 1.10 1.57
N ALA A 57 2.74 0.47 0.41
CA ALA A 57 2.88 1.23 -0.88
C ALA A 57 1.98 0.60 -1.94
N ILE A 58 1.21 1.37 -2.66
CA ILE A 58 0.33 0.75 -3.68
C ILE A 58 0.26 1.53 -4.99
N ILE A 59 1.05 1.14 -5.95
CA ILE A 59 0.99 1.81 -7.29
C ILE A 59 0.01 1.00 -8.14
N ASP A 60 -1.20 0.85 -7.66
CA ASP A 60 -2.20 0.02 -8.38
C ASP A 60 -2.49 0.50 -9.79
N VAL A 61 -3.43 -0.16 -10.42
CA VAL A 61 -3.85 0.19 -11.80
C VAL A 61 -2.63 0.41 -12.69
N ASN A 62 -2.36 -0.52 -13.53
CA ASN A 62 -1.21 -0.40 -14.45
C ASN A 62 -1.67 -0.77 -15.85
N LEU A 63 -2.76 -0.20 -16.26
CA LEU A 63 -3.32 -0.46 -17.61
C LEU A 63 -3.82 0.85 -18.20
N ASP A 64 -4.27 0.85 -19.42
CA ASP A 64 -4.75 2.13 -20.01
C ASP A 64 -3.70 3.22 -19.79
N GLY A 65 -2.45 2.84 -19.73
CA GLY A 65 -1.36 3.84 -19.51
C GLY A 65 -0.33 3.27 -18.54
N GLU A 66 -0.59 2.12 -17.99
CA GLU A 66 0.38 1.49 -17.03
C GLU A 66 1.07 2.54 -16.16
N PRO A 67 0.28 3.27 -15.41
CA PRO A 67 0.81 4.30 -14.51
C PRO A 67 1.40 3.67 -13.24
N SER A 68 2.22 2.66 -13.38
CA SER A 68 2.80 2.00 -12.17
C SER A 68 4.34 2.03 -12.23
N TYR A 69 4.88 2.42 -13.36
CA TYR A 69 6.36 2.49 -13.55
C TYR A 69 7.03 1.17 -13.13
N PRO A 70 8.14 0.91 -13.75
CA PRO A 70 8.88 -0.32 -13.45
C PRO A 70 9.40 -0.27 -12.02
N VAL A 71 9.28 0.86 -11.36
CA VAL A 71 9.76 0.91 -9.95
C VAL A 71 8.75 0.19 -9.06
N ALA A 72 7.47 0.41 -9.25
CA ALA A 72 6.49 -0.34 -8.45
C ALA A 72 6.86 -1.80 -8.62
N ASP A 73 7.05 -2.18 -9.85
CA ASP A 73 7.45 -3.56 -10.14
C ASP A 73 8.77 -3.85 -9.40
N ILE A 74 9.76 -3.03 -9.63
CA ILE A 74 11.05 -3.23 -8.91
C ILE A 74 10.73 -3.45 -7.44
N LEU A 75 9.92 -2.59 -6.91
CA LEU A 75 9.52 -2.72 -5.49
C LEU A 75 8.98 -4.13 -5.25
N ALA A 76 8.39 -4.73 -6.25
CA ALA A 76 7.86 -6.12 -6.08
C ALA A 76 8.99 -7.14 -5.96
N GLU A 77 10.09 -6.92 -6.64
CA GLU A 77 11.21 -7.90 -6.55
C GLU A 77 11.97 -7.70 -5.23
N ARG A 78 11.80 -6.58 -4.61
CA ARG A 78 12.48 -6.31 -3.32
C ARG A 78 11.57 -5.46 -2.44
N ASN A 79 10.30 -5.77 -2.43
CA ASN A 79 9.35 -4.98 -1.62
C ASN A 79 9.59 -5.17 -0.13
N VAL A 80 9.60 -4.08 0.56
CA VAL A 80 9.82 -4.09 2.03
C VAL A 80 8.48 -4.42 2.71
N PRO A 81 8.37 -4.32 4.02
CA PRO A 81 7.06 -4.64 4.64
C PRO A 81 6.04 -3.66 4.08
N PHE A 82 4.94 -4.15 3.57
CA PHE A 82 3.95 -3.27 2.92
C PHE A 82 2.79 -4.07 2.32
N ILE A 83 2.23 -3.56 1.28
CA ILE A 83 1.11 -4.23 0.57
C ILE A 83 1.03 -3.65 -0.84
N PHE A 84 0.43 -4.35 -1.77
CA PHE A 84 0.33 -3.81 -3.16
C PHE A 84 -0.86 -4.44 -3.90
N ALA A 85 -1.36 -3.75 -4.87
CA ALA A 85 -2.49 -4.30 -5.65
C ALA A 85 -2.68 -3.48 -6.93
N THR A 86 -2.79 -4.12 -8.06
CA THR A 86 -2.95 -3.37 -9.32
C THR A 86 -3.79 -4.17 -10.32
N GLY A 87 -3.96 -3.66 -11.50
CA GLY A 87 -4.78 -4.38 -12.51
C GLY A 87 -4.54 -5.90 -12.44
N TYR A 88 -3.31 -6.33 -12.32
CA TYR A 88 -3.07 -7.81 -12.27
C TYR A 88 -3.12 -8.36 -10.84
N GLY A 89 -2.46 -7.75 -9.90
CA GLY A 89 -2.49 -8.28 -8.51
C GLY A 89 -1.09 -8.70 -8.09
N SER A 90 -0.21 -7.75 -7.91
CA SER A 90 1.19 -8.08 -7.50
C SER A 90 1.70 -9.31 -8.27
N LYS A 91 2.80 -9.87 -7.84
CA LYS A 91 3.35 -11.06 -8.52
C LYS A 91 3.95 -12.01 -7.49
N GLY A 92 3.55 -11.89 -6.25
CA GLY A 92 4.10 -12.77 -5.19
C GLY A 92 5.05 -11.96 -4.31
N LEU A 93 4.86 -10.68 -4.25
CA LEU A 93 5.74 -9.82 -3.41
C LEU A 93 6.11 -10.53 -2.11
N ASP A 94 7.26 -10.26 -1.57
CA ASP A 94 7.66 -10.92 -0.29
C ASP A 94 7.72 -9.89 0.85
N THR A 95 7.28 -10.26 2.02
CA THR A 95 7.33 -9.30 3.16
C THR A 95 6.66 -9.89 4.41
N ARG A 96 6.57 -9.12 5.46
CA ARG A 96 5.95 -9.62 6.73
C ARG A 96 4.42 -9.77 6.61
N TYR A 97 3.87 -9.66 5.43
CA TYR A 97 2.39 -9.80 5.31
C TYR A 97 2.02 -11.22 4.89
N SER A 98 2.98 -12.12 4.89
CA SER A 98 2.69 -13.53 4.52
C SER A 98 2.14 -13.61 3.09
N ASN A 99 2.23 -12.54 2.34
CA ASN A 99 1.73 -12.59 0.93
C ASN A 99 0.35 -13.25 0.87
N ILE A 100 -0.70 -12.47 0.82
CA ILE A 100 -2.06 -13.09 0.77
C ILE A 100 -3.15 -12.12 0.26
N PRO A 101 -3.20 -10.92 0.80
CA PRO A 101 -4.25 -9.96 0.39
C PRO A 101 -3.80 -9.07 -0.77
N LEU A 102 -3.07 -9.58 -1.71
CA LEU A 102 -2.64 -8.71 -2.84
C LEU A 102 -3.53 -8.92 -4.06
N LEU A 103 -3.78 -7.88 -4.83
CA LEU A 103 -4.65 -8.03 -6.04
C LEU A 103 -4.85 -6.68 -6.74
N THR A 104 -6.06 -6.33 -7.08
CA THR A 104 -6.27 -5.01 -7.76
C THR A 104 -7.13 -4.10 -6.86
N LYS A 105 -8.26 -3.65 -7.34
CA LYS A 105 -9.10 -2.75 -6.48
C LYS A 105 -10.58 -3.10 -6.62
N PRO A 106 -10.90 -4.31 -6.29
CA PRO A 106 -12.29 -4.77 -6.34
C PRO A 106 -12.96 -4.43 -5.00
N PHE A 107 -12.17 -4.07 -4.02
CA PHE A 107 -12.72 -3.71 -2.69
C PHE A 107 -13.50 -4.89 -2.10
N LEU A 108 -12.87 -6.02 -2.07
CA LEU A 108 -13.48 -7.25 -1.50
C LEU A 108 -12.35 -8.11 -0.95
N ASP A 109 -11.33 -8.29 -1.74
CA ASP A 109 -10.15 -9.07 -1.30
C ASP A 109 -8.96 -8.13 -1.10
N SER A 110 -9.13 -6.88 -1.47
CA SER A 110 -8.03 -5.88 -1.34
C SER A 110 -7.84 -5.48 0.13
N GLU A 111 -7.81 -4.20 0.42
CA GLU A 111 -7.61 -3.73 1.83
C GLU A 111 -8.31 -4.69 2.81
N LEU A 112 -9.54 -5.03 2.54
CA LEU A 112 -10.27 -5.97 3.45
C LEU A 112 -9.33 -7.11 3.82
N GLU A 113 -8.99 -7.94 2.87
CA GLU A 113 -8.06 -9.05 3.16
C GLU A 113 -6.72 -8.48 3.60
N ALA A 114 -6.39 -7.33 3.09
CA ALA A 114 -5.09 -6.72 3.47
C ALA A 114 -5.04 -6.51 4.98
N VAL A 115 -6.16 -6.20 5.57
CA VAL A 115 -6.17 -5.97 7.05
C VAL A 115 -6.88 -7.12 7.78
N LEU A 116 -7.71 -7.86 7.10
CA LEU A 116 -8.43 -8.97 7.80
C LEU A 116 -7.67 -10.30 7.72
N VAL A 117 -6.63 -10.37 6.93
CA VAL A 117 -5.87 -11.66 6.84
C VAL A 117 -4.65 -11.63 7.76
N GLN A 118 -4.33 -10.50 8.33
CA GLN A 118 -3.15 -10.43 9.23
C GLN A 118 -3.50 -9.70 10.53
N ILE A 119 -4.48 -10.20 11.25
CA ILE A 119 -4.86 -9.54 12.54
C ILE A 119 -4.37 -10.40 13.71
N SER A 120 -4.17 -11.67 13.46
CA SER A 120 -3.67 -12.59 14.53
C SER A 120 -2.25 -13.03 14.18
N LYS A 121 -2.13 -14.09 13.43
CA LYS A 121 -0.79 -14.59 13.02
C LYS A 121 0.15 -14.70 14.22
N GLU A 122 0.41 -15.90 14.67
CA GLU A 122 1.33 -16.10 15.83
C GLU A 122 1.06 -15.02 16.87
N VAL A 123 -0.20 -14.71 17.05
CA VAL A 123 -0.64 -13.65 18.02
C VAL A 123 0.52 -13.18 18.91
CA CA B . -6.88 4.92 -11.16
BE BEF C . -5.91 2.62 -8.73
F1 BEF C . -7.28 3.59 -9.48
F2 BEF C . -5.60 3.25 -10.09
F3 BEF C . -6.24 3.63 -7.86
N GLY A 1 -1.33 18.50 14.54
CA GLY A 1 -0.45 17.71 15.46
C GLY A 1 -0.40 18.40 16.83
N SER A 2 -0.51 17.65 17.89
CA SER A 2 -0.45 18.27 19.25
C SER A 2 -0.13 17.19 20.29
N HIS A 3 -0.65 16.01 20.13
CA HIS A 3 -0.39 14.93 21.12
C HIS A 3 0.73 14.01 20.60
N MET A 4 1.92 14.55 20.43
CA MET A 4 3.07 13.73 19.93
C MET A 4 2.60 12.65 18.94
N THR A 5 3.34 11.59 18.82
CA THR A 5 2.94 10.50 17.88
C THR A 5 2.98 9.15 18.59
N GLU A 6 2.27 8.18 18.09
CA GLU A 6 2.25 6.84 18.73
C GLU A 6 1.69 5.82 17.75
N ARG A 7 2.00 5.97 16.49
CA ARG A 7 1.47 5.01 15.47
C ARG A 7 2.36 5.06 14.22
N ARG A 8 3.63 4.85 14.38
CA ARG A 8 4.56 4.89 13.21
C ARG A 8 4.04 4.01 12.06
N LEU A 9 3.16 3.09 12.36
CA LEU A 9 2.63 2.21 11.27
C LEU A 9 1.95 3.06 10.20
N ARG A 10 2.24 2.83 8.95
CA ARG A 10 1.60 3.66 7.89
C ARG A 10 1.62 2.94 6.54
N VAL A 11 0.97 3.53 5.56
CA VAL A 11 0.92 2.89 4.21
C VAL A 11 0.85 3.94 3.10
N LEU A 12 1.83 4.01 2.25
CA LEU A 12 1.76 4.99 1.14
C LEU A 12 1.11 4.30 -0.07
N VAL A 13 -0.11 4.64 -0.36
CA VAL A 13 -0.81 4.00 -1.51
C VAL A 13 -1.00 5.04 -2.60
N VAL A 14 -0.72 4.70 -3.82
CA VAL A 14 -0.86 5.71 -4.89
C VAL A 14 -1.39 5.09 -6.19
N GLU A 15 -2.30 5.77 -6.82
CA GLU A 15 -2.88 5.30 -8.11
C GLU A 15 -3.38 6.51 -8.89
N ASP A 16 -3.41 6.42 -10.19
CA ASP A 16 -3.86 7.57 -11.02
C ASP A 16 -5.21 8.16 -10.56
N GLU A 17 -5.95 7.46 -9.74
CA GLU A 17 -7.28 8.00 -9.32
C GLU A 17 -7.20 8.71 -7.97
N SER A 18 -8.13 9.58 -7.71
CA SER A 18 -8.15 10.31 -6.41
C SER A 18 -9.03 9.54 -5.42
N MET A 19 -9.74 8.56 -5.89
CA MET A 19 -10.60 7.78 -4.98
C MET A 19 -9.73 7.19 -3.86
N ILE A 20 -8.47 6.98 -4.13
CA ILE A 20 -7.56 6.42 -3.09
C ILE A 20 -7.18 7.51 -2.10
N ALA A 21 -7.24 8.74 -2.54
CA ALA A 21 -6.89 9.88 -1.64
C ALA A 21 -7.78 9.88 -0.40
N MET A 22 -9.04 10.19 -0.55
CA MET A 22 -9.95 10.19 0.63
C MET A 22 -10.17 8.76 1.11
N LEU A 23 -9.97 7.81 0.26
CA LEU A 23 -10.13 6.38 0.66
C LEU A 23 -9.05 6.01 1.67
N ILE A 24 -8.11 6.89 1.89
CA ILE A 24 -7.03 6.59 2.87
C ILE A 24 -7.31 7.35 4.18
N GLU A 25 -7.63 8.61 4.08
CA GLU A 25 -7.92 9.39 5.32
C GLU A 25 -8.99 8.67 6.15
N ASP A 26 -9.86 7.96 5.50
CA ASP A 26 -10.93 7.22 6.24
C ASP A 26 -10.38 5.92 6.81
N THR A 27 -9.53 5.24 6.06
CA THR A 27 -8.96 3.97 6.56
C THR A 27 -8.11 4.24 7.80
N LEU A 28 -7.15 5.11 7.69
CA LEU A 28 -6.30 5.43 8.87
C LEU A 28 -7.20 5.90 10.02
N CYS A 29 -8.28 6.55 9.71
CA CYS A 29 -9.20 7.01 10.79
C CYS A 29 -9.51 5.84 11.72
N GLU A 30 -9.61 4.67 11.17
CA GLU A 30 -9.91 3.47 12.00
C GLU A 30 -8.61 2.84 12.51
N LEU A 31 -7.56 2.89 11.72
CA LEU A 31 -6.27 2.29 12.17
C LEU A 31 -5.52 3.24 13.09
N GLY A 32 -5.56 4.52 12.81
CA GLY A 32 -4.82 5.49 13.65
C GLY A 32 -3.38 5.54 13.13
N HIS A 33 -3.25 5.57 11.85
CA HIS A 33 -1.90 5.59 11.21
C HIS A 33 -1.35 7.02 11.14
N GLU A 34 -0.16 7.20 10.62
CA GLU A 34 0.42 8.58 10.55
C GLU A 34 -0.02 9.31 9.27
N VAL A 35 0.63 9.06 8.16
CA VAL A 35 0.25 9.74 6.89
C VAL A 35 0.54 8.83 5.70
N ALA A 36 -0.46 8.41 4.99
CA ALA A 36 -0.25 7.50 3.83
C ALA A 36 0.02 8.30 2.56
N ALA A 37 -0.13 7.68 1.41
CA ALA A 37 0.10 8.40 0.13
C ALA A 37 -1.20 8.38 -0.69
N THR A 38 -1.41 9.38 -1.51
CA THR A 38 -2.67 9.45 -2.31
C THR A 38 -2.40 9.61 -3.81
N ALA A 39 -3.32 9.12 -4.62
CA ALA A 39 -3.16 9.20 -6.11
C ALA A 39 -1.78 8.70 -6.49
N SER A 40 -1.53 8.46 -7.75
CA SER A 40 -0.17 7.97 -8.13
C SER A 40 0.77 9.17 -8.23
N ARG A 41 1.88 9.14 -7.55
CA ARG A 41 2.83 10.29 -7.60
C ARG A 41 4.27 9.81 -7.51
N MET A 42 5.05 10.05 -8.53
CA MET A 42 6.48 9.62 -8.49
C MET A 42 7.16 10.22 -7.26
N GLN A 43 6.74 11.38 -6.83
CA GLN A 43 7.37 12.01 -5.63
C GLN A 43 7.02 11.20 -4.38
N GLU A 44 5.77 11.17 -4.00
CA GLU A 44 5.37 10.39 -2.81
C GLU A 44 5.73 8.92 -3.00
N ALA A 45 5.38 8.37 -4.14
CA ALA A 45 5.71 6.93 -4.39
C ALA A 45 7.17 6.67 -4.05
N LEU A 46 8.08 7.38 -4.68
CA LEU A 46 9.51 7.18 -4.39
C LEU A 46 9.71 7.14 -2.87
N ASP A 47 9.09 8.05 -2.18
CA ASP A 47 9.22 8.10 -0.70
C ASP A 47 8.83 6.75 -0.08
N ILE A 48 7.83 6.11 -0.61
CA ILE A 48 7.40 4.81 -0.02
C ILE A 48 8.53 3.78 -0.21
N ALA A 49 9.19 3.77 -1.32
CA ALA A 49 10.29 2.79 -1.49
C ALA A 49 11.55 3.28 -0.76
N ARG A 50 11.79 4.55 -0.76
CA ARG A 50 13.00 5.09 -0.06
C ARG A 50 12.76 5.20 1.44
N LYS A 51 11.52 5.32 1.85
CA LYS A 51 11.23 5.45 3.31
C LYS A 51 11.84 4.27 4.09
N GLY A 52 11.63 3.07 3.63
CA GLY A 52 12.19 1.89 4.35
C GLY A 52 11.26 1.49 5.49
N GLN A 53 10.74 2.44 6.23
CA GLN A 53 9.82 2.09 7.35
C GLN A 53 8.39 2.55 7.05
N PHE A 54 8.03 2.67 5.80
CA PHE A 54 6.64 3.10 5.45
C PHE A 54 5.65 1.95 5.65
N ASP A 55 6.12 0.84 6.13
CA ASP A 55 5.21 -0.32 6.37
C ASP A 55 4.67 -0.90 5.05
N ILE A 56 3.87 -0.14 4.32
CA ILE A 56 3.28 -0.69 3.05
C ILE A 56 3.31 0.31 1.89
N ALA A 57 3.14 -0.16 0.66
CA ALA A 57 3.15 0.77 -0.52
C ALA A 57 2.36 0.13 -1.67
N ILE A 58 1.45 0.84 -2.30
CA ILE A 58 0.70 0.21 -3.41
C ILE A 58 0.49 1.13 -4.62
N ILE A 59 1.37 1.05 -5.57
CA ILE A 59 1.19 1.85 -6.82
C ILE A 59 0.27 1.04 -7.73
N ASP A 60 -0.97 0.92 -7.32
CA ASP A 60 -1.96 0.11 -8.09
C ASP A 60 -2.02 0.54 -9.55
N VAL A 61 -2.77 -0.17 -10.34
CA VAL A 61 -2.89 0.18 -11.78
C VAL A 61 -1.54 0.00 -12.48
N ASN A 62 -1.39 -1.10 -13.18
CA ASN A 62 -0.12 -1.36 -13.90
C ASN A 62 -0.44 -1.65 -15.36
N LEU A 63 -1.56 -1.14 -15.80
CA LEU A 63 -1.99 -1.34 -17.22
C LEU A 63 -2.58 -0.02 -17.71
N ASP A 64 -3.22 -0.02 -18.86
CA ASP A 64 -3.79 1.27 -19.35
C ASP A 64 -2.74 2.37 -19.19
N GLY A 65 -1.50 2.01 -19.20
CA GLY A 65 -0.42 3.02 -19.03
C GLY A 65 0.64 2.47 -18.09
N GLU A 66 0.27 1.51 -17.28
CA GLU A 66 1.25 0.93 -16.32
C GLU A 66 2.05 2.04 -15.64
N PRO A 67 1.32 2.97 -15.07
CA PRO A 67 1.96 4.11 -14.37
C PRO A 67 2.51 3.65 -13.02
N SER A 68 3.46 2.75 -13.02
CA SER A 68 4.03 2.27 -11.73
C SER A 68 5.52 2.62 -11.65
N TYR A 69 6.04 3.25 -12.66
CA TYR A 69 7.48 3.65 -12.69
C TYR A 69 8.37 2.48 -12.24
N PRO A 70 9.65 2.70 -12.37
CA PRO A 70 10.63 1.67 -11.99
C PRO A 70 10.66 1.48 -10.47
N VAL A 71 9.96 2.31 -9.74
CA VAL A 71 9.96 2.12 -8.26
C VAL A 71 9.03 0.97 -7.90
N ALA A 72 7.75 1.14 -8.12
CA ALA A 72 6.81 0.04 -7.81
C ALA A 72 7.36 -1.27 -8.35
N ASP A 73 7.66 -1.31 -9.62
CA ASP A 73 8.22 -2.55 -10.20
C ASP A 73 9.41 -3.01 -9.36
N ILE A 74 10.37 -2.13 -9.17
CA ILE A 74 11.55 -2.51 -8.34
C ILE A 74 11.07 -2.92 -6.95
N LEU A 75 10.23 -2.13 -6.35
CA LEU A 75 9.71 -2.49 -5.01
C LEU A 75 9.06 -3.86 -5.10
N ALA A 76 8.69 -4.26 -6.29
CA ALA A 76 8.07 -5.59 -6.49
C ALA A 76 9.14 -6.60 -6.89
N GLU A 77 10.18 -6.15 -7.55
CA GLU A 77 11.26 -7.08 -7.96
C GLU A 77 12.09 -7.47 -6.73
N ARG A 78 12.09 -6.64 -5.72
CA ARG A 78 12.85 -6.95 -4.49
C ARG A 78 11.88 -7.18 -3.33
N ASN A 79 10.76 -6.51 -3.37
CA ASN A 79 9.72 -6.67 -2.32
C ASN A 79 10.27 -6.50 -0.90
N VAL A 80 9.60 -5.71 -0.11
CA VAL A 80 10.02 -5.46 1.30
C VAL A 80 8.76 -5.62 2.18
N PRO A 81 8.85 -5.40 3.48
CA PRO A 81 7.62 -5.53 4.31
C PRO A 81 6.61 -4.51 3.80
N PHE A 82 5.47 -4.96 3.35
CA PHE A 82 4.47 -4.02 2.77
C PHE A 82 3.29 -4.78 2.16
N ILE A 83 2.74 -4.21 1.13
CA ILE A 83 1.62 -4.83 0.42
C ILE A 83 1.51 -4.13 -0.93
N PHE A 84 1.03 -4.80 -1.93
CA PHE A 84 0.93 -4.15 -3.27
C PHE A 84 -0.15 -4.83 -4.10
N ALA A 85 -0.69 -4.13 -5.04
CA ALA A 85 -1.73 -4.74 -5.90
C ALA A 85 -1.87 -3.93 -7.18
N THR A 86 -1.92 -4.59 -8.31
CA THR A 86 -2.04 -3.83 -9.60
C THR A 86 -2.73 -4.69 -10.65
N GLY A 87 -2.10 -4.90 -11.78
CA GLY A 87 -2.72 -5.74 -12.84
C GLY A 87 -2.20 -7.17 -12.73
N TYR A 88 -0.97 -7.34 -12.26
CA TYR A 88 -0.45 -8.72 -12.14
C TYR A 88 -1.21 -9.47 -11.04
N GLY A 89 -1.87 -8.77 -10.16
CA GLY A 89 -2.63 -9.45 -9.08
C GLY A 89 -1.66 -9.96 -7.98
N SER A 90 -0.38 -10.02 -8.26
CA SER A 90 0.61 -10.50 -7.24
C SER A 90 1.94 -10.86 -7.90
N LYS A 91 1.94 -11.86 -8.75
CA LYS A 91 3.20 -12.31 -9.44
C LYS A 91 4.03 -13.23 -8.51
N GLY A 92 4.04 -12.95 -7.25
CA GLY A 92 4.83 -13.78 -6.30
C GLY A 92 5.54 -12.86 -5.31
N LEU A 93 4.85 -11.85 -4.87
CA LEU A 93 5.46 -10.88 -3.91
C LEU A 93 5.83 -11.59 -2.60
N ASP A 94 6.96 -11.26 -2.03
CA ASP A 94 7.37 -11.90 -0.75
C ASP A 94 7.26 -10.88 0.38
N THR A 95 7.05 -11.32 1.59
CA THR A 95 6.93 -10.35 2.72
C THR A 95 6.64 -11.07 4.03
N ARG A 96 6.95 -10.45 5.13
CA ARG A 96 6.66 -11.07 6.44
C ARG A 96 5.17 -11.34 6.53
N TYR A 97 4.40 -10.70 5.68
CA TYR A 97 2.93 -10.89 5.71
C TYR A 97 2.58 -12.34 5.33
N SER A 98 3.40 -12.95 4.49
CA SER A 98 3.17 -14.36 4.03
C SER A 98 2.30 -14.37 2.76
N ASN A 99 2.23 -13.26 2.08
CA ASN A 99 1.41 -13.19 0.83
C ASN A 99 -0.05 -13.58 1.09
N ILE A 100 -0.92 -12.60 1.23
CA ILE A 100 -2.36 -12.93 1.48
C ILE A 100 -3.31 -11.79 1.04
N PRO A 101 -3.29 -10.68 1.74
CA PRO A 101 -4.21 -9.56 1.42
C PRO A 101 -3.77 -8.82 0.16
N LEU A 102 -2.73 -9.24 -0.49
CA LEU A 102 -2.28 -8.54 -1.72
C LEU A 102 -3.20 -8.90 -2.91
N LEU A 103 -3.28 -8.06 -3.90
CA LEU A 103 -4.18 -8.37 -5.07
C LEU A 103 -4.16 -7.22 -6.07
N THR A 104 -5.31 -6.72 -6.47
CA THR A 104 -5.35 -5.59 -7.43
C THR A 104 -6.13 -4.42 -6.82
N LYS A 105 -7.33 -4.16 -7.26
CA LYS A 105 -8.10 -3.03 -6.67
C LYS A 105 -9.61 -3.18 -6.90
N PRO A 106 -10.12 -4.34 -6.60
CA PRO A 106 -11.57 -4.60 -6.75
C PRO A 106 -12.30 -3.97 -5.55
N PHE A 107 -11.57 -3.63 -4.52
CA PHE A 107 -12.18 -3.01 -3.32
C PHE A 107 -13.25 -3.92 -2.72
N LEU A 108 -14.10 -3.40 -1.88
CA LEU A 108 -15.13 -4.25 -1.23
C LEU A 108 -14.42 -5.22 -0.28
N ASP A 109 -13.15 -4.98 -0.03
CA ASP A 109 -12.35 -5.87 0.86
C ASP A 109 -10.86 -5.62 0.61
N SER A 110 -10.54 -5.12 -0.57
CA SER A 110 -9.12 -4.85 -0.91
C SER A 110 -8.38 -4.15 0.24
N GLU A 111 -8.29 -2.84 0.20
CA GLU A 111 -7.59 -2.09 1.28
C GLU A 111 -7.83 -2.76 2.64
N LEU A 112 -9.06 -3.05 2.94
CA LEU A 112 -9.36 -3.73 4.25
C LEU A 112 -8.40 -4.90 4.43
N GLU A 113 -8.56 -5.93 3.63
CA GLU A 113 -7.68 -7.12 3.73
C GLU A 113 -6.22 -6.69 3.91
N ALA A 114 -5.82 -5.65 3.24
CA ALA A 114 -4.41 -5.20 3.38
C ALA A 114 -4.05 -5.05 4.85
N VAL A 115 -4.96 -4.55 5.65
CA VAL A 115 -4.68 -4.39 7.11
C VAL A 115 -5.45 -5.42 7.93
N LEU A 116 -6.46 -6.01 7.35
CA LEU A 116 -7.29 -7.01 8.10
C LEU A 116 -6.60 -8.38 8.14
N VAL A 117 -5.69 -8.63 7.26
CA VAL A 117 -5.04 -9.97 7.25
C VAL A 117 -3.79 -10.04 8.13
N GLN A 118 -3.22 -8.92 8.51
CA GLN A 118 -1.99 -9.00 9.35
C GLN A 118 -2.25 -8.46 10.77
N ILE A 119 -3.37 -8.80 11.36
CA ILE A 119 -3.67 -8.31 12.74
C ILE A 119 -3.68 -9.50 13.73
N SER A 120 -3.61 -10.69 13.21
CA SER A 120 -3.62 -11.89 14.09
C SER A 120 -3.23 -13.13 13.29
N LYS A 121 -3.89 -13.37 12.18
CA LYS A 121 -3.56 -14.55 11.34
C LYS A 121 -3.72 -15.84 12.15
N GLU A 122 -4.94 -16.13 12.54
CA GLU A 122 -5.25 -17.35 13.33
C GLU A 122 -6.51 -17.09 14.15
N VAL A 123 -6.85 -15.84 14.30
CA VAL A 123 -8.06 -15.48 15.08
C VAL A 123 -8.21 -16.39 16.30
CA CA B . -6.62 4.49 -10.07
BE BEF C . -6.52 1.58 -9.00
F1 BEF C . -7.67 1.70 -8.08
F2 BEF C . -7.92 2.35 -9.80
F3 BEF C . -6.05 2.79 -9.41
N GLY A 1 5.63 10.17 18.62
CA GLY A 1 5.95 11.27 19.56
C GLY A 1 4.91 11.30 20.68
N SER A 2 4.38 10.16 21.04
CA SER A 2 3.36 10.12 22.13
C SER A 2 2.06 10.78 21.66
N HIS A 3 2.10 12.05 21.36
CA HIS A 3 0.87 12.75 20.90
C HIS A 3 0.68 12.57 19.39
N MET A 4 1.73 12.25 18.68
CA MET A 4 1.60 12.07 17.20
C MET A 4 2.64 11.07 16.69
N THR A 5 2.45 10.56 15.50
CA THR A 5 3.42 9.59 14.94
C THR A 5 3.79 10.01 13.52
N GLU A 6 4.89 9.54 13.01
CA GLU A 6 5.30 9.93 11.63
C GLU A 6 5.97 8.75 10.91
N ARG A 7 5.85 7.57 11.46
CA ARG A 7 6.47 6.38 10.78
C ARG A 7 6.18 5.09 11.54
N ARG A 8 5.16 5.04 12.35
CA ARG A 8 4.86 3.79 13.09
C ARG A 8 3.75 3.00 12.38
N LEU A 9 2.76 3.69 11.88
CA LEU A 9 1.64 2.99 11.18
C LEU A 9 1.18 3.80 9.97
N ARG A 10 1.70 3.53 8.80
CA ARG A 10 1.28 4.32 7.60
C ARG A 10 0.98 3.43 6.39
N VAL A 11 0.33 3.98 5.42
CA VAL A 11 0.02 3.20 4.19
C VAL A 11 0.04 4.11 2.98
N LEU A 12 1.15 4.20 2.30
CA LEU A 12 1.21 5.10 1.11
C LEU A 12 0.56 4.43 -0.10
N VAL A 13 -0.73 4.56 -0.23
CA VAL A 13 -1.45 3.97 -1.39
C VAL A 13 -1.32 4.92 -2.57
N VAL A 14 -1.38 4.45 -3.78
CA VAL A 14 -1.17 5.39 -4.90
C VAL A 14 -1.66 4.82 -6.25
N GLU A 15 -2.56 5.55 -6.88
CA GLU A 15 -3.10 5.13 -8.22
C GLU A 15 -3.38 6.40 -9.04
N ASP A 16 -3.60 6.29 -10.30
CA ASP A 16 -3.82 7.54 -11.11
C ASP A 16 -4.96 8.43 -10.55
N GLU A 17 -6.18 7.96 -10.52
CA GLU A 17 -7.29 8.85 -10.05
C GLU A 17 -7.46 8.87 -8.53
N SER A 18 -8.43 9.63 -8.08
CA SER A 18 -8.70 9.77 -6.62
C SER A 18 -9.49 8.58 -6.07
N MET A 19 -9.94 7.69 -6.92
CA MET A 19 -10.70 6.51 -6.42
C MET A 19 -9.94 5.92 -5.23
N ILE A 20 -8.65 6.12 -5.22
CA ILE A 20 -7.81 5.59 -4.11
C ILE A 20 -7.89 6.50 -2.89
N ALA A 21 -8.12 7.77 -3.11
CA ALA A 21 -8.20 8.73 -1.97
C ALA A 21 -9.25 8.28 -0.94
N MET A 22 -10.51 8.42 -1.27
CA MET A 22 -11.57 8.02 -0.30
C MET A 22 -11.31 6.60 0.20
N LEU A 23 -10.68 5.79 -0.59
CA LEU A 23 -10.37 4.39 -0.15
C LEU A 23 -9.27 4.43 0.91
N ILE A 24 -8.76 5.60 1.20
CA ILE A 24 -7.68 5.71 2.22
C ILE A 24 -8.25 6.14 3.58
N GLU A 25 -9.08 7.15 3.57
CA GLU A 25 -9.66 7.63 4.86
C GLU A 25 -10.51 6.52 5.50
N ASP A 26 -11.04 5.63 4.71
CA ASP A 26 -11.87 4.53 5.28
C ASP A 26 -10.98 3.44 5.88
N THR A 27 -9.93 3.05 5.19
CA THR A 27 -9.04 2.01 5.76
C THR A 27 -8.39 2.54 7.04
N LEU A 28 -7.91 3.75 7.01
CA LEU A 28 -7.29 4.34 8.23
C LEU A 28 -8.33 4.35 9.36
N CYS A 29 -9.58 4.46 9.03
CA CYS A 29 -10.63 4.47 10.08
C CYS A 29 -10.45 3.25 10.99
N GLU A 30 -9.91 2.19 10.45
CA GLU A 30 -9.70 0.96 11.26
C GLU A 30 -8.29 0.94 11.84
N LEU A 31 -7.30 1.24 11.04
CA LEU A 31 -5.89 1.25 11.54
C LEU A 31 -5.62 2.47 12.41
N GLY A 32 -6.17 3.59 12.06
CA GLY A 32 -5.89 4.82 12.85
C GLY A 32 -4.56 5.38 12.36
N HIS A 33 -4.20 5.09 11.13
CA HIS A 33 -2.91 5.57 10.57
C HIS A 33 -2.73 7.06 10.89
N GLU A 34 -1.61 7.62 10.52
CA GLU A 34 -1.41 9.08 10.81
C GLU A 34 -1.40 9.91 9.53
N VAL A 35 -1.02 9.33 8.43
CA VAL A 35 -1.00 10.09 7.15
C VAL A 35 -0.72 9.15 5.97
N ALA A 36 -1.76 8.69 5.33
CA ALA A 36 -1.56 7.76 4.19
C ALA A 36 -1.40 8.56 2.89
N ALA A 37 -1.10 7.88 1.81
CA ALA A 37 -0.94 8.60 0.50
C ALA A 37 -1.93 8.01 -0.50
N THR A 38 -2.48 8.83 -1.34
CA THR A 38 -3.43 8.31 -2.35
C THR A 38 -3.19 8.96 -3.72
N ALA A 39 -3.41 8.20 -4.75
CA ALA A 39 -3.19 8.67 -6.15
C ALA A 39 -1.75 8.34 -6.53
N SER A 40 -1.42 8.42 -7.76
CA SER A 40 -0.04 8.04 -8.15
C SER A 40 0.87 9.26 -8.30
N ARG A 41 1.98 9.24 -7.61
CA ARG A 41 2.94 10.37 -7.66
C ARG A 41 4.37 9.83 -7.67
N MET A 42 5.10 10.04 -8.74
CA MET A 42 6.50 9.53 -8.78
C MET A 42 7.31 10.12 -7.62
N GLN A 43 7.01 11.34 -7.24
CA GLN A 43 7.76 11.97 -6.11
C GLN A 43 7.38 11.31 -4.78
N GLU A 44 6.13 11.39 -4.40
CA GLU A 44 5.71 10.76 -3.12
C GLU A 44 5.90 9.24 -3.18
N ALA A 45 5.52 8.63 -4.27
CA ALA A 45 5.70 7.16 -4.38
C ALA A 45 7.12 6.80 -3.96
N LEU A 46 8.06 7.61 -4.33
CA LEU A 46 9.47 7.36 -3.93
C LEU A 46 9.54 7.23 -2.41
N ASP A 47 8.74 8.00 -1.73
CA ASP A 47 8.74 7.95 -0.24
C ASP A 47 8.23 6.58 0.23
N ILE A 48 7.38 5.95 -0.54
CA ILE A 48 6.86 4.61 -0.13
C ILE A 48 7.82 3.52 -0.58
N ALA A 49 8.68 3.78 -1.52
CA ALA A 49 9.60 2.72 -1.99
C ALA A 49 10.95 2.76 -1.26
N ARG A 50 11.73 3.78 -1.51
CA ARG A 50 13.07 3.88 -0.86
C ARG A 50 12.98 3.88 0.66
N LYS A 51 11.87 4.31 1.22
CA LYS A 51 11.75 4.33 2.70
C LYS A 51 12.00 2.95 3.29
N GLY A 52 11.40 1.93 2.74
CA GLY A 52 11.60 0.56 3.29
C GLY A 52 10.72 0.36 4.53
N GLN A 53 10.74 1.29 5.45
CA GLN A 53 9.90 1.15 6.67
C GLN A 53 8.67 2.05 6.58
N PHE A 54 8.07 2.12 5.43
CA PHE A 54 6.85 2.97 5.26
C PHE A 54 5.60 2.13 5.52
N ASP A 55 5.74 1.11 6.32
CA ASP A 55 4.57 0.23 6.66
C ASP A 55 3.99 -0.42 5.39
N ILE A 56 3.30 0.34 4.58
CA ILE A 56 2.70 -0.26 3.34
C ILE A 56 2.70 0.74 2.18
N ALA A 57 2.63 0.26 0.95
CA ALA A 57 2.61 1.19 -0.21
C ALA A 57 1.93 0.53 -1.39
N ILE A 58 0.97 1.17 -1.99
CA ILE A 58 0.29 0.52 -3.14
C ILE A 58 0.32 1.42 -4.39
N ILE A 59 1.30 1.24 -5.24
CA ILE A 59 1.34 2.03 -6.49
C ILE A 59 0.59 1.22 -7.54
N ASP A 60 -0.65 0.94 -7.27
CA ASP A 60 -1.46 0.12 -8.19
C ASP A 60 -1.75 0.85 -9.50
N VAL A 61 -2.41 0.15 -10.39
CA VAL A 61 -2.78 0.71 -11.72
C VAL A 61 -1.61 0.54 -12.71
N ASN A 62 -1.43 -0.65 -13.21
CA ASN A 62 -0.34 -0.89 -14.19
C ASN A 62 -0.96 -1.10 -15.57
N LEU A 63 -1.88 -0.25 -15.94
CA LEU A 63 -2.54 -0.40 -17.26
C LEU A 63 -2.67 0.98 -17.94
N ASP A 64 -3.17 1.00 -19.14
CA ASP A 64 -3.31 2.30 -19.84
C ASP A 64 -2.03 3.12 -19.71
N GLY A 65 -0.91 2.47 -19.52
CA GLY A 65 0.37 3.21 -19.39
C GLY A 65 1.26 2.59 -18.31
N GLU A 66 0.79 1.55 -17.66
CA GLU A 66 1.59 0.89 -16.58
C GLU A 66 2.49 1.90 -15.84
N PRO A 67 1.85 2.93 -15.33
CA PRO A 67 2.59 4.00 -14.61
C PRO A 67 3.01 3.53 -13.21
N SER A 68 3.88 2.56 -13.12
CA SER A 68 4.33 2.09 -11.78
C SER A 68 5.83 2.41 -11.59
N TYR A 69 6.40 3.13 -12.53
CA TYR A 69 7.84 3.50 -12.47
C TYR A 69 8.71 2.31 -12.09
N PRO A 70 9.99 2.52 -12.20
CA PRO A 70 10.97 1.47 -11.88
C PRO A 70 11.08 1.33 -10.37
N VAL A 71 10.43 2.17 -9.62
CA VAL A 71 10.53 2.05 -8.14
C VAL A 71 9.48 1.05 -7.63
N ALA A 72 8.24 1.20 -8.01
CA ALA A 72 7.21 0.23 -7.57
C ALA A 72 7.59 -1.16 -8.05
N ASP A 73 7.89 -1.28 -9.32
CA ASP A 73 8.29 -2.60 -9.86
C ASP A 73 9.38 -3.21 -8.97
N ILE A 74 10.46 -2.48 -8.78
CA ILE A 74 11.54 -3.02 -7.91
C ILE A 74 10.94 -3.30 -6.54
N LEU A 75 10.18 -2.38 -6.05
CA LEU A 75 9.53 -2.57 -4.73
C LEU A 75 8.91 -3.96 -4.67
N ALA A 76 8.59 -4.53 -5.82
CA ALA A 76 7.99 -5.89 -5.83
C ALA A 76 9.10 -6.94 -5.99
N GLU A 77 10.22 -6.57 -6.56
CA GLU A 77 11.34 -7.54 -6.74
C GLU A 77 11.82 -8.07 -5.38
N ARG A 78 11.87 -7.22 -4.39
CA ARG A 78 12.31 -7.66 -3.05
C ARG A 78 11.27 -7.26 -1.99
N ASN A 79 10.09 -6.92 -2.45
CA ASN A 79 8.96 -6.50 -1.55
C ASN A 79 9.29 -6.64 -0.06
N VAL A 80 9.55 -5.52 0.57
CA VAL A 80 9.84 -5.51 2.04
C VAL A 80 8.48 -5.57 2.77
N PRO A 81 8.45 -5.38 4.08
CA PRO A 81 7.13 -5.42 4.77
C PRO A 81 6.24 -4.35 4.14
N PHE A 82 5.10 -4.73 3.65
CA PHE A 82 4.22 -3.76 2.94
C PHE A 82 2.98 -4.44 2.37
N ILE A 83 2.52 -3.92 1.25
CA ILE A 83 1.35 -4.48 0.54
C ILE A 83 1.29 -3.77 -0.82
N PHE A 84 0.78 -4.43 -1.82
CA PHE A 84 0.73 -3.79 -3.17
C PHE A 84 -0.48 -4.26 -3.97
N ALA A 85 -0.72 -3.61 -5.07
CA ALA A 85 -1.89 -3.99 -5.89
C ALA A 85 -1.76 -3.43 -7.31
N THR A 86 -2.43 -4.04 -8.26
CA THR A 86 -2.39 -3.56 -9.69
C THR A 86 -2.86 -4.69 -10.62
N GLY A 87 -2.50 -4.62 -11.88
CA GLY A 87 -2.93 -5.67 -12.86
C GLY A 87 -2.97 -7.04 -12.18
N TYR A 88 -1.84 -7.57 -11.81
CA TYR A 88 -1.83 -8.91 -11.15
C TYR A 88 -1.82 -8.78 -9.62
N GLY A 89 -1.96 -7.58 -9.13
CA GLY A 89 -1.97 -7.38 -7.65
C GLY A 89 -0.55 -7.51 -7.11
N SER A 90 0.04 -8.67 -7.25
CA SER A 90 1.43 -8.87 -6.76
C SER A 90 1.98 -10.19 -7.30
N LYS A 91 3.24 -10.25 -7.63
CA LYS A 91 3.80 -11.53 -8.16
C LYS A 91 4.07 -12.45 -6.96
N GLY A 92 3.05 -13.07 -6.43
CA GLY A 92 3.27 -13.94 -5.25
C GLY A 92 4.09 -13.13 -4.24
N LEU A 93 3.94 -11.83 -4.29
CA LEU A 93 4.69 -10.94 -3.36
C LEU A 93 4.92 -11.58 -2.00
N ASP A 94 6.12 -11.44 -1.49
CA ASP A 94 6.45 -12.03 -0.16
C ASP A 94 6.67 -10.90 0.83
N THR A 95 6.46 -11.15 2.10
CA THR A 95 6.65 -10.07 3.09
C THR A 95 6.47 -10.60 4.51
N ARG A 96 6.19 -9.73 5.43
CA ARG A 96 5.98 -10.16 6.83
C ARG A 96 4.49 -10.21 7.13
N TYR A 97 3.67 -9.80 6.19
CA TYR A 97 2.22 -9.82 6.44
C TYR A 97 1.67 -11.24 6.28
N SER A 98 1.75 -11.79 5.09
CA SER A 98 1.25 -13.19 4.85
C SER A 98 1.00 -13.45 3.35
N ASN A 99 1.16 -12.47 2.50
CA ASN A 99 0.92 -12.70 1.04
C ASN A 99 -0.52 -13.17 0.81
N ILE A 100 -1.47 -12.30 1.04
CA ILE A 100 -2.90 -12.69 0.82
C ILE A 100 -3.70 -11.54 0.19
N PRO A 101 -3.84 -10.44 0.91
CA PRO A 101 -4.62 -9.28 0.37
C PRO A 101 -3.89 -8.58 -0.78
N LEU A 102 -3.44 -9.30 -1.76
CA LEU A 102 -2.74 -8.63 -2.91
C LEU A 102 -3.65 -8.62 -4.13
N LEU A 103 -3.79 -7.48 -4.79
CA LEU A 103 -4.73 -7.47 -5.96
C LEU A 103 -4.84 -6.09 -6.62
N THR A 104 -5.34 -6.04 -7.83
CA THR A 104 -5.52 -4.72 -8.51
C THR A 104 -6.32 -3.78 -7.60
N LYS A 105 -7.58 -3.54 -7.89
CA LYS A 105 -8.35 -2.64 -6.99
C LYS A 105 -9.84 -2.57 -7.37
N PRO A 106 -10.48 -3.71 -7.45
CA PRO A 106 -11.92 -3.76 -7.76
C PRO A 106 -12.69 -3.77 -6.43
N PHE A 107 -11.97 -3.75 -5.33
CA PHE A 107 -12.62 -3.77 -3.99
C PHE A 107 -13.36 -5.08 -3.77
N LEU A 108 -12.66 -6.05 -3.24
CA LEU A 108 -13.28 -7.39 -2.98
C LEU A 108 -12.27 -8.22 -2.17
N ASP A 109 -11.04 -8.25 -2.61
CA ASP A 109 -9.98 -9.01 -1.88
C ASP A 109 -8.69 -8.20 -1.83
N SER A 110 -8.75 -6.97 -2.27
CA SER A 110 -7.54 -6.10 -2.26
C SER A 110 -7.34 -5.49 -0.87
N GLU A 111 -7.14 -4.20 -0.80
CA GLU A 111 -6.96 -3.55 0.54
C GLU A 111 -7.93 -4.13 1.55
N LEU A 112 -9.15 -4.34 1.16
CA LEU A 112 -10.15 -4.92 2.09
C LEU A 112 -9.54 -6.12 2.80
N GLU A 113 -9.27 -7.16 2.06
CA GLU A 113 -8.64 -8.35 2.68
C GLU A 113 -7.41 -7.91 3.45
N ALA A 114 -6.84 -6.81 3.06
CA ALA A 114 -5.63 -6.31 3.76
C ALA A 114 -5.97 -5.88 5.19
N VAL A 115 -7.21 -5.57 5.43
CA VAL A 115 -7.61 -5.14 6.79
C VAL A 115 -8.39 -6.29 7.45
N LEU A 116 -8.97 -7.16 6.65
CA LEU A 116 -9.73 -8.31 7.21
C LEU A 116 -8.75 -9.40 7.65
N VAL A 117 -7.78 -9.69 6.83
CA VAL A 117 -6.78 -10.73 7.19
C VAL A 117 -6.06 -10.33 8.48
N GLN A 118 -6.00 -9.06 8.74
CA GLN A 118 -5.32 -8.59 9.97
C GLN A 118 -6.30 -7.84 10.88
N ILE A 119 -7.52 -8.30 10.98
CA ILE A 119 -8.50 -7.60 11.86
C ILE A 119 -7.84 -7.14 13.15
N SER A 120 -6.83 -7.84 13.58
CA SER A 120 -6.13 -7.44 14.84
C SER A 120 -4.60 -7.58 14.67
N LYS A 121 -4.12 -8.79 14.58
CA LYS A 121 -2.64 -8.99 14.43
C LYS A 121 -1.91 -8.40 15.63
N GLU A 122 -2.45 -8.62 16.80
CA GLU A 122 -1.82 -8.09 18.05
C GLU A 122 -2.85 -8.15 19.18
N VAL A 123 -4.09 -8.15 18.82
CA VAL A 123 -5.16 -8.22 19.84
C VAL A 123 -5.16 -6.96 20.71
CA CA B . -6.61 3.86 -10.92
BE BEF C . -5.88 1.01 -9.47
F1 BEF C . -7.31 1.01 -9.11
F2 BEF C . -6.91 1.54 -10.83
F3 BEF C . -5.45 2.27 -9.84
N GLY A 1 0.15 10.84 23.79
CA GLY A 1 0.93 9.82 24.57
C GLY A 1 1.40 8.71 23.63
N SER A 2 2.27 9.02 22.71
CA SER A 2 2.77 7.97 21.77
C SER A 2 3.28 6.77 22.56
N HIS A 3 2.73 5.61 22.32
CA HIS A 3 3.19 4.40 23.06
C HIS A 3 3.50 3.26 22.08
N MET A 4 2.47 2.58 21.62
CA MET A 4 2.70 1.46 20.66
C MET A 4 2.79 1.98 19.23
N THR A 5 2.70 3.28 19.05
CA THR A 5 2.80 3.85 17.67
C THR A 5 3.86 4.94 17.63
N GLU A 6 4.37 5.24 16.48
CA GLU A 6 5.41 6.30 16.38
C GLU A 6 5.64 6.70 14.92
N ARG A 7 4.67 7.34 14.30
CA ARG A 7 4.84 7.78 12.88
C ARG A 7 5.03 6.55 11.98
N ARG A 8 4.61 5.40 12.40
CA ARG A 8 4.81 4.17 11.57
C ARG A 8 3.52 3.78 10.82
N LEU A 9 2.38 4.27 11.22
CA LEU A 9 1.12 3.87 10.52
C LEU A 9 0.69 4.90 9.48
N ARG A 10 1.33 4.91 8.33
CA ARG A 10 0.96 5.86 7.25
C ARG A 10 0.58 5.08 5.99
N VAL A 11 -0.38 5.56 5.23
CA VAL A 11 -0.78 4.81 4.00
C VAL A 11 -0.41 5.59 2.73
N LEU A 12 0.68 5.24 2.10
CA LEU A 12 1.07 5.94 0.84
C LEU A 12 0.62 5.07 -0.34
N VAL A 13 -0.61 5.16 -0.75
CA VAL A 13 -1.07 4.32 -1.89
C VAL A 13 -1.42 5.19 -3.07
N VAL A 14 -1.15 4.74 -4.25
CA VAL A 14 -1.46 5.59 -5.43
C VAL A 14 -1.69 4.76 -6.69
N GLU A 15 -2.67 5.16 -7.46
CA GLU A 15 -3.00 4.48 -8.74
C GLU A 15 -3.69 5.52 -9.63
N ASP A 16 -3.49 5.46 -10.90
CA ASP A 16 -4.10 6.47 -11.83
C ASP A 16 -5.38 7.12 -11.29
N GLU A 17 -6.52 6.55 -11.59
CA GLU A 17 -7.81 7.14 -11.14
C GLU A 17 -7.84 7.40 -9.63
N SER A 18 -8.94 7.91 -9.15
CA SER A 18 -9.08 8.22 -7.70
C SER A 18 -9.92 7.15 -7.00
N MET A 19 -10.32 6.12 -7.70
CA MET A 19 -11.13 5.05 -7.05
C MET A 19 -10.43 4.59 -5.79
N ILE A 20 -9.15 4.82 -5.73
CA ILE A 20 -8.36 4.42 -4.53
C ILE A 20 -8.46 5.52 -3.47
N ALA A 21 -8.74 6.72 -3.89
CA ALA A 21 -8.86 7.86 -2.93
C ALA A 21 -10.02 7.60 -1.96
N MET A 22 -11.22 7.62 -2.45
CA MET A 22 -12.39 7.37 -1.55
C MET A 22 -12.18 6.06 -0.80
N LEU A 23 -11.43 5.16 -1.35
CA LEU A 23 -11.15 3.87 -0.67
C LEU A 23 -10.14 4.11 0.46
N ILE A 24 -9.68 5.33 0.60
CA ILE A 24 -8.69 5.64 1.66
C ILE A 24 -9.37 6.30 2.87
N GLU A 25 -10.18 7.28 2.63
CA GLU A 25 -10.86 7.97 3.76
C GLU A 25 -11.73 6.99 4.53
N ASP A 26 -12.29 6.02 3.87
CA ASP A 26 -13.15 5.03 4.58
C ASP A 26 -12.27 4.07 5.41
N THR A 27 -11.23 3.54 4.83
CA THR A 27 -10.35 2.63 5.62
C THR A 27 -9.58 3.47 6.64
N LEU A 28 -9.18 4.65 6.26
CA LEU A 28 -8.46 5.54 7.19
C LEU A 28 -9.39 5.88 8.36
N CYS A 29 -10.65 6.08 8.06
CA CYS A 29 -11.61 6.40 9.17
C CYS A 29 -11.36 5.46 10.34
N GLU A 30 -11.07 4.22 10.05
CA GLU A 30 -10.80 3.23 11.12
C GLU A 30 -9.31 3.27 11.51
N LEU A 31 -8.45 3.24 10.54
CA LEU A 31 -6.99 3.29 10.84
C LEU A 31 -6.63 4.58 11.57
N GLY A 32 -7.24 5.66 11.17
CA GLY A 32 -6.88 6.96 11.80
C GLY A 32 -5.44 7.29 11.40
N HIS A 33 -4.92 6.57 10.43
CA HIS A 33 -3.53 6.80 9.99
C HIS A 33 -3.27 8.30 9.83
N GLU A 34 -2.04 8.70 9.64
CA GLU A 34 -1.75 10.14 9.45
C GLU A 34 -2.35 10.63 8.13
N VAL A 35 -1.58 11.28 7.29
CA VAL A 35 -2.16 11.75 5.99
C VAL A 35 -2.06 10.62 4.96
N ALA A 36 -3.15 10.29 4.32
CA ALA A 36 -3.12 9.18 3.33
C ALA A 36 -2.79 9.68 1.92
N ALA A 37 -2.38 8.80 1.04
CA ALA A 37 -2.05 9.20 -0.35
C ALA A 37 -2.92 8.42 -1.33
N THR A 38 -3.43 9.08 -2.35
CA THR A 38 -4.29 8.37 -3.33
C THR A 38 -3.93 8.72 -4.77
N ALA A 39 -4.57 8.08 -5.70
CA ALA A 39 -4.29 8.32 -7.15
C ALA A 39 -2.80 8.10 -7.40
N SER A 40 -2.42 7.82 -8.61
CA SER A 40 -0.98 7.59 -8.87
C SER A 40 -0.21 8.91 -8.86
N ARG A 41 0.97 8.94 -8.30
CA ARG A 41 1.74 10.20 -8.25
C ARG A 41 3.23 9.90 -8.08
N MET A 42 4.03 10.29 -9.03
CA MET A 42 5.50 10.03 -8.93
C MET A 42 6.08 10.69 -7.68
N GLN A 43 5.58 11.84 -7.33
CA GLN A 43 6.09 12.55 -6.12
C GLN A 43 5.72 11.77 -4.86
N GLU A 44 4.45 11.54 -4.66
CA GLU A 44 4.01 10.77 -3.45
C GLU A 44 4.57 9.36 -3.53
N ALA A 45 4.53 8.75 -4.68
CA ALA A 45 5.07 7.37 -4.82
C ALA A 45 6.49 7.35 -4.24
N LEU A 46 7.24 8.38 -4.47
CA LEU A 46 8.61 8.44 -3.93
C LEU A 46 8.56 8.58 -2.41
N ASP A 47 7.60 9.32 -1.91
CA ASP A 47 7.48 9.51 -0.44
C ASP A 47 7.04 8.19 0.22
N ILE A 48 6.72 7.20 -0.57
CA ILE A 48 6.29 5.90 0.02
C ILE A 48 7.50 4.97 0.09
N ALA A 49 8.41 5.09 -0.84
CA ALA A 49 9.61 4.20 -0.82
C ALA A 49 10.78 4.86 -0.07
N ARG A 50 11.26 5.96 -0.58
CA ARG A 50 12.41 6.66 0.09
C ARG A 50 12.07 7.01 1.55
N LYS A 51 10.81 7.10 1.88
CA LYS A 51 10.43 7.46 3.27
C LYS A 51 10.92 6.41 4.28
N GLY A 52 10.72 5.16 3.99
CA GLY A 52 11.17 4.10 4.93
C GLY A 52 10.09 3.90 6.00
N GLN A 53 9.79 4.92 6.75
CA GLN A 53 8.74 4.78 7.80
C GLN A 53 7.39 5.26 7.26
N PHE A 54 6.95 4.70 6.18
CA PHE A 54 5.63 5.09 5.60
C PHE A 54 4.64 3.94 5.80
N ASP A 55 5.14 2.79 6.19
CA ASP A 55 4.27 1.60 6.45
C ASP A 55 3.90 0.86 5.17
N ILE A 56 3.04 1.42 4.34
CA ILE A 56 2.62 0.68 3.11
C ILE A 56 2.67 1.54 1.85
N ALA A 57 2.75 0.92 0.68
CA ALA A 57 2.81 1.69 -0.59
C ALA A 57 2.21 0.88 -1.74
N ILE A 58 1.35 1.47 -2.53
CA ILE A 58 0.75 0.67 -3.64
C ILE A 58 0.63 1.47 -4.94
N ILE A 59 1.60 1.35 -5.80
CA ILE A 59 1.51 2.02 -7.12
C ILE A 59 0.79 1.04 -8.05
N ASP A 60 -0.44 0.74 -7.73
CA ASP A 60 -1.21 -0.26 -8.52
C ASP A 60 -1.19 0.04 -10.01
N VAL A 61 -1.76 -0.83 -10.78
CA VAL A 61 -1.82 -0.65 -12.25
C VAL A 61 -0.42 -0.83 -12.87
N ASN A 62 -0.05 -2.07 -13.07
CA ASN A 62 1.28 -2.37 -13.68
C ASN A 62 1.05 -3.00 -15.06
N LEU A 63 0.56 -2.23 -15.99
CA LEU A 63 0.28 -2.77 -17.35
C LEU A 63 0.59 -1.69 -18.37
N ASP A 64 0.54 -2.03 -19.64
CA ASP A 64 0.82 -1.01 -20.67
C ASP A 64 2.22 -0.43 -20.46
N GLY A 65 3.03 -1.11 -19.70
CA GLY A 65 4.40 -0.61 -19.44
C GLY A 65 4.67 -0.62 -17.93
N GLU A 66 3.80 -1.23 -17.16
CA GLU A 66 3.97 -1.29 -15.68
C GLU A 66 4.66 -0.02 -15.17
N PRO A 67 3.95 1.08 -15.28
CA PRO A 67 4.50 2.38 -14.84
C PRO A 67 4.63 2.44 -13.32
N SER A 68 5.52 1.67 -12.77
CA SER A 68 5.72 1.68 -11.30
C SER A 68 7.09 2.28 -10.96
N TYR A 69 7.78 2.77 -11.96
CA TYR A 69 9.13 3.38 -11.74
C TYR A 69 9.98 2.46 -10.86
N PRO A 70 11.22 2.83 -10.71
CA PRO A 70 12.16 2.00 -9.91
C PRO A 70 11.81 2.09 -8.42
N VAL A 71 10.88 2.92 -8.05
CA VAL A 71 10.53 3.01 -6.61
C VAL A 71 9.68 1.80 -6.22
N ALA A 72 8.50 1.73 -6.76
CA ALA A 72 7.60 0.59 -6.46
C ALA A 72 8.33 -0.72 -6.70
N ASP A 73 8.86 -0.90 -7.87
CA ASP A 73 9.57 -2.16 -8.15
C ASP A 73 10.62 -2.41 -7.06
N ILE A 74 11.49 -1.46 -6.85
CA ILE A 74 12.50 -1.63 -5.78
C ILE A 74 11.78 -1.96 -4.47
N LEU A 75 10.74 -1.24 -4.20
CA LEU A 75 9.97 -1.51 -2.96
C LEU A 75 9.44 -2.94 -3.00
N ALA A 76 9.27 -3.47 -4.18
CA ALA A 76 8.78 -4.85 -4.31
C ALA A 76 9.97 -5.83 -4.32
N GLU A 77 11.17 -5.32 -4.40
CA GLU A 77 12.36 -6.21 -4.41
C GLU A 77 12.65 -6.70 -2.98
N ARG A 78 12.84 -5.79 -2.06
CA ARG A 78 13.12 -6.19 -0.66
C ARG A 78 11.79 -6.30 0.11
N ASN A 79 10.78 -5.65 -0.39
CA ASN A 79 9.45 -5.69 0.28
C ASN A 79 9.59 -5.63 1.81
N VAL A 80 9.89 -4.47 2.34
CA VAL A 80 10.00 -4.34 3.82
C VAL A 80 8.56 -4.35 4.38
N PRO A 81 8.29 -3.75 5.51
CA PRO A 81 6.90 -3.77 6.00
C PRO A 81 6.06 -2.90 5.06
N PHE A 82 5.13 -3.49 4.38
CA PHE A 82 4.33 -2.72 3.39
C PHE A 82 3.27 -3.61 2.73
N ILE A 83 2.91 -3.26 1.53
CA ILE A 83 1.92 -4.02 0.76
C ILE A 83 1.84 -3.43 -0.65
N PHE A 84 1.38 -4.18 -1.61
CA PHE A 84 1.30 -3.66 -3.00
C PHE A 84 0.19 -4.39 -3.80
N ALA A 85 -0.17 -3.87 -4.94
CA ALA A 85 -1.22 -4.55 -5.74
C ALA A 85 -1.25 -4.02 -7.17
N THR A 86 -0.96 -4.86 -8.13
CA THR A 86 -0.97 -4.40 -9.56
C THR A 86 -1.65 -5.44 -10.44
N GLY A 87 -1.35 -5.44 -11.71
CA GLY A 87 -1.99 -6.42 -12.63
C GLY A 87 -1.66 -7.84 -12.18
N TYR A 88 -0.40 -8.15 -11.99
CA TYR A 88 -0.05 -9.53 -11.57
C TYR A 88 -0.39 -9.77 -10.09
N GLY A 89 -0.51 -8.73 -9.31
CA GLY A 89 -0.86 -8.90 -7.87
C GLY A 89 0.37 -9.29 -7.07
N SER A 90 1.31 -8.39 -6.94
CA SER A 90 2.55 -8.69 -6.18
C SER A 90 3.25 -9.93 -6.74
N LYS A 91 4.55 -9.98 -6.62
CA LYS A 91 5.29 -11.16 -7.12
C LYS A 91 5.67 -12.06 -5.95
N GLY A 92 4.73 -12.37 -5.10
CA GLY A 92 5.06 -13.22 -3.92
C GLY A 92 5.88 -12.40 -2.92
N LEU A 93 5.72 -11.11 -2.94
CA LEU A 93 6.49 -10.23 -2.01
C LEU A 93 6.59 -10.87 -0.62
N ASP A 94 7.65 -10.60 0.08
CA ASP A 94 7.82 -11.18 1.45
C ASP A 94 7.69 -10.07 2.50
N THR A 95 7.18 -10.39 3.65
CA THR A 95 7.03 -9.35 4.71
C THR A 95 6.33 -9.92 5.94
N ARG A 96 6.13 -9.10 6.94
CA ARG A 96 5.45 -9.57 8.17
C ARG A 96 3.93 -9.59 7.93
N TYR A 97 3.51 -9.34 6.72
CA TYR A 97 2.06 -9.33 6.42
C TYR A 97 1.55 -10.75 6.16
N SER A 98 2.46 -11.68 5.93
CA SER A 98 2.07 -13.11 5.68
C SER A 98 1.54 -13.28 4.24
N ASN A 99 1.88 -12.37 3.38
CA ASN A 99 1.46 -12.47 1.94
C ASN A 99 -0.02 -12.88 1.76
N ILE A 100 -0.92 -11.92 1.78
CA ILE A 100 -2.37 -12.23 1.55
C ILE A 100 -3.21 -11.00 1.11
N PRO A 101 -2.86 -9.79 1.52
CA PRO A 101 -3.68 -8.62 1.12
C PRO A 101 -3.16 -7.99 -0.17
N LEU A 102 -2.50 -8.74 -0.99
CA LEU A 102 -1.96 -8.15 -2.25
C LEU A 102 -2.94 -8.43 -3.40
N LEU A 103 -2.87 -7.66 -4.46
CA LEU A 103 -3.82 -7.92 -5.59
C LEU A 103 -3.69 -6.90 -6.72
N THR A 104 -4.74 -6.73 -7.48
CA THR A 104 -4.72 -5.78 -8.62
C THR A 104 -5.83 -4.73 -8.45
N LYS A 105 -6.28 -4.52 -7.25
CA LYS A 105 -7.36 -3.51 -6.99
C LYS A 105 -8.75 -3.99 -7.43
N PRO A 106 -9.02 -5.27 -7.26
CA PRO A 106 -10.36 -5.79 -7.61
C PRO A 106 -11.36 -5.41 -6.50
N PHE A 107 -10.84 -4.87 -5.42
CA PHE A 107 -11.71 -4.45 -4.27
C PHE A 107 -12.40 -5.65 -3.64
N LEU A 108 -11.74 -6.26 -2.69
CA LEU A 108 -12.30 -7.44 -1.96
C LEU A 108 -11.26 -7.98 -0.98
N ASP A 109 -10.00 -7.80 -1.28
CA ASP A 109 -8.92 -8.29 -0.39
C ASP A 109 -7.68 -7.39 -0.50
N SER A 110 -7.80 -6.26 -1.16
CA SER A 110 -6.62 -5.37 -1.34
C SER A 110 -6.39 -4.47 -0.11
N GLU A 111 -6.29 -3.18 -0.30
CA GLU A 111 -6.04 -2.24 0.84
C GLU A 111 -6.73 -2.72 2.13
N LEU A 112 -7.94 -3.20 2.03
CA LEU A 112 -8.65 -3.67 3.25
C LEU A 112 -7.77 -4.70 3.97
N GLU A 113 -7.66 -5.87 3.43
CA GLU A 113 -6.80 -6.90 4.06
C GLU A 113 -5.42 -6.32 4.29
N ALA A 114 -5.07 -5.32 3.54
CA ALA A 114 -3.73 -4.70 3.71
C ALA A 114 -3.51 -4.30 5.17
N VAL A 115 -4.53 -3.81 5.82
CA VAL A 115 -4.36 -3.40 7.25
C VAL A 115 -5.08 -4.36 8.19
N LEU A 116 -6.24 -4.85 7.81
CA LEU A 116 -6.99 -5.77 8.72
C LEU A 116 -6.43 -7.19 8.67
N VAL A 117 -5.62 -7.52 7.70
CA VAL A 117 -5.06 -8.90 7.65
C VAL A 117 -4.48 -9.25 9.02
N GLN A 118 -3.92 -8.29 9.71
CA GLN A 118 -3.31 -8.57 11.04
C GLN A 118 -4.42 -8.67 12.09
N ILE A 119 -5.04 -7.57 12.39
CA ILE A 119 -6.12 -7.57 13.42
C ILE A 119 -7.28 -8.49 13.02
N SER A 120 -8.11 -8.07 12.10
CA SER A 120 -9.29 -8.91 11.72
C SER A 120 -8.91 -10.04 10.77
N LYS A 121 -8.42 -9.70 9.61
CA LYS A 121 -8.05 -10.76 8.63
C LYS A 121 -9.32 -11.40 8.05
N GLU A 122 -10.44 -10.80 8.31
CA GLU A 122 -11.73 -11.33 7.79
C GLU A 122 -12.72 -10.17 7.66
N VAL A 123 -12.19 -8.99 7.50
CA VAL A 123 -13.06 -7.78 7.37
C VAL A 123 -14.04 -7.70 8.56
CA CA B . -6.92 2.42 -11.53
BE BEF C . -5.68 0.01 -10.38
F1 BEF C . -6.57 -0.61 -11.76
F2 BEF C . -4.83 0.10 -11.57
F3 BEF C . -6.73 0.86 -10.41
N GLY A 1 12.64 13.44 15.11
CA GLY A 1 12.20 12.03 15.29
C GLY A 1 12.67 11.53 16.66
N SER A 2 13.82 10.93 16.71
CA SER A 2 14.33 10.41 18.02
C SER A 2 13.23 9.62 18.73
N HIS A 3 13.28 9.56 20.03
CA HIS A 3 12.23 8.79 20.78
C HIS A 3 10.90 9.51 20.71
N MET A 4 10.39 9.72 19.51
CA MET A 4 9.08 10.42 19.37
C MET A 4 8.47 10.12 18.00
N THR A 5 8.20 8.87 17.72
CA THR A 5 7.61 8.51 16.40
C THR A 5 6.35 7.67 16.59
N GLU A 6 5.53 7.56 15.57
CA GLU A 6 4.29 6.75 15.69
C GLU A 6 3.75 6.40 14.31
N ARG A 7 4.63 6.23 13.36
CA ARG A 7 4.17 5.89 11.97
C ARG A 7 3.90 4.38 11.87
N ARG A 8 4.05 3.67 12.95
CA ARG A 8 3.81 2.20 12.91
C ARG A 8 2.52 1.86 12.16
N LEU A 9 1.61 2.81 12.04
CA LEU A 9 0.34 2.51 11.33
C LEU A 9 0.04 3.58 10.26
N ARG A 10 0.69 3.48 9.12
CA ARG A 10 0.46 4.46 8.02
C ARG A 10 0.47 3.74 6.67
N VAL A 11 -0.60 3.85 5.96
CA VAL A 11 -0.69 3.16 4.64
C VAL A 11 -0.57 4.16 3.49
N LEU A 12 0.56 4.21 2.83
CA LEU A 12 0.67 5.13 1.68
C LEU A 12 0.15 4.39 0.45
N VAL A 13 -0.88 4.88 -0.16
CA VAL A 13 -1.44 4.18 -1.34
C VAL A 13 -1.70 5.20 -2.44
N VAL A 14 -1.42 4.86 -3.66
CA VAL A 14 -1.64 5.87 -4.72
C VAL A 14 -1.87 5.23 -6.10
N GLU A 15 -2.49 5.99 -6.96
CA GLU A 15 -2.79 5.54 -8.35
C GLU A 15 -3.40 6.72 -9.12
N ASP A 16 -2.91 7.00 -10.29
CA ASP A 16 -3.41 8.15 -11.12
C ASP A 16 -4.84 8.59 -10.77
N GLU A 17 -5.75 7.66 -10.58
CA GLU A 17 -7.16 8.06 -10.28
C GLU A 17 -7.35 8.49 -8.82
N SER A 18 -8.46 9.11 -8.53
CA SER A 18 -8.75 9.56 -7.14
C SER A 18 -9.64 8.53 -6.44
N MET A 19 -10.24 7.64 -7.19
CA MET A 19 -11.09 6.61 -6.56
C MET A 19 -10.32 5.93 -5.42
N ILE A 20 -9.02 6.01 -5.46
CA ILE A 20 -8.19 5.41 -4.38
C ILE A 20 -8.15 6.36 -3.19
N ALA A 21 -8.32 7.63 -3.45
CA ALA A 21 -8.31 8.62 -2.34
C ALA A 21 -9.37 8.26 -1.31
N MET A 22 -10.62 8.39 -1.67
CA MET A 22 -11.69 8.04 -0.70
C MET A 22 -11.55 6.58 -0.29
N LEU A 23 -10.99 5.78 -1.16
CA LEU A 23 -10.78 4.35 -0.82
C LEU A 23 -9.85 4.27 0.39
N ILE A 24 -9.22 5.36 0.73
CA ILE A 24 -8.30 5.36 1.90
C ILE A 24 -9.04 5.81 3.15
N GLU A 25 -9.81 6.86 3.05
CA GLU A 25 -10.57 7.33 4.24
C GLU A 25 -11.45 6.19 4.76
N ASP A 26 -11.87 5.31 3.89
CA ASP A 26 -12.73 4.17 4.34
C ASP A 26 -11.85 3.14 5.06
N THR A 27 -10.75 2.76 4.48
CA THR A 27 -9.86 1.78 5.16
C THR A 27 -9.39 2.38 6.49
N LEU A 28 -8.91 3.60 6.44
CA LEU A 28 -8.46 4.26 7.70
C LEU A 28 -9.62 4.28 8.69
N CYS A 29 -10.83 4.26 8.20
CA CYS A 29 -11.99 4.26 9.13
C CYS A 29 -11.95 2.97 9.96
N GLU A 30 -11.27 1.97 9.47
CA GLU A 30 -11.17 0.70 10.21
C GLU A 30 -10.01 0.75 11.20
N LEU A 31 -8.83 1.10 10.75
CA LEU A 31 -7.66 1.17 11.67
C LEU A 31 -7.63 2.51 12.39
N GLY A 32 -8.05 3.54 11.73
CA GLY A 32 -7.99 4.89 12.37
C GLY A 32 -6.54 5.35 12.30
N HIS A 33 -5.86 4.94 11.26
CA HIS A 33 -4.43 5.30 11.10
C HIS A 33 -4.21 6.80 11.28
N GLU A 34 -3.04 7.29 11.00
CA GLU A 34 -2.81 8.75 11.18
C GLU A 34 -2.95 9.49 9.84
N VAL A 35 -2.48 8.92 8.77
CA VAL A 35 -2.60 9.61 7.45
C VAL A 35 -2.02 8.75 6.32
N ALA A 36 -2.78 8.53 5.29
CA ALA A 36 -2.27 7.71 4.16
C ALA A 36 -2.06 8.58 2.92
N ALA A 37 -1.85 7.98 1.79
CA ALA A 37 -1.63 8.78 0.54
C ALA A 37 -2.69 8.42 -0.51
N THR A 38 -2.99 9.33 -1.41
CA THR A 38 -4.02 9.02 -2.46
C THR A 38 -3.54 9.45 -3.85
N ALA A 39 -4.16 8.92 -4.87
CA ALA A 39 -3.78 9.26 -6.27
C ALA A 39 -2.28 9.00 -6.45
N SER A 40 -1.85 8.80 -7.67
CA SER A 40 -0.40 8.54 -7.88
C SER A 40 0.39 9.84 -7.82
N ARG A 41 1.34 9.91 -6.93
CA ARG A 41 2.15 11.15 -6.79
C ARG A 41 3.62 10.80 -6.56
N MET A 42 4.49 11.26 -7.42
CA MET A 42 5.94 10.96 -7.23
C MET A 42 6.42 11.57 -5.91
N GLN A 43 5.67 12.51 -5.38
CA GLN A 43 6.07 13.15 -4.10
C GLN A 43 5.69 12.27 -2.91
N GLU A 44 4.41 12.17 -2.62
CA GLU A 44 3.98 11.32 -1.47
C GLU A 44 4.42 9.88 -1.68
N ALA A 45 4.40 9.40 -2.89
CA ALA A 45 4.85 8.01 -3.15
C ALA A 45 6.28 7.85 -2.65
N LEU A 46 7.18 8.64 -3.16
CA LEU A 46 8.59 8.57 -2.70
C LEU A 46 8.62 8.48 -1.18
N ASP A 47 7.72 9.15 -0.53
CA ASP A 47 7.70 9.10 0.96
C ASP A 47 7.45 7.67 1.45
N ILE A 48 6.67 6.90 0.74
CA ILE A 48 6.41 5.51 1.16
C ILE A 48 7.72 4.72 1.06
N ALA A 49 8.53 5.02 0.07
CA ALA A 49 9.81 4.30 -0.06
C ALA A 49 10.89 5.04 0.74
N ARG A 50 11.03 6.33 0.52
CA ARG A 50 12.03 7.12 1.30
C ARG A 50 12.01 6.68 2.74
N LYS A 51 10.84 6.65 3.31
CA LYS A 51 10.71 6.25 4.73
C LYS A 51 11.36 4.88 4.93
N GLY A 52 11.11 3.96 4.05
CA GLY A 52 11.73 2.60 4.20
C GLY A 52 11.03 1.85 5.34
N GLN A 53 10.88 2.47 6.48
CA GLN A 53 10.21 1.80 7.61
C GLN A 53 8.76 2.26 7.74
N PHE A 54 8.14 2.73 6.68
CA PHE A 54 6.72 3.16 6.81
C PHE A 54 5.87 1.95 7.22
N ASP A 55 4.86 1.65 6.48
CA ASP A 55 4.03 0.47 6.87
C ASP A 55 3.44 -0.17 5.62
N ILE A 56 3.04 0.62 4.66
CA ILE A 56 2.47 0.00 3.42
C ILE A 56 2.60 0.97 2.22
N ALA A 57 2.65 0.44 1.01
CA ALA A 57 2.80 1.32 -0.19
C ALA A 57 2.10 0.70 -1.40
N ILE A 58 1.21 1.42 -2.06
CA ILE A 58 0.53 0.78 -3.21
C ILE A 58 0.43 1.71 -4.43
N ILE A 59 1.36 1.61 -5.34
CA ILE A 59 1.27 2.40 -6.59
C ILE A 59 0.54 1.49 -7.56
N ASP A 60 -0.66 1.12 -7.19
CA ASP A 60 -1.47 0.16 -8.00
C ASP A 60 -1.56 0.60 -9.47
N VAL A 61 -2.24 -0.20 -10.24
CA VAL A 61 -2.41 0.12 -11.69
C VAL A 61 -1.03 0.25 -12.37
N ASN A 62 -0.61 -0.80 -13.03
CA ASN A 62 0.69 -0.77 -13.75
C ASN A 62 0.45 -1.23 -15.19
N LEU A 63 -0.37 -0.51 -15.89
CA LEU A 63 -0.68 -0.90 -17.29
C LEU A 63 -0.67 0.34 -18.18
N ASP A 64 -0.97 0.17 -19.44
CA ASP A 64 -0.99 1.33 -20.37
C ASP A 64 0.19 2.27 -20.10
N GLY A 65 1.26 1.75 -19.56
CA GLY A 65 2.43 2.63 -19.28
C GLY A 65 2.96 2.37 -17.87
N GLU A 66 2.49 1.33 -17.22
CA GLU A 66 2.95 1.01 -15.83
C GLU A 66 3.44 2.26 -15.09
N PRO A 67 2.50 3.11 -14.75
CA PRO A 67 2.84 4.36 -14.03
C PRO A 67 3.24 4.04 -12.59
N SER A 68 4.41 3.51 -12.39
CA SER A 68 4.86 3.17 -11.01
C SER A 68 6.16 3.89 -10.68
N TYR A 69 6.64 4.70 -11.58
CA TYR A 69 7.91 5.44 -11.36
C TYR A 69 8.99 4.45 -10.91
N PRO A 70 10.21 4.91 -10.92
CA PRO A 70 11.33 4.03 -10.54
C PRO A 70 11.34 3.75 -9.03
N VAL A 71 10.42 4.29 -8.29
CA VAL A 71 10.41 4.02 -6.84
C VAL A 71 9.44 2.87 -6.51
N ALA A 72 8.23 2.92 -7.00
CA ALA A 72 7.29 1.81 -6.74
C ALA A 72 7.92 0.52 -7.24
N ASP A 73 8.46 0.56 -8.43
CA ASP A 73 9.12 -0.65 -8.97
C ASP A 73 10.30 -0.99 -8.07
N ILE A 74 11.15 -0.04 -7.82
CA ILE A 74 12.31 -0.29 -6.92
C ILE A 74 11.78 -0.87 -5.62
N LEU A 75 10.72 -0.28 -5.13
CA LEU A 75 10.11 -0.77 -3.88
C LEU A 75 9.62 -2.21 -4.08
N ALA A 76 9.56 -2.65 -5.31
CA ALA A 76 9.10 -4.03 -5.59
C ALA A 76 10.31 -4.99 -5.55
N GLU A 77 11.42 -4.58 -6.11
CA GLU A 77 12.62 -5.46 -6.08
C GLU A 77 13.15 -5.59 -4.65
N ARG A 78 12.76 -4.67 -3.80
CA ARG A 78 13.21 -4.71 -2.39
C ARG A 78 12.01 -4.57 -1.46
N ASN A 79 10.98 -5.34 -1.73
CA ASN A 79 9.74 -5.28 -0.91
C ASN A 79 10.04 -5.28 0.60
N VAL A 80 9.91 -4.14 1.22
CA VAL A 80 10.12 -4.05 2.70
C VAL A 80 8.76 -4.33 3.35
N PRO A 81 8.61 -4.15 4.66
CA PRO A 81 7.29 -4.42 5.26
C PRO A 81 6.28 -3.48 4.60
N PHE A 82 5.25 -4.03 4.02
CA PHE A 82 4.27 -3.18 3.28
C PHE A 82 3.21 -4.04 2.62
N ILE A 83 2.75 -3.57 1.49
CA ILE A 83 1.73 -4.32 0.70
C ILE A 83 1.67 -3.66 -0.68
N PHE A 84 1.21 -4.36 -1.67
CA PHE A 84 1.14 -3.77 -3.03
C PHE A 84 0.07 -4.47 -3.87
N ALA A 85 -0.29 -3.89 -4.98
CA ALA A 85 -1.32 -4.53 -5.82
C ALA A 85 -1.53 -3.77 -7.13
N THR A 86 -1.50 -4.46 -8.24
CA THR A 86 -1.70 -3.77 -9.55
C THR A 86 -1.91 -4.79 -10.67
N GLY A 87 -1.34 -4.54 -11.82
CA GLY A 87 -1.50 -5.48 -12.98
C GLY A 87 -1.29 -6.94 -12.56
N TYR A 88 -0.23 -7.22 -11.84
CA TYR A 88 0.02 -8.63 -11.43
C TYR A 88 -0.38 -8.84 -9.96
N GLY A 89 -0.26 -7.82 -9.16
CA GLY A 89 -0.65 -7.97 -7.73
C GLY A 89 0.59 -8.06 -6.83
N SER A 90 1.40 -9.05 -7.02
CA SER A 90 2.60 -9.20 -6.16
C SER A 90 3.38 -10.46 -6.56
N LYS A 91 4.37 -10.31 -7.40
CA LYS A 91 5.17 -11.49 -7.81
C LYS A 91 5.51 -12.36 -6.60
N GLY A 92 6.64 -12.13 -5.98
CA GLY A 92 7.02 -12.92 -4.78
C GLY A 92 7.41 -11.96 -3.66
N LEU A 93 6.87 -10.78 -3.70
CA LEU A 93 7.21 -9.77 -2.66
C LEU A 93 7.22 -10.40 -1.27
N ASP A 94 8.19 -10.04 -0.48
CA ASP A 94 8.28 -10.58 0.90
C ASP A 94 7.91 -9.49 1.89
N THR A 95 7.41 -9.84 3.04
CA THR A 95 7.02 -8.78 4.01
C THR A 95 6.58 -9.39 5.34
N ARG A 96 6.56 -8.60 6.37
CA ARG A 96 6.11 -9.12 7.69
C ARG A 96 4.59 -9.30 7.68
N TYR A 97 3.96 -8.97 6.59
CA TYR A 97 2.49 -9.10 6.50
C TYR A 97 2.07 -10.55 6.29
N SER A 98 2.98 -11.40 5.87
CA SER A 98 2.67 -12.86 5.63
C SER A 98 2.01 -13.05 4.26
N ASN A 99 2.46 -12.29 3.29
CA ASN A 99 1.93 -12.42 1.89
C ASN A 99 0.47 -12.91 1.83
N ILE A 100 -0.48 -12.05 2.06
CA ILE A 100 -1.92 -12.48 1.97
C ILE A 100 -2.85 -11.39 1.36
N PRO A 101 -2.61 -10.11 1.60
CA PRO A 101 -3.51 -9.08 1.05
C PRO A 101 -2.93 -8.48 -0.23
N LEU A 102 -2.60 -9.30 -1.20
CA LEU A 102 -2.01 -8.74 -2.45
C LEU A 102 -2.98 -8.90 -3.62
N LEU A 103 -2.98 -7.96 -4.54
CA LEU A 103 -3.92 -8.08 -5.69
C LEU A 103 -3.89 -6.85 -6.60
N THR A 104 -5.00 -6.50 -7.17
CA THR A 104 -5.06 -5.33 -8.06
C THR A 104 -6.10 -4.33 -7.53
N LYS A 105 -7.33 -4.44 -7.98
CA LYS A 105 -8.40 -3.53 -7.49
C LYS A 105 -9.76 -4.05 -7.93
N PRO A 106 -10.05 -5.26 -7.54
CA PRO A 106 -11.35 -5.88 -7.89
C PRO A 106 -12.39 -5.43 -6.87
N PHE A 107 -11.94 -5.03 -5.72
CA PHE A 107 -12.87 -4.57 -4.65
C PHE A 107 -13.80 -5.71 -4.22
N LEU A 108 -13.22 -6.81 -3.85
CA LEU A 108 -14.02 -7.98 -3.39
C LEU A 108 -13.23 -8.68 -2.27
N ASP A 109 -12.14 -9.28 -2.63
CA ASP A 109 -11.27 -9.93 -1.62
C ASP A 109 -10.00 -9.10 -1.51
N SER A 110 -10.01 -7.94 -2.12
CA SER A 110 -8.82 -7.05 -2.12
C SER A 110 -8.87 -6.06 -0.95
N GLU A 111 -9.33 -4.85 -1.18
CA GLU A 111 -9.39 -3.83 -0.09
C GLU A 111 -9.72 -4.47 1.26
N LEU A 112 -10.53 -5.49 1.26
CA LEU A 112 -10.87 -6.17 2.55
C LEU A 112 -9.62 -6.83 3.10
N GLU A 113 -9.16 -7.88 2.47
CA GLU A 113 -7.94 -8.56 2.94
C GLU A 113 -6.84 -7.53 3.15
N ALA A 114 -6.86 -6.50 2.36
CA ALA A 114 -5.81 -5.46 2.52
C ALA A 114 -5.77 -4.97 3.96
N VAL A 115 -6.91 -4.76 4.55
CA VAL A 115 -6.93 -4.28 5.97
C VAL A 115 -7.40 -5.37 6.95
N LEU A 116 -8.17 -6.32 6.49
CA LEU A 116 -8.70 -7.35 7.43
C LEU A 116 -7.83 -8.62 7.46
N VAL A 117 -7.36 -9.07 6.34
CA VAL A 117 -6.53 -10.31 6.32
C VAL A 117 -5.66 -10.42 7.55
N GLN A 118 -5.07 -9.32 7.96
CA GLN A 118 -4.21 -9.34 9.17
C GLN A 118 -4.86 -10.17 10.27
N ILE A 119 -5.97 -9.72 10.78
CA ILE A 119 -6.65 -10.49 11.85
C ILE A 119 -7.45 -11.62 11.20
N SER A 120 -7.61 -11.57 9.91
CA SER A 120 -8.38 -12.63 9.20
C SER A 120 -7.44 -13.77 8.81
N LYS A 121 -7.22 -14.70 9.69
CA LYS A 121 -6.29 -15.81 9.37
C LYS A 121 -7.04 -17.15 9.40
N GLU A 122 -7.62 -17.54 8.29
CA GLU A 122 -8.38 -18.82 8.23
C GLU A 122 -9.14 -19.02 9.52
N VAL A 123 -9.60 -17.93 10.09
CA VAL A 123 -10.36 -17.96 11.37
C VAL A 123 -10.05 -19.22 12.19
CA CA B . -5.69 4.14 -11.31
BE BEF C . -5.82 1.37 -9.51
F1 BEF C . -5.37 2.48 -10.82
F2 BEF C . -6.22 2.75 -9.18
F3 BEF C . -6.48 0.91 -10.61
N GLY A 1 -1.10 10.87 31.55
CA GLY A 1 -0.10 10.28 30.62
C GLY A 1 0.61 11.41 29.86
N SER A 2 -0.09 12.08 28.99
CA SER A 2 0.55 13.19 28.22
C SER A 2 1.92 12.75 27.69
N HIS A 3 2.07 11.49 27.37
CA HIS A 3 3.37 11.00 26.86
C HIS A 3 3.16 9.82 25.90
N MET A 4 1.94 9.57 25.49
CA MET A 4 1.68 8.45 24.56
C MET A 4 1.72 8.93 23.11
N THR A 5 2.20 8.12 22.20
CA THR A 5 2.24 8.53 20.77
C THR A 5 1.61 7.46 19.89
N GLU A 6 1.29 7.80 18.68
CA GLU A 6 0.67 6.80 17.77
C GLU A 6 0.62 7.35 16.34
N ARG A 7 1.68 7.96 15.90
CA ARG A 7 1.69 8.53 14.51
C ARG A 7 2.77 7.84 13.67
N ARG A 8 3.25 6.70 14.10
CA ARG A 8 4.30 5.99 13.32
C ARG A 8 3.69 5.20 12.16
N LEU A 9 2.40 4.99 12.15
CA LEU A 9 1.77 4.22 11.04
C LEU A 9 1.79 5.02 9.73
N ARG A 10 2.09 4.37 8.63
CA ARG A 10 2.14 5.10 7.33
C ARG A 10 1.56 4.22 6.21
N VAL A 11 0.63 4.71 5.45
CA VAL A 11 0.05 3.88 4.35
C VAL A 11 0.06 4.65 3.03
N LEU A 12 1.00 4.36 2.17
CA LEU A 12 1.07 5.07 0.87
C LEU A 12 0.42 4.23 -0.23
N VAL A 13 -0.81 4.49 -0.56
CA VAL A 13 -1.48 3.70 -1.64
C VAL A 13 -1.73 4.60 -2.82
N VAL A 14 -1.53 4.14 -4.02
CA VAL A 14 -1.74 5.05 -5.16
C VAL A 14 -2.18 4.31 -6.43
N GLU A 15 -2.81 5.04 -7.30
CA GLU A 15 -3.28 4.48 -8.59
C GLU A 15 -3.69 5.63 -9.51
N ASP A 16 -3.72 5.41 -10.78
CA ASP A 16 -4.07 6.50 -11.73
C ASP A 16 -5.50 7.06 -11.55
N GLU A 17 -6.23 6.65 -10.55
CA GLU A 17 -7.60 7.20 -10.40
C GLU A 17 -7.83 7.78 -8.99
N SER A 18 -8.86 8.57 -8.85
CA SER A 18 -9.16 9.17 -7.51
C SER A 18 -9.97 8.19 -6.66
N MET A 19 -10.33 7.07 -7.20
CA MET A 19 -11.11 6.07 -6.41
C MET A 19 -10.31 5.66 -5.17
N ILE A 20 -9.05 5.98 -5.15
CA ILE A 20 -8.20 5.61 -3.98
C ILE A 20 -7.92 6.83 -3.11
N ALA A 21 -8.31 7.98 -3.57
CA ALA A 21 -8.06 9.22 -2.80
C ALA A 21 -8.96 9.28 -1.56
N MET A 22 -10.21 9.61 -1.70
CA MET A 22 -11.09 9.67 -0.51
C MET A 22 -11.40 8.26 -0.02
N LEU A 23 -11.13 7.29 -0.85
CA LEU A 23 -11.39 5.89 -0.43
C LEU A 23 -10.38 5.52 0.68
N ILE A 24 -9.46 6.41 0.96
CA ILE A 24 -8.46 6.13 2.03
C ILE A 24 -8.67 7.05 3.23
N GLU A 25 -8.77 8.33 3.00
CA GLU A 25 -8.97 9.26 4.15
C GLU A 25 -10.03 8.72 5.10
N ASP A 26 -10.90 7.86 4.63
CA ASP A 26 -11.95 7.31 5.53
C ASP A 26 -11.44 6.07 6.26
N THR A 27 -10.46 5.41 5.70
CA THR A 27 -9.89 4.23 6.39
C THR A 27 -8.69 4.73 7.16
N LEU A 28 -8.06 5.72 6.60
CA LEU A 28 -6.91 6.36 7.25
C LEU A 28 -7.39 7.03 8.53
N CYS A 29 -8.63 7.47 8.52
CA CYS A 29 -9.20 8.13 9.72
C CYS A 29 -8.97 7.25 10.95
N GLU A 30 -9.43 6.04 10.91
CA GLU A 30 -9.22 5.12 12.06
C GLU A 30 -7.73 5.02 12.40
N LEU A 31 -6.91 4.76 11.42
CA LEU A 31 -5.44 4.66 11.69
C LEU A 31 -4.84 6.04 11.93
N GLY A 32 -5.60 7.08 11.70
CA GLY A 32 -5.04 8.45 11.91
C GLY A 32 -3.64 8.50 11.30
N HIS A 33 -3.45 7.80 10.22
CA HIS A 33 -2.11 7.79 9.55
C HIS A 33 -1.49 9.18 9.57
N GLU A 34 -0.18 9.26 9.55
CA GLU A 34 0.48 10.59 9.56
C GLU A 34 0.51 11.18 8.15
N VAL A 35 0.70 10.36 7.16
CA VAL A 35 0.74 10.87 5.76
C VAL A 35 0.60 9.70 4.77
N ALA A 36 -0.60 9.45 4.30
CA ALA A 36 -0.79 8.32 3.35
C ALA A 36 -0.61 8.81 1.90
N ALA A 37 -0.98 8.01 0.95
CA ALA A 37 -0.83 8.44 -0.47
C ALA A 37 -2.10 8.16 -1.28
N THR A 38 -2.39 9.01 -2.23
CA THR A 38 -3.60 8.84 -3.08
C THR A 38 -3.22 9.00 -4.56
N ALA A 39 -4.00 8.41 -5.43
CA ALA A 39 -3.71 8.48 -6.90
C ALA A 39 -2.25 8.07 -7.15
N SER A 40 -1.92 7.75 -8.37
CA SER A 40 -0.53 7.34 -8.67
C SER A 40 0.37 8.56 -8.82
N ARG A 41 1.56 8.51 -8.28
CA ARG A 41 2.48 9.67 -8.37
C ARG A 41 3.93 9.21 -8.25
N MET A 42 4.74 9.48 -9.24
CA MET A 42 6.16 9.06 -9.19
C MET A 42 6.85 9.64 -7.95
N GLN A 43 6.54 10.85 -7.60
CA GLN A 43 7.17 11.47 -6.39
C GLN A 43 6.71 10.70 -5.15
N GLU A 44 5.43 10.64 -4.92
CA GLU A 44 4.91 9.90 -3.74
C GLU A 44 5.40 8.45 -3.79
N ALA A 45 5.25 7.81 -4.92
CA ALA A 45 5.71 6.39 -5.04
C ALA A 45 7.08 6.27 -4.41
N LEU A 46 7.88 7.30 -4.52
CA LEU A 46 9.23 7.26 -3.92
C LEU A 46 9.11 7.26 -2.40
N ASP A 47 8.20 8.02 -1.87
CA ASP A 47 8.02 8.08 -0.39
C ASP A 47 7.54 6.72 0.13
N ILE A 48 7.04 5.86 -0.72
CA ILE A 48 6.56 4.54 -0.24
C ILE A 48 7.63 3.47 -0.44
N ALA A 49 8.50 3.61 -1.40
CA ALA A 49 9.51 2.55 -1.63
C ALA A 49 10.85 2.86 -0.94
N ARG A 50 11.51 3.92 -1.34
CA ARG A 50 12.85 4.26 -0.75
C ARG A 50 12.80 4.39 0.78
N LYS A 51 11.65 4.34 1.39
CA LYS A 51 11.59 4.48 2.86
C LYS A 51 12.03 3.20 3.57
N GLY A 52 11.54 2.07 3.13
CA GLY A 52 11.90 0.79 3.81
C GLY A 52 11.33 0.80 5.22
N GLN A 53 10.48 1.77 5.52
CA GLN A 53 9.87 1.86 6.87
C GLN A 53 8.61 2.72 6.78
N PHE A 54 7.74 2.40 5.87
CA PHE A 54 6.50 3.21 5.71
C PHE A 54 5.27 2.32 5.89
N ASP A 55 5.43 1.23 6.57
CA ASP A 55 4.29 0.30 6.85
C ASP A 55 3.69 -0.31 5.55
N ILE A 56 3.25 0.47 4.59
CA ILE A 56 2.64 -0.17 3.35
C ILE A 56 2.71 0.73 2.10
N ALA A 57 2.71 0.14 0.92
CA ALA A 57 2.77 0.98 -0.35
C ALA A 57 2.02 0.28 -1.49
N ILE A 58 1.09 0.93 -2.13
CA ILE A 58 0.35 0.24 -3.23
C ILE A 58 0.31 1.03 -4.54
N ILE A 59 1.21 0.74 -5.44
CA ILE A 59 1.20 1.42 -6.78
C ILE A 59 0.54 0.45 -7.75
N ASP A 60 -0.74 0.24 -7.61
CA ASP A 60 -1.45 -0.75 -8.47
C ASP A 60 -2.01 -0.14 -9.76
N VAL A 61 -1.81 -0.86 -10.84
CA VAL A 61 -2.34 -0.47 -12.19
C VAL A 61 -1.30 -0.78 -13.25
N ASN A 62 -1.14 -2.03 -13.56
CA ASN A 62 -0.17 -2.44 -14.60
C ASN A 62 -0.85 -2.48 -15.97
N LEU A 63 -1.40 -1.37 -16.39
CA LEU A 63 -2.10 -1.35 -17.71
C LEU A 63 -1.91 -0.01 -18.39
N ASP A 64 -2.60 0.22 -19.47
CA ASP A 64 -2.45 1.53 -20.19
C ASP A 64 -0.98 1.93 -20.24
N GLY A 65 -0.08 0.98 -20.19
CA GLY A 65 1.36 1.33 -20.24
C GLY A 65 2.12 0.62 -19.12
N GLU A 66 1.42 0.08 -18.17
CA GLU A 66 2.13 -0.61 -17.04
C GLU A 66 3.27 0.27 -16.53
N PRO A 67 2.89 1.42 -16.04
CA PRO A 67 3.87 2.38 -15.51
C PRO A 67 4.42 1.90 -14.17
N SER A 68 3.79 2.29 -13.08
CA SER A 68 4.27 1.87 -11.74
C SER A 68 5.69 2.38 -11.48
N TYR A 69 6.21 3.20 -12.36
CA TYR A 69 7.60 3.75 -12.21
C TYR A 69 8.60 2.66 -11.84
N PRO A 70 9.85 3.01 -11.93
CA PRO A 70 10.92 2.06 -11.61
C PRO A 70 11.02 1.90 -10.09
N VAL A 71 10.24 2.64 -9.35
CA VAL A 71 10.30 2.50 -7.87
C VAL A 71 9.30 1.44 -7.42
N ALA A 72 8.07 1.50 -7.86
CA ALA A 72 7.09 0.46 -7.47
C ALA A 72 7.65 -0.90 -7.85
N ASP A 73 8.09 -1.04 -9.07
CA ASP A 73 8.67 -2.33 -9.51
C ASP A 73 9.76 -2.76 -8.53
N ILE A 74 10.70 -1.90 -8.27
CA ILE A 74 11.79 -2.25 -7.31
C ILE A 74 11.16 -2.61 -5.96
N LEU A 75 10.18 -1.86 -5.57
CA LEU A 75 9.51 -2.14 -4.28
C LEU A 75 8.88 -3.53 -4.32
N ALA A 76 8.62 -4.04 -5.50
CA ALA A 76 7.99 -5.38 -5.63
C ALA A 76 9.05 -6.47 -5.86
N GLU A 77 10.20 -6.13 -6.35
CA GLU A 77 11.24 -7.18 -6.59
C GLU A 77 11.80 -7.68 -5.26
N ARG A 78 11.95 -6.80 -4.29
CA ARG A 78 12.49 -7.23 -2.98
C ARG A 78 11.37 -7.22 -1.93
N ASN A 79 10.42 -6.33 -2.07
CA ASN A 79 9.28 -6.27 -1.11
C ASN A 79 9.75 -6.18 0.34
N VAL A 80 9.35 -5.14 1.02
CA VAL A 80 9.72 -4.97 2.47
C VAL A 80 8.41 -5.06 3.27
N PRO A 81 8.38 -4.56 4.49
CA PRO A 81 7.11 -4.63 5.24
C PRO A 81 6.11 -3.71 4.53
N PHE A 82 5.07 -4.28 4.00
CA PHE A 82 4.09 -3.44 3.24
C PHE A 82 2.96 -4.28 2.63
N ILE A 83 2.56 -3.90 1.45
CA ILE A 83 1.49 -4.61 0.71
C ILE A 83 1.44 -3.97 -0.68
N PHE A 84 0.89 -4.66 -1.64
CA PHE A 84 0.86 -4.09 -3.02
C PHE A 84 -0.32 -4.64 -3.82
N ALA A 85 -0.54 -4.10 -4.99
CA ALA A 85 -1.69 -4.57 -5.80
C ALA A 85 -1.59 -4.11 -7.26
N THR A 86 -2.29 -4.78 -8.13
CA THR A 86 -2.30 -4.41 -9.58
C THR A 86 -2.93 -5.54 -10.40
N GLY A 87 -3.14 -5.35 -11.68
CA GLY A 87 -3.76 -6.44 -12.48
C GLY A 87 -3.04 -7.75 -12.21
N TYR A 88 -1.74 -7.72 -12.19
CA TYR A 88 -0.95 -8.95 -11.92
C TYR A 88 -1.59 -9.73 -10.76
N GLY A 89 -1.77 -9.09 -9.64
CA GLY A 89 -2.37 -9.80 -8.47
C GLY A 89 -1.27 -10.21 -7.49
N SER A 90 -0.03 -9.83 -7.80
CA SER A 90 1.18 -10.14 -6.93
C SER A 90 2.12 -11.13 -7.63
N LYS A 91 3.07 -11.63 -6.90
CA LYS A 91 4.05 -12.61 -7.46
C LYS A 91 4.78 -13.30 -6.32
N GLY A 92 4.08 -13.67 -5.29
CA GLY A 92 4.73 -14.33 -4.14
C GLY A 92 5.43 -13.26 -3.29
N LEU A 93 4.99 -12.03 -3.43
CA LEU A 93 5.61 -10.92 -2.64
C LEU A 93 5.89 -11.39 -1.22
N ASP A 94 7.02 -11.03 -0.68
CA ASP A 94 7.34 -11.45 0.71
C ASP A 94 7.29 -10.25 1.64
N THR A 95 7.02 -10.47 2.89
CA THR A 95 6.95 -9.33 3.84
C THR A 95 6.64 -9.85 5.23
N ARG A 96 6.26 -8.98 6.11
CA ARG A 96 5.93 -9.43 7.49
C ARG A 96 4.41 -9.55 7.62
N TYR A 97 3.69 -9.39 6.53
CA TYR A 97 2.21 -9.51 6.61
C TYR A 97 1.80 -10.97 6.41
N SER A 98 2.04 -11.52 5.23
CA SER A 98 1.67 -12.95 4.94
C SER A 98 1.46 -13.19 3.44
N ASN A 99 1.70 -12.22 2.60
CA ASN A 99 1.52 -12.43 1.13
C ASN A 99 0.04 -12.61 0.78
N ILE A 100 -0.83 -12.45 1.74
CA ILE A 100 -2.29 -12.64 1.44
C ILE A 100 -3.00 -11.33 1.05
N PRO A 101 -2.51 -10.19 1.49
CA PRO A 101 -3.16 -8.91 1.15
C PRO A 101 -2.60 -8.34 -0.14
N LEU A 102 -2.74 -9.04 -1.23
CA LEU A 102 -2.20 -8.49 -2.52
C LEU A 102 -3.14 -8.83 -3.69
N LEU A 103 -3.48 -7.83 -4.48
CA LEU A 103 -4.39 -8.07 -5.65
C LEU A 103 -4.69 -6.74 -6.38
N THR A 104 -5.16 -6.78 -7.62
CA THR A 104 -5.43 -5.50 -8.38
C THR A 104 -6.37 -4.55 -7.62
N LYS A 105 -7.39 -4.01 -8.25
CA LYS A 105 -8.28 -3.04 -7.52
C LYS A 105 -9.76 -3.25 -7.84
N PRO A 106 -10.18 -4.48 -7.91
CA PRO A 106 -11.60 -4.78 -8.14
C PRO A 106 -12.37 -4.49 -6.85
N PHE A 107 -11.66 -4.15 -5.80
CA PHE A 107 -12.32 -3.86 -4.51
C PHE A 107 -13.12 -5.09 -4.07
N LEU A 108 -13.58 -5.09 -2.84
CA LEU A 108 -14.32 -6.29 -2.33
C LEU A 108 -13.28 -7.38 -2.05
N ASP A 109 -12.98 -7.61 -0.81
CA ASP A 109 -11.94 -8.63 -0.47
C ASP A 109 -10.57 -8.13 -0.93
N SER A 110 -10.49 -6.89 -1.37
CA SER A 110 -9.18 -6.34 -1.84
C SER A 110 -8.47 -5.56 -0.73
N GLU A 111 -8.42 -4.25 -0.83
CA GLU A 111 -7.74 -3.44 0.22
C GLU A 111 -8.03 -4.00 1.61
N LEU A 112 -9.29 -4.09 1.97
CA LEU A 112 -9.67 -4.62 3.32
C LEU A 112 -8.69 -5.71 3.75
N GLU A 113 -8.53 -6.73 2.95
CA GLU A 113 -7.58 -7.82 3.30
C GLU A 113 -6.30 -7.20 3.83
N ALA A 114 -5.78 -6.24 3.13
CA ALA A 114 -4.52 -5.58 3.58
C ALA A 114 -4.68 -5.07 5.01
N VAL A 115 -5.88 -4.76 5.40
CA VAL A 115 -6.09 -4.26 6.79
C VAL A 115 -6.72 -5.36 7.65
N LEU A 116 -7.28 -6.37 7.04
CA LEU A 116 -7.89 -7.48 7.81
C LEU A 116 -6.85 -8.57 8.09
N VAL A 117 -5.77 -8.55 7.36
CA VAL A 117 -4.71 -9.58 7.57
C VAL A 117 -3.71 -9.12 8.62
N GLN A 118 -3.83 -7.90 9.09
CA GLN A 118 -2.87 -7.40 10.11
C GLN A 118 -3.50 -7.41 11.51
N ILE A 119 -4.65 -6.81 11.66
CA ILE A 119 -5.29 -6.78 13.01
C ILE A 119 -6.14 -8.04 13.22
N SER A 120 -6.10 -8.96 12.30
CA SER A 120 -6.91 -10.21 12.47
C SER A 120 -6.52 -11.26 11.43
N LYS A 121 -5.65 -12.17 11.77
CA LYS A 121 -5.25 -13.22 10.80
C LYS A 121 -4.24 -14.15 11.44
N GLU A 122 -4.49 -14.58 12.64
CA GLU A 122 -3.54 -15.49 13.34
C GLU A 122 -2.11 -15.02 13.07
N VAL A 123 -1.95 -13.74 12.94
CA VAL A 123 -0.60 -13.17 12.66
C VAL A 123 -0.14 -13.60 11.26
CA CA B . -6.41 2.92 -11.05
BE BEF C . -6.00 0.54 -8.58
F1 BEF C . -6.87 1.05 -10.01
F2 BEF C . -5.11 1.30 -9.46
F3 BEF C . -7.06 1.27 -8.10
N GLY A 1 13.80 18.42 4.21
CA GLY A 1 14.86 17.64 4.90
C GLY A 1 14.63 16.15 4.65
N SER A 2 13.40 15.71 4.75
CA SER A 2 13.11 14.27 4.53
C SER A 2 14.16 13.40 5.24
N HIS A 3 14.04 13.27 6.54
CA HIS A 3 15.02 12.44 7.30
C HIS A 3 14.31 11.68 8.42
N MET A 4 13.86 12.38 9.43
CA MET A 4 13.16 11.70 10.56
C MET A 4 11.66 11.61 10.28
N THR A 5 10.96 10.79 11.02
CA THR A 5 9.49 10.65 10.79
C THR A 5 8.73 10.80 12.11
N GLU A 6 7.45 11.08 12.06
CA GLU A 6 6.66 11.22 13.31
C GLU A 6 5.21 10.76 13.09
N ARG A 7 4.98 9.95 12.10
CA ARG A 7 3.58 9.46 11.82
C ARG A 7 3.65 8.32 10.80
N ARG A 8 4.01 7.14 11.25
CA ARG A 8 4.10 5.99 10.31
C ARG A 8 2.86 5.09 10.37
N LEU A 9 1.91 5.42 11.21
CA LEU A 9 0.68 4.60 11.31
C LEU A 9 -0.31 5.01 10.21
N ARG A 10 -0.09 4.56 8.99
CA ARG A 10 -1.04 4.96 7.91
C ARG A 10 -1.02 3.99 6.74
N VAL A 11 -1.89 4.23 5.79
CA VAL A 11 -1.94 3.39 4.57
C VAL A 11 -1.69 4.29 3.36
N LEU A 12 -0.45 4.41 2.96
CA LEU A 12 -0.12 5.30 1.80
C LEU A 12 -0.40 4.57 0.49
N VAL A 13 -1.56 4.77 -0.08
CA VAL A 13 -1.89 4.09 -1.36
C VAL A 13 -1.86 5.09 -2.50
N VAL A 14 -1.43 4.69 -3.66
CA VAL A 14 -1.36 5.67 -4.77
C VAL A 14 -1.44 4.99 -6.15
N GLU A 15 -2.05 5.68 -7.07
CA GLU A 15 -2.19 5.16 -8.46
C GLU A 15 -2.78 6.27 -9.35
N ASP A 16 -2.35 6.36 -10.57
CA ASP A 16 -2.83 7.43 -11.50
C ASP A 16 -4.36 7.52 -11.53
N GLU A 17 -4.95 8.13 -10.55
CA GLU A 17 -6.44 8.30 -10.56
C GLU A 17 -6.94 8.79 -9.20
N SER A 18 -8.08 9.42 -9.18
CA SER A 18 -8.64 9.92 -7.89
C SER A 18 -9.55 8.86 -7.27
N MET A 19 -9.88 7.84 -8.01
CA MET A 19 -10.75 6.76 -7.45
C MET A 19 -10.07 6.16 -6.21
N ILE A 20 -8.79 6.35 -6.09
CA ILE A 20 -8.05 5.81 -4.92
C ILE A 20 -7.97 6.87 -3.82
N ALA A 21 -8.45 8.04 -4.10
CA ALA A 21 -8.41 9.13 -3.09
C ALA A 21 -9.61 9.02 -2.14
N MET A 22 -10.79 9.38 -2.59
CA MET A 22 -11.98 9.28 -1.70
C MET A 22 -12.09 7.85 -1.17
N LEU A 23 -11.57 6.91 -1.91
CA LEU A 23 -11.60 5.49 -1.46
C LEU A 23 -10.71 5.36 -0.22
N ILE A 24 -9.96 6.38 0.09
CA ILE A 24 -9.08 6.33 1.29
C ILE A 24 -9.78 6.99 2.48
N GLU A 25 -10.27 8.19 2.30
CA GLU A 25 -10.97 8.88 3.42
C GLU A 25 -12.02 7.93 4.02
N ASP A 26 -12.67 7.16 3.19
CA ASP A 26 -13.69 6.21 3.72
C ASP A 26 -12.99 5.07 4.46
N THR A 27 -11.86 4.65 3.97
CA THR A 27 -11.10 3.56 4.65
C THR A 27 -10.64 4.03 6.01
N LEU A 28 -10.03 5.19 6.08
CA LEU A 28 -9.56 5.72 7.38
C LEU A 28 -10.78 6.04 8.25
N CYS A 29 -11.90 6.34 7.64
CA CYS A 29 -13.13 6.63 8.44
C CYS A 29 -13.53 5.35 9.19
N GLU A 30 -13.00 4.24 8.78
CA GLU A 30 -13.32 2.95 9.43
C GLU A 30 -12.31 2.67 10.56
N LEU A 31 -11.06 2.98 10.34
CA LEU A 31 -10.03 2.73 11.39
C LEU A 31 -9.69 4.03 12.13
N GLY A 32 -9.64 5.13 11.43
CA GLY A 32 -9.30 6.42 12.09
C GLY A 32 -7.78 6.60 12.10
N HIS A 33 -7.12 6.16 11.06
CA HIS A 33 -5.63 6.27 11.00
C HIS A 33 -5.20 7.75 10.92
N GLU A 34 -3.97 8.00 10.52
CA GLU A 34 -3.49 9.42 10.45
C GLU A 34 -3.84 10.07 9.09
N VAL A 35 -2.92 10.07 8.15
CA VAL A 35 -3.19 10.69 6.82
C VAL A 35 -2.62 9.81 5.69
N ALA A 36 -3.45 9.04 5.04
CA ALA A 36 -2.95 8.14 3.96
C ALA A 36 -2.59 8.92 2.70
N ALA A 37 -2.31 8.21 1.63
CA ALA A 37 -1.94 8.87 0.35
C ALA A 37 -2.88 8.42 -0.76
N THR A 38 -3.03 9.23 -1.77
CA THR A 38 -3.92 8.87 -2.90
C THR A 38 -3.28 9.25 -4.24
N ALA A 39 -3.81 8.76 -5.32
CA ALA A 39 -3.24 9.05 -6.66
C ALA A 39 -1.77 8.67 -6.66
N SER A 40 -1.19 8.48 -7.81
CA SER A 40 0.25 8.09 -7.85
C SER A 40 1.13 9.33 -7.66
N ARG A 41 1.97 9.31 -6.66
CA ARG A 41 2.86 10.46 -6.40
C ARG A 41 4.18 9.98 -5.80
N MET A 42 5.28 10.38 -6.37
CA MET A 42 6.60 9.95 -5.84
C MET A 42 6.81 10.54 -4.44
N GLN A 43 6.34 11.74 -4.22
CA GLN A 43 6.49 12.38 -2.88
C GLN A 43 5.96 11.44 -1.80
N GLU A 44 4.67 11.25 -1.74
CA GLU A 44 4.09 10.34 -0.72
C GLU A 44 4.69 8.93 -0.87
N ALA A 45 4.76 8.44 -2.08
CA ALA A 45 5.34 7.08 -2.27
C ALA A 45 6.63 6.96 -1.46
N LEU A 46 7.49 7.92 -1.59
CA LEU A 46 8.77 7.93 -0.82
C LEU A 46 8.51 7.72 0.67
N ASP A 47 7.45 8.30 1.17
CA ASP A 47 7.13 8.15 2.61
C ASP A 47 6.60 6.73 2.89
N ILE A 48 6.17 6.03 1.87
CA ILE A 48 5.65 4.65 2.09
C ILE A 48 6.78 3.65 1.87
N ALA A 49 7.82 4.01 1.20
CA ALA A 49 8.91 3.03 0.96
C ALA A 49 10.00 3.16 2.04
N ARG A 50 10.72 4.24 2.02
CA ARG A 50 11.83 4.43 3.02
C ARG A 50 11.31 4.24 4.44
N LYS A 51 10.02 4.40 4.65
CA LYS A 51 9.45 4.24 6.02
C LYS A 51 9.63 2.80 6.53
N GLY A 52 9.53 1.82 5.66
CA GLY A 52 9.69 0.40 6.12
C GLY A 52 8.88 0.22 7.41
N GLN A 53 7.82 0.97 7.54
CA GLN A 53 6.97 0.91 8.76
C GLN A 53 5.75 1.81 8.57
N PHE A 54 5.34 1.96 7.34
CA PHE A 54 4.17 2.82 6.98
C PHE A 54 2.88 2.00 6.98
N ASP A 55 2.89 0.89 7.67
CA ASP A 55 1.66 0.05 7.72
C ASP A 55 1.31 -0.54 6.36
N ILE A 56 0.88 0.29 5.42
CA ILE A 56 0.47 -0.25 4.08
C ILE A 56 0.82 0.71 2.92
N ALA A 57 1.10 0.19 1.74
CA ALA A 57 1.44 1.10 0.60
C ALA A 57 1.13 0.43 -0.74
N ILE A 58 0.54 1.12 -1.68
CA ILE A 58 0.24 0.44 -2.97
C ILE A 58 0.42 1.36 -4.19
N ILE A 59 1.56 1.29 -4.82
CA ILE A 59 1.75 2.07 -6.08
C ILE A 59 1.20 1.16 -7.18
N ASP A 60 -0.08 0.93 -7.13
CA ASP A 60 -0.71 -0.02 -8.09
C ASP A 60 -0.35 0.30 -9.54
N VAL A 61 -0.99 -0.38 -10.47
CA VAL A 61 -0.72 -0.20 -11.93
C VAL A 61 0.78 -0.31 -12.22
N ASN A 62 1.29 -1.52 -12.24
CA ASN A 62 2.73 -1.74 -12.53
C ASN A 62 2.89 -2.68 -13.73
N LEU A 63 3.16 -2.14 -14.89
CA LEU A 63 3.32 -3.00 -16.09
C LEU A 63 4.08 -2.24 -17.17
N ASP A 64 4.16 -2.76 -18.36
CA ASP A 64 4.92 -2.03 -19.42
C ASP A 64 6.30 -1.66 -18.90
N GLY A 65 6.76 -2.36 -17.89
CA GLY A 65 8.09 -2.05 -17.32
C GLY A 65 7.96 -1.92 -15.80
N GLU A 66 6.76 -1.91 -15.30
CA GLU A 66 6.54 -1.79 -13.84
C GLU A 66 7.37 -0.63 -13.29
N PRO A 67 6.79 0.53 -13.30
CA PRO A 67 7.47 1.74 -12.78
C PRO A 67 7.60 1.66 -11.25
N SER A 68 6.60 2.12 -10.54
CA SER A 68 6.65 2.06 -9.05
C SER A 68 7.83 2.89 -8.51
N TYR A 69 8.45 3.67 -9.35
CA TYR A 69 9.59 4.50 -8.89
C TYR A 69 10.55 3.65 -8.07
N PRO A 70 11.57 4.27 -7.58
CA PRO A 70 12.57 3.54 -6.77
C PRO A 70 12.07 3.34 -5.34
N VAL A 71 10.96 3.92 -4.99
CA VAL A 71 10.46 3.73 -3.60
C VAL A 71 9.44 2.58 -3.57
N ALA A 72 8.46 2.60 -4.44
CA ALA A 72 7.48 1.50 -4.48
C ALA A 72 8.20 0.21 -4.83
N ASP A 73 9.06 0.27 -5.82
CA ASP A 73 9.81 -0.94 -6.20
C ASP A 73 10.69 -1.38 -5.03
N ILE A 74 11.47 -0.49 -4.51
CA ILE A 74 12.33 -0.85 -3.34
C ILE A 74 11.42 -1.48 -2.30
N LEU A 75 10.28 -0.88 -2.10
CA LEU A 75 9.32 -1.42 -1.12
C LEU A 75 9.00 -2.87 -1.49
N ALA A 76 9.26 -3.23 -2.72
CA ALA A 76 9.00 -4.62 -3.16
C ALA A 76 10.30 -5.43 -3.04
N GLU A 77 11.43 -4.78 -3.19
CA GLU A 77 12.72 -5.51 -3.06
C GLU A 77 12.80 -6.20 -1.70
N ARG A 78 12.08 -5.71 -0.74
CA ARG A 78 12.11 -6.33 0.62
C ARG A 78 10.69 -6.66 1.09
N ASN A 79 9.70 -6.06 0.50
CA ASN A 79 8.28 -6.34 0.89
C ASN A 79 8.14 -6.50 2.41
N VAL A 80 7.92 -5.42 3.11
CA VAL A 80 7.74 -5.50 4.60
C VAL A 80 6.24 -5.66 4.89
N PRO A 81 5.82 -5.49 6.13
CA PRO A 81 4.37 -5.63 6.42
C PRO A 81 3.61 -4.52 5.69
N PHE A 82 2.64 -4.88 4.88
CA PHE A 82 1.91 -3.86 4.09
C PHE A 82 0.92 -4.54 3.15
N ILE A 83 0.69 -3.92 2.03
CA ILE A 83 -0.20 -4.47 1.01
C ILE A 83 0.17 -3.82 -0.30
N PHE A 84 -0.09 -4.47 -1.40
CA PHE A 84 0.25 -3.88 -2.72
C PHE A 84 -0.68 -4.48 -3.79
N ALA A 85 -0.85 -3.81 -4.89
CA ALA A 85 -1.74 -4.37 -5.92
C ALA A 85 -1.42 -3.80 -7.29
N THR A 86 -0.99 -4.62 -8.22
CA THR A 86 -0.67 -4.10 -9.58
C THR A 86 -1.30 -4.99 -10.65
N GLY A 87 -1.19 -4.59 -11.90
CA GLY A 87 -1.78 -5.38 -13.01
C GLY A 87 -1.75 -6.89 -12.73
N TYR A 88 -0.58 -7.46 -12.60
CA TYR A 88 -0.51 -8.94 -12.35
C TYR A 88 -0.63 -9.25 -10.86
N GLY A 89 -1.05 -8.30 -10.07
CA GLY A 89 -1.20 -8.56 -8.61
C GLY A 89 0.17 -8.60 -7.93
N SER A 90 0.98 -7.61 -8.16
CA SER A 90 2.34 -7.58 -7.54
C SER A 90 3.20 -8.75 -8.05
N LYS A 91 4.49 -8.60 -7.97
CA LYS A 91 5.42 -9.68 -8.46
C LYS A 91 5.46 -10.85 -7.48
N GLY A 92 4.67 -10.82 -6.44
CA GLY A 92 4.69 -11.93 -5.45
C GLY A 92 5.27 -11.41 -4.14
N LEU A 93 5.18 -10.13 -3.93
CA LEU A 93 5.71 -9.50 -2.69
C LEU A 93 5.52 -10.42 -1.47
N ASP A 94 6.40 -10.32 -0.51
CA ASP A 94 6.30 -11.17 0.72
C ASP A 94 5.94 -10.30 1.93
N THR A 95 5.31 -10.86 2.92
CA THR A 95 4.95 -10.04 4.12
C THR A 95 4.16 -10.87 5.13
N ARG A 96 3.69 -10.24 6.18
CA ARG A 96 2.89 -10.96 7.19
C ARG A 96 1.51 -11.27 6.62
N TYR A 97 1.25 -10.85 5.41
CA TYR A 97 -0.08 -11.09 4.80
C TYR A 97 -0.15 -12.49 4.19
N SER A 98 0.96 -13.12 3.95
CA SER A 98 0.93 -14.48 3.35
C SER A 98 0.41 -14.44 1.92
N ASN A 99 0.49 -13.30 1.27
CA ASN A 99 0.02 -13.21 -0.14
C ASN A 99 -1.45 -13.62 -0.27
N ILE A 100 -2.38 -12.69 -0.25
CA ILE A 100 -3.80 -13.07 -0.38
C ILE A 100 -4.65 -11.91 -0.94
N PRO A 101 -4.84 -10.88 -0.15
CA PRO A 101 -5.64 -9.71 -0.58
C PRO A 101 -4.88 -8.91 -1.64
N LEU A 102 -3.70 -9.31 -1.97
CA LEU A 102 -2.93 -8.54 -2.97
C LEU A 102 -3.56 -8.73 -4.36
N LEU A 103 -3.59 -7.71 -5.18
CA LEU A 103 -4.22 -7.87 -6.54
C LEU A 103 -3.99 -6.63 -7.41
N THR A 104 -4.90 -6.27 -8.27
CA THR A 104 -4.71 -5.07 -9.14
C THR A 104 -5.81 -4.05 -8.90
N LYS A 105 -6.20 -3.87 -7.67
CA LYS A 105 -7.28 -2.88 -7.37
C LYS A 105 -8.61 -3.29 -8.02
N PRO A 106 -8.92 -4.55 -7.94
CA PRO A 106 -10.18 -5.06 -8.51
C PRO A 106 -11.35 -4.65 -7.61
N PHE A 107 -11.06 -4.05 -6.48
CA PHE A 107 -12.14 -3.63 -5.55
C PHE A 107 -13.07 -4.80 -5.26
N LEU A 108 -14.01 -4.62 -4.36
CA LEU A 108 -14.92 -5.76 -4.02
C LEU A 108 -14.06 -6.97 -3.64
N ASP A 109 -13.83 -7.15 -2.36
CA ASP A 109 -12.98 -8.28 -1.88
C ASP A 109 -11.49 -7.92 -2.05
N SER A 110 -11.22 -6.68 -2.40
CA SER A 110 -9.80 -6.25 -2.57
C SER A 110 -9.22 -5.78 -1.23
N GLU A 111 -8.89 -4.52 -1.09
CA GLU A 111 -8.31 -4.03 0.19
C GLU A 111 -9.03 -4.67 1.38
N LEU A 112 -10.31 -4.90 1.24
CA LEU A 112 -11.06 -5.54 2.36
C LEU A 112 -10.31 -6.79 2.81
N GLU A 113 -10.00 -7.66 1.89
CA GLU A 113 -9.23 -8.87 2.27
C GLU A 113 -7.93 -8.42 2.93
N ALA A 114 -7.48 -7.25 2.58
CA ALA A 114 -6.21 -6.75 3.17
C ALA A 114 -6.40 -6.50 4.66
N VAL A 115 -7.62 -6.37 5.09
CA VAL A 115 -7.87 -6.14 6.54
C VAL A 115 -8.43 -7.39 7.21
N LEU A 116 -8.96 -8.31 6.43
CA LEU A 116 -9.54 -9.55 7.02
C LEU A 116 -8.56 -10.72 7.01
N VAL A 117 -8.01 -11.02 5.87
CA VAL A 117 -7.08 -12.18 5.75
C VAL A 117 -5.82 -12.02 6.61
N GLN A 118 -5.49 -10.82 7.01
CA GLN A 118 -4.25 -10.65 7.81
C GLN A 118 -4.51 -10.87 9.29
N ILE A 119 -5.30 -11.86 9.63
CA ILE A 119 -5.56 -12.15 11.07
C ILE A 119 -4.48 -13.09 11.58
N SER A 120 -3.88 -13.84 10.69
CA SER A 120 -2.81 -14.81 11.09
C SER A 120 -2.59 -15.86 10.00
N LYS A 121 -3.39 -16.89 10.01
CA LYS A 121 -3.27 -17.99 8.98
C LYS A 121 -2.10 -18.92 9.34
N GLU A 122 -2.34 -19.87 10.22
CA GLU A 122 -1.25 -20.81 10.64
C GLU A 122 0.05 -20.05 10.75
N VAL A 123 -0.05 -18.80 11.11
CA VAL A 123 1.16 -17.95 11.26
C VAL A 123 1.83 -17.72 9.90
CA CA B . -5.09 4.04 -12.09
BE BEF C . -4.69 1.48 -10.35
F1 BEF C . -4.46 2.88 -10.73
F2 BEF C . -6.01 2.61 -9.81
F3 BEF C . -5.91 1.05 -10.87
N GLY A 1 11.45 9.29 10.81
CA GLY A 1 12.91 9.28 10.48
C GLY A 1 13.66 8.49 11.55
N SER A 2 14.77 8.99 12.02
CA SER A 2 15.54 8.26 13.07
C SER A 2 15.02 8.62 14.46
N HIS A 3 14.04 9.49 14.53
CA HIS A 3 13.48 9.88 15.85
C HIS A 3 12.84 8.68 16.53
N MET A 4 12.00 8.90 17.50
CA MET A 4 11.34 7.77 18.21
C MET A 4 10.29 7.12 17.30
N THR A 5 9.04 7.49 17.41
CA THR A 5 8.01 6.88 16.53
C THR A 5 7.15 7.97 15.89
N GLU A 6 6.54 7.69 14.78
CA GLU A 6 5.68 8.72 14.13
C GLU A 6 5.00 8.12 12.88
N ARG A 7 4.55 6.90 12.98
CA ARG A 7 3.89 6.26 11.80
C ARG A 7 3.39 4.87 12.19
N ARG A 8 2.93 4.71 13.41
CA ARG A 8 2.42 3.38 13.84
C ARG A 8 1.14 3.02 13.08
N LEU A 9 0.49 3.99 12.50
CA LEU A 9 -0.75 3.70 11.74
C LEU A 9 -0.79 4.56 10.46
N ARG A 10 -0.28 4.04 9.37
CA ARG A 10 -0.30 4.85 8.12
C ARG A 10 -0.37 3.96 6.87
N VAL A 11 -1.23 4.29 5.95
CA VAL A 11 -1.35 3.47 4.71
C VAL A 11 -1.25 4.37 3.48
N LEU A 12 -0.18 4.29 2.74
CA LEU A 12 -0.06 5.16 1.54
C LEU A 12 -0.46 4.38 0.28
N VAL A 13 -1.70 4.49 -0.15
CA VAL A 13 -2.12 3.78 -1.39
C VAL A 13 -2.07 4.80 -2.52
N VAL A 14 -1.88 4.36 -3.72
CA VAL A 14 -1.77 5.35 -4.79
C VAL A 14 -1.92 4.72 -6.18
N GLU A 15 -2.38 5.50 -7.11
CA GLU A 15 -2.56 5.03 -8.51
C GLU A 15 -2.94 6.24 -9.40
N ASP A 16 -2.95 6.09 -10.68
CA ASP A 16 -3.29 7.25 -11.54
C ASP A 16 -4.81 7.46 -11.63
N GLU A 17 -5.41 7.96 -10.59
CA GLU A 17 -6.88 8.19 -10.65
C GLU A 17 -7.41 8.74 -9.33
N SER A 18 -8.60 9.29 -9.34
CA SER A 18 -9.19 9.85 -8.08
C SER A 18 -10.02 8.77 -7.38
N MET A 19 -10.38 7.73 -8.07
CA MET A 19 -11.18 6.65 -7.43
C MET A 19 -10.45 6.12 -6.20
N ILE A 20 -9.18 6.41 -6.09
CA ILE A 20 -8.40 5.91 -4.91
C ILE A 20 -8.30 7.02 -3.84
N ALA A 21 -8.93 8.13 -4.08
CA ALA A 21 -8.86 9.24 -3.10
C ALA A 21 -10.02 9.11 -2.10
N MET A 22 -11.18 9.58 -2.44
CA MET A 22 -12.33 9.46 -1.50
C MET A 22 -12.53 7.99 -1.13
N LEU A 23 -12.05 7.12 -1.96
CA LEU A 23 -12.14 5.66 -1.65
C LEU A 23 -11.31 5.36 -0.40
N ILE A 24 -10.53 6.32 0.02
CA ILE A 24 -9.67 6.12 1.22
C ILE A 24 -10.30 6.82 2.44
N GLU A 25 -10.68 8.07 2.31
CA GLU A 25 -11.29 8.79 3.45
C GLU A 25 -12.33 7.90 4.13
N ASP A 26 -12.93 7.03 3.36
CA ASP A 26 -13.93 6.10 3.95
C ASP A 26 -13.21 4.92 4.60
N THR A 27 -12.30 4.31 3.90
CA THR A 27 -11.54 3.18 4.50
C THR A 27 -10.76 3.69 5.70
N LEU A 28 -10.15 4.84 5.56
CA LEU A 28 -9.39 5.43 6.70
C LEU A 28 -10.35 5.64 7.87
N CYS A 29 -11.55 6.07 7.59
CA CYS A 29 -12.54 6.29 8.68
C CYS A 29 -12.50 5.06 9.61
N GLU A 30 -12.23 3.92 9.05
CA GLU A 30 -12.17 2.67 9.87
C GLU A 30 -10.83 2.59 10.59
N LEU A 31 -9.74 2.73 9.88
CA LEU A 31 -8.40 2.65 10.53
C LEU A 31 -8.15 3.88 11.40
N GLY A 32 -8.68 5.00 11.02
CA GLY A 32 -8.41 6.23 11.80
C GLY A 32 -6.97 6.66 11.50
N HIS A 33 -6.38 6.08 10.48
CA HIS A 33 -4.98 6.43 10.12
C HIS A 33 -4.75 7.93 10.20
N GLU A 34 -3.52 8.36 10.16
CA GLU A 34 -3.24 9.81 10.22
C GLU A 34 -3.61 10.47 8.88
N VAL A 35 -2.86 10.18 7.85
CA VAL A 35 -3.14 10.76 6.51
C VAL A 35 -2.78 9.75 5.43
N ALA A 36 -3.72 8.99 4.96
CA ALA A 36 -3.40 7.97 3.91
C ALA A 36 -2.94 8.68 2.63
N ALA A 37 -2.62 7.92 1.62
CA ALA A 37 -2.17 8.54 0.34
C ALA A 37 -3.09 8.06 -0.79
N THR A 38 -3.31 8.88 -1.78
CA THR A 38 -4.21 8.46 -2.89
C THR A 38 -3.73 9.07 -4.21
N ALA A 39 -3.89 8.35 -5.29
CA ALA A 39 -3.45 8.83 -6.64
C ALA A 39 -1.96 8.59 -6.79
N SER A 40 -1.45 8.58 -7.97
CA SER A 40 -0.01 8.32 -8.12
C SER A 40 0.82 9.60 -8.06
N ARG A 41 1.56 9.75 -6.99
CA ARG A 41 2.40 10.96 -6.80
C ARG A 41 3.86 10.54 -6.57
N MET A 42 4.76 10.96 -7.41
CA MET A 42 6.19 10.58 -7.22
C MET A 42 6.67 11.07 -5.85
N GLN A 43 6.10 12.13 -5.35
CA GLN A 43 6.52 12.65 -4.02
C GLN A 43 5.99 11.72 -2.92
N GLU A 44 4.69 11.62 -2.80
CA GLU A 44 4.12 10.72 -1.75
C GLU A 44 4.56 9.27 -1.99
N ALA A 45 4.48 8.81 -3.22
CA ALA A 45 4.92 7.41 -3.51
C ALA A 45 6.26 7.15 -2.82
N LEU A 46 7.19 8.02 -2.98
CA LEU A 46 8.52 7.84 -2.32
C LEU A 46 8.32 7.61 -0.82
N ASP A 47 7.47 8.40 -0.22
CA ASP A 47 7.22 8.25 1.24
C ASP A 47 6.75 6.83 1.57
N ILE A 48 6.22 6.12 0.61
CA ILE A 48 5.74 4.73 0.90
C ILE A 48 6.84 3.72 0.58
N ALA A 49 7.62 3.96 -0.44
CA ALA A 49 8.68 2.99 -0.79
C ALA A 49 10.00 3.39 -0.13
N ARG A 50 10.55 4.49 -0.54
CA ARG A 50 11.85 4.95 0.04
C ARG A 50 11.77 4.99 1.56
N LYS A 51 10.63 5.31 2.11
CA LYS A 51 10.50 5.35 3.59
C LYS A 51 10.92 3.99 4.19
N GLY A 52 10.50 2.92 3.58
CA GLY A 52 10.88 1.57 4.09
C GLY A 52 10.15 1.27 5.40
N GLN A 53 10.31 2.10 6.39
CA GLN A 53 9.64 1.84 7.70
C GLN A 53 8.17 2.23 7.64
N PHE A 54 7.70 2.72 6.53
CA PHE A 54 6.26 3.09 6.46
C PHE A 54 5.41 1.88 6.81
N ASP A 55 4.12 2.01 6.70
CA ASP A 55 3.23 0.87 7.06
C ASP A 55 2.74 0.15 5.82
N ILE A 56 2.08 0.83 4.92
CA ILE A 56 1.57 0.15 3.69
C ILE A 56 1.79 1.02 2.44
N ALA A 57 1.83 0.42 1.26
CA ALA A 57 2.06 1.23 0.02
C ALA A 57 1.43 0.57 -1.20
N ILE A 58 0.58 1.27 -1.91
CA ILE A 58 -0.04 0.62 -3.10
C ILE A 58 0.01 1.53 -4.34
N ILE A 59 1.01 1.39 -5.16
CA ILE A 59 1.07 2.19 -6.42
C ILE A 59 0.44 1.31 -7.50
N ASP A 60 -0.75 0.84 -7.21
CA ASP A 60 -1.46 -0.09 -8.11
C ASP A 60 -1.47 0.35 -9.58
N VAL A 61 -2.04 -0.49 -10.40
CA VAL A 61 -2.12 -0.21 -11.85
C VAL A 61 -0.72 -0.09 -12.47
N ASN A 62 -0.29 -1.14 -13.10
CA ASN A 62 1.05 -1.15 -13.75
C ASN A 62 0.89 -1.66 -15.17
N LEU A 63 0.09 -0.98 -15.96
CA LEU A 63 -0.14 -1.43 -17.36
C LEU A 63 0.05 -0.25 -18.31
N ASP A 64 -0.05 -0.49 -19.59
CA ASP A 64 0.12 0.61 -20.57
C ASP A 64 1.36 1.45 -20.21
N GLY A 65 2.28 0.87 -19.48
CA GLY A 65 3.51 1.65 -19.12
C GLY A 65 3.96 1.29 -17.71
N GLU A 66 3.18 0.55 -16.98
CA GLU A 66 3.60 0.17 -15.60
C GLU A 66 4.14 1.41 -14.87
N PRO A 67 3.27 2.36 -14.67
CA PRO A 67 3.64 3.63 -14.00
C PRO A 67 3.85 3.40 -12.49
N SER A 68 4.82 2.61 -12.13
CA SER A 68 5.07 2.36 -10.67
C SER A 68 6.46 2.88 -10.29
N TYR A 69 7.06 3.64 -11.16
CA TYR A 69 8.42 4.20 -10.86
C TYR A 69 9.37 3.08 -10.40
N PRO A 70 10.62 3.42 -10.36
CA PRO A 70 11.65 2.45 -9.93
C PRO A 70 11.54 2.19 -8.43
N VAL A 71 10.68 2.89 -7.75
CA VAL A 71 10.56 2.65 -6.28
C VAL A 71 9.44 1.65 -6.00
N ALA A 72 8.24 1.87 -6.48
CA ALA A 72 7.16 0.87 -6.25
C ALA A 72 7.68 -0.50 -6.66
N ASP A 73 8.29 -0.57 -7.81
CA ASP A 73 8.84 -1.87 -8.26
C ASP A 73 9.87 -2.35 -7.26
N ILE A 74 10.82 -1.53 -6.96
CA ILE A 74 11.85 -1.91 -5.96
C ILE A 74 11.14 -2.33 -4.68
N LEU A 75 10.16 -1.56 -4.30
CA LEU A 75 9.39 -1.89 -3.09
C LEU A 75 8.97 -3.36 -3.15
N ALA A 76 8.88 -3.90 -4.34
CA ALA A 76 8.49 -5.32 -4.49
C ALA A 76 9.74 -6.21 -4.41
N GLU A 77 10.87 -5.71 -4.84
CA GLU A 77 12.12 -6.53 -4.79
C GLU A 77 12.55 -6.70 -3.33
N ARG A 78 11.88 -6.04 -2.42
CA ARG A 78 12.23 -6.17 -0.98
C ARG A 78 10.95 -6.36 -0.16
N ASN A 79 9.94 -5.60 -0.46
CA ASN A 79 8.63 -5.73 0.26
C ASN A 79 8.79 -5.58 1.77
N VAL A 80 8.62 -4.40 2.28
CA VAL A 80 8.70 -4.19 3.77
C VAL A 80 7.31 -4.49 4.34
N PRO A 81 7.07 -4.16 5.58
CA PRO A 81 5.72 -4.40 6.11
C PRO A 81 4.77 -3.47 5.37
N PHE A 82 3.84 -4.01 4.64
CA PHE A 82 2.92 -3.15 3.84
C PHE A 82 1.89 -3.97 3.07
N ILE A 83 1.68 -3.62 1.83
CA ILE A 83 0.70 -4.33 0.97
C ILE A 83 0.76 -3.69 -0.40
N PHE A 84 0.38 -4.40 -1.43
CA PHE A 84 0.45 -3.79 -2.78
C PHE A 84 -0.53 -4.45 -3.74
N ALA A 85 -0.74 -3.85 -4.88
CA ALA A 85 -1.67 -4.44 -5.85
C ALA A 85 -1.33 -3.97 -7.26
N THR A 86 -1.70 -4.72 -8.28
CA THR A 86 -1.38 -4.27 -9.67
C THR A 86 -1.70 -5.39 -10.69
N GLY A 87 -1.35 -5.17 -11.92
CA GLY A 87 -1.64 -6.17 -12.98
C GLY A 87 -1.20 -7.59 -12.58
N TYR A 88 -0.01 -7.76 -12.08
CA TYR A 88 0.44 -9.14 -11.72
C TYR A 88 0.05 -9.49 -10.27
N GLY A 89 -0.37 -8.53 -9.49
CA GLY A 89 -0.77 -8.85 -8.09
C GLY A 89 0.47 -9.09 -7.23
N SER A 90 1.33 -8.11 -7.11
CA SER A 90 2.56 -8.25 -6.28
C SER A 90 3.58 -9.25 -6.85
N LYS A 91 3.18 -10.17 -7.68
CA LYS A 91 4.18 -11.16 -8.24
C LYS A 91 4.70 -12.08 -7.13
N GLY A 92 5.19 -11.54 -6.05
CA GLY A 92 5.72 -12.38 -4.93
C GLY A 92 5.95 -11.47 -3.72
N LEU A 93 5.10 -10.50 -3.55
CA LEU A 93 5.25 -9.55 -2.41
C LEU A 93 5.33 -10.29 -1.07
N ASP A 94 6.45 -10.21 -0.42
CA ASP A 94 6.60 -10.87 0.92
C ASP A 94 6.55 -9.80 2.00
N THR A 95 6.15 -10.14 3.20
CA THR A 95 6.08 -9.08 4.25
C THR A 95 5.67 -9.69 5.60
N ARG A 96 5.52 -8.85 6.59
CA ARG A 96 5.10 -9.34 7.93
C ARG A 96 3.60 -9.62 7.93
N TYR A 97 2.95 -9.44 6.82
CA TYR A 97 1.49 -9.68 6.77
C TYR A 97 1.20 -11.18 6.56
N SER A 98 1.63 -11.73 5.45
CA SER A 98 1.40 -13.18 5.16
C SER A 98 1.50 -13.46 3.65
N ASN A 99 1.61 -12.43 2.84
CA ASN A 99 1.75 -12.60 1.35
C ASN A 99 0.38 -12.88 0.71
N ILE A 100 -0.68 -12.61 1.40
CA ILE A 100 -2.02 -12.87 0.80
C ILE A 100 -2.79 -11.59 0.39
N PRO A 101 -2.51 -10.46 1.02
CA PRO A 101 -3.25 -9.23 0.67
C PRO A 101 -2.73 -8.64 -0.65
N LEU A 102 -2.72 -9.42 -1.69
CA LEU A 102 -2.20 -8.87 -2.98
C LEU A 102 -3.27 -8.95 -4.07
N LEU A 103 -3.45 -7.89 -4.83
CA LEU A 103 -4.48 -7.93 -5.92
C LEU A 103 -4.35 -6.71 -6.84
N THR A 104 -5.35 -6.45 -7.64
CA THR A 104 -5.29 -5.27 -8.54
C THR A 104 -6.49 -4.36 -8.25
N LYS A 105 -6.82 -4.16 -7.00
CA LYS A 105 -7.99 -3.30 -6.66
C LYS A 105 -9.29 -3.83 -7.29
N PRO A 106 -9.46 -5.14 -7.21
CA PRO A 106 -10.68 -5.76 -7.76
C PRO A 106 -11.83 -5.57 -6.76
N PHE A 107 -11.54 -5.04 -5.61
CA PHE A 107 -12.60 -4.83 -4.58
C PHE A 107 -13.24 -6.18 -4.25
N LEU A 108 -14.50 -6.23 -3.93
CA LEU A 108 -15.14 -7.53 -3.56
C LEU A 108 -14.50 -8.06 -2.26
N ASP A 109 -13.21 -8.25 -2.26
CA ASP A 109 -12.51 -8.75 -1.03
C ASP A 109 -11.19 -8.01 -0.86
N SER A 110 -10.95 -6.99 -1.66
CA SER A 110 -9.67 -6.24 -1.56
C SER A 110 -9.57 -5.50 -0.22
N GLU A 111 -10.05 -4.28 -0.16
CA GLU A 111 -9.98 -3.49 1.12
C GLU A 111 -10.13 -4.42 2.32
N LEU A 112 -10.90 -5.45 2.17
CA LEU A 112 -11.09 -6.42 3.30
C LEU A 112 -9.78 -7.15 3.53
N GLU A 113 -9.40 -8.00 2.60
CA GLU A 113 -8.11 -8.72 2.76
C GLU A 113 -7.05 -7.74 3.24
N ALA A 114 -6.88 -6.68 2.51
CA ALA A 114 -5.87 -5.66 2.89
C ALA A 114 -5.85 -5.48 4.41
N VAL A 115 -6.98 -5.53 5.06
CA VAL A 115 -7.01 -5.35 6.54
C VAL A 115 -7.26 -6.68 7.23
N LEU A 116 -7.91 -7.59 6.57
CA LEU A 116 -8.19 -8.93 7.19
C LEU A 116 -6.90 -9.75 7.19
N VAL A 117 -6.07 -9.53 6.21
CA VAL A 117 -4.79 -10.28 6.11
C VAL A 117 -3.84 -9.91 7.26
N GLN A 118 -4.19 -8.95 8.06
CA GLN A 118 -3.28 -8.55 9.18
C GLN A 118 -3.59 -9.37 10.44
N ILE A 119 -4.69 -10.07 10.46
CA ILE A 119 -5.03 -10.88 11.66
C ILE A 119 -4.57 -12.32 11.48
N SER A 120 -4.28 -12.71 10.29
CA SER A 120 -3.82 -14.10 10.03
C SER A 120 -2.42 -14.30 10.64
N LYS A 121 -2.25 -15.33 11.43
CA LYS A 121 -0.91 -15.57 12.05
C LYS A 121 -0.83 -16.97 12.65
N GLU A 122 0.19 -17.21 13.42
CA GLU A 122 0.38 -18.57 14.04
C GLU A 122 0.12 -19.64 13.00
N VAL A 123 0.33 -19.31 11.76
CA VAL A 123 0.11 -20.27 10.64
C VAL A 123 -0.83 -21.41 11.03
CA CA B . -5.38 3.56 -12.52
BE BEF C . -5.36 1.46 -10.12
F1 BEF C . -4.85 2.45 -11.10
F2 BEF C . -6.70 2.39 -10.87
F3 BEF C . -6.21 0.54 -10.72
N GLY A 1 7.88 12.66 17.29
CA GLY A 1 7.61 11.84 18.50
C GLY A 1 8.92 11.46 19.17
N SER A 2 8.87 11.05 20.42
CA SER A 2 10.12 10.66 21.13
C SER A 2 9.98 9.26 21.72
N HIS A 3 10.71 8.32 21.21
CA HIS A 3 10.61 6.93 21.74
C HIS A 3 9.15 6.54 21.95
N MET A 4 8.33 6.76 20.96
CA MET A 4 6.88 6.41 21.09
C MET A 4 6.52 5.31 20.08
N THR A 5 5.67 5.58 19.12
CA THR A 5 5.30 4.53 18.14
C THR A 5 5.44 5.09 16.72
N GLU A 6 5.49 4.23 15.73
CA GLU A 6 5.63 4.73 14.34
C GLU A 6 4.82 3.85 13.37
N ARG A 7 4.05 2.92 13.89
CA ARG A 7 3.24 2.05 13.00
C ARG A 7 1.87 2.69 12.76
N ARG A 8 1.60 3.78 13.44
CA ARG A 8 0.29 4.48 13.27
C ARG A 8 0.30 5.34 12.01
N LEU A 9 1.34 5.23 11.22
CA LEU A 9 1.44 6.05 9.97
C LEU A 9 0.23 5.78 9.05
N ARG A 10 0.43 5.66 7.77
CA ARG A 10 -0.72 5.38 6.87
C ARG A 10 -0.25 4.72 5.57
N VAL A 11 -1.17 4.41 4.72
CA VAL A 11 -0.82 3.74 3.44
C VAL A 11 -0.68 4.74 2.28
N LEU A 12 0.37 4.64 1.54
CA LEU A 12 0.54 5.53 0.38
C LEU A 12 0.15 4.75 -0.88
N VAL A 13 -1.04 4.93 -1.35
CA VAL A 13 -1.49 4.15 -2.56
C VAL A 13 -1.56 5.06 -3.77
N VAL A 14 -1.32 4.53 -4.93
CA VAL A 14 -1.36 5.38 -6.13
C VAL A 14 -1.79 4.57 -7.37
N GLU A 15 -2.77 5.07 -8.07
CA GLU A 15 -3.28 4.39 -9.31
C GLU A 15 -3.84 5.46 -10.26
N ASP A 16 -3.64 5.29 -11.53
CA ASP A 16 -4.11 6.30 -12.53
C ASP A 16 -5.41 7.04 -12.14
N GLU A 17 -6.28 6.47 -11.35
CA GLU A 17 -7.54 7.21 -11.04
C GLU A 17 -7.53 7.84 -9.63
N SER A 18 -8.52 8.67 -9.37
CA SER A 18 -8.59 9.36 -8.04
C SER A 18 -9.52 8.59 -7.08
N MET A 19 -10.27 7.64 -7.58
CA MET A 19 -11.16 6.88 -6.67
C MET A 19 -10.34 6.36 -5.50
N ILE A 20 -9.06 6.24 -5.72
CA ILE A 20 -8.19 5.74 -4.64
C ILE A 20 -7.79 6.86 -3.70
N ALA A 21 -8.17 8.06 -4.02
CA ALA A 21 -7.79 9.22 -3.17
C ALA A 21 -8.79 9.41 -2.03
N MET A 22 -9.94 9.94 -2.31
CA MET A 22 -10.92 10.15 -1.21
C MET A 22 -11.13 8.82 -0.49
N LEU A 23 -10.83 7.73 -1.14
CA LEU A 23 -10.97 6.41 -0.49
C LEU A 23 -9.87 6.27 0.58
N ILE A 24 -8.96 7.21 0.62
CA ILE A 24 -7.85 7.13 1.62
C ILE A 24 -8.15 8.02 2.84
N GLU A 25 -8.54 9.23 2.61
CA GLU A 25 -8.80 10.15 3.76
C GLU A 25 -10.02 9.69 4.57
N ASP A 26 -10.85 8.86 4.02
CA ASP A 26 -12.04 8.37 4.78
C ASP A 26 -11.62 7.25 5.73
N THR A 27 -10.84 6.31 5.25
CA THR A 27 -10.39 5.20 6.12
C THR A 27 -9.58 5.74 7.28
N LEU A 28 -8.66 6.63 7.01
CA LEU A 28 -7.84 7.22 8.10
C LEU A 28 -8.77 7.99 9.05
N CYS A 29 -9.86 8.50 8.53
CA CYS A 29 -10.81 9.25 9.41
C CYS A 29 -11.29 8.35 10.54
N GLU A 30 -11.35 7.06 10.29
CA GLU A 30 -11.81 6.10 11.33
C GLU A 30 -10.63 5.58 12.13
N LEU A 31 -9.47 5.50 11.53
CA LEU A 31 -8.30 4.97 12.28
C LEU A 31 -7.47 6.13 12.85
N GLY A 32 -7.33 7.19 12.13
CA GLY A 32 -6.52 8.34 12.64
C GLY A 32 -5.04 8.08 12.33
N HIS A 33 -4.79 7.39 11.25
CA HIS A 33 -3.38 7.08 10.87
C HIS A 33 -2.57 8.39 10.70
N GLU A 34 -1.88 8.60 9.60
CA GLU A 34 -1.10 9.87 9.50
C GLU A 34 -1.23 10.54 8.13
N VAL A 35 -0.65 9.97 7.10
CA VAL A 35 -0.74 10.61 5.76
C VAL A 35 -1.46 9.68 4.79
N ALA A 36 -1.36 9.93 3.52
CA ALA A 36 -2.02 9.05 2.54
C ALA A 36 -1.68 9.51 1.12
N ALA A 37 -1.54 8.59 0.20
CA ALA A 37 -1.21 9.01 -1.20
C ALA A 37 -2.31 8.54 -2.13
N THR A 38 -2.55 9.28 -3.19
CA THR A 38 -3.65 8.90 -4.11
C THR A 38 -3.23 9.00 -5.57
N ALA A 39 -4.01 8.39 -6.44
CA ALA A 39 -3.69 8.40 -7.89
C ALA A 39 -2.28 7.89 -8.09
N SER A 40 -1.94 7.43 -9.25
CA SER A 40 -0.56 6.91 -9.46
C SER A 40 0.40 8.07 -9.74
N ARG A 41 1.17 8.46 -8.75
CA ARG A 41 2.11 9.58 -8.94
C ARG A 41 3.56 9.10 -8.75
N MET A 42 4.43 9.46 -9.65
CA MET A 42 5.85 9.04 -9.52
C MET A 42 6.51 9.81 -8.37
N GLN A 43 6.15 11.05 -8.20
CA GLN A 43 6.75 11.86 -7.10
C GLN A 43 6.38 11.23 -5.76
N GLU A 44 5.13 10.93 -5.56
CA GLU A 44 4.70 10.31 -4.27
C GLU A 44 5.10 8.83 -4.24
N ALA A 45 4.83 8.12 -5.30
CA ALA A 45 5.19 6.67 -5.34
C ALA A 45 6.61 6.48 -4.77
N LEU A 46 7.59 6.95 -5.48
CA LEU A 46 8.99 6.84 -5.00
C LEU A 46 9.05 7.12 -3.52
N ASP A 47 8.26 8.06 -3.09
CA ASP A 47 8.24 8.41 -1.64
C ASP A 47 7.72 7.22 -0.83
N ILE A 48 6.55 6.74 -1.14
CA ILE A 48 5.99 5.59 -0.37
C ILE A 48 7.09 4.57 -0.12
N ALA A 49 8.07 4.52 -0.97
CA ALA A 49 9.17 3.55 -0.77
C ALA A 49 10.30 4.17 0.07
N ARG A 50 10.95 5.16 -0.45
CA ARG A 50 12.07 5.81 0.32
C ARG A 50 11.53 6.58 1.53
N LYS A 51 10.27 6.88 1.53
CA LYS A 51 9.67 7.64 2.68
C LYS A 51 9.94 6.88 3.97
N GLY A 52 9.70 5.59 3.98
CA GLY A 52 9.94 4.78 5.20
C GLY A 52 8.80 5.00 6.20
N GLN A 53 8.52 6.23 6.54
CA GLN A 53 7.42 6.49 7.52
C GLN A 53 6.07 6.51 6.80
N PHE A 54 5.82 5.52 5.98
CA PHE A 54 4.54 5.43 5.23
C PHE A 54 3.93 4.04 5.43
N ASP A 55 4.57 3.22 6.23
CA ASP A 55 4.10 1.82 6.51
C ASP A 55 3.64 1.07 5.26
N ILE A 56 2.60 1.50 4.59
CA ILE A 56 2.12 0.72 3.40
C ILE A 56 2.13 1.53 2.10
N ALA A 57 2.32 0.86 0.97
CA ALA A 57 2.32 1.59 -0.34
C ALA A 57 1.58 0.75 -1.38
N ILE A 58 0.87 1.36 -2.29
CA ILE A 58 0.16 0.51 -3.29
C ILE A 58 0.22 1.10 -4.70
N ILE A 59 1.17 0.67 -5.47
CA ILE A 59 1.26 1.10 -6.89
C ILE A 59 0.51 0.07 -7.68
N ASP A 60 -0.78 0.17 -7.71
CA ASP A 60 -1.55 -0.89 -8.42
C ASP A 60 -1.57 -0.68 -9.92
N VAL A 61 -2.40 -1.43 -10.58
CA VAL A 61 -2.48 -1.33 -12.05
C VAL A 61 -1.09 -1.64 -12.65
N ASN A 62 -0.85 -2.90 -12.93
CA ASN A 62 0.47 -3.30 -13.47
C ASN A 62 0.28 -4.26 -14.65
N LEU A 63 -0.06 -3.74 -15.80
CA LEU A 63 -0.25 -4.62 -16.97
C LEU A 63 0.22 -3.89 -18.23
N ASP A 64 0.06 -4.49 -19.38
CA ASP A 64 0.51 -3.82 -20.63
C ASP A 64 1.93 -3.29 -20.44
N GLY A 65 2.67 -3.85 -19.52
CA GLY A 65 4.06 -3.38 -19.27
C GLY A 65 4.32 -3.33 -17.77
N GLU A 66 3.27 -3.34 -16.98
CA GLU A 66 3.44 -3.30 -15.51
C GLU A 66 4.31 -2.11 -15.10
N PRO A 67 3.73 -0.94 -15.22
CA PRO A 67 4.45 0.31 -14.85
C PRO A 67 4.52 0.47 -13.33
N SER A 68 5.35 -0.27 -12.68
CA SER A 68 5.47 -0.17 -11.20
C SER A 68 6.76 0.57 -10.82
N TYR A 69 7.49 1.03 -11.80
CA TYR A 69 8.78 1.72 -11.54
C TYR A 69 9.64 0.89 -10.60
N PRO A 70 10.86 1.31 -10.44
CA PRO A 70 11.78 0.59 -9.55
C PRO A 70 11.47 0.91 -8.09
N VAL A 71 10.46 1.71 -7.84
CA VAL A 71 10.14 2.02 -6.42
C VAL A 71 9.22 0.94 -5.85
N ALA A 72 8.14 0.63 -6.52
CA ALA A 72 7.24 -0.44 -6.01
C ALA A 72 7.93 -1.78 -6.18
N ASP A 73 8.42 -2.06 -7.36
CA ASP A 73 9.11 -3.34 -7.59
C ASP A 73 10.14 -3.56 -6.49
N ILE A 74 11.00 -2.59 -6.29
CA ILE A 74 12.01 -2.70 -5.22
C ILE A 74 11.29 -2.85 -3.88
N LEU A 75 10.24 -2.10 -3.71
CA LEU A 75 9.45 -2.19 -2.45
C LEU A 75 9.07 -3.65 -2.23
N ALA A 76 9.05 -4.43 -3.27
CA ALA A 76 8.71 -5.86 -3.14
C ALA A 76 9.99 -6.68 -3.00
N GLU A 77 11.01 -6.32 -3.72
CA GLU A 77 12.30 -7.08 -3.63
C GLU A 77 12.80 -7.03 -2.18
N ARG A 78 12.75 -5.88 -1.56
CA ARG A 78 13.18 -5.78 -0.14
C ARG A 78 11.96 -5.98 0.76
N ASN A 79 10.80 -5.73 0.21
CA ASN A 79 9.52 -5.91 0.96
C ASN A 79 9.68 -5.62 2.46
N VAL A 80 9.27 -4.46 2.85
CA VAL A 80 9.33 -4.05 4.28
C VAL A 80 7.87 -4.06 4.81
N PRO A 81 7.64 -3.68 6.04
CA PRO A 81 6.24 -3.67 6.53
C PRO A 81 5.43 -2.78 5.60
N PHE A 82 4.42 -3.33 4.98
CA PHE A 82 3.63 -2.55 4.01
C PHE A 82 2.51 -3.41 3.40
N ILE A 83 2.27 -3.23 2.13
CA ILE A 83 1.23 -4.00 1.42
C ILE A 83 1.22 -3.49 -0.02
N PHE A 84 0.65 -4.25 -0.92
CA PHE A 84 0.63 -3.81 -2.33
C PHE A 84 -0.53 -4.48 -3.09
N ALA A 85 -0.78 -4.04 -4.28
CA ALA A 85 -1.88 -4.66 -5.06
C ALA A 85 -1.81 -4.20 -6.51
N THR A 86 -1.84 -5.12 -7.44
CA THR A 86 -1.77 -4.71 -8.87
C THR A 86 -2.41 -5.78 -9.75
N GLY A 87 -2.16 -5.74 -11.03
CA GLY A 87 -2.77 -6.75 -11.95
C GLY A 87 -2.25 -8.15 -11.64
N TYR A 88 -1.08 -8.29 -11.04
CA TYR A 88 -0.58 -9.66 -10.76
C TYR A 88 -0.90 -10.11 -9.34
N GLY A 89 -1.53 -9.28 -8.54
CA GLY A 89 -1.87 -9.70 -7.15
C GLY A 89 -0.59 -10.02 -6.39
N SER A 90 0.26 -9.06 -6.24
CA SER A 90 1.54 -9.29 -5.51
C SER A 90 2.48 -10.17 -6.33
N LYS A 91 3.75 -9.86 -6.32
CA LYS A 91 4.72 -10.69 -7.09
C LYS A 91 5.38 -11.73 -6.18
N GLY A 92 5.12 -11.66 -4.90
CA GLY A 92 5.74 -12.63 -3.95
C GLY A 92 6.26 -11.88 -2.73
N LEU A 93 6.21 -10.57 -2.77
CA LEU A 93 6.69 -9.75 -1.63
C LEU A 93 6.32 -10.41 -0.28
N ASP A 94 7.26 -10.47 0.62
CA ASP A 94 6.98 -11.10 1.95
C ASP A 94 6.99 -10.03 3.05
N THR A 95 6.28 -10.25 4.11
CA THR A 95 6.26 -9.24 5.21
C THR A 95 5.52 -9.79 6.43
N ARG A 96 5.34 -8.97 7.41
CA ARG A 96 4.61 -9.43 8.63
C ARG A 96 3.12 -9.54 8.32
N TYR A 97 2.73 -9.20 7.12
CA TYR A 97 1.28 -9.27 6.77
C TYR A 97 0.89 -10.68 6.34
N SER A 98 1.63 -11.26 5.41
CA SER A 98 1.37 -12.66 4.88
C SER A 98 0.98 -12.59 3.40
N ASN A 99 0.97 -11.43 2.82
CA ASN A 99 0.64 -11.29 1.38
C ASN A 99 -0.82 -11.68 1.09
N ILE A 100 -1.66 -11.68 2.09
CA ILE A 100 -3.10 -12.04 1.83
C ILE A 100 -3.96 -10.81 1.47
N PRO A 101 -3.56 -9.64 1.90
CA PRO A 101 -4.36 -8.43 1.59
C PRO A 101 -3.98 -7.85 0.23
N LEU A 102 -3.06 -8.48 -0.45
CA LEU A 102 -2.63 -7.96 -1.78
C LEU A 102 -3.67 -8.29 -2.85
N LEU A 103 -3.79 -7.45 -3.85
CA LEU A 103 -4.82 -7.72 -4.91
C LEU A 103 -4.68 -6.74 -6.08
N THR A 104 -5.60 -6.76 -7.00
CA THR A 104 -5.56 -5.79 -8.12
C THR A 104 -6.45 -4.62 -7.76
N LYS A 105 -6.65 -4.43 -6.49
CA LYS A 105 -7.49 -3.30 -6.02
C LYS A 105 -8.93 -3.44 -6.54
N PRO A 106 -9.45 -4.64 -6.47
CA PRO A 106 -10.85 -4.87 -6.89
C PRO A 106 -11.79 -4.19 -5.88
N PHE A 107 -11.24 -3.79 -4.75
CA PHE A 107 -12.05 -3.09 -3.70
C PHE A 107 -13.16 -3.99 -3.15
N LEU A 108 -14.00 -4.52 -4.00
CA LEU A 108 -15.10 -5.41 -3.51
C LEU A 108 -14.57 -6.32 -2.38
N ASP A 109 -13.38 -6.83 -2.53
CA ASP A 109 -12.80 -7.70 -1.46
C ASP A 109 -11.33 -7.32 -1.22
N SER A 110 -10.90 -6.23 -1.77
CA SER A 110 -9.47 -5.82 -1.60
C SER A 110 -9.32 -4.84 -0.43
N GLU A 111 -9.68 -3.58 -0.62
CA GLU A 111 -9.55 -2.58 0.47
C GLU A 111 -9.85 -3.20 1.83
N LEU A 112 -10.89 -3.99 1.90
CA LEU A 112 -11.26 -4.62 3.20
C LEU A 112 -10.06 -5.38 3.80
N GLU A 113 -9.61 -6.43 3.14
CA GLU A 113 -8.45 -7.18 3.69
C GLU A 113 -7.34 -6.23 4.14
N ALA A 114 -6.78 -5.49 3.22
CA ALA A 114 -5.68 -4.54 3.57
C ALA A 114 -5.91 -3.91 4.95
N VAL A 115 -7.14 -3.73 5.34
CA VAL A 115 -7.41 -3.12 6.67
C VAL A 115 -7.78 -4.18 7.71
N LEU A 116 -8.32 -5.29 7.30
CA LEU A 116 -8.71 -6.34 8.28
C LEU A 116 -7.60 -7.41 8.44
N VAL A 117 -6.57 -7.33 7.64
CA VAL A 117 -5.46 -8.34 7.75
C VAL A 117 -4.56 -8.00 8.95
N GLN A 118 -3.84 -6.90 8.89
CA GLN A 118 -2.92 -6.44 9.98
C GLN A 118 -2.59 -7.52 11.02
N ILE A 119 -3.56 -7.94 11.80
CA ILE A 119 -3.25 -8.97 12.85
C ILE A 119 -3.31 -10.39 12.25
N SER A 120 -3.29 -10.51 10.97
CA SER A 120 -3.33 -11.85 10.34
C SER A 120 -1.93 -12.45 10.32
N LYS A 121 -1.76 -13.59 9.73
CA LYS A 121 -0.42 -14.20 9.72
C LYS A 121 -0.42 -15.48 8.87
N GLU A 122 0.66 -15.81 8.23
CA GLU A 122 0.68 -17.04 7.39
C GLU A 122 0.05 -18.16 8.20
N VAL A 123 0.24 -18.13 9.49
CA VAL A 123 -0.37 -19.16 10.37
C VAL A 123 0.28 -19.12 11.76
CA CA B . -6.29 3.48 -10.94
BE BEF C . -5.48 0.39 -10.45
F1 BEF C . -6.77 1.43 -10.96
F2 BEF C . -4.92 1.57 -11.16
F3 BEF C . -6.01 0.69 -9.25
N GLY A 1 12.76 12.86 23.90
CA GLY A 1 11.76 12.17 23.02
C GLY A 1 10.49 13.01 22.93
N SER A 2 10.33 13.76 21.88
CA SER A 2 9.11 14.60 21.74
C SER A 2 8.09 13.92 20.82
N HIS A 3 7.13 13.23 21.38
CA HIS A 3 6.11 12.55 20.54
C HIS A 3 6.80 11.52 19.62
N MET A 4 7.45 10.54 20.20
CA MET A 4 8.13 9.51 19.37
C MET A 4 7.11 8.80 18.47
N THR A 5 7.21 7.50 18.33
CA THR A 5 6.24 6.78 17.47
C THR A 5 5.67 5.58 18.23
N GLU A 6 4.51 5.14 17.83
CA GLU A 6 3.88 3.97 18.49
C GLU A 6 2.65 3.57 17.68
N ARG A 7 2.88 2.92 16.55
CA ARG A 7 1.77 2.50 15.64
C ARG A 7 1.38 3.66 14.73
N ARG A 8 2.37 4.35 14.21
CA ARG A 8 2.10 5.49 13.29
C ARG A 8 2.17 5.03 11.84
N LEU A 9 2.29 3.75 11.62
CA LEU A 9 2.39 3.24 10.23
C LEU A 9 1.16 3.64 9.41
N ARG A 10 1.27 3.57 8.11
CA ARG A 10 0.11 3.94 7.23
C ARG A 10 0.26 3.23 5.89
N VAL A 11 -0.72 3.36 5.04
CA VAL A 11 -0.66 2.69 3.71
C VAL A 11 -0.55 3.71 2.58
N LEU A 12 0.59 3.79 1.94
CA LEU A 12 0.72 4.74 0.81
C LEU A 12 0.10 4.09 -0.43
N VAL A 13 -1.07 4.50 -0.83
CA VAL A 13 -1.70 3.86 -2.02
C VAL A 13 -1.96 4.91 -3.08
N VAL A 14 -1.56 4.66 -4.30
CA VAL A 14 -1.78 5.71 -5.32
C VAL A 14 -2.05 5.13 -6.71
N GLU A 15 -2.66 5.94 -7.54
CA GLU A 15 -2.96 5.56 -8.96
C GLU A 15 -3.64 6.75 -9.67
N ASP A 16 -3.56 6.74 -10.96
CA ASP A 16 -4.14 7.82 -11.81
C ASP A 16 -5.42 8.48 -11.27
N GLU A 17 -6.18 7.85 -10.42
CA GLU A 17 -7.46 8.51 -9.99
C GLU A 17 -7.53 8.75 -8.48
N SER A 18 -8.53 9.50 -8.06
CA SER A 18 -8.70 9.80 -6.61
C SER A 18 -9.56 8.73 -5.94
N MET A 19 -10.17 7.86 -6.71
CA MET A 19 -11.00 6.79 -6.09
C MET A 19 -10.18 6.12 -4.99
N ILE A 20 -8.89 6.18 -5.10
CA ILE A 20 -8.00 5.57 -4.08
C ILE A 20 -7.71 6.57 -2.96
N ALA A 21 -7.99 7.82 -3.21
CA ALA A 21 -7.73 8.87 -2.19
C ALA A 21 -8.77 8.78 -1.06
N MET A 22 -9.97 9.23 -1.28
CA MET A 22 -10.99 9.17 -0.20
C MET A 22 -11.22 7.72 0.21
N LEU A 23 -10.89 6.79 -0.64
CA LEU A 23 -11.06 5.35 -0.29
C LEU A 23 -10.02 4.97 0.79
N ILE A 24 -9.16 5.89 1.13
CA ILE A 24 -8.12 5.61 2.16
C ILE A 24 -8.48 6.30 3.49
N GLU A 25 -8.80 7.56 3.44
CA GLU A 25 -9.14 8.29 4.69
C GLU A 25 -10.30 7.61 5.43
N ASP A 26 -11.02 6.76 4.76
CA ASP A 26 -12.16 6.07 5.43
C ASP A 26 -11.70 4.76 6.08
N THR A 27 -10.65 4.18 5.58
CA THR A 27 -10.13 2.94 6.20
C THR A 27 -9.02 3.40 7.15
N LEU A 28 -8.38 4.45 6.76
CA LEU A 28 -7.30 5.05 7.57
C LEU A 28 -7.94 5.68 8.81
N CYS A 29 -9.20 6.03 8.70
CA CYS A 29 -9.91 6.64 9.86
C CYS A 29 -9.95 5.65 11.03
N GLU A 30 -10.64 4.56 10.87
CA GLU A 30 -10.71 3.55 11.97
C GLU A 30 -9.30 3.32 12.54
N LEU A 31 -8.36 2.96 11.71
CA LEU A 31 -6.99 2.71 12.22
C LEU A 31 -6.35 4.04 12.64
N GLY A 32 -6.80 5.14 12.10
CA GLY A 32 -6.21 6.44 12.46
C GLY A 32 -4.69 6.32 12.34
N HIS A 33 -4.23 5.83 11.23
CA HIS A 33 -2.76 5.65 11.05
C HIS A 33 -2.06 7.02 11.00
N GLU A 34 -1.00 7.18 10.25
CA GLU A 34 -0.29 8.51 10.24
C GLU A 34 -0.55 9.27 8.93
N VAL A 35 0.01 8.82 7.83
CA VAL A 35 -0.20 9.54 6.54
C VAL A 35 -0.04 8.55 5.38
N ALA A 36 -1.01 8.49 4.52
CA ALA A 36 -0.95 7.53 3.39
C ALA A 36 -0.79 8.27 2.06
N ALA A 37 -1.03 7.61 0.96
CA ALA A 37 -0.88 8.29 -0.36
C ALA A 37 -2.18 8.26 -1.15
N THR A 38 -2.42 9.27 -1.95
CA THR A 38 -3.66 9.35 -2.78
C THR A 38 -3.30 9.56 -4.26
N ALA A 39 -3.98 8.89 -5.14
CA ALA A 39 -3.70 9.02 -6.60
C ALA A 39 -2.22 8.81 -6.85
N SER A 40 -1.83 8.57 -8.07
CA SER A 40 -0.39 8.32 -8.36
C SER A 40 0.40 9.63 -8.39
N ARG A 41 1.51 9.64 -7.71
CA ARG A 41 2.36 10.86 -7.66
C ARG A 41 3.81 10.46 -7.45
N MET A 42 4.65 10.72 -8.41
CA MET A 42 6.09 10.32 -8.27
C MET A 42 6.68 10.89 -6.97
N GLN A 43 6.13 11.96 -6.47
CA GLN A 43 6.65 12.56 -5.22
C GLN A 43 6.22 11.72 -4.01
N GLU A 44 4.94 11.54 -3.82
CA GLU A 44 4.46 10.74 -2.67
C GLU A 44 4.98 9.30 -2.76
N ALA A 45 4.81 8.66 -3.89
CA ALA A 45 5.31 7.27 -4.03
C ALA A 45 6.72 7.19 -3.46
N LEU A 46 7.57 8.10 -3.85
CA LEU A 46 8.96 8.11 -3.33
C LEU A 46 8.93 8.08 -1.80
N ASP A 47 7.93 8.67 -1.20
CA ASP A 47 7.84 8.67 0.29
C ASP A 47 7.34 7.32 0.81
N ILE A 48 6.87 6.48 -0.07
CA ILE A 48 6.36 5.14 0.37
C ILE A 48 7.48 4.11 0.25
N ALA A 49 8.38 4.29 -0.67
CA ALA A 49 9.49 3.30 -0.83
C ALA A 49 10.73 3.73 -0.02
N ARG A 50 11.23 4.91 -0.26
CA ARG A 50 12.44 5.38 0.46
C ARG A 50 12.16 5.51 1.96
N LYS A 51 10.92 5.66 2.34
CA LYS A 51 10.61 5.79 3.80
C LYS A 51 10.96 4.50 4.53
N GLY A 52 10.55 3.38 4.02
CA GLY A 52 10.89 2.08 4.68
C GLY A 52 9.97 1.80 5.89
N GLN A 53 9.48 2.83 6.54
CA GLN A 53 8.57 2.60 7.72
C GLN A 53 7.12 2.93 7.35
N PHE A 54 6.91 3.61 6.26
CA PHE A 54 5.52 3.94 5.84
C PHE A 54 4.60 2.74 6.08
N ASP A 55 5.17 1.55 6.07
CA ASP A 55 4.39 0.29 6.31
C ASP A 55 3.90 -0.32 5.00
N ILE A 56 2.95 0.30 4.32
CA ILE A 56 2.43 -0.32 3.06
C ILE A 56 2.43 0.67 1.90
N ALA A 57 2.56 0.20 0.68
CA ALA A 57 2.57 1.13 -0.48
C ALA A 57 1.86 0.48 -1.67
N ILE A 58 0.98 1.16 -2.34
CA ILE A 58 0.29 0.51 -3.47
C ILE A 58 0.15 1.44 -4.69
N ILE A 59 1.08 1.35 -5.60
CA ILE A 59 0.99 2.14 -6.85
C ILE A 59 0.25 1.23 -7.83
N ASP A 60 -1.00 0.96 -7.55
CA ASP A 60 -1.75 0.00 -8.40
C ASP A 60 -1.75 0.42 -9.87
N VAL A 61 -2.56 -0.21 -10.65
CA VAL A 61 -2.61 0.06 -12.11
C VAL A 61 -1.19 0.15 -12.68
N ASN A 62 -0.65 -0.99 -13.04
CA ASN A 62 0.74 -1.05 -13.63
C ASN A 62 0.73 -2.00 -14.82
N LEU A 63 1.49 -1.69 -15.84
CA LEU A 63 1.53 -2.61 -17.00
C LEU A 63 2.45 -2.01 -18.05
N ASP A 64 3.07 -2.80 -18.86
CA ASP A 64 4.00 -2.21 -19.86
C ASP A 64 5.09 -1.46 -19.11
N GLY A 65 5.25 -1.75 -17.85
CA GLY A 65 6.27 -1.01 -17.06
C GLY A 65 6.01 0.47 -17.29
N GLU A 66 4.80 0.91 -17.09
CA GLU A 66 4.48 2.32 -17.35
C GLU A 66 4.17 3.12 -16.07
N PRO A 67 3.15 2.73 -15.38
CA PRO A 67 2.73 3.44 -14.17
C PRO A 67 3.26 2.73 -12.91
N SER A 68 4.50 2.33 -12.92
CA SER A 68 5.08 1.64 -11.73
C SER A 68 6.48 2.17 -11.40
N TYR A 69 7.08 2.91 -12.32
CA TYR A 69 8.45 3.48 -12.12
C TYR A 69 9.38 2.50 -11.39
N PRO A 70 10.59 2.93 -11.20
CA PRO A 70 11.58 2.07 -10.51
C PRO A 70 11.39 2.17 -8.99
N VAL A 71 10.45 2.95 -8.54
CA VAL A 71 10.25 3.05 -7.07
C VAL A 71 9.28 1.95 -6.60
N ALA A 72 8.16 1.79 -7.27
CA ALA A 72 7.21 0.73 -6.88
C ALA A 72 7.82 -0.63 -7.23
N ASP A 73 8.27 -0.78 -8.44
CA ASP A 73 8.89 -2.06 -8.85
C ASP A 73 9.99 -2.43 -7.87
N ILE A 74 10.91 -1.54 -7.66
CA ILE A 74 12.01 -1.82 -6.69
C ILE A 74 11.39 -2.14 -5.34
N LEU A 75 10.36 -1.43 -5.00
CA LEU A 75 9.67 -1.69 -3.71
C LEU A 75 9.22 -3.15 -3.68
N ALA A 76 9.19 -3.79 -4.82
CA ALA A 76 8.78 -5.22 -4.87
C ALA A 76 10.00 -6.15 -4.77
N GLU A 77 10.88 -6.15 -5.75
CA GLU A 77 12.07 -7.04 -5.69
C GLU A 77 12.64 -7.10 -4.27
N ARG A 78 12.68 -5.99 -3.58
CA ARG A 78 13.20 -5.99 -2.19
C ARG A 78 12.09 -5.49 -1.25
N ASN A 79 10.88 -5.85 -1.55
CA ASN A 79 9.73 -5.41 -0.72
C ASN A 79 9.89 -5.81 0.75
N VAL A 80 9.67 -4.87 1.63
CA VAL A 80 9.74 -5.14 3.10
C VAL A 80 8.30 -5.34 3.59
N PRO A 81 7.96 -5.03 4.83
CA PRO A 81 6.56 -5.21 5.25
C PRO A 81 5.71 -4.20 4.50
N PHE A 82 4.69 -4.64 3.80
CA PHE A 82 3.88 -3.68 3.00
C PHE A 82 2.73 -4.41 2.30
N ILE A 83 2.41 -3.97 1.11
CA ILE A 83 1.32 -4.61 0.32
C ILE A 83 1.25 -3.90 -1.02
N PHE A 84 0.69 -4.56 -2.00
CA PHE A 84 0.60 -3.94 -3.35
C PHE A 84 -0.57 -4.55 -4.15
N ALA A 85 -0.94 -3.91 -5.20
CA ALA A 85 -2.06 -4.42 -6.03
C ALA A 85 -1.94 -3.83 -7.43
N THR A 86 -2.42 -4.51 -8.43
CA THR A 86 -2.32 -3.94 -9.83
C THR A 86 -2.67 -5.00 -10.88
N GLY A 87 -2.39 -4.70 -12.12
CA GLY A 87 -2.69 -5.65 -13.25
C GLY A 87 -2.63 -7.10 -12.78
N TYR A 88 -1.66 -7.44 -11.97
CA TYR A 88 -1.58 -8.86 -11.50
C TYR A 88 -1.57 -8.94 -9.97
N GLY A 89 -1.88 -7.86 -9.30
CA GLY A 89 -1.88 -7.86 -7.82
C GLY A 89 -0.44 -7.89 -7.31
N SER A 90 0.32 -8.87 -7.72
CA SER A 90 1.73 -8.95 -7.27
C SER A 90 2.54 -9.87 -8.19
N LYS A 91 3.77 -9.51 -8.48
CA LYS A 91 4.61 -10.36 -9.36
C LYS A 91 5.29 -11.47 -8.55
N GLY A 92 5.44 -11.23 -7.28
CA GLY A 92 6.10 -12.22 -6.38
C GLY A 92 6.40 -11.53 -5.06
N LEU A 93 5.50 -10.71 -4.61
CA LEU A 93 5.70 -9.94 -3.35
C LEU A 93 5.87 -10.85 -2.11
N ASP A 94 7.04 -10.85 -1.55
CA ASP A 94 7.29 -11.66 -0.33
C ASP A 94 7.43 -10.72 0.87
N THR A 95 6.74 -10.95 1.95
CA THR A 95 6.87 -10.03 3.10
C THR A 95 6.43 -10.67 4.40
N ARG A 96 6.16 -9.87 5.40
CA ARG A 96 5.71 -10.40 6.71
C ARG A 96 4.20 -10.62 6.67
N TYR A 97 3.55 -10.20 5.62
CA TYR A 97 2.07 -10.38 5.53
C TYR A 97 1.73 -11.83 5.14
N SER A 98 2.71 -12.69 5.08
CA SER A 98 2.44 -14.11 4.70
C SER A 98 1.83 -14.18 3.30
N ASN A 99 1.99 -13.15 2.53
CA ASN A 99 1.43 -13.15 1.15
C ASN A 99 -0.07 -13.51 1.18
N ILE A 100 -0.92 -12.55 0.98
CA ILE A 100 -2.38 -12.85 0.99
C ILE A 100 -3.24 -11.66 0.48
N PRO A 101 -2.93 -10.44 0.89
CA PRO A 101 -3.74 -9.28 0.46
C PRO A 101 -3.18 -8.64 -0.81
N LEU A 102 -2.80 -9.40 -1.79
CA LEU A 102 -2.27 -8.77 -3.04
C LEU A 102 -3.25 -9.00 -4.19
N LEU A 103 -3.50 -8.01 -5.03
CA LEU A 103 -4.49 -8.21 -6.15
C LEU A 103 -4.74 -6.86 -6.90
N THR A 104 -5.16 -6.88 -8.16
CA THR A 104 -5.40 -5.58 -8.90
C THR A 104 -6.37 -4.68 -8.12
N LYS A 105 -7.55 -4.40 -8.63
CA LYS A 105 -8.48 -3.49 -7.87
C LYS A 105 -9.98 -3.74 -8.09
N PRO A 106 -10.37 -4.95 -8.41
CA PRO A 106 -11.81 -5.25 -8.55
C PRO A 106 -12.48 -5.17 -7.17
N PHE A 107 -11.68 -4.97 -6.15
CA PHE A 107 -12.23 -4.88 -4.76
C PHE A 107 -12.88 -6.19 -4.36
N LEU A 108 -12.22 -7.27 -4.64
CA LEU A 108 -12.72 -8.62 -4.26
C LEU A 108 -11.74 -9.21 -3.25
N ASP A 109 -12.02 -9.08 -1.98
CA ASP A 109 -11.07 -9.59 -0.95
C ASP A 109 -9.75 -8.80 -1.05
N SER A 110 -9.75 -7.73 -1.80
CA SER A 110 -8.51 -6.92 -1.95
C SER A 110 -8.29 -6.01 -0.74
N GLU A 111 -8.54 -4.74 -0.87
CA GLU A 111 -8.35 -3.80 0.28
C GLU A 111 -8.78 -4.47 1.59
N LEU A 112 -9.72 -5.37 1.52
CA LEU A 112 -10.17 -6.06 2.75
C LEU A 112 -9.02 -6.89 3.32
N GLU A 113 -8.59 -7.90 2.62
CA GLU A 113 -7.45 -8.71 3.13
C GLU A 113 -6.29 -7.79 3.45
N ALA A 114 -6.28 -6.62 2.88
CA ALA A 114 -5.15 -5.69 3.16
C ALA A 114 -5.18 -5.27 4.63
N VAL A 115 -6.34 -5.14 5.19
CA VAL A 115 -6.43 -4.74 6.63
C VAL A 115 -6.84 -5.93 7.50
N LEU A 116 -7.74 -6.76 7.01
CA LEU A 116 -8.20 -7.93 7.81
C LEU A 116 -7.03 -8.84 8.20
N VAL A 117 -6.00 -8.85 7.42
CA VAL A 117 -4.83 -9.74 7.73
C VAL A 117 -4.28 -9.50 9.14
N GLN A 118 -4.66 -8.44 9.80
CA GLN A 118 -4.10 -8.18 11.15
C GLN A 118 -5.20 -8.13 12.23
N ILE A 119 -6.41 -7.82 11.87
CA ILE A 119 -7.48 -7.74 12.90
C ILE A 119 -8.23 -9.07 13.00
N SER A 120 -7.74 -10.09 12.35
CA SER A 120 -8.41 -11.42 12.39
C SER A 120 -7.43 -12.49 11.94
N LYS A 121 -6.18 -12.35 12.29
CA LYS A 121 -5.18 -13.35 11.85
C LYS A 121 -4.33 -13.82 13.04
N GLU A 122 -4.84 -14.75 13.80
CA GLU A 122 -4.08 -15.26 14.98
C GLU A 122 -3.42 -14.09 15.69
N VAL A 123 -4.06 -12.96 15.67
CA VAL A 123 -3.52 -11.74 16.32
C VAL A 123 -2.00 -11.69 16.18
CA CA B . -7.16 4.39 -10.56
BE BEF C . -5.76 3.09 -8.15
F1 BEF C . -7.59 3.22 -7.53
F2 BEF C . -7.02 3.08 -9.21
F3 BEF C . -6.00 4.28 -7.48
N GLY A 1 11.35 17.38 13.46
CA GLY A 1 11.23 18.25 14.66
C GLY A 1 10.08 17.76 15.54
N SER A 2 10.20 16.59 16.11
CA SER A 2 9.11 16.07 16.98
C SER A 2 9.70 15.16 18.06
N HIS A 3 8.86 14.56 18.86
CA HIS A 3 9.37 13.66 19.94
C HIS A 3 8.81 12.25 19.76
N MET A 4 7.53 12.07 19.94
CA MET A 4 6.93 10.72 19.78
C MET A 4 7.08 10.25 18.33
N THR A 5 6.50 9.13 18.00
CA THR A 5 6.62 8.62 16.60
C THR A 5 5.23 8.28 16.05
N GLU A 6 5.08 8.30 14.76
CA GLU A 6 3.76 7.97 14.15
C GLU A 6 3.96 7.27 12.80
N ARG A 7 5.15 6.81 12.55
CA ARG A 7 5.43 6.13 11.26
C ARG A 7 4.96 4.68 11.31
N ARG A 8 4.33 4.28 12.38
CA ARG A 8 3.84 2.87 12.46
C ARG A 8 2.50 2.74 11.74
N LEU A 9 1.76 3.82 11.62
CA LEU A 9 0.45 3.75 10.94
C LEU A 9 0.42 4.70 9.74
N ARG A 10 1.01 4.33 8.64
CA ARG A 10 0.99 5.23 7.46
C ARG A 10 0.72 4.41 6.20
N VAL A 11 0.10 5.00 5.23
CA VAL A 11 -0.21 4.24 3.98
C VAL A 11 -0.22 5.15 2.76
N LEU A 12 0.78 5.06 1.92
CA LEU A 12 0.81 5.90 0.70
C LEU A 12 0.15 5.12 -0.44
N VAL A 13 -1.09 5.41 -0.73
CA VAL A 13 -1.78 4.67 -1.82
C VAL A 13 -1.81 5.53 -3.07
N VAL A 14 -1.46 5.00 -4.20
CA VAL A 14 -1.46 5.88 -5.40
C VAL A 14 -1.80 5.10 -6.68
N GLU A 15 -2.57 5.71 -7.53
CA GLU A 15 -2.94 5.09 -8.83
C GLU A 15 -3.38 6.19 -9.80
N ASP A 16 -3.42 5.92 -11.06
CA ASP A 16 -3.78 6.99 -12.05
C ASP A 16 -5.21 7.54 -11.89
N GLU A 17 -5.95 7.13 -10.88
CA GLU A 17 -7.33 7.68 -10.75
C GLU A 17 -7.59 8.19 -9.32
N SER A 18 -8.74 8.78 -9.11
CA SER A 18 -9.06 9.31 -7.74
C SER A 18 -9.92 8.28 -6.99
N MET A 19 -10.38 7.27 -7.66
CA MET A 19 -11.21 6.24 -6.95
C MET A 19 -10.40 5.69 -5.77
N ILE A 20 -9.11 5.89 -5.81
CA ILE A 20 -8.25 5.41 -4.70
C ILE A 20 -8.25 6.44 -3.58
N ALA A 21 -8.58 7.65 -3.91
CA ALA A 21 -8.63 8.72 -2.88
C ALA A 21 -9.72 8.38 -1.85
N MET A 22 -10.96 8.35 -2.27
CA MET A 22 -12.02 7.98 -1.30
C MET A 22 -11.63 6.64 -0.67
N LEU A 23 -10.81 5.91 -1.37
CA LEU A 23 -10.30 4.61 -0.86
C LEU A 23 -9.35 4.86 0.31
N ILE A 24 -8.94 6.09 0.49
CA ILE A 24 -7.99 6.43 1.58
C ILE A 24 -8.75 6.75 2.86
N GLU A 25 -9.83 7.46 2.75
CA GLU A 25 -10.61 7.81 3.96
C GLU A 25 -11.27 6.55 4.53
N ASP A 26 -11.50 5.57 3.70
CA ASP A 26 -12.12 4.32 4.20
C ASP A 26 -11.04 3.47 4.88
N THR A 27 -9.89 3.36 4.29
CA THR A 27 -8.80 2.56 4.92
C THR A 27 -8.41 3.21 6.25
N LEU A 28 -8.29 4.51 6.27
CA LEU A 28 -7.93 5.21 7.54
C LEU A 28 -9.05 4.94 8.55
N CYS A 29 -10.25 4.71 8.07
CA CYS A 29 -11.37 4.41 9.01
C CYS A 29 -11.02 3.15 9.81
N GLU A 30 -10.33 2.23 9.18
CA GLU A 30 -9.94 0.98 9.89
C GLU A 30 -8.56 1.16 10.53
N LEU A 31 -7.55 1.47 9.75
CA LEU A 31 -6.20 1.68 10.34
C LEU A 31 -6.23 2.87 11.28
N GLY A 32 -6.99 3.87 10.96
CA GLY A 32 -7.03 5.08 11.82
C GLY A 32 -5.66 5.73 11.76
N HIS A 33 -4.86 5.34 10.80
CA HIS A 33 -3.49 5.92 10.70
C HIS A 33 -3.56 7.44 10.59
N GLU A 34 -2.51 8.07 10.14
CA GLU A 34 -2.52 9.57 10.05
C GLU A 34 -3.16 10.03 8.74
N VAL A 35 -2.36 10.33 7.75
CA VAL A 35 -2.92 10.79 6.45
C VAL A 35 -2.25 10.03 5.31
N ALA A 36 -3.03 9.36 4.49
CA ALA A 36 -2.42 8.58 3.38
C ALA A 36 -2.33 9.43 2.12
N ALA A 37 -1.97 8.81 1.02
CA ALA A 37 -1.87 9.56 -0.26
C ALA A 37 -2.78 8.93 -1.32
N THR A 38 -3.24 9.70 -2.26
CA THR A 38 -4.15 9.15 -3.30
C THR A 38 -3.61 9.41 -4.72
N ALA A 39 -4.20 8.75 -5.68
CA ALA A 39 -3.75 8.88 -7.10
C ALA A 39 -2.26 8.64 -7.19
N SER A 40 -1.79 8.33 -8.36
CA SER A 40 -0.33 8.03 -8.52
C SER A 40 0.47 9.33 -8.52
N ARG A 41 1.63 9.32 -7.92
CA ARG A 41 2.46 10.55 -7.88
C ARG A 41 3.94 10.19 -7.69
N MET A 42 4.77 10.54 -8.63
CA MET A 42 6.22 10.22 -8.50
C MET A 42 6.80 10.89 -7.25
N GLN A 43 6.31 12.05 -6.91
CA GLN A 43 6.82 12.76 -5.70
C GLN A 43 6.49 11.98 -4.44
N GLU A 44 5.23 11.89 -4.09
CA GLU A 44 4.85 11.13 -2.87
C GLU A 44 5.28 9.67 -3.00
N ALA A 45 5.09 9.08 -4.14
CA ALA A 45 5.51 7.65 -4.32
C ALA A 45 6.92 7.48 -3.76
N LEU A 46 7.86 8.22 -4.27
CA LEU A 46 9.25 8.12 -3.75
C LEU A 46 9.22 8.15 -2.23
N ASP A 47 8.42 9.01 -1.68
CA ASP A 47 8.31 9.10 -0.20
C ASP A 47 7.83 7.77 0.38
N ILE A 48 7.08 7.01 -0.38
CA ILE A 48 6.59 5.69 0.13
C ILE A 48 7.69 4.64 -0.06
N ALA A 49 8.57 4.82 -1.00
CA ALA A 49 9.64 3.83 -1.21
C ALA A 49 10.90 4.21 -0.42
N ARG A 50 11.42 5.38 -0.68
CA ARG A 50 12.65 5.83 0.02
C ARG A 50 12.47 5.79 1.54
N LYS A 51 11.27 5.87 2.02
CA LYS A 51 11.04 5.86 3.49
C LYS A 51 11.55 4.56 4.12
N GLY A 52 11.22 3.44 3.55
CA GLY A 52 11.67 2.15 4.15
C GLY A 52 10.68 1.72 5.23
N GLN A 53 10.30 2.63 6.08
CA GLN A 53 9.33 2.28 7.16
C GLN A 53 8.10 3.19 7.07
N PHE A 54 7.48 3.24 5.93
CA PHE A 54 6.27 4.10 5.76
C PHE A 54 5.01 3.27 6.04
N ASP A 55 5.20 2.14 6.67
CA ASP A 55 4.06 1.24 7.02
C ASP A 55 3.34 0.68 5.79
N ILE A 56 2.93 1.48 4.82
CA ILE A 56 2.22 0.88 3.64
C ILE A 56 2.29 1.79 2.39
N ALA A 57 2.29 1.21 1.20
CA ALA A 57 2.36 2.03 -0.06
C ALA A 57 1.69 1.26 -1.20
N ILE A 58 0.79 1.88 -1.94
CA ILE A 58 0.13 1.11 -3.03
C ILE A 58 0.10 1.84 -4.38
N ILE A 59 0.98 1.47 -5.28
CA ILE A 59 0.96 2.06 -6.64
C ILE A 59 0.22 1.09 -7.55
N ASP A 60 -1.05 0.92 -7.30
CA ASP A 60 -1.88 -0.05 -8.07
C ASP A 60 -1.93 0.28 -9.57
N VAL A 61 -2.65 -0.53 -10.31
CA VAL A 61 -2.81 -0.33 -11.79
C VAL A 61 -1.45 -0.43 -12.50
N ASN A 62 -0.99 -1.64 -12.68
CA ASN A 62 0.30 -1.87 -13.40
C ASN A 62 0.03 -2.59 -14.72
N LEU A 63 -0.80 -2.03 -15.54
CA LEU A 63 -1.14 -2.69 -16.84
C LEU A 63 -1.14 -1.66 -17.96
N ASP A 64 -1.10 -2.11 -19.19
CA ASP A 64 -1.11 -1.15 -20.33
C ASP A 64 0.03 -0.13 -20.19
N GLY A 65 1.05 -0.47 -19.44
CA GLY A 65 2.18 0.48 -19.28
C GLY A 65 2.83 0.30 -17.91
N GLU A 66 2.21 -0.45 -17.03
CA GLU A 66 2.81 -0.65 -15.67
C GLU A 66 3.30 0.70 -15.11
N PRO A 67 2.40 1.63 -15.06
CA PRO A 67 2.72 2.99 -14.54
C PRO A 67 3.01 2.93 -13.04
N SER A 68 3.96 2.13 -12.64
CA SER A 68 4.32 2.04 -11.20
C SER A 68 5.73 2.59 -10.98
N TYR A 69 6.28 3.23 -11.99
CA TYR A 69 7.66 3.80 -11.90
C TYR A 69 8.62 2.75 -11.35
N PRO A 70 9.87 3.07 -11.40
CA PRO A 70 10.89 2.14 -10.90
C PRO A 70 10.80 2.07 -9.37
N VAL A 71 10.06 2.97 -8.78
CA VAL A 71 9.93 2.96 -7.30
C VAL A 71 9.09 1.77 -6.86
N ALA A 72 7.83 1.78 -7.22
CA ALA A 72 6.94 0.65 -6.85
C ALA A 72 7.51 -0.67 -7.33
N ASP A 73 7.81 -0.77 -8.59
CA ASP A 73 8.37 -2.05 -9.11
C ASP A 73 9.54 -2.48 -8.23
N ILE A 74 10.50 -1.62 -8.07
CA ILE A 74 11.66 -1.96 -7.20
C ILE A 74 11.13 -2.31 -5.82
N LEU A 75 10.25 -1.48 -5.31
CA LEU A 75 9.65 -1.74 -3.98
C LEU A 75 9.14 -3.18 -3.96
N ALA A 76 8.88 -3.75 -5.10
CA ALA A 76 8.37 -5.14 -5.18
C ALA A 76 9.54 -6.14 -5.08
N GLU A 77 10.51 -6.04 -5.93
CA GLU A 77 11.67 -6.99 -5.89
C GLU A 77 12.09 -7.20 -4.43
N ARG A 78 11.87 -6.23 -3.61
CA ARG A 78 12.24 -6.35 -2.17
C ARG A 78 11.22 -5.58 -1.33
N ASN A 79 10.05 -6.13 -1.19
CA ASN A 79 8.99 -5.42 -0.42
C ASN A 79 9.28 -5.41 1.08
N VAL A 80 9.09 -4.28 1.68
CA VAL A 80 9.32 -4.13 3.14
C VAL A 80 7.94 -4.23 3.82
N PRO A 81 7.82 -3.95 5.11
CA PRO A 81 6.48 -4.04 5.72
C PRO A 81 5.57 -3.04 5.00
N PHE A 82 4.49 -3.51 4.44
CA PHE A 82 3.62 -2.59 3.65
C PHE A 82 2.41 -3.32 3.07
N ILE A 83 1.95 -2.80 1.97
CA ILE A 83 0.78 -3.40 1.27
C ILE A 83 0.84 -2.91 -0.18
N PHE A 84 0.34 -3.69 -1.09
CA PHE A 84 0.35 -3.28 -2.52
C PHE A 84 -0.77 -3.99 -3.29
N ALA A 85 -1.02 -3.58 -4.50
CA ALA A 85 -2.09 -4.26 -5.27
C ALA A 85 -2.13 -3.72 -6.71
N THR A 86 -1.95 -4.59 -7.68
CA THR A 86 -1.97 -4.10 -9.10
C THR A 86 -2.74 -5.09 -9.99
N GLY A 87 -2.40 -5.14 -11.25
CA GLY A 87 -3.11 -6.07 -12.18
C GLY A 87 -2.96 -7.51 -11.70
N TYR A 88 -1.75 -8.00 -11.61
CA TYR A 88 -1.53 -9.41 -11.16
C TYR A 88 -1.95 -9.58 -9.70
N GLY A 89 -1.90 -8.53 -8.91
CA GLY A 89 -2.30 -8.65 -7.49
C GLY A 89 -1.18 -9.31 -6.69
N SER A 90 -0.08 -8.62 -6.54
CA SER A 90 1.06 -9.19 -5.77
C SER A 90 1.53 -10.51 -6.39
N LYS A 91 2.79 -10.80 -6.26
CA LYS A 91 3.33 -12.07 -6.81
C LYS A 91 3.93 -12.89 -5.67
N GLY A 92 5.14 -12.59 -5.29
CA GLY A 92 5.78 -13.31 -4.16
C GLY A 92 6.35 -12.26 -3.19
N LEU A 93 5.88 -11.04 -3.32
CA LEU A 93 6.37 -9.95 -2.45
C LEU A 93 6.60 -10.43 -1.01
N ASP A 94 7.53 -9.83 -0.34
CA ASP A 94 7.83 -10.24 1.06
C ASP A 94 7.40 -9.12 2.01
N THR A 95 7.08 -9.45 3.22
CA THR A 95 6.65 -8.39 4.18
C THR A 95 6.22 -9.00 5.51
N ARG A 96 5.83 -8.16 6.42
CA ARG A 96 5.35 -8.68 7.73
C ARG A 96 3.86 -9.02 7.62
N TYR A 97 3.33 -8.98 6.43
CA TYR A 97 1.89 -9.29 6.25
C TYR A 97 1.69 -10.77 5.92
N SER A 98 2.78 -11.51 5.78
CA SER A 98 2.72 -12.97 5.47
C SER A 98 2.28 -13.21 4.02
N ASN A 99 2.36 -12.21 3.19
CA ASN A 99 2.00 -12.37 1.75
C ASN A 99 0.56 -12.85 1.53
N ILE A 100 -0.40 -11.98 1.73
CA ILE A 100 -1.84 -12.33 1.47
C ILE A 100 -2.79 -11.10 1.42
N PRO A 101 -2.50 -10.00 2.08
CA PRO A 101 -3.42 -8.86 2.04
C PRO A 101 -3.17 -7.95 0.84
N LEU A 102 -3.06 -8.51 -0.33
CA LEU A 102 -2.81 -7.66 -1.54
C LEU A 102 -3.64 -8.14 -2.73
N LEU A 103 -3.84 -7.30 -3.71
CA LEU A 103 -4.65 -7.70 -4.90
C LEU A 103 -4.72 -6.59 -5.96
N THR A 104 -5.81 -6.45 -6.67
CA THR A 104 -5.88 -5.40 -7.72
C THR A 104 -7.02 -4.40 -7.50
N LYS A 105 -7.34 -4.07 -6.29
CA LYS A 105 -8.45 -3.09 -6.06
C LYS A 105 -9.76 -3.58 -6.67
N PRO A 106 -10.03 -4.85 -6.50
CA PRO A 106 -11.30 -5.42 -7.04
C PRO A 106 -12.48 -4.94 -6.20
N PHE A 107 -12.19 -4.32 -5.08
CA PHE A 107 -13.27 -3.82 -4.19
C PHE A 107 -14.17 -4.96 -3.72
N LEU A 108 -15.23 -4.65 -3.04
CA LEU A 108 -16.13 -5.73 -2.55
C LEU A 108 -15.28 -6.76 -1.78
N ASP A 109 -15.10 -6.55 -0.51
CA ASP A 109 -14.28 -7.51 0.29
C ASP A 109 -12.79 -7.33 -0.07
N SER A 110 -12.47 -6.31 -0.80
CA SER A 110 -11.06 -6.07 -1.23
C SER A 110 -10.22 -5.40 -0.13
N GLU A 111 -10.21 -4.09 -0.10
CA GLU A 111 -9.40 -3.36 0.91
C GLU A 111 -9.43 -4.05 2.26
N LEU A 112 -10.58 -4.45 2.71
CA LEU A 112 -10.65 -5.12 4.03
C LEU A 112 -9.66 -6.29 4.09
N GLU A 113 -9.76 -7.22 3.19
CA GLU A 113 -8.80 -8.37 3.20
C GLU A 113 -7.39 -7.84 3.43
N ALA A 114 -7.00 -6.86 2.68
CA ALA A 114 -5.64 -6.29 2.82
C ALA A 114 -5.35 -6.00 4.30
N VAL A 115 -6.36 -5.62 5.05
CA VAL A 115 -6.13 -5.31 6.49
C VAL A 115 -6.72 -6.41 7.39
N LEU A 116 -7.56 -7.27 6.85
CA LEU A 116 -8.18 -8.33 7.69
C LEU A 116 -7.40 -9.65 7.63
N VAL A 117 -7.12 -10.14 6.45
CA VAL A 117 -6.39 -11.45 6.34
C VAL A 117 -5.29 -11.55 7.40
N GLN A 118 -4.76 -10.44 7.83
CA GLN A 118 -3.68 -10.47 8.87
C GLN A 118 -4.20 -11.09 10.18
N ILE A 119 -5.25 -10.56 10.72
CA ILE A 119 -5.81 -11.10 11.99
C ILE A 119 -6.57 -12.41 11.72
N SER A 120 -7.04 -12.60 10.52
CA SER A 120 -7.79 -13.85 10.21
C SER A 120 -6.83 -14.98 9.86
N LYS A 121 -5.56 -14.80 10.12
CA LYS A 121 -4.58 -15.87 9.80
C LYS A 121 -4.47 -16.84 10.99
N GLU A 122 -5.57 -17.14 11.62
CA GLU A 122 -5.54 -18.08 12.78
C GLU A 122 -4.32 -17.76 13.64
N VAL A 123 -3.95 -16.50 13.67
CA VAL A 123 -2.77 -16.08 14.46
C VAL A 123 -1.64 -17.11 14.33
CA CA B . -6.31 2.86 -12.04
BE BEF C . -5.69 0.48 -10.38
F1 BEF C . -7.43 0.63 -10.55
F2 BEF C . -6.18 -0.40 -11.48
F3 BEF C . -5.88 1.79 -10.65
N GLY A 1 7.13 21.50 6.22
CA GLY A 1 6.91 21.02 7.61
C GLY A 1 5.62 20.19 7.68
N SER A 2 5.56 19.10 6.97
CA SER A 2 4.34 18.26 7.00
C SER A 2 4.26 17.46 8.29
N HIS A 3 4.28 18.13 9.42
CA HIS A 3 4.22 17.40 10.72
C HIS A 3 2.80 16.88 10.95
N MET A 4 2.00 17.58 11.74
CA MET A 4 0.62 17.12 12.00
C MET A 4 0.59 15.61 12.25
N THR A 5 1.69 15.04 12.68
CA THR A 5 1.70 13.58 12.94
C THR A 5 2.30 13.26 14.30
N GLU A 6 1.84 12.21 14.87
CA GLU A 6 2.36 11.74 16.17
C GLU A 6 2.44 10.23 16.07
N ARG A 7 2.54 9.76 14.85
CA ARG A 7 2.59 8.30 14.55
C ARG A 7 3.04 8.14 13.08
N ARG A 8 4.18 7.54 12.84
CA ARG A 8 4.69 7.40 11.43
C ARG A 8 4.35 6.05 10.76
N LEU A 9 4.50 4.93 11.45
CA LEU A 9 4.21 3.59 10.81
C LEU A 9 2.78 3.51 10.25
N ARG A 10 2.63 3.48 8.95
CA ARG A 10 1.25 3.42 8.38
C ARG A 10 1.24 2.85 6.96
N VAL A 11 0.08 2.66 6.41
CA VAL A 11 -0.02 2.14 5.02
C VAL A 11 0.00 3.31 4.03
N LEU A 12 1.09 3.50 3.34
CA LEU A 12 1.14 4.63 2.37
C LEU A 12 0.61 4.17 1.00
N VAL A 13 -0.64 4.42 0.74
CA VAL A 13 -1.22 4.03 -0.58
C VAL A 13 -1.04 5.18 -1.54
N VAL A 14 -1.00 4.95 -2.80
CA VAL A 14 -0.74 6.08 -3.70
C VAL A 14 -1.00 5.74 -5.17
N GLU A 15 -1.96 6.42 -5.77
CA GLU A 15 -2.30 6.18 -7.21
C GLU A 15 -3.08 7.39 -7.76
N ASP A 16 -2.85 7.71 -8.99
CA ASP A 16 -3.52 8.88 -9.64
C ASP A 16 -5.04 8.87 -9.44
N GLU A 17 -5.49 9.27 -8.29
CA GLU A 17 -6.97 9.32 -8.04
C GLU A 17 -7.27 9.77 -6.61
N SER A 18 -8.41 10.32 -6.39
CA SER A 18 -8.78 10.76 -5.02
C SER A 18 -9.64 9.68 -4.36
N MET A 19 -10.26 8.84 -5.16
CA MET A 19 -11.10 7.76 -4.59
C MET A 19 -10.24 6.86 -3.68
N ILE A 20 -8.95 6.87 -3.86
CA ILE A 20 -8.08 6.04 -2.98
C ILE A 20 -7.88 6.75 -1.65
N ALA A 21 -7.96 8.04 -1.65
CA ALA A 21 -7.78 8.80 -0.38
C ALA A 21 -8.82 8.36 0.64
N MET A 22 -10.07 8.44 0.30
CA MET A 22 -11.12 8.01 1.26
C MET A 22 -10.96 6.53 1.58
N LEU A 23 -10.43 5.78 0.65
CA LEU A 23 -10.21 4.33 0.89
C LEU A 23 -9.11 4.16 1.96
N ILE A 24 -8.50 5.24 2.35
CA ILE A 24 -7.42 5.14 3.38
C ILE A 24 -7.95 5.54 4.76
N GLU A 25 -8.76 6.56 4.83
CA GLU A 25 -9.29 6.99 6.17
C GLU A 25 -10.33 6.00 6.66
N ASP A 26 -10.79 5.11 5.81
CA ASP A 26 -11.81 4.12 6.26
C ASP A 26 -11.11 2.96 6.98
N THR A 27 -10.04 2.45 6.42
CA THR A 27 -9.33 1.34 7.09
C THR A 27 -8.67 1.87 8.37
N LEU A 28 -7.91 2.92 8.23
CA LEU A 28 -7.27 3.53 9.43
C LEU A 28 -8.35 3.87 10.45
N CYS A 29 -9.55 4.11 9.97
CA CYS A 29 -10.67 4.42 10.91
C CYS A 29 -10.89 3.22 11.81
N GLU A 30 -10.59 2.04 11.30
CA GLU A 30 -10.76 0.80 12.11
C GLU A 30 -9.45 0.45 12.81
N LEU A 31 -8.38 0.35 12.07
CA LEU A 31 -7.07 0.01 12.69
C LEU A 31 -6.55 1.19 13.50
N GLY A 32 -6.84 2.39 13.08
CA GLY A 32 -6.34 3.57 13.84
C GLY A 32 -4.82 3.60 13.73
N HIS A 33 -4.28 3.09 12.65
CA HIS A 33 -2.80 3.08 12.49
C HIS A 33 -2.26 4.51 12.56
N GLU A 34 -1.12 4.77 11.96
CA GLU A 34 -0.52 6.12 12.07
C GLU A 34 -0.92 7.07 10.90
N VAL A 35 -0.01 7.37 9.99
CA VAL A 35 -0.37 8.32 8.88
C VAL A 35 -0.10 7.69 7.50
N ALA A 36 -1.13 7.46 6.73
CA ALA A 36 -0.94 6.82 5.39
C ALA A 36 -0.76 7.85 4.28
N ALA A 37 -0.83 7.41 3.05
CA ALA A 37 -0.67 8.34 1.90
C ALA A 37 -1.76 8.06 0.87
N THR A 38 -2.28 9.07 0.24
CA THR A 38 -3.36 8.86 -0.77
C THR A 38 -3.00 9.48 -2.12
N ALA A 39 -3.56 8.94 -3.18
CA ALA A 39 -3.28 9.47 -4.55
C ALA A 39 -1.85 9.19 -4.94
N SER A 40 -1.53 9.24 -6.20
CA SER A 40 -0.13 8.96 -6.59
C SER A 40 0.76 10.18 -6.36
N ARG A 41 1.96 9.98 -5.88
CA ARG A 41 2.85 11.13 -5.62
C ARG A 41 4.31 10.65 -5.51
N MET A 42 5.16 11.12 -6.38
CA MET A 42 6.59 10.69 -6.33
C MET A 42 7.26 11.15 -5.03
N GLN A 43 6.81 12.23 -4.46
CA GLN A 43 7.44 12.72 -3.20
C GLN A 43 7.08 11.81 -2.03
N GLU A 44 5.83 11.80 -1.62
CA GLU A 44 5.42 10.94 -0.48
C GLU A 44 5.67 9.46 -0.82
N ALA A 45 5.25 9.02 -1.98
CA ALA A 45 5.48 7.59 -2.35
C ALA A 45 6.89 7.18 -1.96
N LEU A 46 7.87 7.84 -2.49
CA LEU A 46 9.27 7.51 -2.14
C LEU A 46 9.38 7.31 -0.62
N ASP A 47 8.69 8.14 0.11
CA ASP A 47 8.73 8.03 1.59
C ASP A 47 8.15 6.69 2.05
N ILE A 48 7.38 6.03 1.24
CA ILE A 48 6.81 4.72 1.66
C ILE A 48 7.83 3.62 1.40
N ALA A 49 8.66 3.78 0.40
CA ALA A 49 9.66 2.72 0.10
C ALA A 49 10.94 2.94 0.92
N ARG A 50 11.67 3.98 0.64
CA ARG A 50 12.94 4.23 1.38
C ARG A 50 12.72 4.25 2.89
N LYS A 51 11.60 4.73 3.35
CA LYS A 51 11.36 4.78 4.82
C LYS A 51 11.50 3.39 5.44
N GLY A 52 10.88 2.40 4.86
CA GLY A 52 10.99 1.02 5.43
C GLY A 52 10.08 0.85 6.66
N GLN A 53 10.03 1.84 7.51
CA GLN A 53 9.17 1.73 8.73
C GLN A 53 7.71 1.96 8.38
N PHE A 54 7.45 2.74 7.36
CA PHE A 54 6.05 3.02 6.97
C PHE A 54 5.25 1.72 7.02
N ASP A 55 5.90 0.61 6.80
CA ASP A 55 5.23 -0.73 6.85
C ASP A 55 4.58 -1.10 5.52
N ILE A 56 3.59 -0.38 5.06
CA ILE A 56 2.93 -0.79 3.78
C ILE A 56 2.87 0.34 2.75
N ALA A 57 2.82 0.01 1.47
CA ALA A 57 2.75 1.09 0.45
C ALA A 57 2.03 0.59 -0.81
N ILE A 58 1.30 1.42 -1.48
CA ILE A 58 0.61 0.92 -2.69
C ILE A 58 0.58 1.93 -3.84
N ILE A 59 1.55 1.86 -4.71
CA ILE A 59 1.54 2.72 -5.93
C ILE A 59 0.65 1.98 -6.93
N ASP A 60 -0.59 1.84 -6.58
CA ASP A 60 -1.54 1.06 -7.43
C ASP A 60 -1.69 1.68 -8.82
N VAL A 61 -2.03 0.86 -9.78
CA VAL A 61 -2.24 1.30 -11.19
C VAL A 61 -0.90 1.28 -11.98
N ASN A 62 -0.46 0.11 -12.35
CA ASN A 62 0.79 -0.01 -13.13
C ASN A 62 0.46 -0.65 -14.48
N LEU A 63 -0.47 -0.07 -15.20
CA LEU A 63 -0.88 -0.63 -16.51
C LEU A 63 -0.82 0.46 -17.59
N ASP A 64 -0.94 0.10 -18.82
CA ASP A 64 -0.89 1.12 -19.90
C ASP A 64 0.36 1.98 -19.75
N GLY A 65 1.34 1.50 -19.04
CA GLY A 65 2.59 2.30 -18.85
C GLY A 65 3.34 1.81 -17.62
N GLU A 66 2.63 1.30 -16.65
CA GLU A 66 3.30 0.81 -15.42
C GLU A 66 3.87 1.99 -14.62
N PRO A 67 3.05 2.98 -14.44
CA PRO A 67 3.47 4.20 -13.70
C PRO A 67 3.72 3.89 -12.22
N SER A 68 4.80 3.19 -11.93
CA SER A 68 5.13 2.86 -10.51
C SER A 68 6.49 3.46 -10.14
N TYR A 69 7.09 4.17 -11.06
CA TYR A 69 8.42 4.81 -10.82
C TYR A 69 9.39 3.80 -10.18
N PRO A 70 10.61 4.21 -10.04
CA PRO A 70 11.65 3.33 -9.46
C PRO A 70 11.45 3.15 -7.96
N VAL A 71 10.47 3.80 -7.38
CA VAL A 71 10.26 3.63 -5.91
C VAL A 71 9.31 2.45 -5.67
N ALA A 72 8.29 2.34 -6.48
CA ALA A 72 7.34 1.21 -6.33
C ALA A 72 7.96 -0.05 -6.91
N ASP A 73 8.43 0.04 -8.12
CA ASP A 73 9.06 -1.13 -8.75
C ASP A 73 10.19 -1.65 -7.86
N ILE A 74 11.10 -0.79 -7.51
CA ILE A 74 12.22 -1.21 -6.62
C ILE A 74 11.63 -1.88 -5.38
N LEU A 75 10.62 -1.27 -4.82
CA LEU A 75 9.96 -1.84 -3.64
C LEU A 75 9.33 -3.18 -4.01
N ALA A 76 9.25 -3.46 -5.30
CA ALA A 76 8.65 -4.75 -5.76
C ALA A 76 9.75 -5.80 -5.95
N GLU A 77 10.79 -5.47 -6.67
CA GLU A 77 11.89 -6.46 -6.88
C GLU A 77 12.39 -6.98 -5.53
N ARG A 78 12.15 -6.23 -4.49
CA ARG A 78 12.57 -6.64 -3.13
C ARG A 78 11.47 -6.24 -2.14
N ASN A 79 10.54 -7.11 -1.89
CA ASN A 79 9.41 -6.77 -0.99
C ASN A 79 9.73 -7.03 0.48
N VAL A 80 9.66 -6.00 1.27
CA VAL A 80 9.88 -6.15 2.75
C VAL A 80 8.48 -6.24 3.38
N PRO A 81 8.33 -6.02 4.66
CA PRO A 81 6.97 -6.08 5.24
C PRO A 81 6.13 -4.98 4.60
N PHE A 82 5.06 -5.34 3.94
CA PHE A 82 4.24 -4.31 3.23
C PHE A 82 3.04 -4.95 2.52
N ILE A 83 2.65 -4.35 1.44
CA ILE A 83 1.54 -4.85 0.59
C ILE A 83 1.46 -3.96 -0.63
N PHE A 84 0.96 -4.48 -1.72
CA PHE A 84 0.90 -3.68 -2.97
C PHE A 84 -0.20 -4.22 -3.90
N ALA A 85 -0.70 -3.40 -4.78
CA ALA A 85 -1.74 -3.89 -5.69
C ALA A 85 -1.85 -2.99 -6.92
N THR A 86 -1.77 -3.58 -8.08
CA THR A 86 -1.87 -2.79 -9.34
C THR A 86 -1.99 -3.74 -10.53
N GLY A 87 -1.96 -3.22 -11.72
CA GLY A 87 -2.07 -4.09 -12.92
C GLY A 87 -1.23 -5.36 -12.73
N TYR A 88 -0.05 -5.24 -12.18
CA TYR A 88 0.79 -6.46 -11.97
C TYR A 88 0.01 -7.47 -11.13
N GLY A 89 -0.86 -7.00 -10.27
CA GLY A 89 -1.70 -7.93 -9.45
C GLY A 89 -0.83 -8.89 -8.65
N SER A 90 0.30 -8.43 -8.20
CA SER A 90 1.22 -9.27 -7.39
C SER A 90 2.01 -10.24 -8.26
N LYS A 91 2.94 -10.94 -7.67
CA LYS A 91 3.76 -11.92 -8.44
C LYS A 91 4.64 -12.70 -7.46
N GLY A 92 5.82 -12.23 -7.18
CA GLY A 92 6.69 -12.92 -6.20
C GLY A 92 6.51 -12.22 -4.85
N LEU A 93 5.50 -11.39 -4.75
CA LEU A 93 5.23 -10.64 -3.49
C LEU A 93 5.46 -11.54 -2.28
N ASP A 94 6.62 -11.44 -1.69
CA ASP A 94 6.91 -12.26 -0.47
C ASP A 94 6.97 -11.36 0.76
N THR A 95 6.54 -11.86 1.89
CA THR A 95 6.56 -11.03 3.12
C THR A 95 5.82 -11.77 4.25
N ARG A 96 5.96 -11.32 5.47
CA ARG A 96 5.27 -12.01 6.62
C ARG A 96 3.75 -11.87 6.56
N TYR A 97 3.21 -11.38 5.47
CA TYR A 97 1.74 -11.22 5.38
C TYR A 97 1.09 -12.49 4.80
N SER A 98 1.85 -13.54 4.63
CA SER A 98 1.29 -14.81 4.08
C SER A 98 0.95 -14.66 2.59
N ASN A 99 1.37 -13.57 2.00
CA ASN A 99 1.10 -13.35 0.54
C ASN A 99 -0.32 -13.77 0.13
N ILE A 100 -1.31 -12.96 0.43
CA ILE A 100 -2.71 -13.31 0.01
C ILE A 100 -3.58 -12.09 -0.34
N PRO A 101 -3.40 -10.94 0.30
CA PRO A 101 -4.24 -9.77 -0.05
C PRO A 101 -3.53 -8.87 -1.06
N LEU A 102 -3.08 -9.41 -2.15
CA LEU A 102 -2.38 -8.56 -3.17
C LEU A 102 -3.12 -8.63 -4.50
N LEU A 103 -3.19 -7.54 -5.23
CA LEU A 103 -3.93 -7.58 -6.54
C LEU A 103 -3.94 -6.21 -7.21
N THR A 104 -5.05 -5.82 -7.80
CA THR A 104 -5.11 -4.49 -8.46
C THR A 104 -5.99 -3.55 -7.62
N LYS A 105 -7.23 -3.34 -8.00
CA LYS A 105 -8.10 -2.41 -7.20
C LYS A 105 -9.58 -2.75 -7.43
N PRO A 106 -9.89 -4.02 -7.44
CA PRO A 106 -11.30 -4.44 -7.62
C PRO A 106 -12.11 -4.04 -6.39
N PHE A 107 -11.42 -3.59 -5.37
CA PHE A 107 -12.11 -3.19 -4.11
C PHE A 107 -13.10 -4.27 -3.67
N LEU A 108 -13.79 -4.05 -2.58
CA LEU A 108 -14.75 -5.08 -2.06
C LEU A 108 -13.99 -6.22 -1.36
N ASP A 109 -12.87 -6.62 -1.88
CA ASP A 109 -12.08 -7.71 -1.27
C ASP A 109 -10.58 -7.45 -1.46
N SER A 110 -10.24 -6.27 -1.93
CA SER A 110 -8.80 -5.94 -2.20
C SER A 110 -8.10 -5.31 -0.97
N GLU A 111 -7.94 -4.01 -0.97
CA GLU A 111 -7.23 -3.33 0.16
C GLU A 111 -7.57 -3.98 1.50
N LEU A 112 -8.82 -4.06 1.83
CA LEU A 112 -9.21 -4.68 3.14
C LEU A 112 -8.37 -5.93 3.41
N GLU A 113 -8.53 -6.94 2.61
CA GLU A 113 -7.73 -8.18 2.80
C GLU A 113 -6.28 -7.84 3.15
N ALA A 114 -5.75 -6.81 2.56
CA ALA A 114 -4.35 -6.41 2.86
C ALA A 114 -4.20 -6.04 4.34
N VAL A 115 -5.24 -5.52 4.92
CA VAL A 115 -5.17 -5.14 6.36
C VAL A 115 -5.95 -6.15 7.22
N LEU A 116 -6.77 -6.95 6.61
CA LEU A 116 -7.59 -7.93 7.40
C LEU A 116 -6.84 -9.26 7.60
N VAL A 117 -5.88 -9.56 6.78
CA VAL A 117 -5.15 -10.86 6.93
C VAL A 117 -4.24 -10.82 8.17
N GLN A 118 -4.07 -9.68 8.78
CA GLN A 118 -3.19 -9.59 9.99
C GLN A 118 -3.83 -10.30 11.19
N ILE A 119 -5.02 -10.84 11.03
CA ILE A 119 -5.68 -11.55 12.17
C ILE A 119 -6.28 -12.89 11.70
N SER A 120 -6.49 -13.05 10.41
CA SER A 120 -7.05 -14.33 9.89
C SER A 120 -7.54 -14.13 8.46
N LYS A 121 -7.81 -15.19 7.75
CA LYS A 121 -8.29 -15.04 6.35
C LYS A 121 -8.82 -16.37 5.83
N GLU A 122 -9.47 -16.34 4.69
CA GLU A 122 -9.98 -17.61 4.10
C GLU A 122 -8.83 -18.61 4.02
N VAL A 123 -7.66 -18.11 3.75
CA VAL A 123 -6.47 -18.99 3.69
C VAL A 123 -5.25 -18.19 3.24
CA CA B . -5.82 5.04 -11.07
BE BEF C . -5.58 3.09 -8.75
F1 BEF C . -6.64 3.78 -10.09
F2 BEF C . -7.00 2.80 -8.57
F3 BEF C . -5.17 2.63 -10.02
N GLY A 1 4.77 15.42 30.39
CA GLY A 1 4.39 14.97 29.02
C GLY A 1 4.86 13.53 28.81
N SER A 2 4.10 12.57 29.29
CA SER A 2 4.51 11.15 29.13
C SER A 2 3.92 10.58 27.83
N HIS A 3 3.64 9.31 27.81
CA HIS A 3 3.07 8.68 26.58
C HIS A 3 4.00 8.91 25.39
N MET A 4 4.50 7.85 24.81
CA MET A 4 5.40 7.99 23.63
C MET A 4 4.80 7.32 22.39
N THR A 5 4.92 7.94 21.25
CA THR A 5 4.35 7.36 19.99
C THR A 5 5.42 7.37 18.90
N GLU A 6 5.24 6.62 17.85
CA GLU A 6 6.28 6.61 16.78
C GLU A 6 5.63 6.53 15.39
N ARG A 7 4.66 7.36 15.12
CA ARG A 7 3.99 7.35 13.79
C ARG A 7 3.85 5.93 13.26
N ARG A 8 2.82 5.24 13.65
CA ARG A 8 2.65 3.83 13.17
C ARG A 8 1.64 3.74 12.01
N LEU A 9 0.88 4.77 11.75
CA LEU A 9 -0.12 4.66 10.65
C LEU A 9 0.14 5.64 9.49
N ARG A 10 0.72 5.17 8.42
CA ARG A 10 0.96 6.06 7.24
C ARG A 10 0.61 5.29 5.97
N VAL A 11 0.28 5.95 4.90
CA VAL A 11 -0.07 5.17 3.67
C VAL A 11 0.02 6.02 2.41
N LEU A 12 0.97 5.73 1.56
CA LEU A 12 1.09 6.49 0.29
C LEU A 12 0.62 5.59 -0.84
N VAL A 13 -0.64 5.63 -1.17
CA VAL A 13 -1.16 4.74 -2.26
C VAL A 13 -1.33 5.55 -3.53
N VAL A 14 -0.99 4.98 -4.66
CA VAL A 14 -1.11 5.76 -5.91
C VAL A 14 -1.42 4.85 -7.12
N GLU A 15 -2.18 5.39 -8.03
CA GLU A 15 -2.57 4.68 -9.27
C GLU A 15 -3.33 5.69 -10.16
N ASP A 16 -3.29 5.53 -11.47
CA ASP A 16 -3.98 6.49 -12.38
C ASP A 16 -5.49 6.62 -12.09
N GLU A 17 -5.87 6.93 -10.87
CA GLU A 17 -7.31 7.08 -10.56
C GLU A 17 -7.52 8.03 -9.39
N SER A 18 -8.66 8.68 -9.32
CA SER A 18 -8.93 9.59 -8.18
C SER A 18 -9.78 8.87 -7.15
N MET A 19 -10.34 7.75 -7.51
CA MET A 19 -11.16 6.98 -6.55
C MET A 19 -10.26 6.38 -5.46
N ILE A 20 -8.97 6.34 -5.71
CA ILE A 20 -8.04 5.79 -4.69
C ILE A 20 -7.76 6.85 -3.64
N ALA A 21 -8.04 8.08 -3.97
CA ALA A 21 -7.80 9.18 -2.99
C ALA A 21 -8.88 9.14 -1.92
N MET A 22 -10.10 9.41 -2.29
CA MET A 22 -11.18 9.36 -1.27
C MET A 22 -11.18 7.98 -0.61
N LEU A 23 -10.67 7.00 -1.30
CA LEU A 23 -10.59 5.64 -0.73
C LEU A 23 -9.52 5.62 0.36
N ILE A 24 -8.82 6.71 0.53
CA ILE A 24 -7.75 6.76 1.58
C ILE A 24 -8.27 7.47 2.83
N GLU A 25 -8.84 8.63 2.68
CA GLU A 25 -9.34 9.35 3.89
C GLU A 25 -10.39 8.50 4.60
N ASP A 26 -11.08 7.66 3.89
CA ASP A 26 -12.10 6.79 4.56
C ASP A 26 -11.38 5.67 5.30
N THR A 27 -10.44 5.01 4.68
CA THR A 27 -9.69 3.95 5.38
C THR A 27 -8.91 4.58 6.52
N LEU A 28 -8.42 5.76 6.29
CA LEU A 28 -7.67 6.48 7.36
C LEU A 28 -8.61 6.76 8.53
N CYS A 29 -9.90 6.79 8.28
CA CYS A 29 -10.86 7.05 9.39
C CYS A 29 -10.71 5.94 10.44
N GLU A 30 -10.26 4.79 10.01
CA GLU A 30 -10.09 3.66 10.96
C GLU A 30 -8.74 3.76 11.67
N LEU A 31 -7.67 3.86 10.93
CA LEU A 31 -6.33 3.95 11.58
C LEU A 31 -6.02 5.39 11.98
N GLY A 32 -6.39 6.34 11.16
CA GLY A 32 -6.09 7.76 11.47
C GLY A 32 -4.76 8.11 10.81
N HIS A 33 -4.50 7.49 9.68
CA HIS A 33 -3.22 7.74 8.94
C HIS A 33 -2.79 9.19 9.07
N GLU A 34 -1.51 9.45 8.90
CA GLU A 34 -1.00 10.85 9.00
C GLU A 34 -0.59 11.37 7.63
N VAL A 35 -0.16 10.51 6.76
CA VAL A 35 0.26 10.94 5.40
C VAL A 35 -0.39 10.06 4.34
N ALA A 36 -1.47 10.50 3.76
CA ALA A 36 -2.14 9.67 2.73
C ALA A 36 -1.79 10.18 1.32
N ALA A 37 -1.55 9.28 0.41
CA ALA A 37 -1.22 9.70 -0.99
C ALA A 37 -2.26 9.09 -1.94
N THR A 38 -2.58 9.79 -3.00
CA THR A 38 -3.62 9.26 -3.94
C THR A 38 -3.19 9.42 -5.40
N ALA A 39 -3.89 8.75 -6.29
CA ALA A 39 -3.55 8.81 -7.74
C ALA A 39 -2.09 8.45 -7.95
N SER A 40 -1.74 7.97 -9.10
CA SER A 40 -0.32 7.59 -9.32
C SER A 40 0.53 8.85 -9.53
N ARG A 41 1.45 9.10 -8.63
CA ARG A 41 2.29 10.32 -8.78
C ARG A 41 3.76 9.99 -8.49
N MET A 42 4.60 10.16 -9.46
CA MET A 42 6.05 9.86 -9.26
C MET A 42 6.59 10.66 -8.07
N GLN A 43 6.10 11.86 -7.87
CA GLN A 43 6.58 12.67 -6.72
C GLN A 43 6.22 11.98 -5.41
N GLU A 44 4.97 11.72 -5.19
CA GLU A 44 4.56 11.05 -3.92
C GLU A 44 5.06 9.60 -3.91
N ALA A 45 4.84 8.88 -4.97
CA ALA A 45 5.31 7.46 -5.01
C ALA A 45 6.75 7.39 -4.48
N LEU A 46 7.63 8.12 -5.10
CA LEU A 46 9.05 8.11 -4.65
C LEU A 46 9.09 8.27 -3.13
N ASP A 47 8.27 9.12 -2.59
CA ASP A 47 8.25 9.31 -1.12
C ASP A 47 7.84 8.02 -0.41
N ILE A 48 7.10 7.17 -1.09
CA ILE A 48 6.68 5.90 -0.45
C ILE A 48 7.80 4.86 -0.56
N ALA A 49 8.72 5.04 -1.47
CA ALA A 49 9.82 4.03 -1.61
C ALA A 49 11.07 4.47 -0.83
N ARG A 50 11.73 5.51 -1.27
CA ARG A 50 12.97 5.97 -0.58
C ARG A 50 12.77 6.01 0.93
N LYS A 51 11.58 6.30 1.37
CA LYS A 51 11.32 6.36 2.84
C LYS A 51 11.66 5.04 3.51
N GLY A 52 11.39 3.92 2.87
CA GLY A 52 11.69 2.62 3.54
C GLY A 52 11.14 2.71 4.96
N GLN A 53 10.14 3.53 5.13
CA GLN A 53 9.52 3.74 6.47
C GLN A 53 8.24 4.55 6.28
N PHE A 54 7.36 4.07 5.44
CA PHE A 54 6.08 4.80 5.17
C PHE A 54 4.90 3.88 5.42
N ASP A 55 5.01 3.01 6.39
CA ASP A 55 3.91 2.06 6.71
C ASP A 55 3.51 1.26 5.48
N ILE A 56 2.81 1.85 4.54
CA ILE A 56 2.39 1.07 3.32
C ILE A 56 2.42 1.94 2.04
N ALA A 57 2.53 1.32 0.87
CA ALA A 57 2.55 2.11 -0.41
C ALA A 57 2.04 1.23 -1.55
N ILE A 58 1.14 1.71 -2.36
CA ILE A 58 0.61 0.84 -3.45
C ILE A 58 0.54 1.55 -4.81
N ILE A 59 1.28 1.03 -5.76
CA ILE A 59 1.23 1.59 -7.14
C ILE A 59 0.41 0.63 -7.98
N ASP A 60 -0.86 0.57 -7.73
CA ASP A 60 -1.73 -0.40 -8.45
C ASP A 60 -1.80 -0.11 -9.95
N VAL A 61 -2.38 -1.06 -10.64
CA VAL A 61 -2.57 -0.95 -12.10
C VAL A 61 -1.29 -1.36 -12.85
N ASN A 62 -1.32 -2.51 -13.45
CA ASN A 62 -0.14 -3.01 -14.21
C ASN A 62 -0.63 -3.57 -15.55
N LEU A 63 -1.48 -2.83 -16.21
CA LEU A 63 -2.03 -3.27 -17.50
C LEU A 63 -2.00 -2.09 -18.46
N ASP A 64 -2.64 -2.20 -19.60
CA ASP A 64 -2.61 -1.05 -20.53
C ASP A 64 -1.19 -0.52 -20.66
N GLY A 65 -0.21 -1.35 -20.38
CA GLY A 65 1.19 -0.88 -20.47
C GLY A 65 1.96 -1.30 -19.21
N GLU A 66 1.29 -1.37 -18.10
CA GLU A 66 1.99 -1.77 -16.85
C GLU A 66 3.10 -0.77 -16.53
N PRO A 67 2.70 0.35 -16.00
CA PRO A 67 3.64 1.42 -15.64
C PRO A 67 4.27 1.14 -14.27
N SER A 68 3.70 1.68 -13.23
CA SER A 68 4.25 1.45 -11.85
C SER A 68 5.71 1.94 -11.72
N TYR A 69 6.24 2.56 -12.75
CA TYR A 69 7.65 3.07 -12.70
C TYR A 69 8.61 2.01 -12.13
N PRO A 70 9.87 2.30 -12.24
CA PRO A 70 10.91 1.38 -11.73
C PRO A 70 10.92 1.45 -10.21
N VAL A 71 10.17 2.36 -9.64
CA VAL A 71 10.13 2.47 -8.15
C VAL A 71 9.23 1.37 -7.61
N ALA A 72 7.98 1.38 -7.98
CA ALA A 72 7.04 0.34 -7.50
C ALA A 72 7.68 -1.03 -7.75
N ASP A 73 8.02 -1.32 -8.97
CA ASP A 73 8.64 -2.63 -9.26
C ASP A 73 9.77 -2.88 -8.28
N ILE A 74 10.70 -1.96 -8.19
CA ILE A 74 11.81 -2.11 -7.22
C ILE A 74 11.19 -2.29 -5.83
N LEU A 75 10.24 -1.48 -5.50
CA LEU A 75 9.57 -1.58 -4.19
C LEU A 75 9.02 -3.00 -4.01
N ALA A 76 8.72 -3.66 -5.11
CA ALA A 76 8.19 -5.05 -5.02
C ALA A 76 9.33 -6.05 -5.17
N GLU A 77 10.44 -5.63 -5.69
CA GLU A 77 11.59 -6.57 -5.86
C GLU A 77 12.15 -6.94 -4.48
N ARG A 78 11.96 -6.10 -3.51
CA ARG A 78 12.46 -6.39 -2.15
C ARG A 78 11.40 -6.03 -1.09
N ASN A 79 10.26 -5.59 -1.55
CA ASN A 79 9.11 -5.22 -0.65
C ASN A 79 9.55 -4.87 0.78
N VAL A 80 9.49 -3.62 1.13
CA VAL A 80 9.83 -3.20 2.52
C VAL A 80 8.52 -3.29 3.33
N PRO A 81 8.53 -2.98 4.60
CA PRO A 81 7.26 -3.06 5.38
C PRO A 81 6.20 -2.22 4.69
N PHE A 82 5.15 -2.85 4.22
CA PHE A 82 4.11 -2.09 3.48
C PHE A 82 3.05 -3.02 2.90
N ILE A 83 2.50 -2.62 1.80
CA ILE A 83 1.48 -3.44 1.12
C ILE A 83 1.42 -2.96 -0.33
N PHE A 84 0.98 -3.80 -1.22
CA PHE A 84 0.94 -3.40 -2.64
C PHE A 84 -0.10 -4.21 -3.42
N ALA A 85 -0.54 -3.69 -4.52
CA ALA A 85 -1.53 -4.42 -5.33
C ALA A 85 -1.47 -3.94 -6.78
N THR A 86 -1.88 -4.76 -7.71
CA THR A 86 -1.85 -4.37 -9.15
C THR A 86 -2.10 -5.61 -10.03
N GLY A 87 -2.08 -5.44 -11.32
CA GLY A 87 -2.32 -6.60 -12.23
C GLY A 87 -1.26 -7.68 -12.01
N TYR A 88 -0.18 -7.33 -11.38
CA TYR A 88 0.89 -8.35 -11.14
C TYR A 88 0.53 -9.24 -9.95
N GLY A 89 -0.19 -8.69 -8.99
CA GLY A 89 -0.57 -9.51 -7.80
C GLY A 89 0.50 -9.38 -6.73
N SER A 90 1.50 -8.57 -6.97
CA SER A 90 2.59 -8.37 -5.96
C SER A 90 3.51 -9.62 -5.90
N LYS A 91 3.18 -10.67 -6.61
CA LYS A 91 4.03 -11.89 -6.57
C LYS A 91 3.98 -12.52 -5.17
N GLY A 92 4.39 -11.78 -4.18
CA GLY A 92 4.39 -12.28 -2.78
C GLY A 92 5.16 -11.29 -1.92
N LEU A 93 4.83 -10.02 -2.06
CA LEU A 93 5.53 -8.96 -1.29
C LEU A 93 5.97 -9.47 0.08
N ASP A 94 7.23 -9.33 0.38
CA ASP A 94 7.73 -9.82 1.69
C ASP A 94 7.90 -8.66 2.65
N THR A 95 7.58 -8.85 3.89
CA THR A 95 7.68 -7.73 4.85
C THR A 95 7.28 -8.19 6.27
N ARG A 96 7.26 -7.27 7.21
CA ARG A 96 6.90 -7.65 8.61
C ARG A 96 5.42 -8.06 8.73
N TYR A 97 4.73 -8.14 7.64
CA TYR A 97 3.30 -8.51 7.71
C TYR A 97 3.18 -10.05 7.81
N SER A 98 3.52 -10.76 6.76
CA SER A 98 3.49 -12.28 6.78
C SER A 98 3.11 -12.87 5.41
N ASN A 99 3.57 -12.29 4.33
CA ASN A 99 3.22 -12.85 2.99
C ASN A 99 1.75 -13.27 2.96
N ILE A 100 0.85 -12.39 2.63
CA ILE A 100 -0.59 -12.79 2.58
C ILE A 100 -1.55 -11.70 2.03
N PRO A 101 -1.29 -10.44 2.29
CA PRO A 101 -2.20 -9.37 1.83
C PRO A 101 -1.71 -8.70 0.54
N LEU A 102 -2.09 -9.23 -0.60
CA LEU A 102 -1.67 -8.58 -1.89
C LEU A 102 -2.72 -8.84 -2.97
N LEU A 103 -2.84 -7.96 -3.94
CA LEU A 103 -3.88 -8.18 -5.01
C LEU A 103 -3.93 -6.99 -5.98
N THR A 104 -5.07 -6.73 -6.59
CA THR A 104 -5.16 -5.58 -7.53
C THR A 104 -6.12 -4.52 -6.97
N LYS A 105 -7.29 -4.37 -7.54
CA LYS A 105 -8.22 -3.34 -7.00
C LYS A 105 -9.68 -3.62 -7.37
N PRO A 106 -10.12 -4.80 -7.05
CA PRO A 106 -11.52 -5.19 -7.32
C PRO A 106 -12.42 -4.45 -6.33
N PHE A 107 -11.90 -4.13 -5.17
CA PHE A 107 -12.67 -3.40 -4.11
C PHE A 107 -13.81 -4.24 -3.50
N LEU A 108 -14.33 -5.21 -4.20
CA LEU A 108 -15.43 -6.03 -3.59
C LEU A 108 -14.84 -7.20 -2.79
N ASP A 109 -13.54 -7.26 -2.66
CA ASP A 109 -12.91 -8.39 -1.88
C ASP A 109 -11.38 -8.23 -1.73
N SER A 110 -10.82 -7.10 -2.09
CA SER A 110 -9.33 -6.94 -1.97
C SER A 110 -8.96 -6.04 -0.80
N GLU A 111 -9.25 -4.77 -0.91
CA GLU A 111 -8.92 -3.82 0.20
C GLU A 111 -9.13 -4.49 1.56
N LEU A 112 -10.22 -5.17 1.71
CA LEU A 112 -10.49 -5.86 3.00
C LEU A 112 -9.35 -6.82 3.35
N GLU A 113 -8.85 -7.54 2.38
CA GLU A 113 -7.73 -8.50 2.66
C GLU A 113 -6.54 -7.78 3.32
N ALA A 114 -5.92 -6.88 2.61
CA ALA A 114 -4.74 -6.17 3.19
C ALA A 114 -4.99 -5.77 4.65
N VAL A 115 -6.19 -5.38 5.00
CA VAL A 115 -6.46 -4.97 6.40
C VAL A 115 -7.12 -6.11 7.18
N LEU A 116 -7.62 -7.10 6.50
CA LEU A 116 -8.28 -8.23 7.20
C LEU A 116 -7.30 -9.38 7.44
N VAL A 117 -6.11 -9.27 6.90
CA VAL A 117 -5.11 -10.35 7.10
C VAL A 117 -4.35 -10.13 8.41
N GLN A 118 -4.57 -9.03 9.07
CA GLN A 118 -3.85 -8.75 10.34
C GLN A 118 -4.69 -9.16 11.56
N ILE A 119 -5.83 -9.78 11.34
CA ILE A 119 -6.67 -10.19 12.51
C ILE A 119 -6.65 -11.71 12.68
N SER A 120 -5.97 -12.40 11.82
CA SER A 120 -5.92 -13.89 11.93
C SER A 120 -4.84 -14.44 11.00
N LYS A 121 -3.99 -15.30 11.49
CA LYS A 121 -2.92 -15.85 10.62
C LYS A 121 -2.63 -17.31 10.98
N GLU A 122 -2.34 -17.58 12.22
CA GLU A 122 -2.05 -18.99 12.62
C GLU A 122 -2.35 -19.17 14.12
N VAL A 123 -3.39 -18.55 14.60
CA VAL A 123 -3.75 -18.68 16.04
C VAL A 123 -3.72 -20.15 16.46
CA CA B . -6.56 2.47 -12.56
BE BEF C . -5.95 0.08 -10.48
F1 BEF C . -6.47 0.70 -9.23
F2 BEF C . -7.27 1.34 -10.76
F3 BEF C . -5.44 1.07 -11.26
N GLY A 1 15.84 21.29 14.73
CA GLY A 1 14.69 20.34 14.71
C GLY A 1 14.14 20.14 16.12
N SER A 2 13.23 19.21 16.29
CA SER A 2 12.66 18.98 17.65
C SER A 2 11.54 17.94 17.57
N HIS A 3 11.81 16.80 17.00
CA HIS A 3 10.76 15.74 16.89
C HIS A 3 11.34 14.49 16.24
N MET A 4 10.56 13.44 16.17
CA MET A 4 11.07 12.19 15.54
C MET A 4 9.99 11.59 14.62
N THR A 5 9.73 10.32 14.71
CA THR A 5 8.70 9.70 13.83
C THR A 5 7.73 8.89 14.67
N GLU A 6 6.54 8.67 14.18
CA GLU A 6 5.54 7.88 14.95
C GLU A 6 4.35 7.50 14.06
N ARG A 7 4.60 7.31 12.79
CA ARG A 7 3.50 6.95 11.86
C ARG A 7 3.57 5.45 11.52
N ARG A 8 4.29 4.70 12.30
CA ARG A 8 4.43 3.23 12.02
C ARG A 8 3.09 2.60 11.61
N LEU A 9 1.98 3.18 11.99
CA LEU A 9 0.67 2.56 11.61
C LEU A 9 -0.06 3.40 10.55
N ARG A 10 0.57 3.56 9.40
CA ARG A 10 -0.06 4.37 8.30
C ARG A 10 0.02 3.62 6.96
N VAL A 11 -1.09 3.42 6.32
CA VAL A 11 -1.06 2.71 5.01
C VAL A 11 -0.87 3.74 3.87
N LEU A 12 0.32 3.86 3.34
CA LEU A 12 0.54 4.85 2.25
C LEU A 12 0.03 4.29 0.92
N VAL A 13 -1.23 4.43 0.66
CA VAL A 13 -1.79 3.91 -0.63
C VAL A 13 -1.82 5.02 -1.66
N VAL A 14 -1.57 4.70 -2.90
CA VAL A 14 -1.58 5.77 -3.92
C VAL A 14 -1.75 5.21 -5.35
N GLU A 15 -2.40 5.99 -6.17
CA GLU A 15 -2.65 5.61 -7.60
C GLU A 15 -3.40 6.76 -8.30
N ASP A 16 -2.83 7.28 -9.36
CA ASP A 16 -3.46 8.42 -10.11
C ASP A 16 -4.98 8.43 -9.98
N GLU A 17 -5.47 9.03 -8.95
CA GLU A 17 -6.96 9.11 -8.77
C GLU A 17 -7.31 9.68 -7.39
N SER A 18 -8.33 10.50 -7.34
CA SER A 18 -8.77 11.08 -6.04
C SER A 18 -9.86 10.18 -5.46
N MET A 19 -10.43 9.34 -6.28
CA MET A 19 -11.49 8.42 -5.77
C MET A 19 -10.91 7.56 -4.65
N ILE A 20 -9.68 7.14 -4.78
CA ILE A 20 -9.05 6.30 -3.72
C ILE A 20 -8.87 7.12 -2.44
N ALA A 21 -8.76 8.41 -2.57
CA ALA A 21 -8.59 9.27 -1.37
C ALA A 21 -9.72 9.01 -0.37
N MET A 22 -10.89 9.50 -0.64
CA MET A 22 -12.00 9.24 0.31
C MET A 22 -12.17 7.73 0.46
N LEU A 23 -11.63 6.98 -0.47
CA LEU A 23 -11.69 5.50 -0.36
C LEU A 23 -10.85 5.05 0.83
N ILE A 24 -10.08 5.96 1.40
CA ILE A 24 -9.23 5.61 2.56
C ILE A 24 -9.86 6.08 3.87
N GLU A 25 -10.29 7.31 3.93
CA GLU A 25 -10.90 7.80 5.19
C GLU A 25 -11.90 6.76 5.70
N ASP A 26 -12.48 6.03 4.79
CA ASP A 26 -13.46 4.97 5.19
C ASP A 26 -12.69 3.71 5.59
N THR A 27 -11.73 3.31 4.82
CA THR A 27 -10.94 2.11 5.19
C THR A 27 -10.28 2.36 6.54
N LEU A 28 -9.95 3.59 6.82
CA LEU A 28 -9.35 3.92 8.13
C LEU A 28 -10.40 3.61 9.20
N CYS A 29 -11.63 3.96 8.94
CA CYS A 29 -12.71 3.67 9.92
C CYS A 29 -12.62 2.19 10.31
N GLU A 30 -12.30 1.34 9.38
CA GLU A 30 -12.18 -0.12 9.68
C GLU A 30 -10.73 -0.47 10.05
N LEU A 31 -9.76 0.29 9.58
CA LEU A 31 -8.34 -0.03 9.93
C LEU A 31 -8.00 0.50 11.31
N GLY A 32 -8.47 1.69 11.61
CA GLY A 32 -8.13 2.30 12.91
C GLY A 32 -6.83 3.07 12.73
N HIS A 33 -6.17 2.88 11.61
CA HIS A 33 -4.90 3.60 11.34
C HIS A 33 -5.09 5.09 11.63
N GLU A 34 -4.08 5.89 11.46
CA GLU A 34 -4.27 7.35 11.74
C GLU A 34 -4.72 8.08 10.45
N VAL A 35 -3.78 8.51 9.65
CA VAL A 35 -4.14 9.21 8.37
C VAL A 35 -3.12 8.82 7.31
N ALA A 36 -3.44 7.87 6.49
CA ALA A 36 -2.48 7.41 5.45
C ALA A 36 -2.48 8.32 4.23
N ALA A 37 -2.08 7.79 3.10
CA ALA A 37 -2.04 8.61 1.86
C ALA A 37 -2.92 8.00 0.76
N THR A 38 -3.14 8.74 -0.28
CA THR A 38 -3.98 8.23 -1.40
C THR A 38 -3.55 8.88 -2.71
N ALA A 39 -4.10 8.44 -3.81
CA ALA A 39 -3.70 9.02 -5.12
C ALA A 39 -2.20 8.84 -5.30
N SER A 40 -1.75 8.84 -6.51
CA SER A 40 -0.29 8.63 -6.74
C SER A 40 0.46 9.96 -6.60
N ARG A 41 1.29 10.06 -5.60
CA ARG A 41 2.06 11.31 -5.38
C ARG A 41 3.55 10.99 -5.14
N MET A 42 4.40 11.42 -6.03
CA MET A 42 5.85 11.14 -5.85
C MET A 42 6.35 11.73 -4.52
N GLN A 43 5.77 12.82 -4.10
CA GLN A 43 6.19 13.44 -2.81
C GLN A 43 5.90 12.50 -1.65
N GLU A 44 4.70 11.98 -1.59
CA GLU A 44 4.34 11.05 -0.48
C GLU A 44 4.83 9.64 -0.80
N ALA A 45 4.58 9.17 -2.00
CA ALA A 45 5.04 7.80 -2.38
C ALA A 45 6.46 7.58 -1.88
N LEU A 46 7.34 8.50 -2.17
CA LEU A 46 8.75 8.36 -1.69
C LEU A 46 8.75 8.06 -0.19
N ASP A 47 8.00 8.81 0.56
CA ASP A 47 7.94 8.57 2.04
C ASP A 47 7.59 7.10 2.31
N ILE A 48 6.60 6.58 1.64
CA ILE A 48 6.21 5.15 1.86
C ILE A 48 7.43 4.27 1.59
N ALA A 49 8.36 4.75 0.81
CA ALA A 49 9.57 3.93 0.48
C ALA A 49 10.73 4.24 1.43
N ARG A 50 11.15 5.47 1.52
CA ARG A 50 12.32 5.79 2.41
C ARG A 50 11.93 5.63 3.88
N LYS A 51 10.68 5.80 4.19
CA LYS A 51 10.23 5.68 5.62
C LYS A 51 10.62 4.32 6.20
N GLY A 52 10.38 3.25 5.49
CA GLY A 52 10.73 1.91 6.03
C GLY A 52 9.65 1.50 7.05
N GLN A 53 9.38 2.35 8.00
CA GLN A 53 8.33 2.02 9.02
C GLN A 53 7.02 2.68 8.60
N PHE A 54 6.80 2.82 7.31
CA PHE A 54 5.54 3.45 6.85
C PHE A 54 4.38 2.46 6.92
N ASP A 55 4.62 1.30 7.49
CA ASP A 55 3.53 0.29 7.64
C ASP A 55 3.13 -0.36 6.30
N ILE A 56 2.58 0.40 5.38
CA ILE A 56 2.14 -0.22 4.09
C ILE A 56 2.19 0.77 2.93
N ALA A 57 2.24 0.29 1.71
CA ALA A 57 2.29 1.24 0.55
C ALA A 57 1.61 0.63 -0.67
N ILE A 58 0.68 1.32 -1.26
CA ILE A 58 0.01 0.75 -2.46
C ILE A 58 0.09 1.68 -3.67
N ILE A 59 1.08 1.48 -4.50
CA ILE A 59 1.22 2.28 -5.74
C ILE A 59 0.67 1.38 -6.85
N ASP A 60 -0.59 1.11 -6.80
CA ASP A 60 -1.23 0.18 -7.77
C ASP A 60 -1.01 0.61 -9.22
N VAL A 61 -1.76 0.01 -10.11
CA VAL A 61 -1.67 0.28 -11.57
C VAL A 61 -0.22 0.17 -12.07
N ASN A 62 0.28 -1.03 -12.18
CA ASN A 62 1.66 -1.22 -12.71
C ASN A 62 1.57 -1.91 -14.07
N LEU A 63 0.85 -1.32 -14.98
CA LEU A 63 0.69 -1.92 -16.33
C LEU A 63 0.79 -0.83 -17.39
N ASP A 64 0.81 -1.20 -18.63
CA ASP A 64 0.91 -0.18 -19.71
C ASP A 64 2.10 0.76 -19.45
N GLY A 65 3.03 0.34 -18.62
CA GLY A 65 4.20 1.21 -18.34
C GLY A 65 4.74 0.93 -16.94
N GLU A 66 3.97 0.30 -16.10
CA GLU A 66 4.44 0.01 -14.73
C GLU A 66 4.91 1.30 -14.05
N PRO A 67 3.99 2.21 -13.90
CA PRO A 67 4.30 3.52 -13.27
C PRO A 67 4.50 3.38 -11.76
N SER A 68 5.35 2.49 -11.34
CA SER A 68 5.61 2.31 -9.89
C SER A 68 7.00 2.85 -9.55
N TYR A 69 7.61 3.55 -10.46
CA TYR A 69 8.97 4.11 -10.25
C TYR A 69 9.87 3.04 -9.62
N PRO A 70 11.08 3.42 -9.34
CA PRO A 70 12.00 2.46 -8.71
C PRO A 70 11.67 2.34 -7.22
N VAL A 71 10.81 3.20 -6.73
CA VAL A 71 10.45 3.14 -5.29
C VAL A 71 9.64 1.88 -5.02
N ALA A 72 8.44 1.83 -5.53
CA ALA A 72 7.56 0.65 -5.35
C ALA A 72 8.18 -0.58 -6.00
N ASP A 73 8.58 -0.45 -7.24
CA ASP A 73 9.18 -1.61 -7.94
C ASP A 73 10.23 -2.23 -7.04
N ILE A 74 11.18 -1.44 -6.60
CA ILE A 74 12.22 -1.98 -5.70
C ILE A 74 11.54 -2.52 -4.45
N LEU A 75 10.67 -1.74 -3.89
CA LEU A 75 9.92 -2.18 -2.69
C LEU A 75 9.39 -3.60 -2.92
N ALA A 76 9.03 -3.91 -4.14
CA ALA A 76 8.51 -5.27 -4.45
C ALA A 76 9.60 -6.35 -4.34
N GLU A 77 10.57 -6.32 -5.21
CA GLU A 77 11.65 -7.36 -5.14
C GLU A 77 12.13 -7.55 -3.71
N ARG A 78 11.93 -6.58 -2.87
CA ARG A 78 12.38 -6.70 -1.45
C ARG A 78 11.48 -5.88 -0.55
N ASN A 79 10.23 -6.23 -0.42
CA ASN A 79 9.34 -5.43 0.45
C ASN A 79 9.41 -5.90 1.90
N VAL A 80 9.11 -5.01 2.80
CA VAL A 80 9.12 -5.35 4.25
C VAL A 80 7.66 -5.47 4.71
N PRO A 81 7.32 -5.14 5.95
CA PRO A 81 5.89 -5.26 6.33
C PRO A 81 5.10 -4.17 5.62
N PHE A 82 4.24 -4.58 4.73
CA PHE A 82 3.45 -3.59 3.95
C PHE A 82 2.34 -4.30 3.16
N ILE A 83 2.02 -3.78 2.02
CA ILE A 83 0.99 -4.40 1.14
C ILE A 83 1.06 -3.70 -0.21
N PHE A 84 0.68 -4.38 -1.25
CA PHE A 84 0.76 -3.77 -2.60
C PHE A 84 -0.24 -4.43 -3.56
N ALA A 85 -0.49 -3.81 -4.67
CA ALA A 85 -1.45 -4.42 -5.61
C ALA A 85 -1.38 -3.73 -6.98
N THR A 86 -1.81 -4.39 -8.02
CA THR A 86 -1.77 -3.74 -9.37
C THR A 86 -2.39 -4.65 -10.43
N GLY A 87 -2.18 -4.34 -11.68
CA GLY A 87 -2.77 -5.16 -12.78
C GLY A 87 -2.64 -6.66 -12.49
N TYR A 88 -1.49 -7.12 -12.08
CA TYR A 88 -1.34 -8.58 -11.82
C TYR A 88 -1.03 -8.88 -10.35
N GLY A 89 -1.41 -8.02 -9.47
CA GLY A 89 -1.13 -8.27 -8.03
C GLY A 89 0.18 -7.58 -7.64
N SER A 90 1.27 -8.28 -7.77
CA SER A 90 2.60 -7.70 -7.43
C SER A 90 3.72 -8.62 -7.92
N LYS A 91 3.46 -9.44 -8.91
CA LYS A 91 4.51 -10.35 -9.42
C LYS A 91 5.04 -11.27 -8.29
N GLY A 92 4.35 -11.32 -7.19
CA GLY A 92 4.81 -12.19 -6.06
C GLY A 92 5.60 -11.35 -5.05
N LEU A 93 5.05 -10.24 -4.63
CA LEU A 93 5.78 -9.39 -3.65
C LEU A 93 6.17 -10.22 -2.41
N ASP A 94 7.27 -9.88 -1.79
CA ASP A 94 7.70 -10.66 -0.59
C ASP A 94 7.51 -9.82 0.68
N THR A 95 7.25 -10.44 1.79
CA THR A 95 7.05 -9.66 3.05
C THR A 95 6.56 -10.57 4.17
N ARG A 96 6.29 -10.00 5.31
CA ARG A 96 5.78 -10.81 6.46
C ARG A 96 4.30 -11.11 6.27
N TYR A 97 3.70 -10.55 5.25
CA TYR A 97 2.25 -10.79 5.02
C TYR A 97 2.04 -12.15 4.34
N SER A 98 3.06 -12.68 3.70
CA SER A 98 2.94 -14.00 3.03
C SER A 98 2.23 -13.84 1.68
N ASN A 99 2.32 -12.67 1.09
CA ASN A 99 1.68 -12.43 -0.25
C ASN A 99 0.14 -12.46 -0.21
N ILE A 100 -0.45 -13.16 0.72
CA ILE A 100 -1.96 -13.23 0.78
C ILE A 100 -2.61 -11.89 0.38
N PRO A 101 -2.18 -10.81 0.99
CA PRO A 101 -2.78 -9.47 0.67
C PRO A 101 -2.36 -8.94 -0.69
N LEU A 102 -1.86 -9.76 -1.57
CA LEU A 102 -1.44 -9.23 -2.90
C LEU A 102 -2.59 -9.27 -3.90
N LEU A 103 -2.80 -8.20 -4.62
CA LEU A 103 -3.89 -8.19 -5.65
C LEU A 103 -3.86 -6.90 -6.47
N THR A 104 -4.97 -6.48 -7.01
CA THR A 104 -4.97 -5.22 -7.79
C THR A 104 -5.77 -4.15 -7.06
N LYS A 105 -5.85 -2.99 -7.62
CA LYS A 105 -6.60 -1.87 -6.98
C LYS A 105 -7.81 -2.37 -6.18
N PRO A 106 -7.92 -1.85 -4.99
CA PRO A 106 -9.06 -2.20 -4.10
C PRO A 106 -10.35 -1.59 -4.67
N PHE A 107 -10.68 -1.89 -5.90
CA PHE A 107 -11.92 -1.31 -6.50
C PHE A 107 -12.82 -2.41 -7.06
N LEU A 108 -12.38 -3.64 -7.10
CA LEU A 108 -13.23 -4.73 -7.66
C LEU A 108 -13.12 -5.99 -6.81
N ASP A 109 -13.71 -6.01 -5.65
CA ASP A 109 -13.63 -7.22 -4.79
C ASP A 109 -12.17 -7.49 -4.40
N SER A 110 -11.30 -6.55 -4.69
CA SER A 110 -9.87 -6.73 -4.34
C SER A 110 -9.58 -6.09 -2.99
N GLU A 111 -10.03 -4.88 -2.79
CA GLU A 111 -9.81 -4.19 -1.47
C GLU A 111 -10.10 -5.15 -0.31
N LEU A 112 -10.86 -6.17 -0.55
CA LEU A 112 -11.20 -7.12 0.56
C LEU A 112 -9.95 -7.91 0.95
N GLU A 113 -9.55 -8.85 0.13
CA GLU A 113 -8.34 -9.66 0.46
C GLU A 113 -7.28 -8.80 1.13
N ALA A 114 -6.98 -7.67 0.57
CA ALA A 114 -5.94 -6.79 1.17
C ALA A 114 -6.22 -6.55 2.65
N VAL A 115 -7.45 -6.31 3.01
CA VAL A 115 -7.75 -6.08 4.45
C VAL A 115 -8.35 -7.33 5.09
N LEU A 116 -8.78 -8.26 4.29
CA LEU A 116 -9.37 -9.52 4.84
C LEU A 116 -8.24 -10.51 5.17
N VAL A 117 -7.10 -10.31 4.57
CA VAL A 117 -5.94 -11.22 4.82
C VAL A 117 -5.35 -11.00 6.21
N GLN A 118 -5.83 -10.02 6.94
CA GLN A 118 -5.24 -9.77 8.29
C GLN A 118 -6.28 -9.98 9.39
N ILE A 119 -7.55 -9.99 9.05
CA ILE A 119 -8.58 -10.20 10.11
C ILE A 119 -8.78 -11.69 10.38
N SER A 120 -7.94 -12.52 9.82
CA SER A 120 -8.07 -13.98 10.05
C SER A 120 -6.87 -14.72 9.44
N LYS A 121 -5.85 -14.94 10.22
CA LYS A 121 -4.65 -15.66 9.68
C LYS A 121 -3.92 -16.38 10.82
N GLU A 122 -3.69 -15.68 11.90
CA GLU A 122 -2.99 -16.32 13.06
C GLU A 122 -3.59 -15.81 14.36
N VAL A 123 -3.81 -14.52 14.48
CA VAL A 123 -4.39 -13.97 15.73
C VAL A 123 -5.03 -12.61 15.44
CA CA B . -5.60 4.66 -11.23
BE BEF C . -5.26 1.83 -9.84
F1 BEF C . -6.21 2.22 -11.28
F2 BEF C . -4.88 3.18 -10.35
F3 BEF C . -6.53 1.77 -9.43
N GLY A 1 15.78 8.75 19.97
CA GLY A 1 15.04 7.60 19.37
C GLY A 1 13.57 7.66 19.78
N SER A 2 12.70 7.99 18.86
CA SER A 2 11.25 8.07 19.21
C SER A 2 11.07 8.95 20.46
N HIS A 3 10.29 8.52 21.41
CA HIS A 3 10.09 9.35 22.64
C HIS A 3 9.56 10.74 22.27
N MET A 4 9.04 10.89 21.08
CA MET A 4 8.51 12.22 20.65
C MET A 4 7.33 12.05 19.68
N THR A 5 7.34 11.00 18.89
CA THR A 5 6.21 10.78 17.93
C THR A 5 5.61 9.40 18.14
N GLU A 6 4.44 9.16 17.62
CA GLU A 6 3.80 7.82 17.80
C GLU A 6 2.90 7.51 16.58
N ARG A 7 3.09 8.23 15.50
CA ARG A 7 2.26 7.97 14.28
C ARG A 7 3.16 7.51 13.13
N ARG A 8 4.10 6.65 13.40
CA ARG A 8 5.01 6.18 12.33
C ARG A 8 4.26 5.26 11.35
N LEU A 9 3.03 4.94 11.65
CA LEU A 9 2.24 4.06 10.74
C LEU A 9 1.67 4.87 9.58
N ARG A 10 1.79 4.39 8.37
CA ARG A 10 1.25 5.14 7.20
C ARG A 10 0.73 4.18 6.12
N VAL A 11 -0.19 4.62 5.32
CA VAL A 11 -0.73 3.75 4.24
C VAL A 11 -0.75 4.52 2.91
N LEU A 12 0.35 4.55 2.22
CA LEU A 12 0.42 5.30 0.93
C LEU A 12 -0.06 4.44 -0.23
N VAL A 13 -1.31 4.53 -0.58
CA VAL A 13 -1.82 3.73 -1.73
C VAL A 13 -2.07 4.65 -2.91
N VAL A 14 -1.54 4.36 -4.05
CA VAL A 14 -1.75 5.27 -5.19
C VAL A 14 -1.98 4.52 -6.49
N GLU A 15 -2.93 4.99 -7.25
CA GLU A 15 -3.26 4.39 -8.56
C GLU A 15 -4.13 5.39 -9.36
N ASP A 16 -4.13 5.31 -10.65
CA ASP A 16 -4.89 6.29 -11.48
C ASP A 16 -6.41 6.27 -11.25
N GLU A 17 -6.87 6.34 -10.04
CA GLU A 17 -8.35 6.35 -9.81
C GLU A 17 -8.67 6.95 -8.43
N SER A 18 -9.91 7.31 -8.22
CA SER A 18 -10.30 7.89 -6.90
C SER A 18 -10.92 6.78 -6.04
N MET A 19 -11.31 5.70 -6.64
CA MET A 19 -11.91 4.59 -5.87
C MET A 19 -10.92 4.09 -4.82
N ILE A 20 -9.65 4.38 -5.01
CA ILE A 20 -8.64 3.95 -4.03
C ILE A 20 -8.58 4.96 -2.89
N ALA A 21 -9.15 6.11 -3.09
CA ALA A 21 -9.15 7.14 -2.03
C ALA A 21 -10.11 6.74 -0.91
N MET A 22 -11.38 6.63 -1.21
CA MET A 22 -12.34 6.21 -0.14
C MET A 22 -11.95 4.83 0.37
N LEU A 23 -11.24 4.09 -0.43
CA LEU A 23 -10.78 2.75 -0.01
C LEU A 23 -9.67 2.92 1.04
N ILE A 24 -9.26 4.14 1.28
CA ILE A 24 -8.18 4.39 2.28
C ILE A 24 -8.76 4.95 3.58
N GLU A 25 -9.65 5.90 3.50
CA GLU A 25 -10.25 6.48 4.72
C GLU A 25 -10.88 5.37 5.58
N ASP A 26 -11.33 4.32 4.96
CA ASP A 26 -11.95 3.22 5.73
C ASP A 26 -10.87 2.43 6.50
N THR A 27 -9.80 2.07 5.84
CA THR A 27 -8.73 1.32 6.56
C THR A 27 -8.05 2.25 7.56
N LEU A 28 -7.93 3.50 7.23
CA LEU A 28 -7.30 4.45 8.19
C LEU A 28 -8.23 4.57 9.40
N CYS A 29 -9.48 4.21 9.23
CA CYS A 29 -10.43 4.29 10.37
C CYS A 29 -10.01 3.30 11.46
N GLU A 30 -9.33 2.24 11.07
CA GLU A 30 -8.85 1.24 12.07
C GLU A 30 -7.42 1.57 12.47
N LEU A 31 -6.61 1.87 11.50
CA LEU A 31 -5.18 2.20 11.76
C LEU A 31 -5.04 3.64 12.27
N GLY A 32 -5.83 4.54 11.75
CA GLY A 32 -5.70 5.96 12.19
C GLY A 32 -4.42 6.52 11.60
N HIS A 33 -3.97 5.94 10.51
CA HIS A 33 -2.70 6.41 9.87
C HIS A 33 -2.58 7.92 9.95
N GLU A 34 -1.37 8.42 9.89
CA GLU A 34 -1.17 9.90 9.95
C GLU A 34 -1.96 10.58 8.83
N VAL A 35 -1.57 10.35 7.60
CA VAL A 35 -2.29 10.96 6.45
C VAL A 35 -2.27 10.00 5.26
N ALA A 36 -3.35 9.31 5.03
CA ALA A 36 -3.39 8.32 3.91
C ALA A 36 -3.13 8.98 2.55
N ALA A 37 -2.67 8.20 1.61
CA ALA A 37 -2.39 8.75 0.25
C ALA A 37 -3.21 7.97 -0.79
N THR A 38 -3.91 8.65 -1.64
CA THR A 38 -4.75 7.94 -2.66
C THR A 38 -4.40 8.37 -4.09
N ALA A 39 -5.01 7.72 -5.05
CA ALA A 39 -4.74 8.02 -6.48
C ALA A 39 -3.25 7.94 -6.75
N SER A 40 -2.86 7.73 -7.97
CA SER A 40 -1.41 7.61 -8.27
C SER A 40 -0.72 8.98 -8.25
N ARG A 41 0.28 9.13 -7.44
CA ARG A 41 1.00 10.43 -7.36
C ARG A 41 2.51 10.20 -7.19
N MET A 42 3.30 10.76 -8.05
CA MET A 42 4.78 10.56 -7.95
C MET A 42 5.32 11.18 -6.65
N GLN A 43 4.77 12.29 -6.23
CA GLN A 43 5.26 12.94 -4.98
C GLN A 43 5.03 12.03 -3.77
N GLU A 44 3.80 11.76 -3.44
CA GLU A 44 3.53 10.88 -2.28
C GLU A 44 4.20 9.52 -2.48
N ALA A 45 4.08 8.96 -3.66
CA ALA A 45 4.74 7.64 -3.92
C ALA A 45 6.16 7.69 -3.38
N LEU A 46 6.88 8.71 -3.73
CA LEU A 46 8.28 8.86 -3.24
C LEU A 46 8.30 8.71 -1.73
N ASP A 47 7.33 9.26 -1.06
CA ASP A 47 7.27 9.16 0.42
C ASP A 47 6.93 7.73 0.86
N ILE A 48 6.50 6.89 -0.05
CA ILE A 48 6.16 5.50 0.35
C ILE A 48 7.35 4.58 0.13
N ALA A 49 8.24 4.91 -0.76
CA ALA A 49 9.40 4.03 -0.99
C ALA A 49 10.60 4.48 -0.14
N ARG A 50 11.15 5.63 -0.43
CA ARG A 50 12.32 6.11 0.35
C ARG A 50 12.01 6.13 1.85
N LYS A 51 10.77 6.37 2.21
CA LYS A 51 10.41 6.41 3.65
C LYS A 51 10.78 5.09 4.32
N GLY A 52 10.50 3.98 3.67
CA GLY A 52 10.83 2.66 4.27
C GLY A 52 9.87 2.36 5.42
N GLN A 53 9.95 3.11 6.49
CA GLN A 53 9.04 2.86 7.64
C GLN A 53 7.67 3.51 7.37
N PHE A 54 7.07 3.22 6.24
CA PHE A 54 5.73 3.82 5.94
C PHE A 54 4.63 2.78 6.09
N ASP A 55 4.97 1.63 6.58
CA ASP A 55 3.95 0.54 6.80
C ASP A 55 3.35 -0.02 5.51
N ILE A 56 2.88 0.80 4.57
CA ILE A 56 2.28 0.20 3.32
C ILE A 56 2.34 1.15 2.11
N ALA A 57 2.47 0.60 0.91
CA ALA A 57 2.54 1.49 -0.30
C ALA A 57 1.96 0.75 -1.52
N ILE A 58 1.07 1.35 -2.25
CA ILE A 58 0.48 0.62 -3.41
C ILE A 58 0.40 1.45 -4.69
N ILE A 59 1.34 1.25 -5.59
CA ILE A 59 1.28 1.96 -6.90
C ILE A 59 0.57 0.99 -7.87
N ASP A 60 -0.63 0.62 -7.52
CA ASP A 60 -1.41 -0.37 -8.33
C ASP A 60 -1.34 -0.06 -9.83
N VAL A 61 -1.89 -0.95 -10.62
CA VAL A 61 -1.90 -0.76 -12.09
C VAL A 61 -0.46 -0.65 -12.61
N ASN A 62 0.02 -1.69 -13.25
CA ASN A 62 1.41 -1.68 -13.78
C ASN A 62 1.44 -2.27 -15.19
N LEU A 63 0.68 -1.70 -16.09
CA LEU A 63 0.65 -2.21 -17.48
C LEU A 63 0.28 -1.06 -18.43
N ASP A 64 -0.01 -1.34 -19.66
CA ASP A 64 -0.37 -0.25 -20.60
C ASP A 64 0.65 0.89 -20.44
N GLY A 65 1.83 0.58 -20.00
CA GLY A 65 2.87 1.63 -19.81
C GLY A 65 3.58 1.40 -18.48
N GLU A 66 2.97 0.68 -17.59
CA GLU A 66 3.59 0.41 -16.27
C GLU A 66 3.88 1.73 -15.54
N PRO A 67 2.83 2.45 -15.27
CA PRO A 67 2.96 3.75 -14.56
C PRO A 67 3.30 3.52 -13.10
N SER A 68 4.44 2.97 -12.81
CA SER A 68 4.80 2.74 -11.38
C SER A 68 6.13 3.41 -11.03
N TYR A 69 6.72 4.12 -11.97
CA TYR A 69 8.00 4.82 -11.72
C TYR A 69 8.99 3.87 -11.02
N PRO A 70 10.19 4.34 -10.85
CA PRO A 70 11.23 3.52 -10.20
C PRO A 70 11.05 3.51 -8.69
N VAL A 71 10.07 4.19 -8.16
CA VAL A 71 9.90 4.19 -6.69
C VAL A 71 9.10 2.96 -6.27
N ALA A 72 8.08 2.62 -7.01
CA ALA A 72 7.28 1.41 -6.67
C ALA A 72 8.01 0.17 -7.17
N ASP A 73 8.35 0.15 -8.43
CA ASP A 73 9.10 -1.02 -8.97
C ASP A 73 10.20 -1.42 -8.01
N ILE A 74 11.04 -0.48 -7.65
CA ILE A 74 12.14 -0.80 -6.70
C ILE A 74 11.54 -1.26 -5.38
N LEU A 75 10.63 -0.50 -4.85
CA LEU A 75 10.00 -0.90 -3.57
C LEU A 75 9.59 -2.37 -3.64
N ALA A 76 9.33 -2.85 -4.82
CA ALA A 76 8.96 -4.28 -4.97
C ALA A 76 10.22 -5.15 -5.11
N GLU A 77 11.30 -4.56 -5.55
CA GLU A 77 12.56 -5.35 -5.70
C GLU A 77 13.04 -5.79 -4.31
N ARG A 78 12.58 -5.13 -3.28
CA ARG A 78 13.00 -5.51 -1.90
C ARG A 78 11.76 -5.85 -1.06
N ASN A 79 10.66 -5.21 -1.34
CA ASN A 79 9.39 -5.50 -0.60
C ASN A 79 9.60 -5.41 0.92
N VAL A 80 9.42 -4.24 1.47
CA VAL A 80 9.56 -4.07 2.95
C VAL A 80 8.17 -4.30 3.56
N PRO A 81 8.00 -4.14 4.85
CA PRO A 81 6.65 -4.34 5.43
C PRO A 81 5.71 -3.39 4.70
N PHE A 82 4.73 -3.93 4.03
CA PHE A 82 3.82 -3.06 3.24
C PHE A 82 2.73 -3.87 2.56
N ILE A 83 2.43 -3.49 1.35
CA ILE A 83 1.40 -4.20 0.56
C ILE A 83 1.39 -3.56 -0.82
N PHE A 84 1.08 -4.33 -1.82
CA PHE A 84 1.06 -3.80 -3.21
C PHE A 84 0.12 -4.65 -4.07
N ALA A 85 -0.32 -4.14 -5.18
CA ALA A 85 -1.24 -4.96 -6.02
C ALA A 85 -1.42 -4.34 -7.40
N THR A 86 -1.24 -5.10 -8.46
CA THR A 86 -1.43 -4.54 -9.82
C THR A 86 -1.41 -5.64 -10.87
N GLY A 87 -0.82 -5.38 -12.01
CA GLY A 87 -0.77 -6.39 -13.09
C GLY A 87 0.01 -7.65 -12.68
N TYR A 88 1.14 -7.49 -12.02
CA TYR A 88 1.91 -8.71 -11.64
C TYR A 88 1.20 -9.53 -10.55
N GLY A 89 0.22 -8.97 -9.89
CA GLY A 89 -0.53 -9.76 -8.86
C GLY A 89 0.45 -10.37 -7.87
N SER A 90 1.42 -9.61 -7.47
CA SER A 90 2.44 -10.11 -6.50
C SER A 90 3.38 -11.13 -7.14
N LYS A 91 4.48 -10.69 -7.68
CA LYS A 91 5.45 -11.64 -8.30
C LYS A 91 6.07 -12.52 -7.23
N GLY A 92 5.94 -12.10 -6.00
CA GLY A 92 6.51 -12.87 -4.86
C GLY A 92 6.67 -11.90 -3.69
N LEU A 93 5.72 -11.03 -3.51
CA LEU A 93 5.79 -10.03 -2.42
C LEU A 93 6.10 -10.71 -1.09
N ASP A 94 7.24 -10.43 -0.53
CA ASP A 94 7.60 -11.05 0.78
C ASP A 94 7.49 -9.98 1.87
N THR A 95 7.05 -10.36 3.03
CA THR A 95 6.90 -9.37 4.13
C THR A 95 6.35 -10.06 5.37
N ARG A 96 6.16 -9.32 6.44
CA ARG A 96 5.59 -9.94 7.67
C ARG A 96 4.08 -10.08 7.52
N TYR A 97 3.56 -9.72 6.38
CA TYR A 97 2.09 -9.80 6.17
C TYR A 97 1.63 -11.22 5.76
N SER A 98 2.55 -12.17 5.68
CA SER A 98 2.20 -13.56 5.25
C SER A 98 2.18 -13.63 3.73
N ASN A 99 2.42 -12.53 3.07
CA ASN A 99 2.47 -12.53 1.58
C ASN A 99 1.10 -12.77 0.95
N ILE A 100 0.04 -12.54 1.69
CA ILE A 100 -1.32 -12.78 1.11
C ILE A 100 -2.14 -11.48 0.84
N PRO A 101 -1.78 -10.37 1.47
CA PRO A 101 -2.55 -9.11 1.24
C PRO A 101 -2.20 -8.41 -0.09
N LEU A 102 -2.02 -9.12 -1.17
CA LEU A 102 -1.68 -8.40 -2.44
C LEU A 102 -2.34 -9.03 -3.66
N LEU A 103 -2.46 -8.26 -4.72
CA LEU A 103 -3.10 -8.78 -5.98
C LEU A 103 -3.20 -7.65 -7.01
N THR A 104 -4.34 -7.45 -7.63
CA THR A 104 -4.44 -6.36 -8.66
C THR A 104 -5.54 -5.34 -8.31
N LYS A 105 -6.07 -5.37 -7.13
CA LYS A 105 -7.12 -4.38 -6.75
C LYS A 105 -8.43 -4.57 -7.53
N PRO A 106 -8.92 -5.78 -7.56
CA PRO A 106 -10.21 -6.03 -8.23
C PRO A 106 -11.31 -5.44 -7.34
N PHE A 107 -10.95 -5.05 -6.14
CA PHE A 107 -11.90 -4.43 -5.20
C PHE A 107 -13.01 -5.38 -4.78
N LEU A 108 -14.13 -4.84 -4.34
CA LEU A 108 -15.25 -5.70 -3.86
C LEU A 108 -14.69 -6.90 -3.10
N ASP A 109 -13.53 -6.74 -2.48
CA ASP A 109 -12.87 -7.83 -1.67
C ASP A 109 -11.33 -7.76 -1.79
N SER A 110 -10.78 -6.73 -2.39
CA SER A 110 -9.29 -6.67 -2.55
C SER A 110 -8.60 -5.94 -1.37
N GLU A 111 -8.31 -4.67 -1.55
CA GLU A 111 -7.61 -3.89 -0.48
C GLU A 111 -8.06 -4.33 0.91
N LEU A 112 -9.34 -4.46 1.11
CA LEU A 112 -9.85 -4.90 2.45
C LEU A 112 -8.95 -6.02 2.98
N GLU A 113 -8.78 -7.05 2.20
CA GLU A 113 -7.89 -8.16 2.62
C GLU A 113 -6.52 -7.61 2.91
N ALA A 114 -6.01 -6.81 2.03
CA ALA A 114 -4.66 -6.24 2.25
C ALA A 114 -4.45 -5.89 3.71
N VAL A 115 -5.45 -5.36 4.36
CA VAL A 115 -5.29 -5.03 5.80
C VAL A 115 -6.10 -6.00 6.65
N LEU A 116 -7.01 -6.73 6.05
CA LEU A 116 -7.84 -7.70 6.82
C LEU A 116 -7.24 -9.11 6.78
N VAL A 117 -6.21 -9.31 5.98
CA VAL A 117 -5.60 -10.67 5.88
C VAL A 117 -4.78 -10.99 7.14
N GLN A 118 -4.29 -9.98 7.82
CA GLN A 118 -3.46 -10.22 9.03
C GLN A 118 -4.34 -10.41 10.27
N ILE A 119 -5.36 -9.61 10.42
CA ILE A 119 -6.25 -9.75 11.62
C ILE A 119 -6.65 -11.22 11.82
N SER A 120 -6.69 -11.99 10.78
CA SER A 120 -7.07 -13.43 10.92
C SER A 120 -7.16 -14.10 9.55
N LYS A 121 -8.16 -13.79 8.78
CA LYS A 121 -8.31 -14.41 7.43
C LYS A 121 -8.72 -15.88 7.58
N GLU A 122 -9.22 -16.22 8.73
CA GLU A 122 -9.66 -17.62 8.97
C GLU A 122 -10.87 -17.62 9.89
N VAL A 123 -11.59 -16.52 9.90
CA VAL A 123 -12.80 -16.40 10.76
C VAL A 123 -12.60 -17.16 12.08
CA CA B . -6.72 2.37 -11.55
BE BEF C . -6.05 -0.28 -9.45
F1 BEF C . -6.03 1.22 -10.45
F2 BEF C . -5.86 0.91 -8.63
F3 BEF C . -7.25 -0.25 -10.15
N GLY A 1 7.83 10.16 19.94
CA GLY A 1 8.10 10.92 21.20
C GLY A 1 7.83 12.40 20.97
N SER A 2 8.72 13.08 20.29
CA SER A 2 8.52 14.53 20.03
C SER A 2 8.17 14.74 18.56
N HIS A 3 6.97 14.42 18.16
CA HIS A 3 6.57 14.59 16.73
C HIS A 3 5.05 14.62 16.60
N MET A 4 4.55 14.79 15.41
CA MET A 4 3.08 14.83 15.20
C MET A 4 2.57 13.45 14.78
N THR A 5 3.18 12.41 15.28
CA THR A 5 2.72 11.03 14.92
C THR A 5 2.57 10.19 16.19
N GLU A 6 1.77 9.17 16.13
CA GLU A 6 1.57 8.32 17.33
C GLU A 6 1.59 6.83 16.94
N ARG A 7 1.22 6.51 15.72
CA ARG A 7 1.24 5.10 15.28
C ARG A 7 2.04 4.98 13.97
N ARG A 8 3.31 4.71 14.09
CA ARG A 8 4.17 4.60 12.87
C ARG A 8 3.46 3.81 11.76
N LEU A 9 2.53 2.98 12.11
CA LEU A 9 1.82 2.18 11.08
C LEU A 9 1.07 3.07 10.08
N ARG A 10 1.38 2.96 8.81
CA ARG A 10 0.67 3.78 7.80
C ARG A 10 0.74 3.10 6.42
N VAL A 11 -0.03 3.58 5.48
CA VAL A 11 -0.03 2.95 4.13
C VAL A 11 -0.05 4.02 3.02
N LEU A 12 0.96 4.05 2.21
CA LEU A 12 0.97 5.04 1.10
C LEU A 12 0.45 4.33 -0.16
N VAL A 13 -0.79 4.53 -0.51
CA VAL A 13 -1.32 3.82 -1.71
C VAL A 13 -1.54 4.80 -2.85
N VAL A 14 -1.09 4.47 -4.02
CA VAL A 14 -1.25 5.42 -5.14
C VAL A 14 -1.64 4.71 -6.45
N GLU A 15 -2.49 5.36 -7.21
CA GLU A 15 -2.96 4.81 -8.53
C GLU A 15 -3.50 5.97 -9.40
N ASP A 16 -3.05 6.06 -10.62
CA ASP A 16 -3.49 7.18 -11.53
C ASP A 16 -4.87 7.77 -11.19
N GLU A 17 -5.83 6.96 -10.83
CA GLU A 17 -7.19 7.52 -10.53
C GLU A 17 -7.28 8.01 -9.09
N SER A 18 -8.14 8.98 -8.85
CA SER A 18 -8.32 9.52 -7.45
C SER A 18 -9.33 8.66 -6.69
N MET A 19 -9.87 7.64 -7.32
CA MET A 19 -10.84 6.77 -6.62
C MET A 19 -10.16 6.10 -5.43
N ILE A 20 -8.86 6.20 -5.34
CA ILE A 20 -8.14 5.55 -4.21
C ILE A 20 -7.83 6.57 -3.11
N ALA A 21 -8.19 7.79 -3.30
CA ALA A 21 -7.86 8.81 -2.27
C ALA A 21 -9.00 9.02 -1.29
N MET A 22 -10.12 9.50 -1.74
CA MET A 22 -11.24 9.73 -0.80
C MET A 22 -11.48 8.45 0.00
N LEU A 23 -11.07 7.34 -0.55
CA LEU A 23 -11.24 6.06 0.16
C LEU A 23 -10.18 5.95 1.26
N ILE A 24 -9.25 6.86 1.27
CA ILE A 24 -8.18 6.82 2.29
C ILE A 24 -8.52 7.70 3.50
N GLU A 25 -8.88 8.93 3.26
CA GLU A 25 -9.22 9.83 4.40
C GLU A 25 -10.27 9.17 5.30
N ASP A 26 -11.18 8.43 4.73
CA ASP A 26 -12.22 7.76 5.56
C ASP A 26 -11.57 6.65 6.40
N THR A 27 -10.68 5.89 5.81
CA THR A 27 -10.01 4.80 6.57
C THR A 27 -9.19 5.43 7.70
N LEU A 28 -8.24 6.24 7.35
CA LEU A 28 -7.41 6.92 8.40
C LEU A 28 -8.34 7.54 9.45
N CYS A 29 -9.56 7.83 9.08
CA CYS A 29 -10.51 8.43 10.06
C CYS A 29 -10.81 7.45 11.18
N GLU A 30 -10.99 6.20 10.85
CA GLU A 30 -11.29 5.19 11.90
C GLU A 30 -9.99 4.67 12.53
N LEU A 31 -8.91 4.67 11.78
CA LEU A 31 -7.63 4.16 12.35
C LEU A 31 -6.80 5.31 12.91
N GLY A 32 -6.79 6.45 12.26
CA GLY A 32 -5.99 7.60 12.77
C GLY A 32 -4.51 7.22 12.68
N HIS A 33 -4.12 6.65 11.58
CA HIS A 33 -2.69 6.25 11.40
C HIS A 33 -1.82 7.47 11.10
N GLU A 34 -0.66 7.28 10.51
CA GLU A 34 0.23 8.44 10.20
C GLU A 34 -0.29 9.24 9.00
N VAL A 35 0.30 9.07 7.83
CA VAL A 35 -0.18 9.82 6.64
C VAL A 35 -0.43 8.85 5.47
N ALA A 36 -1.58 8.94 4.86
CA ALA A 36 -1.89 8.01 3.72
C ALA A 36 -1.61 8.69 2.38
N ALA A 37 -1.46 7.90 1.34
CA ALA A 37 -1.20 8.51 -0.01
C ALA A 37 -2.27 8.07 -1.00
N THR A 38 -2.53 8.88 -2.00
CA THR A 38 -3.56 8.51 -3.01
C THR A 38 -3.09 8.89 -4.42
N ALA A 39 -3.77 8.40 -5.42
CA ALA A 39 -3.40 8.68 -6.83
C ALA A 39 -1.96 8.25 -7.07
N SER A 40 -1.63 7.90 -8.28
CA SER A 40 -0.23 7.49 -8.57
C SER A 40 0.66 8.73 -8.63
N ARG A 41 1.25 9.09 -7.54
CA ARG A 41 2.09 10.31 -7.51
C ARG A 41 3.55 9.98 -7.18
N MET A 42 4.44 10.22 -8.09
CA MET A 42 5.87 9.94 -7.83
C MET A 42 6.30 10.66 -6.54
N GLN A 43 5.78 11.84 -6.33
CA GLN A 43 6.12 12.61 -5.10
C GLN A 43 5.87 11.75 -3.85
N GLU A 44 4.65 11.36 -3.65
CA GLU A 44 4.34 10.52 -2.46
C GLU A 44 5.06 9.18 -2.56
N ALA A 45 4.98 8.54 -3.70
CA ALA A 45 5.66 7.23 -3.86
C ALA A 45 7.05 7.28 -3.22
N LEU A 46 7.90 8.13 -3.71
CA LEU A 46 9.26 8.25 -3.10
C LEU A 46 9.11 8.27 -1.58
N ASP A 47 8.14 8.99 -1.11
CA ASP A 47 7.90 9.09 0.35
C ASP A 47 7.49 7.71 0.93
N ILE A 48 7.04 6.81 0.09
CA ILE A 48 6.64 5.48 0.59
C ILE A 48 7.82 4.50 0.51
N ALA A 49 8.75 4.71 -0.37
CA ALA A 49 9.89 3.76 -0.48
C ALA A 49 11.10 4.24 0.34
N ARG A 50 11.75 5.30 -0.08
CA ARG A 50 12.94 5.80 0.64
C ARG A 50 12.61 6.16 2.09
N LYS A 51 11.35 6.25 2.41
CA LYS A 51 10.95 6.62 3.80
C LYS A 51 11.36 5.54 4.82
N GLY A 52 11.09 4.29 4.54
CA GLY A 52 11.44 3.24 5.54
C GLY A 52 10.70 3.57 6.85
N GLN A 53 9.41 3.41 6.86
CA GLN A 53 8.59 3.74 8.07
C GLN A 53 7.10 3.70 7.69
N PHE A 54 6.83 4.02 6.47
CA PHE A 54 5.43 4.01 5.93
C PHE A 54 4.90 2.57 5.92
N ASP A 55 5.76 1.63 6.18
CA ASP A 55 5.43 0.18 6.18
C ASP A 55 4.72 -0.25 4.87
N ILE A 56 3.56 0.26 4.56
CA ILE A 56 2.88 -0.23 3.32
C ILE A 56 2.79 0.80 2.19
N ALA A 57 2.97 0.35 0.97
CA ALA A 57 2.87 1.28 -0.20
C ALA A 57 2.10 0.59 -1.33
N ILE A 58 1.24 1.27 -2.02
CA ILE A 58 0.49 0.57 -3.11
C ILE A 58 0.48 1.34 -4.43
N ILE A 59 1.39 1.01 -5.31
CA ILE A 59 1.41 1.64 -6.66
C ILE A 59 0.76 0.61 -7.60
N ASP A 60 -0.51 0.42 -7.39
CA ASP A 60 -1.29 -0.60 -8.17
C ASP A 60 -1.28 -0.38 -9.67
N VAL A 61 -2.25 -0.97 -10.30
CA VAL A 61 -2.46 -0.87 -11.78
C VAL A 61 -1.20 -1.11 -12.62
N ASN A 62 -0.80 -2.34 -12.73
CA ASN A 62 0.36 -2.67 -13.61
C ASN A 62 -0.16 -2.91 -15.04
N LEU A 63 -1.21 -2.24 -15.42
CA LEU A 63 -1.79 -2.43 -16.77
C LEU A 63 -2.31 -1.10 -17.29
N ASP A 64 -2.84 -1.07 -18.48
CA ASP A 64 -3.35 0.22 -19.01
C ASP A 64 -2.23 1.26 -19.05
N GLY A 65 -1.01 0.81 -18.92
CA GLY A 65 0.14 1.76 -18.92
C GLY A 65 1.24 1.24 -18.02
N GLU A 66 0.89 0.51 -17.01
CA GLU A 66 1.93 -0.02 -16.08
C GLU A 66 2.77 1.13 -15.52
N PRO A 67 2.10 2.04 -14.85
CA PRO A 67 2.78 3.20 -14.27
C PRO A 67 3.26 2.91 -12.84
N SER A 68 4.33 2.16 -12.70
CA SER A 68 4.85 1.84 -11.33
C SER A 68 6.22 2.48 -11.11
N TYR A 69 6.77 3.06 -12.15
CA TYR A 69 8.11 3.72 -12.07
C TYR A 69 9.12 2.82 -11.33
N PRO A 70 10.35 3.25 -11.35
CA PRO A 70 11.43 2.46 -10.69
C PRO A 70 11.31 2.51 -9.15
N VAL A 71 10.31 3.15 -8.64
CA VAL A 71 10.18 3.17 -7.16
C VAL A 71 9.41 1.94 -6.71
N ALA A 72 8.18 1.84 -7.13
CA ALA A 72 7.35 0.67 -6.77
C ALA A 72 8.09 -0.61 -7.13
N ASP A 73 8.55 -0.71 -8.34
CA ASP A 73 9.27 -1.95 -8.73
C ASP A 73 10.40 -2.21 -7.76
N ILE A 74 11.23 -1.23 -7.54
CA ILE A 74 12.35 -1.42 -6.57
C ILE A 74 11.73 -1.83 -5.24
N LEU A 75 10.68 -1.16 -4.87
CA LEU A 75 9.97 -1.48 -3.61
C LEU A 75 9.61 -2.97 -3.62
N ALA A 76 9.62 -3.58 -4.78
CA ALA A 76 9.28 -5.02 -4.88
C ALA A 76 10.55 -5.88 -4.84
N GLU A 77 11.46 -5.70 -5.77
CA GLU A 77 12.70 -6.53 -5.78
C GLU A 77 13.25 -6.64 -4.35
N ARG A 78 13.08 -5.61 -3.56
CA ARG A 78 13.57 -5.65 -2.16
C ARG A 78 12.43 -5.20 -1.23
N ASN A 79 11.27 -5.76 -1.40
CA ASN A 79 10.11 -5.35 -0.56
C ASN A 79 10.32 -5.71 0.90
N VAL A 80 10.19 -4.74 1.75
CA VAL A 80 10.34 -4.95 3.22
C VAL A 80 8.92 -5.13 3.79
N PRO A 81 8.66 -4.79 5.05
CA PRO A 81 7.28 -4.95 5.55
C PRO A 81 6.40 -3.94 4.82
N PHE A 82 5.34 -4.38 4.19
CA PHE A 82 4.48 -3.44 3.43
C PHE A 82 3.31 -4.18 2.78
N ILE A 83 2.90 -3.72 1.64
CA ILE A 83 1.77 -4.36 0.93
C ILE A 83 1.68 -3.75 -0.47
N PHE A 84 1.05 -4.44 -1.38
CA PHE A 84 0.94 -3.90 -2.77
C PHE A 84 -0.28 -4.51 -3.47
N ALA A 85 -0.75 -3.88 -4.49
CA ALA A 85 -1.94 -4.45 -5.18
C ALA A 85 -2.05 -4.00 -6.63
N THR A 86 -1.92 -4.92 -7.55
CA THR A 86 -2.02 -4.57 -8.99
C THR A 86 -2.60 -5.78 -9.76
N GLY A 87 -2.50 -5.77 -11.08
CA GLY A 87 -3.03 -6.90 -11.91
C GLY A 87 -3.12 -8.21 -11.13
N TYR A 88 -2.03 -8.90 -10.98
CA TYR A 88 -2.06 -10.18 -10.22
C TYR A 88 -2.37 -9.89 -8.75
N GLY A 89 -2.10 -8.70 -8.30
CA GLY A 89 -2.37 -8.37 -6.88
C GLY A 89 -1.07 -8.57 -6.10
N SER A 90 -0.11 -9.22 -6.71
CA SER A 90 1.18 -9.46 -6.02
C SER A 90 2.30 -9.68 -7.03
N LYS A 91 3.30 -10.43 -6.67
CA LYS A 91 4.44 -10.70 -7.59
C LYS A 91 5.52 -11.48 -6.82
N GLY A 92 5.11 -12.38 -5.97
CA GLY A 92 6.11 -13.15 -5.19
C GLY A 92 6.66 -12.27 -4.07
N LEU A 93 6.00 -11.18 -3.79
CA LEU A 93 6.49 -10.25 -2.73
C LEU A 93 6.65 -10.97 -1.38
N ASP A 94 7.69 -10.66 -0.68
CA ASP A 94 7.93 -11.28 0.66
C ASP A 94 7.74 -10.24 1.74
N THR A 95 7.32 -10.64 2.92
CA THR A 95 7.12 -9.63 3.99
C THR A 95 6.62 -10.28 5.29
N ARG A 96 6.61 -9.53 6.35
CA ARG A 96 6.11 -10.07 7.64
C ARG A 96 4.59 -10.20 7.57
N TYR A 97 4.00 -9.74 6.50
CA TYR A 97 2.53 -9.80 6.38
C TYR A 97 2.06 -11.19 5.95
N SER A 98 2.95 -12.15 5.89
CA SER A 98 2.55 -13.53 5.49
C SER A 98 2.21 -13.59 3.99
N ASN A 99 2.58 -12.58 3.25
CA ASN A 99 2.34 -12.60 1.78
C ASN A 99 0.86 -12.81 1.43
N ILE A 100 -0.02 -12.59 2.36
CA ILE A 100 -1.47 -12.80 2.03
C ILE A 100 -2.23 -11.49 1.70
N PRO A 101 -1.73 -10.34 2.13
CA PRO A 101 -2.43 -9.07 1.80
C PRO A 101 -1.99 -8.59 0.41
N LEU A 102 -2.58 -9.13 -0.61
CA LEU A 102 -2.20 -8.73 -1.99
C LEU A 102 -3.40 -8.78 -2.92
N LEU A 103 -3.53 -7.83 -3.82
CA LEU A 103 -4.73 -7.87 -4.73
C LEU A 103 -4.70 -6.74 -5.76
N THR A 104 -5.68 -6.66 -6.63
CA THR A 104 -5.69 -5.57 -7.64
C THR A 104 -6.56 -4.41 -7.14
N LYS A 105 -7.82 -4.42 -7.47
CA LYS A 105 -8.70 -3.32 -7.03
C LYS A 105 -10.16 -3.65 -7.35
N PRO A 106 -10.57 -4.82 -6.98
CA PRO A 106 -11.96 -5.23 -7.21
C PRO A 106 -12.87 -4.35 -6.35
N PHE A 107 -12.28 -3.64 -5.42
CA PHE A 107 -13.06 -2.74 -4.54
C PHE A 107 -14.21 -3.49 -3.86
N LEU A 108 -13.89 -4.19 -2.82
CA LEU A 108 -14.90 -4.95 -2.03
C LEU A 108 -14.23 -5.43 -0.75
N ASP A 109 -12.99 -5.83 -0.86
CA ASP A 109 -12.21 -6.29 0.32
C ASP A 109 -10.75 -5.85 0.15
N SER A 110 -10.48 -5.02 -0.83
CA SER A 110 -9.08 -4.58 -1.10
C SER A 110 -8.41 -4.03 0.18
N GLU A 111 -8.17 -2.74 0.24
CA GLU A 111 -7.51 -2.15 1.45
C GLU A 111 -7.93 -2.90 2.71
N LEU A 112 -9.18 -3.18 2.83
CA LEU A 112 -9.66 -3.93 4.04
C LEU A 112 -8.73 -5.13 4.24
N GLU A 113 -8.62 -5.97 3.27
CA GLU A 113 -7.70 -7.14 3.38
C GLU A 113 -6.36 -6.64 3.91
N ALA A 114 -5.88 -5.57 3.37
CA ALA A 114 -4.57 -5.03 3.86
C ALA A 114 -4.51 -5.11 5.38
N VAL A 115 -5.60 -4.86 6.03
CA VAL A 115 -5.62 -4.93 7.52
C VAL A 115 -6.38 -6.18 7.98
N LEU A 116 -7.24 -6.69 7.15
CA LEU A 116 -8.02 -7.91 7.54
C LEU A 116 -7.24 -9.18 7.16
N VAL A 117 -6.15 -9.03 6.45
CA VAL A 117 -5.35 -10.21 6.02
C VAL A 117 -4.64 -10.88 7.20
N GLN A 118 -4.73 -10.32 8.37
CA GLN A 118 -4.01 -10.92 9.53
C GLN A 118 -4.79 -12.10 10.14
N ILE A 119 -5.61 -12.74 9.36
CA ILE A 119 -6.38 -13.91 9.87
C ILE A 119 -6.28 -15.07 8.88
N SER A 120 -5.61 -14.87 7.78
CA SER A 120 -5.48 -15.96 6.76
C SER A 120 -4.49 -17.01 7.27
N LYS A 121 -3.41 -17.25 6.55
CA LYS A 121 -2.40 -18.26 7.01
C LYS A 121 -2.89 -19.66 6.73
N GLU A 122 -4.11 -19.97 7.07
CA GLU A 122 -4.65 -21.32 6.78
C GLU A 122 -4.23 -21.70 5.36
N VAL A 123 -4.20 -20.72 4.50
CA VAL A 123 -3.78 -20.94 3.09
C VAL A 123 -4.03 -19.67 2.28
CA CA B . -6.45 4.21 -11.08
BE BEF C . -4.06 1.85 -9.99
F1 BEF C . -5.52 2.92 -10.45
F2 BEF C . -5.33 1.13 -10.39
F3 BEF C . -3.82 2.81 -11.01
N GLY A 1 12.72 -2.31 21.86
CA GLY A 1 12.16 -3.59 21.36
C GLY A 1 12.60 -3.82 19.91
N SER A 2 12.06 -3.05 18.99
CA SER A 2 12.46 -3.21 17.56
C SER A 2 12.38 -1.87 16.84
N HIS A 3 11.20 -1.45 16.47
CA HIS A 3 11.06 -0.15 15.76
C HIS A 3 10.85 0.98 16.78
N MET A 4 11.65 2.01 16.71
CA MET A 4 11.49 3.13 17.67
C MET A 4 10.62 4.24 17.06
N THR A 5 9.53 3.88 16.45
CA THR A 5 8.63 4.90 15.85
C THR A 5 7.28 4.91 16.57
N GLU A 6 6.51 5.94 16.40
CA GLU A 6 5.18 5.99 17.09
C GLU A 6 4.23 6.95 16.36
N ARG A 7 4.21 6.90 15.05
CA ARG A 7 3.29 7.80 14.30
C ARG A 7 3.41 7.56 12.78
N ARG A 8 3.75 6.36 12.39
CA ARG A 8 3.89 6.08 10.93
C ARG A 8 2.62 5.38 10.42
N LEU A 9 1.65 5.19 11.27
CA LEU A 9 0.40 4.50 10.86
C LEU A 9 -0.30 5.21 9.70
N ARG A 10 0.11 4.94 8.49
CA ARG A 10 -0.56 5.59 7.33
C ARG A 10 -0.37 4.80 6.04
N VAL A 11 -1.21 5.02 5.08
CA VAL A 11 -1.10 4.26 3.81
C VAL A 11 -1.15 5.19 2.60
N LEU A 12 -0.04 5.39 1.94
CA LEU A 12 -0.05 6.26 0.73
C LEU A 12 -0.37 5.39 -0.49
N VAL A 13 -1.60 5.41 -0.94
CA VAL A 13 -1.97 4.56 -2.11
C VAL A 13 -2.08 5.44 -3.35
N VAL A 14 -1.69 4.94 -4.50
CA VAL A 14 -1.77 5.81 -5.69
C VAL A 14 -2.02 4.98 -6.98
N GLU A 15 -2.87 5.51 -7.83
CA GLU A 15 -3.17 4.85 -9.14
C GLU A 15 -3.58 5.93 -10.15
N ASP A 16 -3.41 5.70 -11.41
CA ASP A 16 -3.79 6.74 -12.41
C ASP A 16 -5.15 7.38 -12.09
N GLU A 17 -6.18 6.59 -11.97
CA GLU A 17 -7.55 7.17 -11.72
C GLU A 17 -7.73 7.59 -10.26
N SER A 18 -8.76 8.35 -10.00
CA SER A 18 -9.04 8.81 -8.60
C SER A 18 -9.96 7.82 -7.88
N MET A 19 -10.39 6.79 -8.55
CA MET A 19 -11.27 5.78 -7.88
C MET A 19 -10.59 5.36 -6.58
N ILE A 20 -9.29 5.49 -6.53
CA ILE A 20 -8.54 5.12 -5.30
C ILE A 20 -8.61 6.27 -4.30
N ALA A 21 -8.94 7.45 -4.75
CA ALA A 21 -9.03 8.62 -3.84
C ALA A 21 -10.21 8.47 -2.87
N MET A 22 -11.41 8.57 -3.38
CA MET A 22 -12.61 8.43 -2.49
C MET A 22 -12.57 7.06 -1.80
N LEU A 23 -11.93 6.12 -2.44
CA LEU A 23 -11.83 4.75 -1.85
C LEU A 23 -10.93 4.79 -0.61
N ILE A 24 -10.31 5.90 -0.35
CA ILE A 24 -9.42 6.01 0.84
C ILE A 24 -10.11 6.81 1.95
N GLU A 25 -10.55 8.00 1.64
CA GLU A 25 -11.23 8.84 2.68
C GLU A 25 -12.26 8.00 3.44
N ASP A 26 -12.94 7.13 2.76
CA ASP A 26 -13.96 6.29 3.44
C ASP A 26 -13.28 5.19 4.27
N THR A 27 -12.29 4.53 3.71
CA THR A 27 -11.60 3.47 4.49
C THR A 27 -10.95 4.06 5.73
N LEU A 28 -10.28 5.18 5.58
CA LEU A 28 -9.63 5.81 6.76
C LEU A 28 -10.70 6.16 7.79
N CYS A 29 -11.89 6.49 7.34
CA CYS A 29 -12.97 6.83 8.31
C CYS A 29 -13.04 5.75 9.39
N GLU A 30 -12.76 4.53 9.03
CA GLU A 30 -12.81 3.43 10.03
C GLU A 30 -11.44 3.29 10.72
N LEU A 31 -10.38 3.33 9.96
CA LEU A 31 -9.02 3.20 10.58
C LEU A 31 -8.65 4.46 11.35
N GLY A 32 -8.99 5.61 10.84
CA GLY A 32 -8.64 6.87 11.53
C GLY A 32 -7.17 7.19 11.25
N HIS A 33 -6.58 6.47 10.33
CA HIS A 33 -5.14 6.71 10.00
C HIS A 33 -4.88 8.20 9.81
N GLU A 34 -3.65 8.59 9.57
CA GLU A 34 -3.36 10.05 9.39
C GLU A 34 -3.93 10.55 8.05
N VAL A 35 -3.10 10.67 7.04
CA VAL A 35 -3.60 11.15 5.72
C VAL A 35 -2.99 10.28 4.60
N ALA A 36 -3.77 9.40 4.03
CA ALA A 36 -3.25 8.52 2.96
C ALA A 36 -3.04 9.30 1.65
N ALA A 37 -2.70 8.62 0.59
CA ALA A 37 -2.49 9.32 -0.71
C ALA A 37 -3.41 8.74 -1.77
N THR A 38 -3.70 9.49 -2.79
CA THR A 38 -4.61 8.99 -3.86
C THR A 38 -4.05 9.24 -5.26
N ALA A 39 -4.64 8.60 -6.24
CA ALA A 39 -4.18 8.72 -7.64
C ALA A 39 -2.69 8.46 -7.73
N SER A 40 -2.18 8.14 -8.88
CA SER A 40 -0.72 7.87 -8.99
C SER A 40 0.04 9.19 -9.08
N ARG A 41 1.09 9.35 -8.32
CA ARG A 41 1.83 10.63 -8.37
C ARG A 41 3.30 10.40 -8.00
N MET A 42 4.20 10.68 -8.91
CA MET A 42 5.65 10.48 -8.61
C MET A 42 6.07 11.36 -7.42
N GLN A 43 5.50 12.53 -7.30
CA GLN A 43 5.87 13.41 -6.17
C GLN A 43 5.48 12.75 -4.84
N GLU A 44 4.24 12.40 -4.67
CA GLU A 44 3.80 11.76 -3.41
C GLU A 44 4.28 10.29 -3.39
N ALA A 45 4.12 9.60 -4.48
CA ALA A 45 4.57 8.18 -4.52
C ALA A 45 5.97 8.08 -3.91
N LEU A 46 6.91 8.77 -4.48
CA LEU A 46 8.29 8.74 -3.92
C LEU A 46 8.22 8.91 -2.40
N ASP A 47 7.26 9.66 -1.93
CA ASP A 47 7.12 9.88 -0.46
C ASP A 47 6.72 8.57 0.23
N ILE A 48 6.17 7.63 -0.50
CA ILE A 48 5.77 6.35 0.12
C ILE A 48 6.90 5.32 0.01
N ALA A 49 7.72 5.40 -1.01
CA ALA A 49 8.79 4.39 -1.14
C ALA A 49 10.13 4.85 -0.54
N ARG A 50 10.57 6.03 -0.86
CA ARG A 50 11.87 6.49 -0.32
C ARG A 50 11.74 6.92 1.14
N LYS A 51 10.57 6.81 1.70
CA LYS A 51 10.39 7.21 3.12
C LYS A 51 10.91 6.13 4.06
N GLY A 52 10.64 4.88 3.76
CA GLY A 52 11.12 3.77 4.64
C GLY A 52 10.38 3.81 5.97
N GLN A 53 9.33 4.56 6.05
CA GLN A 53 8.55 4.65 7.33
C GLN A 53 7.16 5.25 7.05
N PHE A 54 6.39 4.61 6.21
CA PHE A 54 5.03 5.13 5.90
C PHE A 54 3.98 4.04 6.18
N ASP A 55 4.42 2.91 6.66
CA ASP A 55 3.47 1.79 6.98
C ASP A 55 2.92 1.10 5.71
N ILE A 56 2.51 1.83 4.70
CA ILE A 56 1.96 1.13 3.48
C ILE A 56 2.01 2.02 2.22
N ALA A 57 2.26 1.43 1.07
CA ALA A 57 2.29 2.24 -0.19
C ALA A 57 1.71 1.41 -1.33
N ILE A 58 0.79 1.94 -2.09
CA ILE A 58 0.21 1.10 -3.17
C ILE A 58 0.21 1.79 -4.53
N ILE A 59 1.22 1.54 -5.33
CA ILE A 59 1.23 2.11 -6.70
C ILE A 59 0.53 1.06 -7.55
N ASP A 60 -0.72 0.84 -7.26
CA ASP A 60 -1.49 -0.21 -7.97
C ASP A 60 -1.65 0.12 -9.44
N VAL A 61 -2.00 -0.88 -10.20
CA VAL A 61 -2.20 -0.73 -11.66
C VAL A 61 -0.86 -0.85 -12.41
N ASN A 62 -0.37 -2.06 -12.53
CA ASN A 62 0.91 -2.28 -13.27
C ASN A 62 0.59 -3.12 -14.50
N LEU A 63 -0.01 -2.53 -15.48
CA LEU A 63 -0.37 -3.26 -16.71
C LEU A 63 -0.17 -2.33 -17.90
N ASP A 64 -0.54 -2.75 -19.07
CA ASP A 64 -0.36 -1.86 -20.25
C ASP A 64 1.07 -1.34 -20.25
N GLY A 65 1.97 -2.05 -19.61
CA GLY A 65 3.38 -1.58 -19.56
C GLY A 65 3.90 -1.64 -18.12
N GLU A 66 3.04 -1.97 -17.19
CA GLU A 66 3.46 -2.05 -15.75
C GLU A 66 4.50 -0.97 -15.43
N PRO A 67 4.01 0.21 -15.24
CA PRO A 67 4.89 1.36 -14.91
C PRO A 67 5.43 1.22 -13.49
N SER A 68 4.78 1.82 -12.52
CA SER A 68 5.25 1.72 -11.11
C SER A 68 6.61 2.42 -10.93
N TYR A 69 7.12 3.05 -11.97
CA TYR A 69 8.44 3.76 -11.90
C TYR A 69 9.47 2.99 -11.07
N PRO A 70 10.64 3.55 -10.96
CA PRO A 70 11.73 2.91 -10.19
C PRO A 70 11.49 3.08 -8.68
N VAL A 71 10.40 3.66 -8.30
CA VAL A 71 10.15 3.83 -6.84
C VAL A 71 9.41 2.61 -6.32
N ALA A 72 8.23 2.39 -6.83
CA ALA A 72 7.42 1.22 -6.41
C ALA A 72 8.20 -0.05 -6.65
N ASP A 73 8.77 -0.19 -7.82
CA ASP A 73 9.54 -1.41 -8.12
C ASP A 73 10.69 -1.55 -7.13
N ILE A 74 11.48 -0.52 -6.99
CA ILE A 74 12.62 -0.59 -6.02
C ILE A 74 12.03 -0.93 -4.66
N LEU A 75 10.93 -0.30 -4.35
CA LEU A 75 10.25 -0.58 -3.07
C LEU A 75 10.08 -2.11 -2.97
N ALA A 76 10.08 -2.75 -4.10
CA ALA A 76 9.95 -4.22 -4.13
C ALA A 76 11.33 -4.87 -3.98
N GLU A 77 12.36 -4.19 -4.43
CA GLU A 77 13.74 -4.76 -4.31
C GLU A 77 14.04 -5.06 -2.84
N ARG A 78 13.36 -4.38 -1.95
CA ARG A 78 13.59 -4.61 -0.51
C ARG A 78 12.27 -4.43 0.25
N ASN A 79 11.20 -4.92 -0.33
CA ASN A 79 9.84 -4.81 0.28
C ASN A 79 9.90 -4.51 1.79
N VAL A 80 9.93 -3.27 2.15
CA VAL A 80 9.96 -2.89 3.59
C VAL A 80 8.54 -3.12 4.13
N PRO A 81 8.32 -2.87 5.39
CA PRO A 81 6.96 -3.06 5.93
C PRO A 81 6.01 -2.17 5.14
N PHE A 82 4.99 -2.74 4.56
CA PHE A 82 4.06 -1.92 3.72
C PHE A 82 2.92 -2.76 3.16
N ILE A 83 2.57 -2.50 1.94
CA ILE A 83 1.48 -3.25 1.27
C ILE A 83 1.43 -2.82 -0.18
N PHE A 84 0.86 -3.62 -1.04
CA PHE A 84 0.82 -3.24 -2.48
C PHE A 84 -0.34 -3.93 -3.20
N ALA A 85 -0.63 -3.46 -4.38
CA ALA A 85 -1.74 -4.06 -5.16
C ALA A 85 -1.51 -3.82 -6.65
N THR A 86 -2.09 -4.63 -7.50
CA THR A 86 -1.88 -4.45 -8.98
C THR A 86 -2.32 -5.71 -9.74
N GLY A 87 -1.92 -5.83 -10.99
CA GLY A 87 -2.30 -7.02 -11.79
C GLY A 87 -2.28 -8.28 -10.92
N TYR A 88 -1.13 -8.64 -10.39
CA TYR A 88 -1.06 -9.86 -9.54
C TYR A 88 -1.40 -9.53 -8.08
N GLY A 89 -1.42 -8.27 -7.75
CA GLY A 89 -1.73 -7.88 -6.34
C GLY A 89 -0.42 -7.80 -5.56
N SER A 90 0.27 -8.90 -5.43
CA SER A 90 1.56 -8.87 -4.70
C SER A 90 2.70 -9.38 -5.59
N LYS A 91 3.91 -9.00 -5.26
CA LYS A 91 5.08 -9.43 -6.07
C LYS A 91 6.14 -10.05 -5.16
N GLY A 92 5.88 -11.22 -4.63
CA GLY A 92 6.88 -11.86 -3.72
C GLY A 92 7.24 -10.88 -2.61
N LEU A 93 6.40 -9.90 -2.39
CA LEU A 93 6.69 -8.90 -1.33
C LEU A 93 6.95 -9.57 0.04
N ASP A 94 8.07 -9.28 0.62
CA ASP A 94 8.39 -9.86 1.96
C ASP A 94 8.21 -8.78 3.01
N THR A 95 7.62 -9.11 4.12
CA THR A 95 7.41 -8.06 5.16
C THR A 95 6.69 -8.64 6.38
N ARG A 96 6.26 -7.78 7.26
CA ARG A 96 5.54 -8.26 8.47
C ARG A 96 4.07 -8.48 8.12
N TYR A 97 3.69 -8.27 6.89
CA TYR A 97 2.26 -8.46 6.50
C TYR A 97 1.97 -9.94 6.19
N SER A 98 2.89 -10.81 6.50
CA SER A 98 2.66 -12.27 6.22
C SER A 98 2.48 -12.50 4.72
N ASN A 99 2.78 -11.51 3.92
CA ASN A 99 2.67 -11.67 2.44
C ASN A 99 1.27 -12.12 1.99
N ILE A 100 0.26 -11.82 2.76
CA ILE A 100 -1.12 -12.24 2.33
C ILE A 100 -2.06 -11.05 2.01
N PRO A 101 -1.84 -9.88 2.58
CA PRO A 101 -2.76 -8.75 2.30
C PRO A 101 -2.43 -8.12 0.94
N LEU A 102 -2.61 -8.86 -0.11
CA LEU A 102 -2.31 -8.31 -1.47
C LEU A 102 -3.57 -8.26 -2.34
N LEU A 103 -3.66 -7.33 -3.25
CA LEU A 103 -4.89 -7.27 -4.11
C LEU A 103 -4.69 -6.33 -5.30
N THR A 104 -5.64 -6.22 -6.18
CA THR A 104 -5.49 -5.32 -7.35
C THR A 104 -6.59 -4.25 -7.36
N LYS A 105 -7.15 -3.97 -6.22
CA LYS A 105 -8.23 -2.95 -6.15
C LYS A 105 -9.43 -3.33 -7.04
N PRO A 106 -9.79 -4.60 -7.00
CA PRO A 106 -10.94 -5.07 -7.79
C PRO A 106 -12.24 -4.63 -7.09
N PHE A 107 -12.13 -4.12 -5.89
CA PHE A 107 -13.33 -3.64 -5.14
C PHE A 107 -14.31 -4.80 -4.92
N LEU A 108 -13.79 -5.99 -4.72
CA LEU A 108 -14.67 -7.17 -4.48
C LEU A 108 -14.33 -7.81 -3.14
N ASP A 109 -13.28 -8.59 -3.10
CA ASP A 109 -12.85 -9.27 -1.84
C ASP A 109 -11.39 -8.91 -1.55
N SER A 110 -10.87 -7.97 -2.27
CA SER A 110 -9.44 -7.55 -2.09
C SER A 110 -9.24 -6.66 -0.87
N GLU A 111 -9.59 -5.41 -0.97
CA GLU A 111 -9.39 -4.45 0.16
C GLU A 111 -9.61 -5.12 1.50
N LEU A 112 -10.72 -5.76 1.68
CA LEU A 112 -10.99 -6.43 2.98
C LEU A 112 -9.75 -7.21 3.45
N GLU A 113 -9.32 -8.19 2.69
CA GLU A 113 -8.11 -8.97 3.11
C GLU A 113 -7.05 -8.06 3.72
N ALA A 114 -6.67 -7.04 3.02
CA ALA A 114 -5.64 -6.11 3.57
C ALA A 114 -5.89 -5.81 5.05
N VAL A 115 -7.12 -5.60 5.42
CA VAL A 115 -7.41 -5.29 6.85
C VAL A 115 -8.01 -6.50 7.57
N LEU A 116 -8.67 -7.37 6.87
CA LEU A 116 -9.28 -8.57 7.51
C LEU A 116 -8.20 -9.50 8.07
N VAL A 117 -7.07 -9.52 7.43
CA VAL A 117 -5.97 -10.42 7.88
C VAL A 117 -5.26 -9.88 9.14
N GLN A 118 -5.51 -8.66 9.52
CA GLN A 118 -4.80 -8.12 10.72
C GLN A 118 -5.76 -7.86 11.88
N ILE A 119 -6.74 -8.70 12.05
CA ILE A 119 -7.67 -8.52 13.20
C ILE A 119 -7.51 -9.73 14.13
N SER A 120 -6.40 -10.41 14.02
CA SER A 120 -6.17 -11.59 14.88
C SER A 120 -4.75 -12.14 14.67
N LYS A 121 -4.59 -13.04 13.73
CA LYS A 121 -3.24 -13.62 13.48
C LYS A 121 -2.86 -14.55 14.64
N GLU A 122 -2.92 -15.84 14.40
CA GLU A 122 -2.59 -16.82 15.49
C GLU A 122 -3.38 -16.50 16.74
N VAL A 123 -4.46 -15.78 16.58
CA VAL A 123 -5.32 -15.39 17.74
C VAL A 123 -4.50 -15.27 19.03
CA CA B . -5.59 2.71 -11.45
BE BEF C . -4.65 -0.05 -10.07
F1 BEF C . -4.17 1.13 -9.26
F2 BEF C . -6.02 0.98 -9.30
F3 BEF C . -5.54 0.44 -11.03
N GLY A 1 4.38 13.29 21.44
CA GLY A 1 5.22 13.60 22.63
C GLY A 1 6.35 12.57 22.73
N SER A 2 6.05 11.40 23.23
CA SER A 2 7.10 10.36 23.35
C SER A 2 7.66 9.99 21.98
N HIS A 3 8.72 9.23 21.93
CA HIS A 3 9.32 8.84 20.62
C HIS A 3 8.71 7.50 20.16
N MET A 4 9.51 6.66 19.55
CA MET A 4 8.99 5.33 19.07
C MET A 4 8.12 5.50 17.81
N THR A 5 7.03 6.22 17.92
CA THR A 5 6.14 6.41 16.73
C THR A 5 5.93 7.90 16.47
N GLU A 6 5.58 8.25 15.26
CA GLU A 6 5.36 9.70 14.95
C GLU A 6 4.54 9.86 13.67
N ARG A 7 3.34 9.37 13.64
CA ARG A 7 2.48 9.51 12.43
C ARG A 7 3.20 8.95 11.19
N ARG A 8 4.00 7.93 11.35
CA ARG A 8 4.73 7.37 10.17
C ARG A 8 4.10 6.07 9.64
N LEU A 9 3.55 5.23 10.48
CA LEU A 9 2.99 3.92 10.01
C LEU A 9 1.56 4.02 9.46
N ARG A 10 1.41 4.08 8.16
CA ARG A 10 0.04 4.12 7.57
C ARG A 10 0.07 3.63 6.12
N VAL A 11 -1.05 3.33 5.54
CA VAL A 11 -1.06 2.81 4.16
C VAL A 11 -0.82 3.92 3.12
N LEU A 12 0.39 4.10 2.65
CA LEU A 12 0.64 5.12 1.62
C LEU A 12 0.19 4.55 0.29
N VAL A 13 -1.07 4.69 -0.03
CA VAL A 13 -1.58 4.11 -1.31
C VAL A 13 -1.71 5.21 -2.34
N VAL A 14 -1.44 4.90 -3.58
CA VAL A 14 -1.54 5.96 -4.61
C VAL A 14 -1.97 5.39 -5.97
N GLU A 15 -2.94 6.02 -6.55
CA GLU A 15 -3.45 5.59 -7.89
C GLU A 15 -4.16 6.76 -8.58
N ASP A 16 -3.73 7.10 -9.77
CA ASP A 16 -4.31 8.25 -10.55
C ASP A 16 -5.68 8.70 -10.04
N GLU A 17 -6.63 7.81 -9.92
CA GLU A 17 -7.99 8.23 -9.46
C GLU A 17 -8.00 8.63 -7.98
N SER A 18 -9.01 9.35 -7.57
CA SER A 18 -9.11 9.79 -6.15
C SER A 18 -10.05 8.84 -5.38
N MET A 19 -10.58 7.86 -6.03
CA MET A 19 -11.48 6.91 -5.32
C MET A 19 -10.69 6.22 -4.21
N ILE A 20 -9.39 6.33 -4.26
CA ILE A 20 -8.53 5.71 -3.21
C ILE A 20 -8.37 6.66 -2.03
N ALA A 21 -8.50 7.93 -2.29
CA ALA A 21 -8.35 8.94 -1.20
C ALA A 21 -9.47 8.78 -0.17
N MET A 22 -10.68 9.17 -0.52
CA MET A 22 -11.80 9.04 0.45
C MET A 22 -11.95 7.58 0.88
N LEU A 23 -11.56 6.67 0.02
CA LEU A 23 -11.67 5.23 0.36
C LEU A 23 -10.62 4.90 1.42
N ILE A 24 -9.77 5.85 1.74
CA ILE A 24 -8.71 5.60 2.76
C ILE A 24 -9.09 6.21 4.11
N GLU A 25 -9.42 7.48 4.13
CA GLU A 25 -9.77 8.13 5.43
C GLU A 25 -10.94 7.40 6.10
N ASP A 26 -11.72 6.67 5.32
CA ASP A 26 -12.85 5.92 5.93
C ASP A 26 -12.34 4.63 6.54
N THR A 27 -11.35 4.03 5.93
CA THR A 27 -10.79 2.77 6.49
C THR A 27 -9.92 3.11 7.71
N LEU A 28 -9.05 4.06 7.54
CA LEU A 28 -8.17 4.49 8.67
C LEU A 28 -9.06 4.96 9.83
N CYS A 29 -10.20 5.53 9.53
CA CYS A 29 -11.10 6.00 10.62
C CYS A 29 -11.18 4.96 11.73
N GLU A 30 -11.21 3.70 11.36
CA GLU A 30 -11.28 2.63 12.38
C GLU A 30 -9.88 2.27 12.89
N LEU A 31 -8.95 2.14 12.00
CA LEU A 31 -7.56 1.78 12.41
C LEU A 31 -6.87 2.96 13.11
N GLY A 32 -7.15 4.16 12.69
CA GLY A 32 -6.48 5.33 13.33
C GLY A 32 -4.98 5.23 13.05
N HIS A 33 -4.64 4.75 11.89
CA HIS A 33 -3.21 4.60 11.51
C HIS A 33 -2.44 5.93 11.65
N GLU A 34 -1.35 6.11 10.95
CA GLU A 34 -0.54 7.37 11.10
C GLU A 34 -0.74 8.37 9.94
N VAL A 35 -0.05 8.20 8.83
CA VAL A 35 -0.21 9.16 7.68
C VAL A 35 -0.28 8.38 6.35
N ALA A 36 -1.42 8.35 5.73
CA ALA A 36 -1.56 7.60 4.45
C ALA A 36 -1.31 8.47 3.23
N ALA A 37 -1.61 7.94 2.08
CA ALA A 37 -1.44 8.70 0.82
C ALA A 37 -2.51 8.26 -0.16
N THR A 38 -2.89 9.12 -1.06
CA THR A 38 -3.94 8.74 -2.04
C THR A 38 -3.58 9.24 -3.44
N ALA A 39 -4.31 8.78 -4.42
CA ALA A 39 -4.02 9.20 -5.82
C ALA A 39 -2.58 8.84 -6.16
N SER A 40 -2.28 8.61 -7.39
CA SER A 40 -0.88 8.25 -7.74
C SER A 40 -0.01 9.50 -7.78
N ARG A 41 1.11 9.46 -7.14
CA ARG A 41 2.00 10.65 -7.14
C ARG A 41 3.47 10.22 -7.09
N MET A 42 4.23 10.58 -8.09
CA MET A 42 5.66 10.19 -8.13
C MET A 42 6.37 10.67 -6.84
N GLN A 43 6.01 11.82 -6.36
CA GLN A 43 6.66 12.34 -5.12
C GLN A 43 6.18 11.55 -3.90
N GLU A 44 4.91 11.61 -3.60
CA GLU A 44 4.39 10.85 -2.42
C GLU A 44 4.72 9.37 -2.60
N ALA A 45 4.48 8.84 -3.76
CA ALA A 45 4.79 7.41 -4.00
C ALA A 45 6.19 7.12 -3.45
N LEU A 46 7.07 8.06 -3.62
CA LEU A 46 8.45 7.88 -3.10
C LEU A 46 8.43 8.03 -1.58
N ASP A 47 7.54 8.85 -1.07
CA ASP A 47 7.44 9.03 0.40
C ASP A 47 7.01 7.72 1.06
N ILE A 48 6.60 6.75 0.28
CA ILE A 48 6.18 5.45 0.85
C ILE A 48 7.36 4.48 0.82
N ALA A 49 8.08 4.42 -0.27
CA ALA A 49 9.24 3.49 -0.35
C ALA A 49 10.41 4.02 0.48
N ARG A 50 10.76 5.26 0.31
CA ARG A 50 11.91 5.84 1.06
C ARG A 50 11.54 6.07 2.54
N LYS A 51 10.37 5.65 2.96
CA LYS A 51 9.97 5.87 4.38
C LYS A 51 10.45 4.73 5.27
N GLY A 52 10.20 3.51 4.89
CA GLY A 52 10.64 2.35 5.72
C GLY A 52 9.67 2.11 6.88
N GLN A 53 8.98 3.12 7.34
CA GLN A 53 8.03 2.92 8.48
C GLN A 53 6.59 3.25 8.05
N PHE A 54 6.35 3.43 6.78
CA PHE A 54 4.96 3.71 6.32
C PHE A 54 4.09 2.47 6.46
N ASP A 55 4.63 1.38 6.96
CA ASP A 55 3.80 0.16 7.13
C ASP A 55 3.36 -0.40 5.78
N ILE A 56 2.69 0.36 4.95
CA ILE A 56 2.23 -0.21 3.64
C ILE A 56 2.26 0.83 2.50
N ALA A 57 2.27 0.40 1.26
CA ALA A 57 2.31 1.38 0.14
C ALA A 57 1.73 0.76 -1.13
N ILE A 58 0.95 1.48 -1.89
CA ILE A 58 0.41 0.84 -3.11
C ILE A 58 0.43 1.76 -4.33
N ILE A 59 1.49 1.69 -5.09
CA ILE A 59 1.57 2.47 -6.36
C ILE A 59 0.93 1.60 -7.44
N ASP A 60 -0.36 1.42 -7.35
CA ASP A 60 -1.08 0.53 -8.30
C ASP A 60 -1.04 1.02 -9.73
N VAL A 61 -2.07 0.68 -10.47
CA VAL A 61 -2.18 1.08 -11.90
C VAL A 61 -0.80 1.20 -12.55
N ASN A 62 -0.20 0.08 -12.85
CA ASN A 62 1.15 0.09 -13.49
C ASN A 62 1.07 -0.60 -14.86
N LEU A 63 0.75 0.12 -15.89
CA LEU A 63 0.67 -0.50 -17.24
C LEU A 63 1.00 0.54 -18.31
N ASP A 64 0.87 0.18 -19.56
CA ASP A 64 1.19 1.16 -20.64
C ASP A 64 2.48 1.91 -20.30
N GLY A 65 3.40 1.25 -19.64
CA GLY A 65 4.68 1.90 -19.27
C GLY A 65 4.97 1.62 -17.79
N GLU A 66 3.98 1.19 -17.07
CA GLU A 66 4.18 0.89 -15.62
C GLU A 66 4.76 2.11 -14.90
N PRO A 67 3.93 3.11 -14.76
CA PRO A 67 4.35 4.35 -14.06
C PRO A 67 4.53 4.10 -12.56
N SER A 68 5.28 3.11 -12.19
CA SER A 68 5.50 2.82 -10.75
C SER A 68 6.90 3.30 -10.35
N TYR A 69 7.50 4.12 -11.17
CA TYR A 69 8.86 4.65 -10.88
C TYR A 69 9.80 3.52 -10.46
N PRO A 70 11.03 3.89 -10.28
CA PRO A 70 12.04 2.91 -9.84
C PRO A 70 11.89 2.63 -8.35
N VAL A 71 11.00 3.33 -7.69
CA VAL A 71 10.83 3.07 -6.23
C VAL A 71 9.78 1.96 -6.04
N ALA A 72 8.62 2.09 -6.61
CA ALA A 72 7.60 1.01 -6.46
C ALA A 72 8.19 -0.30 -6.97
N ASP A 73 8.74 -0.28 -8.16
CA ASP A 73 9.34 -1.53 -8.71
C ASP A 73 10.39 -2.05 -7.74
N ILE A 74 11.32 -1.21 -7.37
CA ILE A 74 12.38 -1.65 -6.42
C ILE A 74 11.72 -2.16 -5.15
N LEU A 75 10.76 -1.42 -4.67
CA LEU A 75 10.04 -1.86 -3.45
C LEU A 75 9.42 -3.24 -3.69
N ALA A 76 9.23 -3.60 -4.93
CA ALA A 76 8.63 -4.93 -5.24
C ALA A 76 9.73 -6.01 -5.33
N GLU A 77 10.71 -5.81 -6.19
CA GLU A 77 11.81 -6.83 -6.31
C GLU A 77 12.20 -7.32 -4.93
N ARG A 78 12.07 -6.47 -3.96
CA ARG A 78 12.37 -6.83 -2.55
C ARG A 78 11.29 -6.16 -1.69
N ASN A 79 10.60 -6.90 -0.87
CA ASN A 79 9.50 -6.29 -0.11
C ASN A 79 9.66 -6.38 1.41
N VAL A 80 9.50 -5.27 2.07
CA VAL A 80 9.55 -5.25 3.56
C VAL A 80 8.10 -5.39 4.07
N PRO A 81 7.80 -4.97 5.28
CA PRO A 81 6.39 -5.09 5.73
C PRO A 81 5.56 -4.08 4.93
N PHE A 82 4.56 -4.54 4.22
CA PHE A 82 3.76 -3.60 3.38
C PHE A 82 2.63 -4.32 2.65
N ILE A 83 2.32 -3.84 1.48
CA ILE A 83 1.28 -4.45 0.61
C ILE A 83 1.29 -3.69 -0.71
N PHE A 84 0.85 -4.33 -1.76
CA PHE A 84 0.88 -3.65 -3.09
C PHE A 84 -0.16 -4.26 -4.04
N ALA A 85 -0.61 -3.48 -4.97
CA ALA A 85 -1.59 -3.99 -5.95
C ALA A 85 -1.51 -3.13 -7.21
N THR A 86 -1.36 -3.73 -8.36
CA THR A 86 -1.25 -2.92 -9.60
C THR A 86 -1.73 -3.72 -10.81
N GLY A 87 -1.27 -3.37 -11.98
CA GLY A 87 -1.70 -4.09 -13.20
C GLY A 87 -1.14 -5.51 -13.20
N TYR A 88 0.02 -5.72 -12.62
CA TYR A 88 0.58 -7.09 -12.60
C TYR A 88 -0.29 -8.04 -11.77
N GLY A 89 -1.05 -7.51 -10.84
CA GLY A 89 -1.93 -8.40 -10.03
C GLY A 89 -1.07 -9.38 -9.24
N SER A 90 -0.25 -8.86 -8.35
CA SER A 90 0.62 -9.74 -7.52
C SER A 90 1.74 -10.34 -8.35
N LYS A 91 2.50 -11.21 -7.75
CA LYS A 91 3.64 -11.85 -8.46
C LYS A 91 4.44 -12.73 -7.48
N GLY A 92 4.41 -12.40 -6.21
CA GLY A 92 5.15 -13.23 -5.22
C GLY A 92 5.82 -12.30 -4.21
N LEU A 93 5.05 -11.49 -3.52
CA LEU A 93 5.65 -10.56 -2.52
C LEU A 93 5.86 -11.27 -1.18
N ASP A 94 6.94 -10.97 -0.51
CA ASP A 94 7.21 -11.61 0.80
C ASP A 94 7.02 -10.59 1.91
N THR A 95 6.55 -10.98 3.07
CA THR A 95 6.35 -9.99 4.15
C THR A 95 5.89 -10.65 5.44
N ARG A 96 5.76 -9.87 6.48
CA ARG A 96 5.29 -10.41 7.78
C ARG A 96 3.76 -10.46 7.78
N TYR A 97 3.16 -10.24 6.65
CA TYR A 97 1.67 -10.24 6.59
C TYR A 97 1.15 -11.66 6.39
N SER A 98 1.52 -12.27 5.31
CA SER A 98 1.07 -13.67 5.02
C SER A 98 1.31 -14.03 3.54
N ASN A 99 1.78 -13.11 2.73
CA ASN A 99 2.05 -13.40 1.28
C ASN A 99 0.76 -13.48 0.47
N ILE A 100 -0.31 -12.93 0.98
CA ILE A 100 -1.61 -13.02 0.20
C ILE A 100 -2.29 -11.66 -0.12
N PRO A 101 -1.91 -10.57 0.52
CA PRO A 101 -2.60 -9.28 0.21
C PRO A 101 -2.04 -8.64 -1.06
N LEU A 102 -2.55 -9.01 -2.22
CA LEU A 102 -2.03 -8.41 -3.49
C LEU A 102 -3.16 -8.34 -4.52
N LEU A 103 -3.22 -7.31 -5.34
CA LEU A 103 -4.33 -7.25 -6.35
C LEU A 103 -4.23 -6.03 -7.28
N THR A 104 -5.26 -5.80 -8.07
CA THR A 104 -5.25 -4.64 -9.02
C THR A 104 -6.43 -3.70 -8.71
N LYS A 105 -6.93 -3.73 -7.51
CA LYS A 105 -8.07 -2.85 -7.10
C LYS A 105 -9.34 -3.10 -7.92
N PRO A 106 -9.63 -4.34 -8.20
CA PRO A 106 -10.87 -4.66 -8.93
C PRO A 106 -12.05 -4.58 -7.95
N PHE A 107 -11.77 -4.23 -6.72
CA PHE A 107 -12.85 -4.13 -5.70
C PHE A 107 -13.79 -5.34 -5.80
N LEU A 108 -13.24 -6.45 -6.20
CA LEU A 108 -14.02 -7.71 -6.30
C LEU A 108 -13.14 -8.88 -5.85
N ASP A 109 -13.34 -9.35 -4.65
CA ASP A 109 -12.49 -10.47 -4.12
C ASP A 109 -11.03 -10.03 -4.02
N SER A 110 -10.77 -8.77 -4.22
CA SER A 110 -9.37 -8.26 -4.16
C SER A 110 -9.13 -7.46 -2.87
N GLU A 111 -9.58 -6.24 -2.81
CA GLU A 111 -9.36 -5.39 -1.59
C GLU A 111 -9.38 -6.26 -0.33
N LEU A 112 -10.28 -7.18 -0.26
CA LEU A 112 -10.34 -8.07 0.94
C LEU A 112 -8.93 -8.55 1.33
N GLU A 113 -8.33 -9.37 0.53
CA GLU A 113 -6.96 -9.87 0.87
C GLU A 113 -6.08 -8.73 1.39
N ALA A 114 -6.30 -7.54 0.91
CA ALA A 114 -5.48 -6.39 1.39
C ALA A 114 -5.60 -6.25 2.91
N VAL A 115 -6.80 -6.29 3.43
CA VAL A 115 -6.97 -6.16 4.91
C VAL A 115 -7.28 -7.53 5.52
N LEU A 116 -7.87 -8.41 4.76
CA LEU A 116 -8.21 -9.76 5.31
C LEU A 116 -6.93 -10.55 5.62
N VAL A 117 -5.84 -10.18 5.01
CA VAL A 117 -4.56 -10.91 5.27
C VAL A 117 -4.26 -10.97 6.77
N GLN A 118 -4.92 -10.14 7.55
CA GLN A 118 -4.66 -10.16 9.02
C GLN A 118 -5.98 -10.19 9.80
N ILE A 119 -6.97 -9.48 9.33
CA ILE A 119 -8.30 -9.45 10.04
C ILE A 119 -8.13 -8.80 11.41
N SER A 120 -7.32 -9.39 12.25
CA SER A 120 -7.10 -8.84 13.60
C SER A 120 -5.69 -9.17 14.07
N LYS A 121 -5.43 -10.42 14.33
CA LYS A 121 -4.07 -10.81 14.78
C LYS A 121 -3.74 -10.11 16.09
N GLU A 122 -3.79 -10.81 17.19
CA GLU A 122 -3.51 -10.18 18.51
C GLU A 122 -4.20 -8.81 18.54
N VAL A 123 -5.38 -8.75 17.99
CA VAL A 123 -6.14 -7.47 17.94
C VAL A 123 -5.88 -6.64 19.20
CA CA B . -6.35 3.81 -10.63
BE BEF C . -4.65 1.82 -9.72
F1 BEF C . -5.68 2.84 -9.42
F2 BEF C . -6.08 1.14 -8.89
F3 BEF C . -5.15 0.86 -10.56
#